data_2YIC
#
_entry.id   2YIC
#
_cell.length_a   79.539
_cell.length_b   83.244
_cell.length_c   158.610
_cell.angle_alpha   99.48
_cell.angle_beta   99.06
_cell.angle_gamma   101.25
#
_symmetry.space_group_name_H-M   'P 1'
#
loop_
_entity.id
_entity.type
_entity.pdbx_description
1 polymer '2-OXOGLUTARATE DECARBOXYLASE'
2 non-polymer 'THIAMINE DIPHOSPHATE'
3 non-polymer 'MAGNESIUM ION'
4 non-polymer 'CALCIUM ION'
5 water water
#
_entity_poly.entity_id   1
_entity_poly.type   'polypeptide(L)'
_entity_poly.pdbx_seq_one_letter_code
;GDSIEDKNARVIELIAAYRNRGHLMADIDPLRLDNTRFRSHPDLDVNSHGLTLWDLDREFKVDGFAGVQRKKLRDILSVL
RDAYCRHVGVEYTHILEPEQQRWIQERVETKHDKPTVAEQKYILSKLNAAEAFETFLQTKYVGQKRFSLEGAETVIPMMD
AVIDQCAEHGLDEVVIAMPHRGRLNVLANIVGKPYSQIFSEFEGNLNPSQAHGSGDVKYHLGATGTYIQMFGDNDIEVSL
TANPSHLEAVDPVLEGLVRAKQDLLDTGEEGSDNRFSVVPLMLHGDAAFAGQGVVAETLNLALLRGYRTGGTIHIVVNNQ
IGFTTAPTDSRSSEYCTDVAKMIGAPIFHVNGDDPEACAWVARLAVDFRQAFKKDVVIDMLCYRRRGHNEGDDPSMTQPY
MYDVIDTKRGSRKAYTEALIGRGDISMKEAEDALRDYQGQLERVFNEVRELEKHEIEPSESVEADQQIPSKLATAVDKAM
LQRIGDAHLALPEGFTVHPRVRPVLEKRREMAYEGRIDWAFAELLALGSLIAEGKLVRLSGQDTQRGTFTQRHAVIVDRK
TGEEFTPLQLLATNPDGTPTGGKFLVYNSALSEFAAVGFEYGYSVGNPDAMVLWEAQFGDFVNGAQSIIDEFISSGEAKW
GQLSDVVLLLPHGHEGQGPDHTSGRIERFLQLWAEGSMTIAMPSTPANYFHLLRRHGKDGIQRPLIVFTPKSMLRNKAAV
SDIRDFTESKFRSVLEEPMYTDGEGDRNKVTRLLLTSGKIYYELAARKAKENREDVAIVRIEQLAPLPRRRLAETLDRYP
NVKEKFWVQEEPANQGAWPSFGLTLPEILPDHFTGLKRISRRAMSAPSSGSSKVHAVEQQEILDTAFG
;
_entity_poly.pdbx_strand_id   A,B,C,D
#
loop_
_chem_comp.id
_chem_comp.type
_chem_comp.name
_chem_comp.formula
CA non-polymer 'CALCIUM ION' 'Ca 2'
MG non-polymer 'MAGNESIUM ION' 'Mg 2'
TPP non-polymer 'THIAMINE DIPHOSPHATE' 'C12 H19 N4 O7 P2 S 1'
#
# COMPACT_ATOMS: atom_id res chain seq x y z
N LYS A 7 -12.03 -28.23 81.25
CA LYS A 7 -13.10 -28.62 80.34
C LYS A 7 -13.25 -27.59 79.22
N ASN A 8 -13.28 -26.29 79.57
CA ASN A 8 -13.41 -25.17 78.63
C ASN A 8 -12.16 -25.04 77.74
N ALA A 9 -11.00 -25.54 78.21
CA ALA A 9 -9.74 -25.54 77.45
C ALA A 9 -9.79 -26.61 76.35
N ARG A 10 -10.45 -27.77 76.64
CA ARG A 10 -10.59 -28.86 75.67
C ARG A 10 -11.58 -28.47 74.55
N VAL A 11 -12.59 -27.64 74.91
CA VAL A 11 -13.61 -27.13 73.99
C VAL A 11 -12.97 -26.15 73.01
N ILE A 12 -12.15 -25.21 73.51
CA ILE A 12 -11.43 -24.19 72.71
C ILE A 12 -10.49 -24.89 71.71
N GLU A 13 -9.82 -25.97 72.13
CA GLU A 13 -8.95 -26.78 71.28
C GLU A 13 -9.78 -27.59 70.27
N LEU A 14 -11.00 -28.00 70.65
CA LEU A 14 -11.90 -28.73 69.75
C LEU A 14 -12.43 -27.78 68.68
N ILE A 15 -12.75 -26.52 69.05
CA ILE A 15 -13.20 -25.50 68.11
C ILE A 15 -12.07 -25.25 67.08
N ALA A 16 -10.82 -25.04 67.57
CA ALA A 16 -9.64 -24.83 66.72
C ALA A 16 -9.39 -26.02 65.81
N ALA A 17 -9.59 -27.26 66.32
CA ALA A 17 -9.37 -28.49 65.55
C ALA A 17 -10.31 -28.60 64.35
N TYR A 18 -11.60 -28.23 64.52
CA TYR A 18 -12.58 -28.23 63.43
C TYR A 18 -12.24 -27.14 62.40
N ARG A 19 -11.93 -25.92 62.89
CA ARG A 19 -11.58 -24.79 62.03
C ARG A 19 -10.32 -25.06 61.22
N ASN A 20 -9.31 -25.69 61.83
CA ASN A 20 -8.01 -25.96 61.16
C ASN A 20 -8.01 -27.19 60.29
N ARG A 21 -8.60 -28.30 60.77
CA ARG A 21 -8.49 -29.59 60.12
C ARG A 21 -9.83 -30.31 59.85
N GLY A 22 -10.96 -29.67 60.10
CA GLY A 22 -12.26 -30.28 59.80
C GLY A 22 -12.41 -30.72 58.35
N HIS A 23 -11.75 -29.98 57.43
CA HIS A 23 -11.72 -30.25 55.98
C HIS A 23 -11.14 -31.63 55.65
N LEU A 24 -10.29 -32.20 56.54
CA LEU A 24 -9.73 -33.53 56.33
C LEU A 24 -10.79 -34.62 56.57
N MET A 25 -11.92 -34.27 57.19
CA MET A 25 -13.00 -35.21 57.48
C MET A 25 -14.29 -34.86 56.73
N ALA A 26 -14.32 -33.74 55.98
CA ALA A 26 -15.52 -33.39 55.23
C ALA A 26 -15.77 -34.39 54.08
N ASP A 27 -17.05 -34.71 53.81
CA ASP A 27 -17.50 -35.64 52.76
C ASP A 27 -17.50 -34.89 51.41
N ILE A 28 -16.30 -34.68 50.85
CA ILE A 28 -16.10 -33.93 49.62
C ILE A 28 -16.01 -34.80 48.35
N ASP A 29 -15.69 -36.10 48.47
CA ASP A 29 -15.50 -36.94 47.27
C ASP A 29 -16.79 -37.64 46.88
N PRO A 30 -17.39 -37.31 45.70
CA PRO A 30 -18.61 -38.02 45.27
C PRO A 30 -18.40 -39.51 45.03
N LEU A 31 -17.12 -39.91 44.83
CA LEU A 31 -16.82 -41.31 44.61
C LEU A 31 -16.57 -42.11 45.91
N ARG A 32 -16.21 -41.41 47.01
CA ARG A 32 -15.84 -42.01 48.30
C ARG A 32 -14.76 -43.10 48.10
N LEU A 33 -13.74 -42.82 47.28
CA LEU A 33 -12.66 -43.77 46.95
C LEU A 33 -11.83 -44.19 48.17
N ASP A 34 -11.45 -43.23 49.04
CA ASP A 34 -10.68 -43.51 50.25
C ASP A 34 -11.65 -43.82 51.41
N ASN A 35 -11.70 -45.10 51.82
CA ASN A 35 -12.58 -45.58 52.90
C ASN A 35 -12.07 -45.14 54.28
N THR A 36 -10.73 -45.07 54.45
CA THR A 36 -10.05 -44.73 55.70
C THR A 36 -10.26 -43.27 56.12
N ARG A 37 -10.77 -42.42 55.20
CA ARG A 37 -11.01 -40.98 55.39
C ARG A 37 -11.86 -40.67 56.63
N PHE A 38 -12.94 -41.45 56.86
CA PHE A 38 -13.84 -41.21 57.98
C PHE A 38 -13.45 -42.07 59.20
N ARG A 39 -13.34 -43.42 59.04
CA ARG A 39 -12.96 -44.38 60.09
C ARG A 39 -11.72 -43.95 60.91
N SER A 40 -10.77 -43.22 60.27
CA SER A 40 -9.57 -42.71 60.92
C SER A 40 -9.51 -41.19 60.85
N THR A 52 -17.12 -35.68 77.11
CA THR A 52 -18.08 -36.74 77.45
C THR A 52 -19.52 -36.36 77.04
N LEU A 53 -20.47 -37.30 77.19
CA LEU A 53 -21.89 -37.12 76.87
C LEU A 53 -22.57 -36.09 77.79
N TRP A 54 -22.12 -35.99 79.05
CA TRP A 54 -22.65 -35.04 80.03
C TRP A 54 -22.16 -33.63 79.72
N ASP A 55 -21.01 -33.54 79.04
CA ASP A 55 -20.39 -32.28 78.65
C ASP A 55 -21.12 -31.61 77.47
N LEU A 56 -21.94 -32.38 76.72
CA LEU A 56 -22.63 -31.86 75.53
C LEU A 56 -23.76 -30.88 75.88
N ASP A 57 -24.43 -31.06 77.02
CA ASP A 57 -25.55 -30.18 77.42
C ASP A 57 -25.08 -28.99 78.29
N ARG A 58 -23.80 -29.00 78.70
CA ARG A 58 -23.19 -27.94 79.49
C ARG A 58 -22.97 -26.68 78.63
N GLU A 59 -23.35 -25.51 79.16
CA GLU A 59 -23.19 -24.23 78.48
C GLU A 59 -21.75 -23.74 78.58
N PHE A 60 -21.24 -23.10 77.49
CA PHE A 60 -19.89 -22.56 77.38
C PHE A 60 -19.91 -21.16 76.77
N GLN A 69 -20.74 -14.75 74.45
CA GLN A 69 -21.74 -15.65 73.88
C GLN A 69 -21.77 -16.98 74.65
N ARG A 70 -22.95 -17.32 75.22
CA ARG A 70 -23.16 -18.53 76.02
C ARG A 70 -24.04 -19.56 75.25
N LYS A 71 -23.39 -20.64 74.76
CA LYS A 71 -24.06 -21.70 73.98
C LYS A 71 -23.72 -23.11 74.48
N LYS A 72 -24.66 -24.06 74.31
CA LYS A 72 -24.46 -25.47 74.69
C LYS A 72 -23.41 -26.13 73.78
N LEU A 73 -22.53 -26.99 74.35
CA LEU A 73 -21.45 -27.69 73.63
C LEU A 73 -22.02 -28.45 72.43
N ARG A 74 -23.21 -29.08 72.57
CA ARG A 74 -23.87 -29.80 71.47
C ARG A 74 -24.16 -28.86 70.26
N ASP A 75 -24.54 -27.59 70.52
CA ASP A 75 -24.86 -26.58 69.51
C ASP A 75 -23.59 -26.06 68.88
N ILE A 76 -22.51 -25.93 69.67
CA ILE A 76 -21.20 -25.53 69.18
C ILE A 76 -20.74 -26.58 68.19
N LEU A 77 -20.75 -27.87 68.62
CA LEU A 77 -20.29 -28.99 67.81
C LEU A 77 -21.13 -29.18 66.56
N SER A 78 -22.46 -28.96 66.62
CA SER A 78 -23.33 -29.11 65.46
C SER A 78 -23.02 -28.02 64.43
N VAL A 79 -22.75 -26.76 64.89
CA VAL A 79 -22.40 -25.65 64.00
C VAL A 79 -21.04 -25.98 63.32
N LEU A 80 -20.06 -26.54 64.08
CA LEU A 80 -18.74 -26.89 63.52
C LEU A 80 -18.83 -28.03 62.46
N ARG A 81 -19.56 -29.15 62.77
CA ARG A 81 -19.70 -30.26 61.83
C ARG A 81 -20.41 -29.83 60.56
N ASP A 82 -21.49 -29.03 60.68
CA ASP A 82 -22.23 -28.48 59.54
C ASP A 82 -21.36 -27.56 58.70
N ALA A 83 -20.56 -26.68 59.35
CA ALA A 83 -19.71 -25.71 58.65
C ALA A 83 -18.43 -26.31 58.06
N TYR A 84 -17.85 -27.32 58.70
CA TYR A 84 -16.55 -27.83 58.28
C TYR A 84 -16.48 -29.32 57.90
N CYS A 85 -17.52 -30.11 58.18
CA CYS A 85 -17.43 -31.55 57.93
C CYS A 85 -18.63 -32.10 57.12
N ARG A 86 -19.26 -31.28 56.27
CA ARG A 86 -20.33 -31.82 55.43
C ARG A 86 -19.83 -31.93 53.97
N HIS A 87 -20.40 -31.17 53.06
CA HIS A 87 -19.97 -31.28 51.67
C HIS A 87 -18.98 -30.19 51.28
N VAL A 88 -18.54 -29.36 52.26
CA VAL A 88 -17.55 -28.30 51.99
C VAL A 88 -16.40 -28.39 53.00
N GLY A 89 -15.18 -28.52 52.48
CA GLY A 89 -13.96 -28.51 53.27
C GLY A 89 -13.38 -27.12 53.16
N VAL A 90 -13.30 -26.39 54.27
CA VAL A 90 -12.82 -24.99 54.27
C VAL A 90 -11.40 -24.94 54.81
N GLU A 91 -10.48 -24.35 54.04
CA GLU A 91 -9.11 -24.13 54.46
C GLU A 91 -8.91 -22.64 54.52
N TYR A 92 -8.75 -22.09 55.72
CA TYR A 92 -8.61 -20.64 55.86
C TYR A 92 -7.74 -20.21 57.05
N THR A 93 -7.39 -21.14 57.96
CA THR A 93 -6.62 -20.75 59.14
C THR A 93 -5.15 -20.48 58.81
N HIS A 94 -4.72 -20.77 57.57
CA HIS A 94 -3.36 -20.48 57.09
C HIS A 94 -3.24 -19.00 56.69
N ILE A 95 -4.37 -18.29 56.59
CA ILE A 95 -4.43 -16.88 56.19
C ILE A 95 -3.84 -16.05 57.33
N LEU A 96 -2.87 -15.19 57.01
CA LEU A 96 -2.19 -14.38 58.01
C LEU A 96 -3.02 -13.19 58.49
N GLU A 97 -3.91 -12.64 57.64
CA GLU A 97 -4.77 -11.50 58.01
C GLU A 97 -5.90 -11.99 58.96
N PRO A 98 -5.95 -11.56 60.25
CA PRO A 98 -7.02 -12.03 61.14
C PRO A 98 -8.41 -11.59 60.71
N GLU A 99 -8.53 -10.42 60.05
CA GLU A 99 -9.82 -9.90 59.60
C GLU A 99 -10.41 -10.79 58.49
N GLN A 100 -9.56 -11.47 57.71
CA GLN A 100 -10.00 -12.37 56.65
C GLN A 100 -10.47 -13.69 57.27
N GLN A 101 -9.73 -14.22 58.27
CA GLN A 101 -10.12 -15.45 59.00
C GLN A 101 -11.46 -15.22 59.69
N ARG A 102 -11.64 -14.04 60.32
CA ARG A 102 -12.86 -13.67 61.02
C ARG A 102 -14.05 -13.59 60.07
N TRP A 103 -13.88 -12.92 58.91
CA TRP A 103 -14.91 -12.77 57.87
C TRP A 103 -15.42 -14.15 57.40
N ILE A 104 -14.51 -15.10 57.16
CA ILE A 104 -14.88 -16.45 56.71
C ILE A 104 -15.64 -17.18 57.84
N GLN A 105 -15.05 -17.24 59.05
CA GLN A 105 -15.67 -17.99 60.15
C GLN A 105 -17.05 -17.43 60.52
N GLU A 106 -17.28 -16.11 60.38
CA GLU A 106 -18.61 -15.54 60.63
C GLU A 106 -19.64 -15.99 59.58
N ARG A 107 -19.25 -16.15 58.30
CA ARG A 107 -20.20 -16.56 57.25
C ARG A 107 -20.41 -18.07 57.19
N VAL A 108 -19.41 -18.82 57.62
CA VAL A 108 -19.41 -20.27 57.56
C VAL A 108 -20.02 -20.89 58.86
N GLU A 109 -19.77 -20.25 60.03
CA GLU A 109 -20.25 -20.76 61.32
C GLU A 109 -21.58 -20.15 61.76
N THR A 110 -22.59 -20.30 60.93
CA THR A 110 -23.94 -19.82 61.22
C THR A 110 -24.93 -20.86 60.78
N LYS A 111 -26.18 -20.73 61.25
CA LYS A 111 -27.26 -21.61 60.83
C LYS A 111 -27.75 -21.06 59.50
N HIS A 112 -27.39 -21.73 58.40
CA HIS A 112 -27.76 -21.27 57.05
C HIS A 112 -29.20 -21.61 56.72
N ASP A 113 -29.91 -20.62 56.14
CA ASP A 113 -31.28 -20.80 55.68
C ASP A 113 -31.24 -21.70 54.45
N LYS A 114 -32.00 -22.82 54.46
CA LYS A 114 -32.10 -23.76 53.34
C LYS A 114 -32.53 -23.02 52.07
N PRO A 115 -31.98 -23.32 50.86
CA PRO A 115 -32.40 -22.54 49.68
C PRO A 115 -33.88 -22.72 49.38
N THR A 116 -34.50 -21.68 48.80
CA THR A 116 -35.91 -21.75 48.40
C THR A 116 -36.04 -22.79 47.29
N VAL A 117 -37.20 -23.45 47.20
CA VAL A 117 -37.48 -24.46 46.17
C VAL A 117 -37.21 -23.85 44.78
N ALA A 118 -37.57 -22.55 44.58
CA ALA A 118 -37.31 -21.79 43.34
C ALA A 118 -35.82 -21.78 42.96
N GLU A 119 -34.95 -21.52 43.96
CA GLU A 119 -33.48 -21.50 43.80
C GLU A 119 -32.97 -22.90 43.47
N GLN A 120 -33.56 -23.93 44.12
CA GLN A 120 -33.21 -25.34 43.88
C GLN A 120 -33.60 -25.73 42.45
N LYS A 121 -34.80 -25.29 42.01
CA LYS A 121 -35.30 -25.53 40.65
C LYS A 121 -34.42 -24.81 39.61
N TYR A 122 -33.92 -23.60 39.96
CA TYR A 122 -33.03 -22.82 39.09
C TYR A 122 -31.70 -23.58 38.88
N ILE A 123 -31.12 -24.10 39.99
CA ILE A 123 -29.87 -24.87 39.97
C ILE A 123 -30.10 -26.14 39.15
N LEU A 124 -31.25 -26.82 39.33
CA LEU A 124 -31.57 -28.02 38.55
C LEU A 124 -31.74 -27.70 37.07
N SER A 125 -32.31 -26.54 36.71
CA SER A 125 -32.45 -26.14 35.30
C SER A 125 -31.06 -25.93 34.67
N LYS A 126 -30.08 -25.46 35.46
CA LYS A 126 -28.70 -25.26 34.97
C LYS A 126 -28.02 -26.61 34.75
N LEU A 127 -28.26 -27.59 35.66
CA LEU A 127 -27.77 -28.97 35.50
C LEU A 127 -28.45 -29.62 34.31
N ASN A 128 -29.74 -29.31 34.11
CA ASN A 128 -30.56 -29.81 32.99
C ASN A 128 -29.95 -29.38 31.67
N ALA A 129 -29.66 -28.06 31.54
CA ALA A 129 -29.02 -27.45 30.37
C ALA A 129 -27.61 -28.02 30.19
N ALA A 130 -26.83 -28.15 31.27
CA ALA A 130 -25.47 -28.71 31.23
C ALA A 130 -25.46 -30.14 30.75
N GLU A 131 -26.33 -31.00 31.32
CA GLU A 131 -26.38 -32.41 30.93
C GLU A 131 -26.98 -32.59 29.54
N ALA A 132 -27.99 -31.78 29.17
CA ALA A 132 -28.61 -31.83 27.84
C ALA A 132 -27.58 -31.49 26.78
N PHE A 133 -26.71 -30.54 27.06
CA PHE A 133 -25.62 -30.20 26.15
C PHE A 133 -24.66 -31.38 25.97
N GLU A 134 -24.25 -32.04 27.07
CA GLU A 134 -23.29 -33.16 27.02
C GLU A 134 -23.81 -34.35 26.27
N THR A 135 -25.07 -34.73 26.50
CA THR A 135 -25.74 -35.85 25.82
C THR A 135 -25.73 -35.60 24.32
N PHE A 136 -26.11 -34.37 23.90
CA PHE A 136 -26.09 -33.96 22.51
C PHE A 136 -24.69 -34.06 21.89
N LEU A 137 -23.69 -33.45 22.56
CA LEU A 137 -22.31 -33.42 22.07
C LEU A 137 -21.75 -34.83 21.86
N GLN A 138 -22.02 -35.76 22.80
CA GLN A 138 -21.51 -37.13 22.70
C GLN A 138 -22.36 -38.01 21.76
N THR A 139 -23.61 -37.61 21.47
CA THR A 139 -24.47 -38.40 20.59
C THR A 139 -24.35 -37.94 19.14
N LYS A 140 -24.37 -36.61 18.87
CA LYS A 140 -24.33 -36.08 17.51
C LYS A 140 -22.96 -36.21 16.86
N TYR A 141 -21.89 -35.84 17.57
CA TYR A 141 -20.56 -35.83 16.95
C TYR A 141 -19.64 -36.93 17.44
N VAL A 142 -18.62 -37.19 16.62
CA VAL A 142 -17.56 -38.14 16.88
C VAL A 142 -16.35 -37.37 17.36
N GLY A 143 -15.55 -38.04 18.19
CA GLY A 143 -14.33 -37.48 18.74
C GLY A 143 -14.56 -36.30 19.66
N GLN A 144 -15.61 -36.37 20.53
CA GLN A 144 -15.93 -35.33 21.53
C GLN A 144 -15.76 -35.86 22.97
N LYS A 145 -15.40 -37.16 23.15
CA LYS A 145 -15.20 -37.80 24.48
C LYS A 145 -14.15 -37.07 25.32
N ARG A 146 -13.06 -36.63 24.68
CA ARG A 146 -11.98 -35.89 25.33
C ARG A 146 -12.43 -34.56 25.95
N PHE A 147 -13.52 -33.96 25.46
CA PHE A 147 -14.04 -32.69 25.97
C PHE A 147 -15.21 -32.87 26.92
N SER A 148 -15.64 -34.13 27.15
CA SER A 148 -16.80 -34.43 27.97
C SER A 148 -16.73 -33.83 29.38
N LEU A 149 -17.82 -33.16 29.78
CA LEU A 149 -17.96 -32.59 31.10
C LEU A 149 -18.80 -33.54 31.97
N GLU A 150 -19.08 -34.75 31.46
CA GLU A 150 -19.91 -35.75 32.19
C GLU A 150 -19.19 -36.19 33.47
N GLY A 151 -19.92 -36.04 34.56
CA GLY A 151 -19.43 -36.29 35.90
C GLY A 151 -18.97 -35.01 36.58
N ALA A 152 -18.94 -33.89 35.85
CA ALA A 152 -18.47 -32.58 36.36
C ALA A 152 -19.44 -31.43 35.98
N GLU A 153 -20.70 -31.76 35.59
CA GLU A 153 -21.72 -30.81 35.15
C GLU A 153 -22.02 -29.72 36.18
N THR A 154 -21.81 -30.02 37.46
CA THR A 154 -22.04 -29.05 38.55
C THR A 154 -21.16 -27.78 38.37
N VAL A 155 -20.10 -27.83 37.54
CA VAL A 155 -19.29 -26.63 37.28
C VAL A 155 -20.16 -25.53 36.58
N ILE A 156 -21.25 -25.92 35.88
CA ILE A 156 -22.08 -24.94 35.17
C ILE A 156 -22.94 -24.14 36.17
N PRO A 157 -23.77 -24.74 37.09
CA PRO A 157 -24.48 -23.88 38.07
C PRO A 157 -23.48 -23.12 38.96
N MET A 158 -22.25 -23.69 39.17
CA MET A 158 -21.20 -23.02 39.95
C MET A 158 -20.74 -21.74 39.25
N MET A 159 -20.41 -21.83 37.95
CA MET A 159 -19.96 -20.67 37.15
C MET A 159 -21.09 -19.68 37.03
N ASP A 160 -22.31 -20.20 36.89
CA ASP A 160 -23.50 -19.37 36.81
C ASP A 160 -23.65 -18.52 38.07
N ALA A 161 -23.43 -19.14 39.26
CA ALA A 161 -23.50 -18.47 40.56
C ALA A 161 -22.38 -17.42 40.68
N VAL A 162 -21.17 -17.73 40.18
CA VAL A 162 -20.07 -16.77 40.21
C VAL A 162 -20.48 -15.49 39.47
N ILE A 163 -20.94 -15.62 38.22
CA ILE A 163 -21.27 -14.52 37.34
C ILE A 163 -22.49 -13.76 37.87
N ASP A 164 -23.51 -14.49 38.37
CA ASP A 164 -24.71 -13.87 38.94
C ASP A 164 -24.37 -13.01 40.18
N GLN A 165 -23.46 -13.51 41.03
CA GLN A 165 -22.99 -12.78 42.21
C GLN A 165 -22.13 -11.56 41.78
N CYS A 166 -21.37 -11.65 40.69
CA CYS A 166 -20.58 -10.50 40.19
C CYS A 166 -21.54 -9.41 39.69
N ALA A 167 -22.66 -9.80 39.02
CA ALA A 167 -23.69 -8.89 38.54
C ALA A 167 -24.42 -8.24 39.73
N GLU A 168 -24.64 -9.01 40.83
CA GLU A 168 -25.28 -8.55 42.05
C GLU A 168 -24.45 -7.44 42.71
N HIS A 169 -23.11 -7.52 42.58
CA HIS A 169 -22.17 -6.51 43.08
C HIS A 169 -22.04 -5.31 42.12
N GLY A 170 -22.79 -5.34 41.01
CA GLY A 170 -22.80 -4.28 40.01
C GLY A 170 -21.50 -4.16 39.23
N LEU A 171 -20.78 -5.29 39.04
CA LEU A 171 -19.51 -5.30 38.34
C LEU A 171 -19.75 -5.26 36.81
N ASP A 172 -18.69 -4.96 36.05
CA ASP A 172 -18.79 -4.70 34.62
C ASP A 172 -18.60 -5.90 33.70
N GLU A 173 -17.67 -6.79 34.04
CA GLU A 173 -17.39 -7.95 33.19
C GLU A 173 -16.72 -9.07 33.96
N VAL A 174 -16.95 -10.29 33.50
CA VAL A 174 -16.27 -11.48 34.00
C VAL A 174 -15.51 -12.04 32.81
N VAL A 175 -14.18 -12.19 32.93
CA VAL A 175 -13.38 -12.74 31.83
C VAL A 175 -12.95 -14.14 32.25
N ILE A 176 -13.27 -15.13 31.43
CA ILE A 176 -12.98 -16.54 31.71
C ILE A 176 -11.76 -17.03 30.91
N ALA A 177 -10.94 -17.86 31.54
CA ALA A 177 -9.86 -18.65 30.94
C ALA A 177 -10.04 -20.04 31.44
N MET A 178 -10.02 -20.98 30.51
CA MET A 178 -10.25 -22.38 30.85
C MET A 178 -9.58 -23.30 29.83
N PRO A 179 -9.34 -24.57 30.15
CA PRO A 179 -8.86 -25.50 29.12
C PRO A 179 -10.07 -26.03 28.31
N HIS A 180 -9.93 -27.12 27.58
CA HIS A 180 -10.98 -27.61 26.67
C HIS A 180 -12.17 -28.33 27.29
N ARG A 181 -12.00 -29.02 28.44
CA ARG A 181 -13.12 -29.77 29.02
C ARG A 181 -14.34 -28.88 29.35
N GLY A 182 -15.47 -29.19 28.70
CA GLY A 182 -16.74 -28.49 28.86
C GLY A 182 -16.76 -27.10 28.25
N ARG A 183 -15.77 -26.73 27.43
CA ARG A 183 -15.68 -25.39 26.84
C ARG A 183 -16.90 -25.01 25.98
N LEU A 184 -17.42 -25.93 25.15
CA LEU A 184 -18.57 -25.58 24.34
C LEU A 184 -19.83 -25.47 25.22
N ASN A 185 -19.84 -26.19 26.35
CA ASN A 185 -20.94 -26.14 27.33
C ASN A 185 -20.95 -24.77 28.02
N VAL A 186 -19.77 -24.22 28.31
CA VAL A 186 -19.57 -22.91 28.93
C VAL A 186 -20.01 -21.85 27.92
N LEU A 187 -19.66 -22.03 26.64
CA LEU A 187 -20.09 -21.08 25.59
C LEU A 187 -21.62 -20.96 25.53
N ALA A 188 -22.31 -22.11 25.57
CA ALA A 188 -23.78 -22.11 25.48
C ALA A 188 -24.48 -21.72 26.76
N ASN A 189 -24.00 -22.23 27.91
CA ASN A 189 -24.75 -22.05 29.13
C ASN A 189 -24.24 -20.99 30.08
N ILE A 190 -23.09 -20.40 29.77
CA ILE A 190 -22.50 -19.36 30.62
C ILE A 190 -22.35 -18.09 29.80
N VAL A 191 -21.57 -18.15 28.69
CA VAL A 191 -21.35 -17.01 27.79
C VAL A 191 -22.68 -16.68 27.05
N GLY A 192 -23.51 -17.68 26.82
CA GLY A 192 -24.82 -17.52 26.19
C GLY A 192 -24.76 -17.44 24.69
N LYS A 193 -23.76 -18.09 24.06
CA LYS A 193 -23.64 -18.10 22.62
C LYS A 193 -24.73 -19.01 22.01
N PRO A 194 -25.41 -18.57 20.93
CA PRO A 194 -26.43 -19.45 20.32
C PRO A 194 -25.77 -20.66 19.68
N TYR A 195 -26.47 -21.78 19.63
CA TYR A 195 -25.99 -23.03 19.05
C TYR A 195 -25.56 -22.84 17.58
N SER A 196 -26.26 -21.95 16.83
CA SER A 196 -25.97 -21.62 15.42
C SER A 196 -24.55 -21.11 15.28
N GLN A 197 -24.07 -20.31 16.24
CA GLN A 197 -22.72 -19.79 16.26
C GLN A 197 -21.70 -20.87 16.69
N ILE A 198 -21.98 -21.61 17.81
CA ILE A 198 -21.07 -22.61 18.36
C ILE A 198 -20.79 -23.73 17.37
N PHE A 199 -21.85 -24.32 16.78
CA PHE A 199 -21.72 -25.49 15.93
C PHE A 199 -21.64 -25.17 14.42
N SER A 200 -21.32 -23.92 14.04
CA SER A 200 -21.17 -23.50 12.66
C SER A 200 -19.89 -24.09 12.10
N GLU A 201 -20.03 -24.94 11.04
CA GLU A 201 -18.96 -25.66 10.33
C GLU A 201 -18.13 -26.44 11.34
N PHE A 202 -18.81 -27.33 12.11
CA PHE A 202 -18.22 -28.08 13.23
C PHE A 202 -17.44 -29.34 12.81
N GLU A 203 -16.10 -29.26 12.93
CA GLU A 203 -15.17 -30.34 12.63
C GLU A 203 -15.12 -31.36 13.77
N ASP A 216 -12.61 -28.31 15.95
CA ASP A 216 -11.70 -28.37 17.09
C ASP A 216 -11.07 -27.00 17.37
N VAL A 217 -10.98 -26.11 16.34
CA VAL A 217 -10.43 -24.76 16.54
C VAL A 217 -11.35 -24.00 17.52
N LYS A 218 -12.68 -24.34 17.48
CA LYS A 218 -13.71 -23.77 18.34
C LYS A 218 -13.31 -23.90 19.81
N TYR A 219 -12.53 -24.96 20.15
CA TYR A 219 -12.09 -25.20 21.52
C TYR A 219 -10.94 -24.25 21.95
N HIS A 220 -10.50 -23.35 21.07
CA HIS A 220 -9.38 -22.45 21.37
C HIS A 220 -9.74 -21.00 21.18
N LEU A 221 -10.87 -20.71 20.56
CA LEU A 221 -11.23 -19.32 20.24
C LEU A 221 -11.82 -18.54 21.41
N GLY A 222 -11.65 -17.23 21.33
CA GLY A 222 -12.25 -16.29 22.26
C GLY A 222 -13.72 -16.13 21.95
N ALA A 223 -14.46 -15.52 22.87
CA ALA A 223 -15.90 -15.28 22.74
C ALA A 223 -16.32 -14.17 23.66
N THR A 224 -17.44 -13.55 23.33
CA THR A 224 -17.98 -12.47 24.16
C THR A 224 -19.49 -12.59 24.20
N GLY A 225 -20.07 -12.29 25.34
CA GLY A 225 -21.52 -12.35 25.53
C GLY A 225 -22.01 -11.47 26.64
N THR A 226 -23.31 -11.54 26.90
CA THR A 226 -23.98 -10.78 27.94
C THR A 226 -24.77 -11.73 28.82
N TYR A 227 -24.53 -11.64 30.14
CA TYR A 227 -25.27 -12.41 31.13
C TYR A 227 -26.34 -11.51 31.74
N ILE A 228 -27.60 -11.96 31.74
CA ILE A 228 -28.74 -11.23 32.31
C ILE A 228 -29.25 -12.04 33.49
N GLN A 229 -29.26 -11.44 34.70
CA GLN A 229 -29.69 -12.08 35.95
C GLN A 229 -31.10 -12.65 35.87
N MET A 230 -31.32 -13.80 36.53
CA MET A 230 -32.61 -14.49 36.60
C MET A 230 -33.51 -13.84 37.66
N PHE A 231 -33.03 -13.74 38.91
CA PHE A 231 -33.77 -13.20 40.06
C PHE A 231 -33.38 -11.74 40.40
N GLY A 232 -32.51 -11.15 39.59
CA GLY A 232 -32.06 -9.77 39.74
C GLY A 232 -32.34 -8.92 38.52
N ASP A 233 -32.01 -7.63 38.61
CA ASP A 233 -32.25 -6.67 37.52
C ASP A 233 -30.95 -6.20 36.85
N ASN A 234 -29.81 -6.80 37.21
CA ASN A 234 -28.53 -6.44 36.61
C ASN A 234 -28.10 -7.38 35.49
N ASP A 235 -27.23 -6.88 34.62
CA ASP A 235 -26.60 -7.63 33.56
C ASP A 235 -25.12 -7.40 33.68
N ILE A 236 -24.32 -8.30 33.12
CA ILE A 236 -22.87 -8.21 33.15
C ILE A 236 -22.28 -8.84 31.87
N GLU A 237 -21.19 -8.26 31.35
CA GLU A 237 -20.53 -8.82 30.16
C GLU A 237 -19.77 -10.05 30.59
N VAL A 238 -19.73 -11.07 29.73
CA VAL A 238 -19.01 -12.31 30.01
C VAL A 238 -18.17 -12.62 28.78
N SER A 239 -16.86 -12.77 28.97
CA SER A 239 -16.01 -13.10 27.84
C SER A 239 -15.12 -14.30 28.17
N LEU A 240 -14.60 -14.92 27.13
CA LEU A 240 -13.72 -16.08 27.19
C LEU A 240 -12.51 -15.79 26.33
N THR A 241 -11.35 -15.94 26.89
CA THR A 241 -10.13 -15.63 26.14
C THR A 241 -9.67 -16.89 25.38
N ALA A 242 -8.95 -16.68 24.26
CA ALA A 242 -8.35 -17.74 23.46
C ALA A 242 -7.19 -18.38 24.20
N ASN A 243 -6.83 -19.61 23.81
CA ASN A 243 -5.74 -20.33 24.45
C ASN A 243 -5.22 -21.49 23.62
N PRO A 244 -3.98 -21.89 23.86
CA PRO A 244 -3.46 -23.07 23.18
C PRO A 244 -3.86 -24.33 23.95
N SER A 245 -3.40 -25.52 23.51
CA SER A 245 -3.69 -26.75 24.26
C SER A 245 -2.78 -26.83 25.49
N HIS A 246 -1.70 -26.00 25.56
CA HIS A 246 -0.76 -25.95 26.71
C HIS A 246 -1.54 -25.55 27.95
N LEU A 247 -1.82 -26.53 28.81
CA LEU A 247 -2.61 -26.32 30.03
C LEU A 247 -1.90 -25.32 30.92
N GLU A 248 -2.69 -24.35 31.44
CA GLU A 248 -2.33 -23.27 32.37
C GLU A 248 -1.53 -22.13 31.72
N ALA A 249 -1.08 -22.25 30.45
CA ALA A 249 -0.28 -21.19 29.82
C ALA A 249 -1.07 -19.87 29.66
N VAL A 250 -2.40 -19.96 29.53
CA VAL A 250 -3.28 -18.80 29.42
C VAL A 250 -3.44 -18.06 30.77
N ASP A 251 -3.06 -18.69 31.91
CA ASP A 251 -3.30 -18.08 33.23
C ASP A 251 -2.76 -16.63 33.34
N PRO A 252 -1.48 -16.31 33.05
CA PRO A 252 -1.04 -14.91 33.21
C PRO A 252 -1.59 -14.01 32.11
N VAL A 253 -1.99 -14.63 30.93
CA VAL A 253 -2.57 -13.89 29.78
C VAL A 253 -3.87 -13.31 30.24
N LEU A 254 -4.71 -14.16 30.90
CA LEU A 254 -6.01 -13.71 31.44
C LEU A 254 -5.81 -12.55 32.38
N GLU A 255 -4.85 -12.66 33.30
CA GLU A 255 -4.59 -11.57 34.26
C GLU A 255 -4.26 -10.24 33.55
N GLY A 256 -3.36 -10.25 32.58
CA GLY A 256 -2.98 -9.02 31.83
C GLY A 256 -4.13 -8.43 31.04
N LEU A 257 -4.96 -9.31 30.46
CA LEU A 257 -6.16 -8.92 29.71
C LEU A 257 -7.14 -8.19 30.64
N VAL A 258 -7.40 -8.78 31.82
CA VAL A 258 -8.32 -8.20 32.81
C VAL A 258 -7.75 -6.87 33.31
N ARG A 259 -6.44 -6.83 33.63
CA ARG A 259 -5.80 -5.59 34.09
C ARG A 259 -5.92 -4.46 33.07
N ALA A 260 -5.76 -4.77 31.75
CA ALA A 260 -5.89 -3.76 30.67
C ALA A 260 -7.33 -3.21 30.64
N LYS A 261 -8.33 -4.10 30.77
CA LYS A 261 -9.76 -3.74 30.80
C LYS A 261 -10.07 -2.87 32.02
N GLN A 262 -9.53 -3.24 33.22
CA GLN A 262 -9.66 -2.46 34.46
C GLN A 262 -9.05 -1.05 34.31
N ASP A 263 -7.85 -0.96 33.69
CA ASP A 263 -7.18 0.33 33.48
C ASP A 263 -8.05 1.22 32.56
N LEU A 264 -8.67 0.62 31.52
CA LEU A 264 -9.56 1.36 30.62
C LEU A 264 -10.83 1.88 31.31
N LEU A 265 -11.36 1.10 32.28
CA LEU A 265 -12.58 1.47 33.01
C LEU A 265 -12.30 2.35 34.21
N ASP A 266 -11.02 2.65 34.46
CA ASP A 266 -10.57 3.49 35.58
C ASP A 266 -11.04 2.86 36.88
N THR A 267 -10.84 1.55 36.96
CA THR A 267 -11.17 0.73 38.10
C THR A 267 -9.89 0.02 38.49
N GLY A 268 -9.81 -0.44 39.72
CA GLY A 268 -8.60 -1.11 40.18
C GLY A 268 -7.43 -0.20 40.55
N GLU A 269 -6.24 -0.82 40.61
CA GLU A 269 -4.95 -0.24 40.98
C GLU A 269 -4.69 1.10 40.32
N GLU A 270 -4.92 1.22 38.99
CA GLU A 270 -4.69 2.47 38.25
C GLU A 270 -6.00 3.24 38.00
N GLY A 271 -6.97 3.06 38.89
CA GLY A 271 -8.26 3.73 38.78
C GLY A 271 -8.68 4.56 39.98
N SER A 272 -9.65 5.44 39.77
CA SER A 272 -10.21 6.32 40.81
C SER A 272 -11.09 5.51 41.76
N ASP A 273 -11.82 4.52 41.19
CA ASP A 273 -12.65 3.62 41.99
C ASP A 273 -11.82 2.38 42.31
N ASN A 274 -12.14 1.70 43.42
CA ASN A 274 -11.41 0.50 43.79
C ASN A 274 -12.35 -0.70 43.89
N ARG A 275 -13.22 -0.85 42.87
CA ARG A 275 -14.11 -1.99 42.79
C ARG A 275 -13.46 -3.11 41.95
N PHE A 276 -12.39 -2.79 41.14
CA PHE A 276 -11.72 -3.77 40.23
C PHE A 276 -12.85 -4.55 39.50
N SER A 277 -13.65 -3.79 38.77
CA SER A 277 -14.94 -4.18 38.23
C SER A 277 -14.88 -5.19 37.08
N VAL A 278 -13.69 -5.72 36.77
CA VAL A 278 -13.51 -6.76 35.76
C VAL A 278 -12.93 -7.91 36.53
N VAL A 279 -13.63 -9.05 36.52
CA VAL A 279 -13.25 -10.19 37.36
C VAL A 279 -12.67 -11.33 36.55
N PRO A 280 -11.45 -11.78 36.91
CA PRO A 280 -10.90 -12.97 36.24
C PRO A 280 -11.53 -14.23 36.86
N LEU A 281 -12.08 -15.11 36.02
CA LEU A 281 -12.64 -16.40 36.43
C LEU A 281 -11.78 -17.46 35.73
N MET A 282 -10.92 -18.12 36.47
CA MET A 282 -9.93 -19.03 35.86
C MET A 282 -10.25 -20.47 36.21
N LEU A 283 -10.50 -21.30 35.18
CA LEU A 283 -10.75 -22.72 35.39
C LEU A 283 -9.47 -23.52 35.20
N HIS A 284 -9.40 -24.67 35.88
CA HIS A 284 -8.23 -25.55 35.83
C HIS A 284 -8.62 -27.00 35.98
N GLY A 285 -7.69 -27.90 35.66
CA GLY A 285 -7.81 -29.32 35.91
C GLY A 285 -6.92 -29.59 37.12
N ASP A 286 -7.17 -30.67 37.88
CA ASP A 286 -6.39 -30.96 39.09
C ASP A 286 -4.94 -31.27 38.81
N ALA A 287 -4.63 -32.10 37.79
CA ALA A 287 -3.23 -32.46 37.55
C ALA A 287 -2.42 -31.25 37.06
N ALA A 288 -2.96 -30.46 36.13
CA ALA A 288 -2.27 -29.29 35.58
C ALA A 288 -2.04 -28.18 36.64
N PHE A 289 -3.04 -27.94 37.51
CA PHE A 289 -2.95 -26.92 38.55
C PHE A 289 -1.79 -27.22 39.51
N ALA A 290 -1.57 -28.53 39.85
CA ALA A 290 -0.48 -28.92 40.76
C ALA A 290 0.91 -28.97 40.06
N GLY A 291 0.97 -29.41 38.79
CA GLY A 291 2.25 -29.60 38.12
C GLY A 291 2.85 -28.45 37.33
N GLN A 292 2.05 -27.50 36.86
CA GLN A 292 2.55 -26.41 36.00
C GLN A 292 3.04 -25.22 36.85
N GLY A 293 4.32 -24.87 36.67
CA GLY A 293 4.94 -23.76 37.40
C GLY A 293 4.33 -22.40 37.17
N VAL A 294 3.75 -22.18 35.99
CA VAL A 294 3.12 -20.91 35.63
C VAL A 294 1.94 -20.56 36.60
N VAL A 295 1.30 -21.56 37.21
CA VAL A 295 0.20 -21.34 38.16
C VAL A 295 0.75 -20.49 39.36
N ALA A 296 1.86 -20.95 39.96
CA ALA A 296 2.54 -20.27 41.10
C ALA A 296 3.05 -18.90 40.67
N GLU A 297 3.63 -18.79 39.44
CA GLU A 297 4.12 -17.49 38.91
C GLU A 297 2.99 -16.51 38.79
N THR A 298 1.78 -17.00 38.37
CA THR A 298 0.58 -16.16 38.18
C THR A 298 -0.04 -15.78 39.53
N LEU A 299 -0.17 -16.77 40.45
CA LEU A 299 -0.62 -16.48 41.83
C LEU A 299 0.29 -15.43 42.46
N ASN A 300 1.60 -15.49 42.17
CA ASN A 300 2.57 -14.53 42.72
C ASN A 300 2.27 -13.07 42.28
N LEU A 301 1.56 -12.87 41.16
CA LEU A 301 1.21 -11.54 40.66
C LEU A 301 0.01 -10.93 41.34
N ALA A 302 -0.80 -11.75 42.03
CA ALA A 302 -2.13 -11.39 42.55
C ALA A 302 -2.24 -10.12 43.39
N LEU A 303 -1.20 -9.74 44.14
CA LEU A 303 -1.30 -8.53 44.95
C LEU A 303 -0.29 -7.45 44.53
N LEU A 304 0.48 -7.69 43.45
CA LEU A 304 1.51 -6.73 42.99
C LEU A 304 0.89 -5.46 42.41
N ARG A 305 1.41 -4.28 42.76
CA ARG A 305 0.84 -3.03 42.24
C ARG A 305 0.80 -3.03 40.68
N GLY A 306 1.82 -3.58 40.02
CA GLY A 306 1.87 -3.61 38.56
C GLY A 306 1.02 -4.67 37.90
N TYR A 307 0.51 -5.68 38.67
CA TYR A 307 -0.17 -6.83 38.05
C TYR A 307 -1.48 -7.24 38.69
N ARG A 308 -1.81 -6.72 39.90
CA ARG A 308 -3.05 -7.11 40.60
C ARG A 308 -4.29 -6.82 39.78
N THR A 309 -5.27 -7.71 39.91
CA THR A 309 -6.55 -7.59 39.22
C THR A 309 -7.71 -7.62 40.22
N GLY A 310 -7.42 -7.40 41.50
CA GLY A 310 -8.39 -7.39 42.60
C GLY A 310 -8.89 -8.75 43.05
N GLY A 311 -8.12 -9.80 42.80
CA GLY A 311 -8.49 -11.16 43.14
C GLY A 311 -9.13 -11.91 41.99
N THR A 312 -8.61 -13.11 41.70
CA THR A 312 -9.12 -14.04 40.71
C THR A 312 -9.96 -15.13 41.39
N ILE A 313 -11.06 -15.51 40.76
CA ILE A 313 -11.88 -16.61 41.25
C ILE A 313 -11.37 -17.84 40.50
N HIS A 314 -10.77 -18.80 41.20
CA HIS A 314 -10.27 -20.02 40.57
C HIS A 314 -11.23 -21.18 40.82
N ILE A 315 -11.53 -21.96 39.78
CA ILE A 315 -12.33 -23.17 39.91
C ILE A 315 -11.52 -24.32 39.36
N VAL A 316 -11.22 -25.31 40.18
CA VAL A 316 -10.47 -26.48 39.71
C VAL A 316 -11.50 -27.59 39.50
N VAL A 317 -11.61 -28.07 38.27
CA VAL A 317 -12.48 -29.19 37.97
C VAL A 317 -11.67 -30.42 38.37
N ASN A 318 -11.85 -30.83 39.64
CA ASN A 318 -11.04 -31.89 40.18
C ASN A 318 -11.71 -33.26 40.02
N ASN A 319 -11.45 -33.93 38.87
CA ASN A 319 -12.04 -35.26 38.59
C ASN A 319 -11.12 -36.39 39.11
N GLN A 320 -10.09 -36.01 39.90
CA GLN A 320 -9.19 -36.91 40.65
C GLN A 320 -8.42 -37.87 39.74
N ILE A 321 -8.10 -37.39 38.53
CA ILE A 321 -7.35 -38.12 37.50
C ILE A 321 -6.76 -37.13 36.51
N GLY A 322 -5.62 -37.48 35.94
CA GLY A 322 -4.95 -36.68 34.95
C GLY A 322 -4.60 -37.57 33.77
N PHE A 323 -5.59 -37.76 32.86
CA PHE A 323 -5.49 -38.68 31.73
C PHE A 323 -5.47 -40.11 32.32
N THR A 324 -4.31 -40.81 32.44
CA THR A 324 -4.33 -42.16 33.08
C THR A 324 -3.69 -42.11 34.47
N THR A 325 -3.21 -40.94 34.87
CA THR A 325 -2.42 -40.72 36.08
C THR A 325 -3.27 -40.39 37.29
N ALA A 326 -2.99 -41.13 38.35
CA ALA A 326 -3.60 -40.96 39.66
C ALA A 326 -2.98 -39.74 40.39
N PRO A 327 -3.77 -39.05 41.25
CA PRO A 327 -3.24 -37.89 42.00
C PRO A 327 -1.95 -38.17 42.78
N THR A 328 -1.75 -39.40 43.31
CA THR A 328 -0.51 -39.71 44.05
C THR A 328 0.76 -39.52 43.18
N ASP A 329 0.66 -39.70 41.86
CA ASP A 329 1.80 -39.51 40.95
C ASP A 329 1.84 -38.08 40.41
N SER A 330 0.77 -37.29 40.66
CA SER A 330 0.64 -35.92 40.12
C SER A 330 1.09 -34.81 41.06
N ARG A 331 1.01 -35.05 42.38
CA ARG A 331 1.32 -34.01 43.37
C ARG A 331 1.85 -34.62 44.65
N SER A 332 2.59 -33.81 45.42
CA SER A 332 3.22 -34.19 46.69
C SER A 332 2.49 -33.60 47.88
N SER A 333 1.20 -33.25 47.72
CA SER A 333 0.43 -32.68 48.82
C SER A 333 -0.98 -33.24 48.82
N GLU A 334 -1.72 -32.98 49.91
CA GLU A 334 -3.07 -33.46 50.14
C GLU A 334 -4.03 -33.04 49.03
N TYR A 335 -4.01 -31.74 48.65
CA TYR A 335 -4.92 -31.20 47.66
C TYR A 335 -4.19 -30.66 46.43
N CYS A 336 -4.86 -30.71 45.26
CA CYS A 336 -4.30 -30.17 44.01
C CYS A 336 -4.16 -28.64 44.11
N THR A 337 -4.93 -28.01 45.04
CA THR A 337 -4.97 -26.56 45.25
C THR A 337 -3.98 -25.99 46.29
N ASP A 338 -3.11 -26.82 46.90
CA ASP A 338 -2.21 -26.38 47.97
C ASP A 338 -1.24 -25.23 47.54
N VAL A 339 -0.91 -25.12 46.26
CA VAL A 339 -0.08 -24.03 45.70
C VAL A 339 -0.73 -22.66 46.03
N ALA A 340 -2.07 -22.59 46.10
CA ALA A 340 -2.77 -21.35 46.41
C ALA A 340 -2.50 -20.83 47.88
N LYS A 341 -1.96 -21.69 48.76
CA LYS A 341 -1.55 -21.29 50.12
C LYS A 341 -0.34 -20.34 50.04
N MET A 342 0.39 -20.35 48.91
CA MET A 342 1.52 -19.46 48.61
C MET A 342 1.16 -17.97 48.86
N ILE A 343 -0.09 -17.57 48.60
CA ILE A 343 -0.53 -16.16 48.76
C ILE A 343 -1.64 -16.02 49.79
N GLY A 344 -1.80 -17.05 50.63
CA GLY A 344 -2.80 -17.05 51.69
C GLY A 344 -4.21 -16.94 51.18
N ALA A 345 -4.49 -17.61 50.05
CA ALA A 345 -5.84 -17.59 49.50
C ALA A 345 -6.75 -18.55 50.27
N PRO A 346 -8.03 -18.21 50.56
CA PRO A 346 -8.91 -19.22 51.15
C PRO A 346 -9.21 -20.31 50.12
N ILE A 347 -9.33 -21.58 50.56
CA ILE A 347 -9.60 -22.71 49.66
C ILE A 347 -10.84 -23.46 50.15
N PHE A 348 -11.77 -23.70 49.22
CA PHE A 348 -13.00 -24.42 49.50
C PHE A 348 -13.04 -25.69 48.66
N HIS A 349 -13.00 -26.85 49.32
CA HIS A 349 -13.10 -28.14 48.65
C HIS A 349 -14.56 -28.52 48.68
N VAL A 350 -15.20 -28.70 47.52
CA VAL A 350 -16.64 -28.91 47.54
C VAL A 350 -17.03 -30.16 46.71
N ASN A 351 -18.04 -30.86 47.18
CA ASN A 351 -18.55 -32.07 46.59
C ASN A 351 -19.40 -31.71 45.37
N GLY A 352 -18.93 -32.14 44.21
CA GLY A 352 -19.58 -31.93 42.92
C GLY A 352 -20.95 -32.54 42.77
N ASP A 353 -21.31 -33.49 43.63
CA ASP A 353 -22.65 -34.08 43.61
C ASP A 353 -23.62 -33.24 44.45
N ASP A 354 -23.14 -32.15 45.12
CA ASP A 354 -24.01 -31.23 45.87
C ASP A 354 -24.00 -29.86 45.16
N PRO A 355 -24.86 -29.67 44.14
CA PRO A 355 -24.81 -28.39 43.39
C PRO A 355 -25.23 -27.18 44.24
N GLU A 356 -26.02 -27.37 45.32
CA GLU A 356 -26.40 -26.28 46.24
C GLU A 356 -25.18 -25.75 46.98
N ALA A 357 -24.35 -26.68 47.53
CA ALA A 357 -23.14 -26.29 48.25
C ALA A 357 -22.11 -25.64 47.27
N CYS A 358 -22.04 -26.14 46.02
CA CYS A 358 -21.18 -25.62 44.97
C CYS A 358 -21.55 -24.18 44.59
N ALA A 359 -22.86 -23.93 44.40
CA ALA A 359 -23.37 -22.58 44.07
C ALA A 359 -23.16 -21.62 45.25
N TRP A 360 -23.37 -22.10 46.50
CA TRP A 360 -23.20 -21.31 47.72
C TRP A 360 -21.74 -20.87 47.88
N VAL A 361 -20.80 -21.79 47.66
CA VAL A 361 -19.36 -21.50 47.75
C VAL A 361 -18.92 -20.51 46.66
N ALA A 362 -19.50 -20.61 45.45
CA ALA A 362 -19.21 -19.70 44.35
C ALA A 362 -19.58 -18.27 44.73
N ARG A 363 -20.77 -18.09 45.35
CA ARG A 363 -21.24 -16.78 45.81
C ARG A 363 -20.38 -16.26 46.96
N LEU A 364 -20.03 -17.11 47.95
CA LEU A 364 -19.14 -16.74 49.05
C LEU A 364 -17.78 -16.27 48.52
N ALA A 365 -17.21 -16.99 47.53
CA ALA A 365 -15.94 -16.68 46.88
C ALA A 365 -15.96 -15.30 46.27
N VAL A 366 -17.05 -14.95 45.55
CA VAL A 366 -17.16 -13.61 44.94
C VAL A 366 -17.21 -12.54 46.06
N ASP A 367 -17.96 -12.78 47.14
CA ASP A 367 -18.06 -11.82 48.26
C ASP A 367 -16.69 -11.61 48.93
N PHE A 368 -15.90 -12.70 49.12
CA PHE A 368 -14.55 -12.61 49.70
C PHE A 368 -13.63 -11.74 48.79
N ARG A 369 -13.65 -12.04 47.48
CA ARG A 369 -12.88 -11.32 46.46
C ARG A 369 -13.25 -9.84 46.49
N GLN A 370 -14.55 -9.51 46.58
CA GLN A 370 -14.98 -8.11 46.65
C GLN A 370 -14.54 -7.45 47.98
N ALA A 371 -14.60 -8.18 49.09
CA ALA A 371 -14.24 -7.61 50.40
C ALA A 371 -12.73 -7.38 50.54
N PHE A 372 -11.89 -8.33 50.08
CA PHE A 372 -10.45 -8.27 50.31
C PHE A 372 -9.56 -8.10 49.08
N LYS A 373 -10.13 -8.13 47.86
CA LYS A 373 -9.41 -7.95 46.58
C LYS A 373 -8.27 -8.95 46.45
N LYS A 374 -8.56 -10.19 46.77
CA LYS A 374 -7.59 -11.30 46.78
C LYS A 374 -8.26 -12.56 46.24
N ASP A 375 -7.45 -13.46 45.66
CA ASP A 375 -7.84 -14.73 45.06
C ASP A 375 -8.55 -15.65 46.03
N VAL A 376 -9.47 -16.42 45.50
CA VAL A 376 -10.27 -17.45 46.18
C VAL A 376 -10.19 -18.66 45.30
N VAL A 377 -9.94 -19.83 45.89
CA VAL A 377 -9.83 -21.06 45.12
C VAL A 377 -10.95 -22.03 45.51
N ILE A 378 -11.68 -22.52 44.50
CA ILE A 378 -12.72 -23.51 44.67
C ILE A 378 -12.24 -24.82 44.04
N ASP A 379 -12.12 -25.88 44.85
CA ASP A 379 -11.72 -27.20 44.41
C ASP A 379 -12.98 -28.07 44.28
N MET A 380 -13.57 -28.19 43.08
CA MET A 380 -14.79 -29.01 42.92
C MET A 380 -14.44 -30.47 42.67
N LEU A 381 -14.66 -31.34 43.67
CA LEU A 381 -14.40 -32.78 43.52
C LEU A 381 -15.54 -33.38 42.73
N CYS A 382 -15.18 -34.06 41.67
CA CYS A 382 -16.10 -34.66 40.72
C CYS A 382 -15.41 -35.90 40.13
N TYR A 383 -15.85 -36.32 38.93
CA TYR A 383 -15.27 -37.46 38.27
C TYR A 383 -15.38 -37.27 36.77
N ARG A 384 -14.64 -38.11 36.03
CA ARG A 384 -14.63 -38.09 34.58
C ARG A 384 -15.32 -39.35 34.14
N ARG A 385 -16.57 -39.25 33.72
CA ARG A 385 -17.38 -40.41 33.33
C ARG A 385 -16.71 -41.27 32.23
N ARG A 386 -16.29 -40.65 31.11
CA ARG A 386 -15.73 -41.42 30.01
C ARG A 386 -14.21 -41.55 30.17
N GLY A 387 -13.57 -42.32 29.28
CA GLY A 387 -12.12 -42.38 29.24
C GLY A 387 -11.62 -41.01 28.83
N HIS A 388 -10.29 -40.84 28.77
CA HIS A 388 -9.71 -39.55 28.38
C HIS A 388 -10.05 -39.16 26.94
N ASN A 389 -10.18 -40.15 26.05
CA ASN A 389 -10.53 -39.97 24.64
C ASN A 389 -11.21 -41.26 24.10
N GLU A 390 -11.66 -41.19 22.83
CA GLU A 390 -12.43 -42.21 22.11
C GLU A 390 -11.85 -43.63 22.20
N GLY A 391 -10.53 -43.76 22.18
CA GLY A 391 -9.91 -45.08 22.26
C GLY A 391 -9.85 -45.70 23.64
N ASP A 392 -9.60 -44.85 24.67
CA ASP A 392 -9.38 -45.17 26.08
C ASP A 392 -10.50 -45.90 26.80
N ASP A 393 -10.15 -47.06 27.39
CA ASP A 393 -10.95 -47.82 28.35
C ASP A 393 -10.23 -47.53 29.67
N PRO A 394 -10.74 -46.58 30.47
CA PRO A 394 -9.99 -46.12 31.64
C PRO A 394 -9.87 -47.14 32.77
N SER A 395 -10.62 -48.25 32.73
CA SER A 395 -10.47 -49.33 33.69
C SER A 395 -9.16 -50.13 33.45
N MET A 396 -8.46 -49.87 32.30
CA MET A 396 -7.17 -50.51 31.99
C MET A 396 -6.12 -50.08 33.01
N THR A 397 -6.16 -48.78 33.38
CA THR A 397 -5.17 -48.16 34.24
C THR A 397 -5.76 -47.73 35.60
N GLN A 398 -7.07 -47.47 35.69
CA GLN A 398 -7.68 -47.12 36.98
C GLN A 398 -8.94 -48.01 37.22
N PRO A 399 -8.77 -49.36 37.35
CA PRO A 399 -9.96 -50.25 37.45
C PRO A 399 -10.85 -49.99 38.67
N TYR A 400 -10.26 -49.67 39.84
CA TYR A 400 -11.05 -49.42 41.04
C TYR A 400 -11.91 -48.17 40.88
N MET A 401 -11.29 -47.05 40.48
CA MET A 401 -12.02 -45.79 40.25
C MET A 401 -13.18 -46.00 39.24
N TYR A 402 -12.92 -46.69 38.11
CA TYR A 402 -13.94 -46.87 37.09
C TYR A 402 -14.99 -47.91 37.42
N ASP A 403 -14.70 -48.84 38.33
CA ASP A 403 -15.77 -49.74 38.78
C ASP A 403 -16.72 -48.94 39.71
N VAL A 404 -16.19 -47.94 40.45
CA VAL A 404 -17.01 -47.08 41.31
C VAL A 404 -17.79 -46.07 40.42
N ILE A 405 -17.15 -45.46 39.39
CA ILE A 405 -17.80 -44.53 38.45
C ILE A 405 -18.94 -45.20 37.71
N ASP A 406 -18.79 -46.50 37.36
CA ASP A 406 -19.84 -47.26 36.67
C ASP A 406 -21.11 -47.42 37.53
N THR A 407 -21.03 -47.21 38.86
CA THR A 407 -22.23 -47.31 39.74
C THR A 407 -22.90 -45.94 39.92
N LYS A 408 -22.22 -44.88 39.46
CA LYS A 408 -22.69 -43.51 39.58
C LYS A 408 -23.72 -43.13 38.55
N ARG A 409 -24.79 -42.49 39.03
CA ARG A 409 -25.81 -41.85 38.20
C ARG A 409 -25.30 -40.41 38.11
N GLY A 410 -25.63 -39.66 37.07
CA GLY A 410 -25.13 -38.28 36.94
C GLY A 410 -25.62 -37.32 38.04
N SER A 411 -24.95 -36.16 38.21
CA SER A 411 -25.26 -35.13 39.20
C SER A 411 -26.72 -34.64 39.08
N ARG A 412 -27.27 -34.58 37.83
CA ARG A 412 -28.63 -34.14 37.54
C ARG A 412 -29.68 -35.13 38.06
N LYS A 413 -29.52 -36.46 37.77
CA LYS A 413 -30.42 -37.50 38.22
C LYS A 413 -30.33 -37.64 39.74
N ALA A 414 -29.12 -37.47 40.30
CA ALA A 414 -28.88 -37.56 41.75
C ALA A 414 -29.55 -36.40 42.48
N TYR A 415 -29.37 -35.16 41.97
CA TYR A 415 -29.95 -33.95 42.57
C TYR A 415 -31.48 -33.96 42.46
N THR A 416 -32.06 -34.43 41.33
CA THR A 416 -33.52 -34.53 41.17
C THR A 416 -34.09 -35.54 42.19
N GLU A 417 -33.45 -36.71 42.32
CA GLU A 417 -33.89 -37.79 43.22
C GLU A 417 -33.76 -37.38 44.67
N ALA A 418 -32.71 -36.64 45.02
CA ALA A 418 -32.48 -36.14 46.38
C ALA A 418 -33.58 -35.13 46.78
N LEU A 419 -33.92 -34.18 45.88
CA LEU A 419 -34.98 -33.18 46.09
C LEU A 419 -36.33 -33.86 46.34
N ILE A 420 -36.60 -34.99 45.66
CA ILE A 420 -37.83 -35.77 45.84
C ILE A 420 -37.85 -36.43 47.23
N GLY A 421 -36.70 -37.00 47.62
CA GLY A 421 -36.49 -37.67 48.91
C GLY A 421 -36.56 -36.75 50.12
N ARG A 422 -35.95 -35.57 50.01
CA ARG A 422 -35.91 -34.54 51.06
C ARG A 422 -37.29 -33.86 51.24
N GLY A 423 -38.21 -34.13 50.33
CA GLY A 423 -39.54 -33.55 50.34
C GLY A 423 -39.58 -32.12 49.85
N ASP A 424 -38.48 -31.70 49.19
CA ASP A 424 -38.30 -30.37 48.61
C ASP A 424 -39.17 -30.18 47.36
N ILE A 425 -39.27 -31.19 46.49
CA ILE A 425 -40.13 -31.09 45.31
C ILE A 425 -41.09 -32.26 45.31
N SER A 426 -42.27 -32.07 44.70
CA SER A 426 -43.29 -33.11 44.53
C SER A 426 -42.96 -33.95 43.28
N MET A 427 -43.66 -35.11 43.08
CA MET A 427 -43.45 -35.96 41.90
C MET A 427 -43.73 -35.17 40.62
N LYS A 428 -44.76 -34.29 40.65
CA LYS A 428 -45.14 -33.41 39.53
C LYS A 428 -43.99 -32.48 39.16
N GLU A 429 -43.41 -31.77 40.15
CA GLU A 429 -42.28 -30.85 39.99
C GLU A 429 -41.05 -31.57 39.45
N ALA A 430 -40.84 -32.85 39.85
CA ALA A 430 -39.71 -33.67 39.35
C ALA A 430 -39.94 -34.02 37.89
N GLU A 431 -41.20 -34.35 37.52
CA GLU A 431 -41.60 -34.67 36.14
C GLU A 431 -41.42 -33.45 35.26
N ASP A 432 -41.71 -32.24 35.80
CA ASP A 432 -41.54 -30.98 35.09
C ASP A 432 -40.04 -30.71 34.86
N ALA A 433 -39.18 -31.13 35.82
CA ALA A 433 -37.73 -31.01 35.73
C ALA A 433 -37.19 -31.91 34.62
N LEU A 434 -37.67 -33.17 34.55
CA LEU A 434 -37.32 -34.13 33.49
C LEU A 434 -37.86 -33.62 32.12
N ARG A 435 -39.00 -32.89 32.13
CA ARG A 435 -39.58 -32.28 30.93
C ARG A 435 -38.72 -31.14 30.44
N ASP A 436 -38.18 -30.35 31.36
CA ASP A 436 -37.32 -29.22 31.04
C ASP A 436 -36.01 -29.74 30.43
N TYR A 437 -35.44 -30.82 31.01
CA TYR A 437 -34.23 -31.48 30.50
C TYR A 437 -34.44 -31.98 29.07
N GLN A 438 -35.57 -32.70 28.85
CA GLN A 438 -35.96 -33.24 27.55
C GLN A 438 -36.17 -32.11 26.53
N GLY A 439 -36.74 -30.98 26.98
CA GLY A 439 -36.95 -29.80 26.15
C GLY A 439 -35.63 -29.18 25.70
N GLN A 440 -34.63 -29.10 26.61
CA GLN A 440 -33.30 -28.55 26.30
C GLN A 440 -32.55 -29.45 25.30
N LEU A 441 -32.65 -30.75 25.49
CA LEU A 441 -32.07 -31.76 24.61
C LEU A 441 -32.64 -31.64 23.20
N GLU A 442 -33.96 -31.52 23.09
CA GLU A 442 -34.61 -31.39 21.79
C GLU A 442 -34.20 -30.10 21.11
N ARG A 443 -34.18 -28.98 21.86
CA ARG A 443 -33.84 -27.64 21.36
C ARG A 443 -32.43 -27.62 20.73
N VAL A 444 -31.43 -28.23 21.38
CA VAL A 444 -30.08 -28.23 20.83
C VAL A 444 -30.03 -29.10 19.54
N PHE A 445 -30.67 -30.28 19.54
CA PHE A 445 -30.71 -31.13 18.34
C PHE A 445 -31.40 -30.43 17.17
N ASN A 446 -32.57 -29.80 17.43
CA ASN A 446 -33.39 -29.06 16.46
C ASN A 446 -32.68 -27.86 15.85
N GLU A 447 -32.04 -27.02 16.71
CA GLU A 447 -31.34 -25.80 16.28
C GLU A 447 -30.11 -26.12 15.48
N VAL A 448 -29.39 -27.18 15.88
CA VAL A 448 -28.22 -27.61 15.15
C VAL A 448 -28.70 -28.25 13.81
N ARG A 449 -29.90 -28.90 13.79
CA ARG A 449 -30.48 -29.45 12.57
C ARG A 449 -30.86 -28.32 11.59
N GLU A 450 -31.42 -27.20 12.09
CA GLU A 450 -31.79 -26.02 11.32
C GLU A 450 -30.54 -25.33 10.74
N LEU A 451 -29.42 -25.37 11.48
CA LEU A 451 -28.14 -24.79 11.05
C LEU A 451 -27.48 -25.63 9.93
N GLU A 452 -27.64 -26.98 9.98
CA GLU A 452 -27.11 -27.91 8.96
C GLU A 452 -27.84 -27.74 7.62
N LYS A 453 -29.10 -27.27 7.65
CA LYS A 453 -29.93 -27.02 6.46
C LYS A 453 -29.48 -25.77 5.70
N HIS A 454 -29.08 -24.70 6.43
CA HIS A 454 -28.62 -23.44 5.86
C HIS A 454 -27.24 -23.57 5.20
N LEU A 472 2.74 6.52 7.26
CA LEU A 472 2.56 7.45 8.36
C LEU A 472 3.90 8.07 8.78
N ALA A 473 3.87 9.32 9.27
CA ALA A 473 5.08 10.02 9.73
C ALA A 473 5.20 9.91 11.25
N THR A 474 6.42 9.74 11.75
CA THR A 474 6.70 9.60 13.18
C THR A 474 7.56 10.77 13.68
N ALA A 475 8.00 11.65 12.76
CA ALA A 475 8.77 12.85 13.08
C ALA A 475 7.94 13.77 13.97
N VAL A 476 8.59 14.35 14.98
CA VAL A 476 7.96 15.28 15.93
C VAL A 476 8.62 16.66 15.79
N ASP A 477 7.97 17.71 16.29
CA ASP A 477 8.59 19.03 16.30
C ASP A 477 9.65 19.06 17.43
N LYS A 478 10.69 19.90 17.31
CA LYS A 478 11.77 19.99 18.30
C LYS A 478 11.23 20.34 19.69
N ALA A 479 10.14 21.14 19.76
CA ALA A 479 9.52 21.56 21.02
C ALA A 479 9.00 20.36 21.84
N MET A 480 8.66 19.22 21.17
CA MET A 480 8.24 17.97 21.81
C MET A 480 9.43 17.36 22.55
N LEU A 481 10.62 17.36 21.89
CA LEU A 481 11.86 16.87 22.47
C LEU A 481 12.25 17.74 23.66
N GLN A 482 12.12 19.07 23.51
CA GLN A 482 12.44 20.04 24.55
C GLN A 482 11.55 19.83 25.78
N ARG A 483 10.25 19.63 25.55
CA ARG A 483 9.26 19.39 26.60
C ARG A 483 9.61 18.13 27.40
N ILE A 484 10.00 17.03 26.72
CA ILE A 484 10.37 15.77 27.37
C ILE A 484 11.67 15.97 28.18
N GLY A 485 12.61 16.73 27.64
CA GLY A 485 13.85 17.06 28.33
C GLY A 485 13.58 17.90 29.57
N ASP A 486 12.78 18.98 29.42
CA ASP A 486 12.40 19.87 30.52
C ASP A 486 11.67 19.10 31.63
N ALA A 487 10.84 18.11 31.29
CA ALA A 487 10.09 17.27 32.23
C ALA A 487 11.02 16.58 33.24
N HIS A 488 12.26 16.21 32.81
CA HIS A 488 13.26 15.58 33.68
C HIS A 488 13.77 16.55 34.78
N LEU A 489 13.59 17.87 34.59
CA LEU A 489 14.00 18.87 35.58
C LEU A 489 12.79 19.49 36.29
N ALA A 490 11.54 19.12 35.90
CA ALA A 490 10.30 19.64 36.52
C ALA A 490 9.91 18.80 37.74
N LEU A 491 10.80 18.76 38.72
CA LEU A 491 10.66 17.96 39.94
C LEU A 491 9.55 18.48 40.86
N PRO A 492 8.82 17.59 41.59
CA PRO A 492 7.85 18.09 42.58
C PRO A 492 8.54 18.96 43.63
N GLU A 493 7.81 19.91 44.21
CA GLU A 493 8.34 20.80 45.24
C GLU A 493 8.87 19.98 46.43
N GLY A 494 10.10 20.26 46.84
CA GLY A 494 10.75 19.57 47.95
C GLY A 494 11.32 18.19 47.62
N PHE A 495 11.32 17.82 46.32
CA PHE A 495 11.84 16.50 45.92
C PHE A 495 13.35 16.51 45.97
N THR A 496 13.95 15.45 46.56
CA THR A 496 15.42 15.35 46.66
C THR A 496 15.90 14.30 45.69
N VAL A 497 16.58 14.71 44.62
CA VAL A 497 17.11 13.78 43.61
C VAL A 497 18.40 13.20 44.12
N HIS A 498 18.62 11.89 43.88
CA HIS A 498 19.89 11.23 44.23
C HIS A 498 21.05 11.95 43.50
N PRO A 499 22.18 12.24 44.19
CA PRO A 499 23.28 12.94 43.52
C PRO A 499 23.79 12.32 42.21
N ARG A 500 23.68 10.99 42.05
CA ARG A 500 24.14 10.32 40.83
C ARG A 500 23.06 10.32 39.72
N VAL A 501 21.80 10.66 40.05
CA VAL A 501 20.70 10.70 39.07
C VAL A 501 20.58 12.13 38.49
N ARG A 502 20.85 13.15 39.32
CA ARG A 502 20.80 14.55 38.90
C ARG A 502 21.55 14.81 37.57
N PRO A 503 22.81 14.31 37.32
CA PRO A 503 23.45 14.62 36.03
C PRO A 503 22.70 14.01 34.85
N VAL A 504 21.99 12.88 35.06
CA VAL A 504 21.23 12.22 34.00
C VAL A 504 20.11 13.16 33.56
N LEU A 505 19.38 13.73 34.52
CA LEU A 505 18.27 14.66 34.27
C LEU A 505 18.74 15.89 33.52
N GLU A 506 19.88 16.48 33.93
CA GLU A 506 20.47 17.68 33.30
C GLU A 506 20.99 17.36 31.88
N LYS A 507 21.66 16.20 31.68
CA LYS A 507 22.14 15.75 30.37
C LYS A 507 20.96 15.58 29.41
N ARG A 508 19.82 15.06 29.89
CA ARG A 508 18.63 14.85 29.05
C ARG A 508 18.06 16.20 28.58
N ARG A 509 18.02 17.21 29.48
CA ARG A 509 17.58 18.55 29.07
C ARG A 509 18.56 19.08 27.99
N GLU A 510 19.87 18.89 28.21
CA GLU A 510 20.93 19.31 27.29
C GLU A 510 20.75 18.61 25.93
N MET A 511 20.50 17.29 25.92
CA MET A 511 20.33 16.51 24.70
C MET A 511 19.11 16.96 23.92
N ALA A 512 18.00 17.26 24.61
CA ALA A 512 16.76 17.70 24.00
C ALA A 512 16.92 19.02 23.21
N TYR A 513 17.81 19.90 23.67
CA TYR A 513 18.04 21.21 23.07
C TYR A 513 19.27 21.26 22.17
N GLU A 514 20.30 20.41 22.42
CA GLU A 514 21.56 20.53 21.69
C GLU A 514 21.94 19.31 20.85
N GLY A 515 21.28 18.16 21.06
CA GLY A 515 21.57 16.97 20.27
C GLY A 515 22.46 15.96 20.95
N ARG A 516 23.12 15.09 20.15
CA ARG A 516 23.93 13.96 20.68
C ARG A 516 23.03 13.12 21.63
N ILE A 517 21.81 12.83 21.18
CA ILE A 517 20.79 12.07 21.94
C ILE A 517 21.20 10.60 21.98
N ASP A 518 21.35 10.05 23.21
CA ASP A 518 21.75 8.65 23.37
C ASP A 518 20.51 7.72 23.27
N TRP A 519 20.76 6.41 23.21
CA TRP A 519 19.71 5.37 23.09
C TRP A 519 18.64 5.47 24.18
N ALA A 520 19.09 5.55 25.45
CA ALA A 520 18.20 5.56 26.61
C ALA A 520 17.24 6.74 26.57
N PHE A 521 17.72 7.92 26.17
CA PHE A 521 16.84 9.09 26.10
C PHE A 521 15.92 8.99 24.89
N ALA A 522 16.43 8.46 23.76
CA ALA A 522 15.66 8.29 22.51
C ALA A 522 14.45 7.42 22.76
N GLU A 523 14.61 6.37 23.62
CA GLU A 523 13.48 5.52 24.01
C GLU A 523 12.41 6.33 24.73
N LEU A 524 12.84 7.17 25.71
CA LEU A 524 11.90 7.96 26.50
C LEU A 524 11.30 9.10 25.68
N LEU A 525 12.03 9.60 24.64
CA LEU A 525 11.49 10.62 23.72
C LEU A 525 10.35 10.01 22.90
N ALA A 526 10.52 8.73 22.47
CA ALA A 526 9.48 8.02 21.71
C ALA A 526 8.26 7.77 22.59
N LEU A 527 8.48 7.27 23.82
CA LEU A 527 7.35 6.95 24.74
C LEU A 527 6.68 8.23 25.22
N GLY A 528 7.48 9.23 25.58
CA GLY A 528 6.92 10.52 26.00
C GLY A 528 6.09 11.21 24.93
N SER A 529 6.54 11.16 23.66
CA SER A 529 5.81 11.79 22.52
C SER A 529 4.49 11.04 22.26
N LEU A 530 4.48 9.73 22.45
CA LEU A 530 3.24 8.95 22.31
C LEU A 530 2.22 9.35 23.40
N ILE A 531 2.67 9.52 24.65
CA ILE A 531 1.84 9.94 25.80
C ILE A 531 1.26 11.34 25.54
N ALA A 532 2.10 12.29 25.05
CA ALA A 532 1.69 13.65 24.69
C ALA A 532 0.62 13.64 23.59
N GLU A 533 0.64 12.63 22.72
CA GLU A 533 -0.34 12.46 21.64
C GLU A 533 -1.61 11.71 22.12
N GLY A 534 -1.63 11.30 23.39
CA GLY A 534 -2.78 10.65 24.02
C GLY A 534 -2.73 9.14 24.18
N LYS A 535 -1.57 8.53 23.99
CA LYS A 535 -1.46 7.08 24.10
C LYS A 535 -1.16 6.61 25.52
N LEU A 536 -1.76 5.47 25.90
CA LEU A 536 -1.45 4.81 27.15
C LEU A 536 -0.17 4.00 26.90
N VAL A 537 0.89 4.23 27.69
CA VAL A 537 2.15 3.48 27.54
C VAL A 537 2.39 2.67 28.80
N ARG A 538 2.49 1.35 28.66
CA ARG A 538 2.79 0.44 29.75
C ARG A 538 4.14 -0.22 29.47
N LEU A 539 5.09 -0.01 30.36
CA LEU A 539 6.44 -0.54 30.24
C LEU A 539 6.80 -1.30 31.53
N SER A 540 7.35 -2.50 31.41
CA SER A 540 7.71 -3.27 32.58
C SER A 540 8.75 -4.32 32.25
N GLY A 541 9.32 -4.91 33.28
CA GLY A 541 10.34 -5.93 33.18
C GLY A 541 11.19 -5.90 34.44
N GLN A 542 12.23 -6.74 34.49
CA GLN A 542 13.07 -6.81 35.68
C GLN A 542 13.96 -5.58 35.79
N ASP A 543 13.76 -4.82 36.91
CA ASP A 543 14.49 -3.60 37.22
C ASP A 543 14.34 -2.53 36.12
N THR A 544 13.23 -2.58 35.37
CA THR A 544 12.93 -1.68 34.25
C THR A 544 12.74 -0.20 34.65
N GLN A 545 12.27 0.10 35.87
CA GLN A 545 12.12 1.52 36.29
C GLN A 545 13.48 2.23 36.22
N ARG A 546 14.54 1.59 36.76
CA ARG A 546 15.86 2.21 36.70
C ARG A 546 16.59 1.85 35.40
N GLY A 547 16.42 0.61 34.97
CA GLY A 547 17.08 0.03 33.82
C GLY A 547 18.20 -0.86 34.34
N THR A 548 18.34 -2.05 33.78
CA THR A 548 19.39 -3.03 34.15
C THR A 548 20.79 -2.41 34.02
N PHE A 549 20.97 -1.54 33.04
CA PHE A 549 22.30 -0.94 32.77
C PHE A 549 22.37 0.49 33.30
N THR A 550 21.56 0.78 34.33
CA THR A 550 21.42 2.08 35.03
C THR A 550 21.22 3.22 34.00
N GLN A 551 20.50 2.93 32.92
CA GLN A 551 20.36 3.92 31.84
C GLN A 551 18.98 4.56 31.73
N ARG A 552 17.90 3.94 32.25
CA ARG A 552 16.58 4.44 31.94
C ARG A 552 16.12 5.56 32.86
N HIS A 553 16.04 5.30 34.17
CA HIS A 553 15.57 6.23 35.21
C HIS A 553 14.19 6.77 34.84
N ALA A 554 13.26 5.86 34.41
CA ALA A 554 11.87 6.17 34.06
C ALA A 554 11.11 6.62 35.30
N VAL A 555 11.58 6.13 36.45
CA VAL A 555 11.10 6.49 37.77
C VAL A 555 12.32 6.91 38.55
N ILE A 556 12.24 8.03 39.24
CA ILE A 556 13.35 8.47 40.09
C ILE A 556 12.85 8.47 41.54
N VAL A 557 13.74 8.16 42.48
CA VAL A 557 13.37 7.93 43.87
C VAL A 557 13.94 9.03 44.77
N ASP A 558 13.05 9.66 45.57
CA ASP A 558 13.46 10.71 46.51
C ASP A 558 14.47 10.10 47.49
N ARG A 559 15.66 10.71 47.54
CA ARG A 559 16.82 10.27 48.31
C ARG A 559 16.49 10.26 49.83
N LYS A 560 15.53 11.12 50.26
CA LYS A 560 15.15 11.24 51.67
C LYS A 560 13.85 10.51 52.04
N THR A 561 12.80 10.57 51.20
CA THR A 561 11.49 9.98 51.53
C THR A 561 11.18 8.65 50.81
N GLY A 562 11.88 8.38 49.72
CA GLY A 562 11.67 7.18 48.93
C GLY A 562 10.50 7.28 47.97
N GLU A 563 9.87 8.47 47.89
CA GLU A 563 8.74 8.75 47.00
C GLU A 563 9.18 8.67 45.55
N GLU A 564 8.36 8.05 44.72
CA GLU A 564 8.66 7.88 43.29
C GLU A 564 8.15 9.09 42.48
N PHE A 565 8.94 9.53 41.50
CA PHE A 565 8.61 10.59 40.55
C PHE A 565 8.83 10.04 39.14
N THR A 566 7.81 10.18 38.26
CA THR A 566 7.84 9.67 36.89
C THR A 566 7.84 10.85 35.91
N PRO A 567 9.04 11.32 35.46
CA PRO A 567 9.09 12.49 34.57
C PRO A 567 8.16 12.43 33.35
N LEU A 568 8.08 11.29 32.64
CA LEU A 568 7.22 11.17 31.46
C LEU A 568 5.71 11.35 31.75
N GLN A 569 5.26 11.14 33.00
CA GLN A 569 3.84 11.32 33.36
C GLN A 569 3.39 12.78 33.19
N LEU A 570 4.34 13.74 33.28
CA LEU A 570 4.02 15.16 33.07
C LEU A 570 3.52 15.44 31.62
N LEU A 571 3.85 14.52 30.67
CA LEU A 571 3.47 14.68 29.27
C LEU A 571 2.02 14.24 29.02
N ALA A 572 1.35 13.67 30.04
CA ALA A 572 -0.07 13.29 29.98
C ALA A 572 -0.96 14.54 30.16
N THR A 573 -0.34 15.69 30.42
CA THR A 573 -1.05 16.98 30.62
C THR A 573 -0.49 18.00 29.60
N ASN A 574 -1.38 18.63 28.81
CA ASN A 574 -1.03 19.65 27.82
C ASN A 574 -0.52 20.94 28.49
N PRO A 575 0.24 21.83 27.78
CA PRO A 575 0.67 23.10 28.42
C PRO A 575 -0.50 23.94 28.95
N ASP A 576 -1.69 23.85 28.31
CA ASP A 576 -2.91 24.55 28.72
C ASP A 576 -3.49 23.96 30.05
N GLY A 577 -3.07 22.75 30.41
CA GLY A 577 -3.51 22.05 31.62
C GLY A 577 -4.51 20.93 31.41
N THR A 578 -5.05 20.78 30.19
CA THR A 578 -6.02 19.72 29.89
C THR A 578 -5.31 18.36 29.72
N PRO A 579 -5.96 17.22 30.03
CA PRO A 579 -5.29 15.92 29.84
C PRO A 579 -5.17 15.57 28.35
N THR A 580 -4.15 14.78 27.98
CA THR A 580 -3.97 14.37 26.59
C THR A 580 -4.76 13.09 26.35
N GLY A 581 -5.09 12.39 27.44
CA GLY A 581 -5.77 11.10 27.40
C GLY A 581 -4.75 9.97 27.55
N GLY A 582 -3.47 10.32 27.46
CA GLY A 582 -2.36 9.39 27.61
C GLY A 582 -1.95 9.19 29.05
N LYS A 583 -1.05 8.24 29.32
CA LYS A 583 -0.59 7.90 30.66
C LYS A 583 0.63 7.01 30.54
N PHE A 584 1.57 7.12 31.50
CA PHE A 584 2.78 6.28 31.54
C PHE A 584 2.69 5.33 32.74
N LEU A 585 2.61 4.02 32.48
CA LEU A 585 2.52 3.00 33.53
C LEU A 585 3.80 2.19 33.51
N VAL A 586 4.69 2.41 34.47
CA VAL A 586 5.98 1.73 34.41
C VAL A 586 6.23 0.95 35.72
N TYR A 587 6.62 -0.31 35.59
CA TYR A 587 6.81 -1.14 36.77
C TYR A 587 8.00 -2.02 36.70
N ASN A 588 8.51 -2.36 37.88
CA ASN A 588 9.50 -3.42 38.06
C ASN A 588 8.66 -4.67 38.13
N SER A 589 8.98 -5.68 37.36
CA SER A 589 8.24 -6.91 37.41
C SER A 589 8.78 -7.81 38.50
N ALA A 590 8.04 -8.88 38.80
CA ALA A 590 8.51 -9.96 39.67
C ALA A 590 9.64 -10.67 38.91
N LEU A 591 10.42 -11.52 39.59
CA LEU A 591 11.46 -12.30 38.91
C LEU A 591 10.81 -13.49 38.16
N SER A 592 10.08 -13.16 37.12
CA SER A 592 9.40 -14.14 36.28
C SER A 592 9.53 -13.73 34.83
N GLU A 593 9.58 -14.72 33.93
CA GLU A 593 9.57 -14.48 32.49
C GLU A 593 8.27 -15.03 31.93
N PHE A 594 7.95 -16.30 32.21
CA PHE A 594 6.72 -16.93 31.72
C PHE A 594 5.47 -16.10 32.07
N ALA A 595 5.23 -15.80 33.33
CA ALA A 595 4.01 -15.03 33.69
C ALA A 595 4.08 -13.59 33.27
N ALA A 596 5.26 -12.94 33.41
CA ALA A 596 5.37 -11.52 33.04
C ALA A 596 5.12 -11.32 31.52
N VAL A 597 5.70 -12.17 30.66
CA VAL A 597 5.52 -12.05 29.19
C VAL A 597 4.06 -12.37 28.84
N GLY A 598 3.49 -13.39 29.49
CA GLY A 598 2.10 -13.75 29.27
C GLY A 598 1.18 -12.61 29.66
N PHE A 599 1.52 -11.92 30.78
CA PHE A 599 0.72 -10.81 31.29
C PHE A 599 0.74 -9.65 30.27
N GLU A 600 1.94 -9.28 29.77
CA GLU A 600 2.06 -8.18 28.84
C GLU A 600 1.39 -8.52 27.51
N TYR A 601 1.48 -9.77 27.08
CA TYR A 601 0.79 -10.18 25.86
C TYR A 601 -0.73 -9.98 26.06
N GLY A 602 -1.25 -10.46 27.18
CA GLY A 602 -2.68 -10.34 27.50
C GLY A 602 -3.11 -8.89 27.65
N TYR A 603 -2.23 -8.03 28.20
CA TYR A 603 -2.52 -6.60 28.37
C TYR A 603 -2.77 -5.96 26.98
N SER A 604 -1.91 -6.24 26.01
CA SER A 604 -2.07 -5.70 24.65
C SER A 604 -3.35 -6.23 23.96
N VAL A 605 -3.74 -7.47 24.25
CA VAL A 605 -5.00 -8.03 23.70
C VAL A 605 -6.18 -7.24 24.33
N GLY A 606 -6.11 -7.02 25.64
CA GLY A 606 -7.13 -6.32 26.42
C GLY A 606 -7.34 -4.88 26.04
N ASN A 607 -6.26 -4.18 25.69
CA ASN A 607 -6.32 -2.80 25.25
C ASN A 607 -5.50 -2.66 23.96
N PRO A 608 -6.10 -2.87 22.75
CA PRO A 608 -5.31 -2.74 21.51
C PRO A 608 -4.74 -1.33 21.26
N ASP A 609 -5.25 -0.29 21.94
CA ASP A 609 -4.78 1.08 21.76
C ASP A 609 -3.57 1.42 22.63
N ALA A 610 -3.17 0.50 23.51
CA ALA A 610 -2.07 0.73 24.41
C ALA A 610 -0.75 0.38 23.74
N MET A 611 0.30 1.09 24.13
CA MET A 611 1.68 0.78 23.76
C MET A 611 2.19 -0.11 24.93
N VAL A 612 2.47 -1.40 24.69
CA VAL A 612 2.85 -2.34 25.76
C VAL A 612 4.23 -2.89 25.48
N LEU A 613 5.17 -2.68 26.41
CA LEU A 613 6.54 -3.18 26.23
C LEU A 613 6.98 -4.00 27.41
N TRP A 614 7.55 -5.17 27.14
CA TRP A 614 8.14 -5.99 28.17
C TRP A 614 9.61 -6.06 27.92
N GLU A 615 10.41 -5.87 28.97
CA GLU A 615 11.84 -5.89 28.81
C GLU A 615 12.48 -7.06 29.57
N ALA A 616 13.23 -7.91 28.84
CA ALA A 616 14.05 -8.97 29.45
C ALA A 616 15.24 -8.32 30.15
N GLN A 617 15.75 -8.89 31.26
CA GLN A 617 16.94 -8.31 31.91
C GLN A 617 18.13 -8.37 30.90
N PHE A 618 18.23 -9.54 30.28
CA PHE A 618 19.10 -9.90 29.16
C PHE A 618 18.22 -10.77 28.26
N GLY A 619 18.33 -10.61 26.93
CA GLY A 619 17.52 -11.44 26.02
C GLY A 619 17.66 -12.94 26.27
N ASP A 620 18.80 -13.39 26.83
CA ASP A 620 19.10 -14.80 27.13
C ASP A 620 18.06 -15.47 28.10
N PHE A 621 17.32 -14.66 28.89
CA PHE A 621 16.37 -15.19 29.86
C PHE A 621 14.97 -15.33 29.29
N VAL A 622 14.73 -14.78 28.09
CA VAL A 622 13.38 -14.85 27.49
C VAL A 622 12.98 -16.31 27.16
N ASN A 623 13.92 -17.26 27.04
CA ASN A 623 13.58 -18.66 26.79
C ASN A 623 12.73 -19.26 27.97
N GLY A 624 12.72 -18.62 29.13
CA GLY A 624 11.86 -19.00 30.25
C GLY A 624 10.41 -18.75 29.93
N ALA A 625 10.14 -17.90 28.91
CA ALA A 625 8.79 -17.59 28.44
C ALA A 625 8.53 -18.19 27.05
N GLN A 626 9.27 -19.24 26.67
CA GLN A 626 9.13 -19.83 25.35
C GLN A 626 7.69 -20.23 25.02
N SER A 627 6.97 -20.85 25.98
CA SER A 627 5.59 -21.27 25.73
C SER A 627 4.75 -20.09 25.29
N ILE A 628 4.96 -18.91 25.90
CA ILE A 628 4.15 -17.74 25.53
C ILE A 628 4.55 -17.25 24.17
N ILE A 629 5.85 -17.28 23.87
CA ILE A 629 6.31 -16.81 22.56
C ILE A 629 5.77 -17.72 21.46
N ASP A 630 5.88 -19.02 21.65
CA ASP A 630 5.45 -19.99 20.65
C ASP A 630 3.94 -20.06 20.48
N GLU A 631 3.19 -20.09 21.59
CA GLU A 631 1.76 -20.35 21.59
C GLU A 631 0.90 -19.13 21.48
N PHE A 632 1.40 -17.95 21.85
CA PHE A 632 0.55 -16.77 21.82
C PHE A 632 1.07 -15.68 20.90
N ILE A 633 2.25 -15.13 21.22
CA ILE A 633 2.84 -14.00 20.51
C ILE A 633 3.04 -14.29 19.02
N SER A 634 3.81 -15.33 18.69
CA SER A 634 4.17 -15.61 17.33
C SER A 634 3.01 -16.14 16.48
N SER A 635 2.00 -16.76 17.09
CA SER A 635 0.99 -17.52 16.36
C SER A 635 -0.49 -17.22 16.66
N GLY A 636 -0.80 -16.50 17.73
CA GLY A 636 -2.18 -16.21 18.12
C GLY A 636 -3.05 -15.68 16.99
N GLU A 637 -2.48 -14.76 16.15
CA GLU A 637 -3.19 -14.14 15.03
C GLU A 637 -3.65 -15.19 13.99
N ALA A 638 -2.72 -16.02 13.49
CA ALA A 638 -3.01 -17.03 12.50
C ALA A 638 -3.92 -18.12 13.06
N LYS A 639 -3.72 -18.52 14.31
CA LYS A 639 -4.52 -19.62 14.87
C LYS A 639 -5.93 -19.21 15.25
N TRP A 640 -6.07 -18.04 15.88
CA TRP A 640 -7.36 -17.67 16.44
C TRP A 640 -7.90 -16.32 15.99
N GLY A 641 -7.16 -15.60 15.13
CA GLY A 641 -7.55 -14.26 14.74
C GLY A 641 -7.43 -13.29 15.91
N GLN A 642 -6.62 -13.66 16.94
CA GLN A 642 -6.43 -12.80 18.13
C GLN A 642 -5.21 -11.95 17.88
N LEU A 643 -5.35 -10.63 18.01
CA LEU A 643 -4.28 -9.70 17.67
C LEU A 643 -3.61 -9.14 18.90
N SER A 644 -2.29 -8.96 18.84
CA SER A 644 -1.49 -8.34 19.89
C SER A 644 -0.46 -7.39 19.26
N ASP A 645 -0.20 -6.26 19.91
CA ASP A 645 0.81 -5.27 19.52
C ASP A 645 1.94 -5.23 20.56
N VAL A 646 2.09 -6.31 21.35
CA VAL A 646 3.09 -6.35 22.45
C VAL A 646 4.52 -6.16 21.89
N VAL A 647 5.36 -5.45 22.64
CA VAL A 647 6.78 -5.25 22.32
C VAL A 647 7.64 -6.03 23.31
N LEU A 648 8.60 -6.83 22.80
CA LEU A 648 9.59 -7.49 23.62
C LEU A 648 10.95 -6.84 23.34
N LEU A 649 11.57 -6.27 24.39
CA LEU A 649 12.89 -5.62 24.34
C LEU A 649 13.89 -6.62 24.88
N LEU A 650 14.81 -7.10 24.02
CA LEU A 650 15.72 -8.16 24.42
C LEU A 650 17.17 -7.72 24.34
N PRO A 651 17.81 -7.28 25.47
CA PRO A 651 19.22 -6.86 25.40
C PRO A 651 20.06 -7.98 24.82
N HIS A 652 20.86 -7.62 23.81
CA HIS A 652 21.60 -8.57 23.01
C HIS A 652 22.95 -8.00 22.57
N GLY A 653 23.96 -8.88 22.46
CA GLY A 653 25.30 -8.48 22.00
C GLY A 653 26.44 -9.27 22.63
N HIS A 654 27.45 -9.62 21.81
CA HIS A 654 28.67 -10.32 22.23
C HIS A 654 29.61 -9.31 22.85
N GLU A 655 29.77 -9.41 24.18
CA GLU A 655 30.61 -8.50 24.96
C GLU A 655 31.55 -9.22 25.91
N GLY A 656 31.60 -10.55 25.84
CA GLY A 656 32.44 -11.37 26.71
C GLY A 656 31.88 -11.67 28.10
N GLN A 657 30.57 -11.51 28.31
CA GLN A 657 29.93 -11.79 29.59
C GLN A 657 29.31 -13.22 29.67
N GLY A 658 29.62 -14.08 28.70
CA GLY A 658 29.19 -15.46 28.77
C GLY A 658 27.95 -15.83 28.01
N PRO A 659 27.64 -17.15 27.96
CA PRO A 659 26.54 -17.65 27.14
C PRO A 659 25.14 -17.26 27.62
N ASP A 660 24.99 -16.73 28.85
CA ASP A 660 23.68 -16.28 29.36
C ASP A 660 23.59 -14.78 29.47
N HIS A 661 24.57 -14.06 28.93
CA HIS A 661 24.54 -12.59 28.93
C HIS A 661 25.01 -12.11 27.56
N THR A 662 24.60 -12.84 26.51
CA THR A 662 25.07 -12.51 25.18
C THR A 662 23.96 -12.47 24.08
N SER A 663 23.03 -13.41 24.10
CA SER A 663 22.09 -13.54 22.99
C SER A 663 20.60 -13.61 23.35
N GLY A 664 19.79 -12.89 22.59
CA GLY A 664 18.33 -12.95 22.70
C GLY A 664 17.78 -14.01 21.75
N ARG A 665 18.69 -14.78 21.10
CA ARG A 665 18.38 -15.87 20.13
C ARG A 665 17.54 -15.34 18.94
N ILE A 666 18.16 -14.42 18.20
CA ILE A 666 17.63 -13.81 16.98
C ILE A 666 17.16 -14.92 16.02
N GLU A 667 17.98 -15.99 15.85
CA GLU A 667 17.71 -17.10 14.95
C GLU A 667 16.37 -17.81 15.27
N ARG A 668 15.99 -17.87 16.55
CA ARG A 668 14.77 -18.54 16.96
C ARG A 668 13.55 -17.71 16.59
N PHE A 669 13.61 -16.39 16.81
CA PHE A 669 12.51 -15.47 16.44
C PHE A 669 12.40 -15.41 14.92
N LEU A 670 13.55 -15.43 14.18
CA LEU A 670 13.48 -15.40 12.72
C LEU A 670 12.87 -16.67 12.18
N GLN A 671 13.12 -17.82 12.87
CA GLN A 671 12.58 -19.13 12.51
C GLN A 671 11.04 -19.17 12.74
N LEU A 672 10.56 -18.52 13.80
CA LEU A 672 9.12 -18.46 14.14
C LEU A 672 8.33 -17.58 13.20
N TRP A 673 8.99 -16.54 12.66
CA TRP A 673 8.40 -15.55 11.77
C TRP A 673 7.82 -16.17 10.51
N ALA A 674 6.67 -15.66 10.09
CA ALA A 674 6.04 -15.91 8.80
C ALA A 674 5.35 -14.62 8.40
N GLU A 675 5.17 -14.40 7.09
CA GLU A 675 4.65 -13.14 6.56
C GLU A 675 3.48 -12.59 7.39
N GLY A 676 3.70 -11.39 7.91
CA GLY A 676 2.72 -10.65 8.70
C GLY A 676 2.51 -11.11 10.13
N SER A 677 3.38 -11.97 10.67
CA SER A 677 3.13 -12.42 12.04
C SER A 677 3.75 -11.49 13.07
N MET A 678 4.99 -11.04 12.85
CA MET A 678 5.73 -10.14 13.76
C MET A 678 6.67 -9.24 12.98
N THR A 679 7.18 -8.22 13.64
CA THR A 679 8.23 -7.33 13.16
C THR A 679 9.42 -7.63 14.06
N ILE A 680 10.59 -7.87 13.47
CA ILE A 680 11.81 -8.16 14.23
C ILE A 680 12.85 -7.13 13.80
N ALA A 681 13.46 -6.41 14.77
CA ALA A 681 14.44 -5.37 14.50
C ALA A 681 15.63 -5.40 15.45
N MET A 682 16.74 -4.82 14.99
CA MET A 682 17.96 -4.64 15.78
CA MET A 682 17.97 -4.65 15.76
C MET A 682 18.52 -3.27 15.41
N PRO A 683 17.92 -2.17 15.95
CA PRO A 683 18.40 -0.84 15.55
C PRO A 683 19.82 -0.56 16.05
N SER A 684 20.55 0.24 15.27
CA SER A 684 21.94 0.59 15.58
C SER A 684 22.06 2.05 16.07
N THR A 685 20.99 2.86 15.93
CA THR A 685 21.07 4.26 16.33
C THR A 685 19.87 4.64 17.22
N PRO A 686 20.08 5.58 18.16
CA PRO A 686 18.95 6.03 19.01
C PRO A 686 17.75 6.56 18.20
N ALA A 687 17.96 7.46 17.19
CA ALA A 687 16.85 8.00 16.38
C ALA A 687 16.06 6.91 15.67
N ASN A 688 16.74 5.87 15.21
CA ASN A 688 16.07 4.80 14.47
C ASN A 688 15.22 3.98 15.40
N TYR A 689 15.69 3.80 16.64
CA TYR A 689 14.91 3.11 17.66
C TYR A 689 13.68 3.95 18.01
N PHE A 690 13.86 5.27 18.10
CA PHE A 690 12.76 6.21 18.37
C PHE A 690 11.64 6.05 17.30
N HIS A 691 12.03 6.05 16.03
CA HIS A 691 11.08 5.93 14.94
C HIS A 691 10.44 4.56 14.87
N LEU A 692 11.19 3.50 15.19
CA LEU A 692 10.67 2.15 15.23
C LEU A 692 9.49 2.02 16.25
N LEU A 693 9.68 2.58 17.45
CA LEU A 693 8.66 2.55 18.50
C LEU A 693 7.44 3.41 18.16
N ARG A 694 7.66 4.61 17.60
CA ARG A 694 6.55 5.50 17.26
C ARG A 694 5.77 4.92 16.07
N ARG A 695 6.46 4.30 15.10
CA ARG A 695 5.78 3.65 13.96
C ARG A 695 4.90 2.51 14.51
N HIS A 696 5.45 1.69 15.41
CA HIS A 696 4.78 0.56 16.04
C HIS A 696 3.51 0.99 16.74
N GLY A 697 3.57 2.08 17.49
CA GLY A 697 2.41 2.57 18.23
C GLY A 697 1.39 3.32 17.41
N LYS A 698 1.79 3.86 16.24
CA LYS A 698 0.88 4.70 15.43
C LYS A 698 0.40 4.06 14.12
N ASP A 699 0.94 2.89 13.71
CA ASP A 699 0.66 2.26 12.42
C ASP A 699 -0.76 1.65 12.26
N GLY A 700 -1.56 1.60 13.32
CA GLY A 700 -2.92 1.05 13.30
C GLY A 700 -2.99 -0.44 12.98
N ILE A 701 -1.89 -1.16 13.21
CA ILE A 701 -1.67 -2.57 12.95
C ILE A 701 -1.27 -3.22 14.28
N GLN A 702 -2.01 -4.27 14.69
CA GLN A 702 -1.72 -5.01 15.91
C GLN A 702 -0.82 -6.16 15.53
N ARG A 703 0.48 -5.99 15.72
CA ARG A 703 1.45 -7.02 15.36
C ARG A 703 2.59 -6.95 16.35
N PRO A 704 3.04 -8.08 16.95
CA PRO A 704 4.14 -8.00 17.93
C PRO A 704 5.43 -7.52 17.31
N LEU A 705 6.21 -6.80 18.12
CA LEU A 705 7.51 -6.26 17.73
C LEU A 705 8.58 -6.81 18.66
N ILE A 706 9.61 -7.41 18.06
CA ILE A 706 10.73 -7.99 18.81
C ILE A 706 11.94 -7.09 18.53
N VAL A 707 12.54 -6.53 19.59
CA VAL A 707 13.69 -5.63 19.46
C VAL A 707 14.88 -6.17 20.21
N PHE A 708 16.01 -6.35 19.52
CA PHE A 708 17.29 -6.73 20.08
C PHE A 708 17.97 -5.42 20.41
N THR A 709 17.99 -5.11 21.71
CA THR A 709 18.43 -3.82 22.24
C THR A 709 19.87 -3.91 22.73
N PRO A 710 20.55 -2.75 22.85
CA PRO A 710 21.96 -2.76 23.21
C PRO A 710 22.24 -2.78 24.70
N LYS A 711 23.52 -3.04 25.02
CA LYS A 711 24.04 -3.08 26.40
C LYS A 711 25.20 -2.08 26.48
N SER A 712 26.42 -2.47 26.10
CA SER A 712 27.53 -1.48 26.10
C SER A 712 27.27 -0.33 25.05
N MET A 713 26.58 -0.62 23.92
CA MET A 713 26.29 0.38 22.88
C MET A 713 25.45 1.57 23.43
N LEU A 714 24.74 1.34 24.56
CA LEU A 714 24.02 2.43 25.25
C LEU A 714 24.96 3.61 25.54
N ARG A 715 26.24 3.29 25.82
CA ARG A 715 27.25 4.27 26.24
C ARG A 715 28.34 4.49 25.19
N ASN A 716 28.16 3.92 24.00
CA ASN A 716 29.05 4.15 22.88
C ASN A 716 28.82 5.61 22.40
N LYS A 717 29.85 6.49 22.52
CA LYS A 717 29.77 7.91 22.15
C LYS A 717 29.53 8.14 20.66
N ALA A 718 29.74 7.11 19.80
CA ALA A 718 29.47 7.20 18.36
C ALA A 718 28.00 6.85 18.09
N ALA A 719 27.35 6.10 18.99
CA ALA A 719 25.96 5.70 18.85
C ALA A 719 25.03 6.78 19.43
N VAL A 720 25.09 8.02 18.86
CA VAL A 720 24.24 9.14 19.30
C VAL A 720 23.58 9.73 18.06
N SER A 721 22.44 10.44 18.23
CA SER A 721 21.72 11.00 17.10
C SER A 721 21.51 12.50 17.21
N ASP A 722 21.39 13.16 16.04
CA ASP A 722 21.15 14.60 15.91
C ASP A 722 19.66 14.87 16.10
N ILE A 723 19.30 16.09 16.51
CA ILE A 723 17.90 16.50 16.68
C ILE A 723 17.12 16.30 15.36
N ARG A 724 17.72 16.70 14.20
CA ARG A 724 17.09 16.59 12.87
C ARG A 724 16.72 15.12 12.50
N ASP A 725 17.40 14.14 13.09
CA ASP A 725 17.07 12.73 12.92
C ASP A 725 15.72 12.41 13.57
N PHE A 726 15.30 13.20 14.58
CA PHE A 726 14.02 12.99 15.26
C PHE A 726 12.95 13.84 14.63
N THR A 727 13.32 15.05 14.20
CA THR A 727 12.36 16.01 13.69
C THR A 727 12.13 15.94 12.19
N GLU A 728 13.06 15.41 11.39
CA GLU A 728 12.87 15.46 9.93
C GLU A 728 13.14 14.12 9.22
N SER A 729 13.02 13.01 9.92
CA SER A 729 13.32 11.73 9.31
C SER A 729 12.27 10.71 9.72
N LYS A 730 12.54 9.43 9.48
CA LYS A 730 11.59 8.35 9.81
C LYS A 730 12.39 7.10 10.05
N PHE A 731 11.71 5.99 10.32
CA PHE A 731 12.38 4.70 10.53
C PHE A 731 13.01 4.26 9.20
N ARG A 732 14.26 3.82 9.28
CA ARG A 732 15.06 3.37 8.15
C ARG A 732 15.31 1.89 8.35
N SER A 733 14.70 1.04 7.48
CA SER A 733 14.91 -0.40 7.60
C SER A 733 16.34 -0.79 7.22
N VAL A 734 16.99 0.04 6.40
CA VAL A 734 18.36 -0.17 5.89
C VAL A 734 19.12 1.14 6.10
N LEU A 735 20.34 1.09 6.67
CA LEU A 735 21.15 2.30 6.86
C LEU A 735 22.50 2.17 6.20
N GLU A 736 22.96 3.29 5.63
CA GLU A 736 24.27 3.45 5.01
C GLU A 736 25.16 4.23 5.92
N GLU A 737 26.46 4.22 5.62
CA GLU A 737 27.45 4.98 6.40
C GLU A 737 27.24 6.47 6.18
N PRO A 738 27.34 7.29 7.25
CA PRO A 738 27.14 8.74 7.09
C PRO A 738 28.12 9.41 6.14
N MET A 739 29.29 8.80 5.87
CA MET A 739 30.25 9.38 4.93
C MET A 739 29.66 9.42 3.49
N TYR A 740 28.71 8.50 3.18
CA TYR A 740 28.14 8.50 1.84
C TYR A 740 26.87 9.36 1.76
N THR A 741 26.06 9.37 2.82
CA THR A 741 24.79 10.11 2.87
C THR A 741 24.97 11.58 3.26
N ASP A 742 25.99 11.92 4.07
CA ASP A 742 26.22 13.28 4.58
C ASP A 742 27.67 13.79 4.42
N GLY A 743 28.59 12.92 4.04
CA GLY A 743 30.00 13.29 3.93
C GLY A 743 30.56 13.29 2.51
N GLU A 744 31.88 13.14 2.42
CA GLU A 744 32.65 13.17 1.18
C GLU A 744 33.05 11.75 0.68
N GLY A 745 32.43 10.72 1.21
CA GLY A 745 32.69 9.35 0.76
C GLY A 745 32.21 9.09 -0.65
N ASP A 746 32.94 8.24 -1.39
CA ASP A 746 32.63 7.86 -2.78
C ASP A 746 32.18 6.37 -2.83
N ARG A 747 30.86 6.15 -3.03
CA ARG A 747 30.29 4.80 -3.15
C ARG A 747 30.92 3.98 -4.32
N ASN A 748 31.34 4.67 -5.41
CA ASN A 748 31.90 4.00 -6.59
C ASN A 748 33.28 3.36 -6.37
N LYS A 749 33.96 3.69 -5.25
CA LYS A 749 35.25 3.11 -4.89
C LYS A 749 35.09 1.75 -4.22
N VAL A 750 33.86 1.41 -3.80
CA VAL A 750 33.58 0.20 -3.04
C VAL A 750 33.56 -1.04 -3.93
N THR A 751 34.38 -2.05 -3.56
CA THR A 751 34.45 -3.34 -4.26
C THR A 751 34.00 -4.49 -3.33
N ARG A 752 34.02 -4.27 -2.00
CA ARG A 752 33.58 -5.23 -0.98
C ARG A 752 32.48 -4.63 -0.11
N LEU A 753 31.32 -5.29 -0.08
CA LEU A 753 30.19 -4.84 0.70
C LEU A 753 29.99 -5.75 1.92
N LEU A 754 29.99 -5.14 3.10
CA LEU A 754 29.74 -5.85 4.35
C LEU A 754 28.30 -5.55 4.80
N LEU A 755 27.46 -6.59 4.90
CA LEU A 755 26.06 -6.42 5.35
C LEU A 755 25.99 -6.93 6.77
N THR A 756 25.44 -6.13 7.66
CA THR A 756 25.42 -6.47 9.08
C THR A 756 24.19 -5.88 9.77
N SER A 757 24.12 -6.04 11.06
CA SER A 757 23.06 -5.50 11.92
C SER A 757 23.64 -5.31 13.31
N GLY A 758 23.21 -4.25 13.99
CA GLY A 758 23.61 -4.07 15.39
C GLY A 758 24.94 -3.40 15.61
N LYS A 759 25.42 -3.48 16.86
CA LYS A 759 26.64 -2.83 17.35
C LYS A 759 27.92 -3.21 16.61
N ILE A 760 28.02 -4.40 15.97
CA ILE A 760 29.29 -4.72 15.26
C ILE A 760 29.60 -3.63 14.17
N TYR A 761 28.56 -2.92 13.67
CA TYR A 761 28.73 -1.84 12.71
C TYR A 761 29.80 -0.85 13.18
N TYR A 762 29.72 -0.38 14.45
CA TYR A 762 30.67 0.64 14.95
C TYR A 762 32.12 0.18 14.92
N GLU A 763 32.37 -1.12 15.22
CA GLU A 763 33.70 -1.73 15.20
C GLU A 763 34.22 -1.83 13.79
N LEU A 764 33.37 -2.29 12.84
CA LEU A 764 33.72 -2.38 11.43
C LEU A 764 34.04 -0.97 10.87
N ALA A 765 33.21 0.05 11.22
CA ALA A 765 33.40 1.45 10.78
C ALA A 765 34.70 2.04 11.34
N ALA A 766 35.05 1.72 12.61
CA ALA A 766 36.28 2.20 13.24
C ALA A 766 37.52 1.57 12.56
N ARG A 767 37.45 0.30 12.14
CA ARG A 767 38.55 -0.39 11.44
C ARG A 767 38.71 0.20 10.02
N LYS A 768 37.56 0.46 9.34
CA LYS A 768 37.52 1.10 8.02
C LYS A 768 38.19 2.48 8.09
N ALA A 769 37.85 3.30 9.10
CA ALA A 769 38.42 4.63 9.31
C ALA A 769 39.92 4.57 9.62
N LYS A 770 40.35 3.63 10.49
CA LYS A 770 41.75 3.48 10.90
C LYS A 770 42.65 3.17 9.71
N GLU A 771 42.22 2.24 8.84
CA GLU A 771 42.98 1.80 7.66
C GLU A 771 42.64 2.57 6.38
N ASN A 772 41.75 3.59 6.45
CA ASN A 772 41.25 4.38 5.30
C ASN A 772 40.80 3.42 4.15
N ARG A 773 39.92 2.46 4.49
CA ARG A 773 39.48 1.44 3.54
C ARG A 773 38.26 1.90 2.72
N GLU A 774 38.50 2.73 1.67
CA GLU A 774 37.48 3.27 0.77
C GLU A 774 36.90 2.20 -0.14
N ASP A 775 37.55 1.04 -0.24
CA ASP A 775 37.13 -0.11 -1.06
C ASP A 775 36.07 -0.97 -0.34
N VAL A 776 35.78 -0.66 0.94
CA VAL A 776 34.84 -1.41 1.77
C VAL A 776 33.69 -0.51 2.23
N ALA A 777 32.44 -0.99 2.08
CA ALA A 777 31.28 -0.28 2.63
C ALA A 777 30.54 -1.18 3.57
N ILE A 778 29.86 -0.59 4.57
CA ILE A 778 29.11 -1.34 5.57
C ILE A 778 27.67 -0.88 5.54
N VAL A 779 26.77 -1.81 5.24
CA VAL A 779 25.34 -1.54 5.13
C VAL A 779 24.61 -2.29 6.27
N ARG A 780 23.77 -1.58 7.02
CA ARG A 780 23.05 -2.14 8.13
C ARG A 780 21.63 -2.53 7.79
N ILE A 781 21.21 -3.73 8.23
CA ILE A 781 19.83 -4.22 8.10
C ILE A 781 19.25 -4.01 9.50
N GLU A 782 18.46 -2.95 9.66
CA GLU A 782 17.83 -2.53 10.92
C GLU A 782 16.59 -3.35 11.22
N GLN A 783 15.79 -3.64 10.18
CA GLN A 783 14.59 -4.45 10.27
C GLN A 783 14.93 -5.82 9.74
N LEU A 784 15.05 -6.82 10.62
CA LEU A 784 15.44 -8.16 10.20
C LEU A 784 14.26 -8.95 9.59
N ALA A 785 13.03 -8.64 10.02
CA ALA A 785 11.81 -9.30 9.53
C ALA A 785 10.65 -8.32 9.61
N PRO A 786 9.85 -8.14 8.53
CA PRO A 786 10.03 -8.72 7.19
C PRO A 786 11.31 -8.16 6.56
N LEU A 787 12.01 -8.96 5.76
CA LEU A 787 13.23 -8.50 5.13
C LEU A 787 12.89 -7.28 4.23
N PRO A 788 13.57 -6.13 4.39
CA PRO A 788 13.22 -4.95 3.58
C PRO A 788 13.79 -5.11 2.16
N ARG A 789 13.17 -6.01 1.36
CA ARG A 789 13.64 -6.40 0.02
C ARG A 789 13.91 -5.17 -0.88
N ARG A 790 12.93 -4.29 -1.05
CA ARG A 790 13.03 -3.12 -1.91
C ARG A 790 14.15 -2.18 -1.44
N ARG A 791 14.14 -1.78 -0.15
CA ARG A 791 15.15 -0.86 0.36
C ARG A 791 16.55 -1.45 0.24
N LEU A 792 16.67 -2.77 0.48
CA LEU A 792 17.94 -3.45 0.37
C LEU A 792 18.41 -3.42 -1.08
N ALA A 793 17.54 -3.77 -2.09
CA ALA A 793 17.88 -3.70 -3.53
C ALA A 793 18.35 -2.28 -3.93
N GLU A 794 17.56 -1.26 -3.55
CA GLU A 794 17.82 0.16 -3.86
C GLU A 794 19.15 0.66 -3.28
N THR A 795 19.47 0.23 -2.04
CA THR A 795 20.72 0.62 -1.36
C THR A 795 21.92 0.02 -2.08
N LEU A 796 21.87 -1.28 -2.35
CA LEU A 796 22.96 -2.01 -3.01
C LEU A 796 23.21 -1.51 -4.44
N ASP A 797 22.15 -1.04 -5.18
CA ASP A 797 22.30 -0.53 -6.55
C ASP A 797 23.22 0.70 -6.61
N ARG A 798 23.40 1.43 -5.50
CA ARG A 798 24.25 2.63 -5.51
C ARG A 798 25.74 2.31 -5.32
N TYR A 799 26.10 1.01 -5.22
CA TYR A 799 27.50 0.58 -5.11
C TYR A 799 27.77 -0.28 -6.34
N PRO A 800 27.91 0.31 -7.56
CA PRO A 800 27.97 -0.52 -8.77
C PRO A 800 29.25 -1.35 -8.94
N ASN A 801 30.33 -1.03 -8.23
CA ASN A 801 31.59 -1.74 -8.45
C ASN A 801 31.85 -2.85 -7.44
N VAL A 802 30.81 -3.28 -6.70
CA VAL A 802 30.93 -4.36 -5.71
C VAL A 802 31.21 -5.69 -6.44
N LYS A 803 32.28 -6.39 -6.04
CA LYS A 803 32.67 -7.69 -6.62
C LYS A 803 32.37 -8.83 -5.65
N GLU A 804 32.27 -8.52 -4.35
CA GLU A 804 32.02 -9.51 -3.29
C GLU A 804 31.18 -8.94 -2.16
N LYS A 805 30.29 -9.77 -1.61
CA LYS A 805 29.41 -9.37 -0.51
C LYS A 805 29.51 -10.37 0.65
N PHE A 806 29.57 -9.84 1.87
CA PHE A 806 29.61 -10.68 3.06
C PHE A 806 28.58 -10.26 4.07
N TRP A 807 27.87 -11.26 4.66
CA TRP A 807 27.02 -11.06 5.80
C TRP A 807 27.93 -11.22 7.01
N VAL A 808 28.08 -10.15 7.80
CA VAL A 808 28.95 -10.14 8.99
C VAL A 808 28.12 -10.08 10.25
N GLN A 809 28.41 -11.01 11.18
CA GLN A 809 27.69 -11.11 12.46
C GLN A 809 28.60 -11.61 13.57
N GLU A 810 28.26 -11.23 14.79
CA GLU A 810 28.99 -11.64 15.97
C GLU A 810 28.62 -13.04 16.39
N GLU A 811 27.39 -13.42 16.13
CA GLU A 811 26.84 -14.71 16.58
C GLU A 811 27.46 -15.91 15.88
N PRO A 812 27.47 -17.07 16.56
CA PRO A 812 27.92 -18.32 15.90
C PRO A 812 27.19 -18.56 14.57
N ALA A 813 27.81 -19.30 13.64
CA ALA A 813 27.29 -19.53 12.29
C ALA A 813 25.89 -20.16 12.29
N ASN A 814 25.53 -20.97 13.32
CA ASN A 814 24.20 -21.60 13.43
C ASN A 814 23.22 -20.70 14.16
N GLN A 815 23.63 -19.45 14.45
CA GLN A 815 22.84 -18.49 15.22
C GLN A 815 22.83 -17.13 14.55
N GLY A 816 22.18 -16.15 15.17
CA GLY A 816 22.07 -14.82 14.58
C GLY A 816 21.19 -14.86 13.33
N ALA A 817 21.36 -13.88 12.43
CA ALA A 817 20.52 -13.82 11.24
C ALA A 817 20.98 -14.75 10.11
N TRP A 818 22.26 -15.23 10.12
CA TRP A 818 22.79 -16.03 9.00
C TRP A 818 21.92 -17.27 8.64
N PRO A 819 21.51 -18.18 9.57
CA PRO A 819 20.72 -19.34 9.14
C PRO A 819 19.53 -18.96 8.25
N SER A 820 18.81 -17.86 8.57
CA SER A 820 17.68 -17.50 7.72
C SER A 820 18.13 -16.64 6.50
N PHE A 821 18.98 -15.60 6.71
CA PHE A 821 19.43 -14.71 5.63
C PHE A 821 20.23 -15.45 4.55
N GLY A 822 21.07 -16.39 4.98
CA GLY A 822 21.91 -17.17 4.07
C GLY A 822 21.11 -18.02 3.10
N LEU A 823 19.88 -18.37 3.50
CA LEU A 823 18.98 -19.17 2.68
C LEU A 823 17.97 -18.26 1.94
N THR A 824 17.50 -17.16 2.58
CA THR A 824 16.49 -16.25 2.04
C THR A 824 17.05 -15.18 1.05
N LEU A 825 18.13 -14.46 1.40
CA LEU A 825 18.68 -13.38 0.56
C LEU A 825 19.03 -13.84 -0.86
N PRO A 826 19.75 -14.97 -1.11
CA PRO A 826 20.01 -15.35 -2.52
C PRO A 826 18.74 -15.77 -3.27
N GLU A 827 17.66 -16.06 -2.54
CA GLU A 827 16.41 -16.45 -3.19
C GLU A 827 15.55 -15.21 -3.55
N ILE A 828 15.36 -14.26 -2.60
CA ILE A 828 14.52 -13.08 -2.82
C ILE A 828 15.23 -12.01 -3.70
N LEU A 829 16.59 -11.96 -3.66
CA LEU A 829 17.36 -11.00 -4.45
C LEU A 829 18.55 -11.71 -5.10
N PRO A 830 18.29 -12.59 -6.11
CA PRO A 830 19.41 -13.34 -6.73
C PRO A 830 20.40 -12.48 -7.49
N ASP A 831 19.98 -11.31 -8.01
CA ASP A 831 20.89 -10.44 -8.76
C ASP A 831 21.80 -9.63 -7.82
N HIS A 832 21.52 -9.66 -6.50
CA HIS A 832 22.31 -8.96 -5.50
C HIS A 832 23.03 -9.92 -4.57
N PHE A 833 22.39 -11.04 -4.19
CA PHE A 833 22.99 -11.89 -3.18
C PHE A 833 23.43 -13.29 -3.62
N THR A 834 23.55 -13.55 -4.93
CA THR A 834 24.14 -14.81 -5.39
C THR A 834 25.63 -14.67 -5.06
N GLY A 835 26.19 -15.68 -4.40
CA GLY A 835 27.59 -15.62 -3.99
C GLY A 835 27.79 -15.04 -2.61
N LEU A 836 26.70 -14.68 -1.88
CA LEU A 836 26.80 -14.11 -0.52
C LEU A 836 27.58 -15.05 0.40
N LYS A 837 28.58 -14.53 1.09
CA LYS A 837 29.38 -15.36 2.00
C LYS A 837 29.19 -14.88 3.44
N ARG A 838 29.46 -15.77 4.41
CA ARG A 838 29.29 -15.45 5.82
C ARG A 838 30.63 -15.19 6.51
N ILE A 839 30.62 -14.21 7.41
CA ILE A 839 31.72 -13.91 8.33
C ILE A 839 31.07 -13.88 9.73
N SER A 840 31.41 -14.87 10.56
CA SER A 840 30.79 -14.97 11.88
C SER A 840 31.68 -15.74 12.84
N ARG A 841 31.18 -15.96 14.07
CA ARG A 841 31.85 -16.90 14.97
C ARG A 841 31.57 -18.31 14.45
N ARG A 842 32.44 -19.28 14.75
CA ARG A 842 32.16 -20.69 14.38
C ARG A 842 30.83 -21.16 14.99
N ALA A 843 30.17 -22.13 14.37
CA ALA A 843 28.94 -22.71 14.92
C ALA A 843 29.25 -23.30 16.33
N MET A 844 28.35 -23.07 17.31
CA MET A 844 28.51 -23.49 18.72
C MET A 844 27.22 -24.04 19.28
N SER A 845 27.29 -24.92 20.30
CA SER A 845 26.11 -25.47 20.99
C SER A 845 25.60 -24.51 22.08
N ALA A 846 26.37 -23.42 22.32
CA ALA A 846 25.99 -22.37 23.28
C ALA A 846 25.99 -21.02 22.55
N PRO A 847 25.32 -19.95 23.03
CA PRO A 847 25.38 -18.65 22.31
C PRO A 847 26.80 -18.03 22.18
N SER A 848 27.72 -18.38 23.08
CA SER A 848 29.07 -17.84 23.06
C SER A 848 30.00 -18.72 23.91
N SER A 849 31.28 -18.38 23.94
CA SER A 849 32.25 -18.98 24.87
C SER A 849 31.95 -18.44 26.28
N GLY A 850 32.40 -19.14 27.31
CA GLY A 850 32.27 -18.71 28.70
C GLY A 850 33.44 -17.86 29.15
N SER A 851 34.43 -17.67 28.26
CA SER A 851 35.65 -16.90 28.56
C SER A 851 35.64 -15.56 27.82
N SER A 852 35.92 -14.46 28.55
CA SER A 852 36.00 -13.13 27.96
C SER A 852 37.26 -13.03 27.07
N LYS A 853 38.31 -13.84 27.36
CA LYS A 853 39.56 -13.87 26.58
C LYS A 853 39.29 -14.47 25.19
N VAL A 854 38.56 -15.60 25.14
CA VAL A 854 38.16 -16.27 23.91
C VAL A 854 37.23 -15.34 23.12
N HIS A 855 36.32 -14.64 23.80
CA HIS A 855 35.41 -13.69 23.15
C HIS A 855 36.19 -12.64 22.37
N ALA A 856 37.21 -11.98 23.02
CA ALA A 856 38.00 -10.89 22.42
C ALA A 856 38.75 -11.35 21.17
N VAL A 857 39.41 -12.52 21.23
CA VAL A 857 40.15 -13.14 20.12
C VAL A 857 39.17 -13.39 18.94
N GLU A 858 38.00 -13.98 19.22
CA GLU A 858 37.01 -14.32 18.20
C GLU A 858 36.48 -13.05 17.52
N GLN A 859 36.27 -11.97 18.32
CA GLN A 859 35.79 -10.67 17.82
C GLN A 859 36.81 -10.09 16.88
N GLN A 860 38.11 -10.13 17.27
CA GLN A 860 39.19 -9.60 16.43
C GLN A 860 39.29 -10.45 15.16
N GLU A 861 39.07 -11.80 15.23
CA GLU A 861 39.12 -12.66 14.04
C GLU A 861 38.06 -12.23 13.02
N ILE A 862 36.85 -11.85 13.48
CA ILE A 862 35.76 -11.37 12.60
C ILE A 862 36.19 -10.08 11.86
N LEU A 863 36.73 -9.10 12.60
CA LEU A 863 37.16 -7.81 12.06
C LEU A 863 38.31 -8.01 11.07
N ASP A 864 39.26 -8.91 11.40
CA ASP A 864 40.41 -9.20 10.55
C ASP A 864 39.99 -9.92 9.26
N THR A 865 38.97 -10.78 9.31
CA THR A 865 38.45 -11.52 8.13
C THR A 865 37.72 -10.54 7.20
N ALA A 866 36.87 -9.66 7.78
CA ALA A 866 36.08 -8.65 7.05
C ALA A 866 36.99 -7.70 6.27
N PHE A 867 38.16 -7.37 6.84
CA PHE A 867 39.09 -6.46 6.17
C PHE A 867 40.34 -7.21 5.61
N GLY A 868 40.30 -8.56 5.63
CA GLY A 868 41.38 -9.37 5.07
C GLY A 868 41.40 -9.39 3.55
N ASP B 6 -11.97 -18.87 82.71
CA ASP B 6 -11.68 -17.73 81.83
C ASP B 6 -10.18 -17.45 81.73
N LYS B 7 -9.47 -17.52 82.87
CA LYS B 7 -8.02 -17.28 82.95
C LYS B 7 -7.25 -18.37 82.19
N ASN B 8 -7.57 -19.65 82.46
CA ASN B 8 -6.96 -20.81 81.80
C ASN B 8 -7.23 -20.80 80.29
N ALA B 9 -8.45 -20.38 79.90
CA ALA B 9 -8.91 -20.29 78.51
C ALA B 9 -8.09 -19.27 77.73
N ARG B 10 -7.72 -18.15 78.38
CA ARG B 10 -6.92 -17.09 77.77
C ARG B 10 -5.48 -17.58 77.56
N VAL B 11 -4.97 -18.44 78.47
CA VAL B 11 -3.62 -19.02 78.44
C VAL B 11 -3.49 -19.97 77.21
N ILE B 12 -4.47 -20.87 77.01
CA ILE B 12 -4.50 -21.83 75.89
C ILE B 12 -4.55 -21.05 74.55
N GLU B 13 -5.41 -20.01 74.47
CA GLU B 13 -5.50 -19.15 73.28
C GLU B 13 -4.18 -18.40 73.06
N LEU B 14 -3.47 -18.06 74.15
CA LEU B 14 -2.19 -17.35 74.08
C LEU B 14 -1.10 -18.30 73.57
N ILE B 15 -1.07 -19.56 74.06
CA ILE B 15 -0.14 -20.59 73.57
C ILE B 15 -0.36 -20.79 72.05
N ALA B 16 -1.62 -20.99 71.61
CA ALA B 16 -1.96 -21.20 70.18
C ALA B 16 -1.55 -20.01 69.32
N ALA B 17 -1.73 -18.78 69.82
CA ALA B 17 -1.35 -17.58 69.06
C ALA B 17 0.17 -17.51 68.84
N TYR B 18 0.99 -17.86 69.87
CA TYR B 18 2.45 -17.88 69.71
C TYR B 18 2.86 -18.95 68.70
N ARG B 19 2.29 -20.17 68.84
CA ARG B 19 2.59 -21.28 67.92
C ARG B 19 2.21 -20.97 66.47
N ASN B 20 1.04 -20.34 66.27
CA ASN B 20 0.52 -20.04 64.94
C ASN B 20 1.09 -18.77 64.32
N ARG B 21 1.25 -17.70 65.11
CA ARG B 21 1.58 -16.38 64.59
C ARG B 21 2.75 -15.67 65.28
N GLY B 22 3.45 -16.34 66.19
CA GLY B 22 4.60 -15.74 66.87
C GLY B 22 5.68 -15.27 65.90
N HIS B 23 5.83 -15.99 64.74
CA HIS B 23 6.79 -15.69 63.67
C HIS B 23 6.57 -14.29 63.08
N LEU B 24 5.33 -13.73 63.17
CA LEU B 24 5.03 -12.36 62.70
C LEU B 24 5.63 -11.29 63.64
N MET B 25 6.04 -11.67 64.85
CA MET B 25 6.59 -10.73 65.83
C MET B 25 8.06 -11.05 66.16
N ALA B 26 8.63 -12.10 65.56
CA ALA B 26 10.02 -12.49 65.82
C ALA B 26 10.99 -11.45 65.26
N ASP B 27 12.08 -11.18 65.97
CA ASP B 27 13.13 -10.23 65.57
C ASP B 27 14.05 -10.96 64.56
N ILE B 28 13.57 -11.11 63.32
CA ILE B 28 14.27 -11.86 62.27
C ILE B 28 15.07 -10.98 61.31
N ASP B 29 14.73 -9.68 61.22
CA ASP B 29 15.37 -8.81 60.24
C ASP B 29 16.58 -8.11 60.85
N PRO B 30 17.84 -8.43 60.44
CA PRO B 30 19.00 -7.73 61.01
C PRO B 30 18.98 -6.22 60.77
N LEU B 31 18.30 -5.77 59.71
CA LEU B 31 18.22 -4.35 59.38
C LEU B 31 17.09 -3.64 60.15
N ARG B 32 16.07 -4.39 60.67
CA ARG B 32 14.91 -3.82 61.38
C ARG B 32 14.26 -2.70 60.54
N LEU B 33 14.05 -2.95 59.23
CA LEU B 33 13.50 -1.95 58.31
C LEU B 33 12.07 -1.53 58.68
N ASP B 34 11.21 -2.49 59.02
CA ASP B 34 9.83 -2.19 59.36
C ASP B 34 9.72 -1.96 60.87
N ASN B 35 9.48 -0.70 61.26
CA ASN B 35 9.36 -0.29 62.67
C ASN B 35 8.03 -0.73 63.27
N THR B 36 6.95 -0.79 62.45
CA THR B 36 5.58 -1.16 62.85
C THR B 36 5.45 -2.64 63.23
N ARG B 37 6.48 -3.46 62.91
CA ARG B 37 6.56 -4.91 63.14
C ARG B 37 6.31 -5.29 64.62
N PHE B 38 6.93 -4.54 65.56
CA PHE B 38 6.81 -4.79 66.99
C PHE B 38 5.73 -3.91 67.62
N TRP B 54 1.01 -7.32 87.28
CA TRP B 54 0.45 -8.17 86.23
C TRP B 54 0.50 -9.65 86.63
N ASP B 55 -0.59 -10.40 86.31
CA ASP B 55 -0.76 -11.83 86.58
C ASP B 55 0.20 -12.64 85.70
N LEU B 56 1.09 -13.43 86.35
CA LEU B 56 2.17 -14.20 85.71
C LEU B 56 2.82 -15.22 86.68
N ASP B 57 2.59 -15.05 88.00
CA ASP B 57 3.14 -15.93 89.03
C ASP B 57 2.15 -17.09 89.36
N ARG B 58 0.94 -17.06 88.76
CA ARG B 58 -0.08 -18.10 88.93
C ARG B 58 0.33 -19.37 88.18
N GLU B 59 0.23 -20.53 88.85
CA GLU B 59 0.58 -21.82 88.28
C GLU B 59 -0.55 -22.34 87.38
N PHE B 60 -0.16 -23.02 86.28
CA PHE B 60 -1.08 -23.59 85.28
C PHE B 60 -0.63 -25.01 84.89
N LYS B 61 -1.59 -25.82 84.39
CA LYS B 61 -1.37 -27.20 83.95
C LYS B 61 -1.11 -27.26 82.44
N ARG B 70 2.75 -28.75 86.08
CA ARG B 70 2.38 -27.52 86.77
C ARG B 70 3.51 -26.48 86.67
N LYS B 71 3.30 -25.45 85.84
CA LYS B 71 4.30 -24.40 85.62
C LYS B 71 3.70 -23.00 85.73
N LYS B 72 4.50 -22.04 86.21
CA LYS B 72 4.11 -20.64 86.34
C LYS B 72 3.94 -20.03 84.95
N LEU B 73 2.87 -19.24 84.77
CA LEU B 73 2.53 -18.58 83.52
C LEU B 73 3.73 -17.80 82.96
N ARG B 74 4.52 -17.12 83.83
CA ARG B 74 5.73 -16.37 83.40
C ARG B 74 6.73 -17.31 82.70
N ASP B 75 6.89 -18.56 83.19
CA ASP B 75 7.78 -19.57 82.63
C ASP B 75 7.17 -20.18 81.35
N ILE B 76 5.84 -20.27 81.27
CA ILE B 76 5.15 -20.74 80.06
C ILE B 76 5.37 -19.70 78.94
N LEU B 77 5.15 -18.42 79.25
CA LEU B 77 5.30 -17.30 78.32
C LEU B 77 6.73 -17.09 77.87
N SER B 78 7.72 -17.25 78.77
CA SER B 78 9.14 -17.10 78.47
C SER B 78 9.59 -18.15 77.46
N VAL B 79 9.16 -19.43 77.64
CA VAL B 79 9.45 -20.55 76.74
C VAL B 79 8.90 -20.19 75.35
N LEU B 80 7.64 -19.69 75.29
CA LEU B 80 6.95 -19.30 74.05
C LEU B 80 7.62 -18.14 73.37
N ARG B 81 8.03 -17.09 74.11
CA ARG B 81 8.72 -15.94 73.52
C ARG B 81 10.11 -16.34 72.98
N ASP B 82 10.83 -17.21 73.68
CA ASP B 82 12.15 -17.67 73.24
C ASP B 82 12.07 -18.59 72.04
N ALA B 83 11.01 -19.39 71.97
CA ALA B 83 10.84 -20.34 70.89
C ALA B 83 10.35 -19.71 69.62
N TYR B 84 9.41 -18.77 69.72
CA TYR B 84 8.73 -18.22 68.56
C TYR B 84 8.91 -16.75 68.29
N CYS B 85 9.41 -15.97 69.27
CA CYS B 85 9.51 -14.52 69.09
C CYS B 85 10.91 -13.97 69.35
N ARG B 86 11.96 -14.77 69.16
CA ARG B 86 13.30 -14.24 69.37
C ARG B 86 13.95 -14.05 67.99
N HIS B 87 15.02 -14.80 67.64
CA HIS B 87 15.67 -14.63 66.34
C HIS B 87 15.20 -15.68 65.34
N VAL B 88 14.23 -16.54 65.72
CA VAL B 88 13.73 -17.59 64.80
C VAL B 88 12.21 -17.50 64.71
N GLY B 89 11.70 -17.36 63.49
CA GLY B 89 10.27 -17.40 63.23
C GLY B 89 9.94 -18.77 62.70
N VAL B 90 9.13 -19.52 63.43
CA VAL B 90 8.79 -20.90 63.07
C VAL B 90 7.39 -20.92 62.47
N GLU B 91 7.28 -21.49 61.27
CA GLU B 91 5.98 -21.70 60.61
C GLU B 91 5.80 -23.19 60.47
N TYR B 92 4.85 -23.77 61.23
CA TYR B 92 4.67 -25.21 61.20
C TYR B 92 3.24 -25.66 61.43
N THR B 93 2.34 -24.75 61.85
CA THR B 93 0.97 -25.14 62.18
C THR B 93 0.13 -25.40 60.91
N HIS B 94 0.67 -25.08 59.72
CA HIS B 94 0.04 -25.33 58.43
C HIS B 94 0.26 -26.80 58.01
N ILE B 95 1.16 -27.53 58.71
CA ILE B 95 1.49 -28.92 58.39
C ILE B 95 0.29 -29.77 58.77
N LEU B 96 -0.17 -30.61 57.84
CA LEU B 96 -1.35 -31.44 58.07
C LEU B 96 -1.07 -32.66 58.95
N GLU B 97 0.17 -33.21 58.94
CA GLU B 97 0.53 -34.36 59.77
C GLU B 97 0.70 -33.91 61.24
N PRO B 98 -0.15 -34.37 62.20
CA PRO B 98 0.00 -33.93 63.61
C PRO B 98 1.32 -34.37 64.24
N GLU B 99 1.86 -35.53 63.84
CA GLU B 99 3.13 -36.03 64.40
C GLU B 99 4.31 -35.12 64.00
N GLN B 100 4.21 -34.43 62.87
CA GLN B 100 5.25 -33.49 62.41
C GLN B 100 5.17 -32.20 63.22
N GLN B 101 3.94 -31.67 63.43
CA GLN B 101 3.71 -30.50 64.28
C GLN B 101 4.21 -30.76 65.71
N ARG B 102 3.89 -31.94 66.27
CA ARG B 102 4.31 -32.36 67.61
C ARG B 102 5.84 -32.43 67.72
N TRP B 103 6.51 -33.05 66.74
CA TRP B 103 7.96 -33.21 66.70
C TRP B 103 8.66 -31.81 66.76
N ILE B 104 8.15 -30.84 66.00
CA ILE B 104 8.73 -29.48 65.95
C ILE B 104 8.50 -28.77 67.30
N GLN B 105 7.23 -28.75 67.74
CA GLN B 105 6.76 -28.19 69.01
C GLN B 105 7.63 -28.63 70.18
N GLU B 106 7.90 -29.95 70.27
CA GLU B 106 8.70 -30.55 71.34
C GLU B 106 10.16 -30.11 71.33
N ARG B 107 10.75 -29.90 70.15
CA ARG B 107 12.16 -29.51 70.05
C ARG B 107 12.36 -27.99 70.14
N VAL B 108 11.33 -27.21 69.80
CA VAL B 108 11.43 -25.76 69.82
C VAL B 108 10.94 -25.19 71.17
N GLU B 109 9.99 -25.87 71.87
CA GLU B 109 9.46 -25.38 73.15
C GLU B 109 10.17 -25.99 74.37
N THR B 110 11.47 -25.78 74.46
CA THR B 110 12.31 -26.25 75.57
C THR B 110 13.36 -25.19 75.92
N LYS B 111 13.84 -25.18 77.19
CA LYS B 111 14.93 -24.31 77.60
C LYS B 111 16.19 -24.91 76.99
N HIS B 112 16.69 -24.28 75.91
CA HIS B 112 17.84 -24.79 75.16
C HIS B 112 19.14 -24.53 75.88
N ASP B 113 20.00 -25.57 75.92
CA ASP B 113 21.33 -25.48 76.51
C ASP B 113 22.19 -24.62 75.59
N LYS B 114 22.80 -23.55 76.16
CA LYS B 114 23.67 -22.63 75.43
C LYS B 114 24.80 -23.40 74.74
N PRO B 115 25.21 -23.04 73.51
CA PRO B 115 26.30 -23.80 72.86
C PRO B 115 27.59 -23.74 73.66
N THR B 116 28.41 -24.80 73.58
CA THR B 116 29.70 -24.86 74.29
C THR B 116 30.62 -23.79 73.71
N VAL B 117 31.59 -23.34 74.51
CA VAL B 117 32.55 -22.31 74.09
C VAL B 117 33.30 -22.80 72.84
N ALA B 118 33.64 -24.11 72.78
CA ALA B 118 34.29 -24.73 71.63
C ALA B 118 33.42 -24.60 70.35
N GLU B 119 32.07 -24.63 70.48
CA GLU B 119 31.15 -24.51 69.35
C GLU B 119 31.04 -23.09 68.89
N GLN B 120 31.06 -22.13 69.83
CA GLN B 120 30.94 -20.72 69.49
C GLN B 120 32.19 -20.25 68.79
N LYS B 121 33.36 -20.71 69.26
CA LYS B 121 34.65 -20.40 68.65
C LYS B 121 34.73 -21.01 67.24
N TYR B 122 34.15 -22.21 67.06
CA TYR B 122 34.13 -22.89 65.77
C TYR B 122 33.27 -22.11 64.76
N ILE B 123 32.08 -21.65 65.20
CA ILE B 123 31.17 -20.85 64.36
C ILE B 123 31.88 -19.56 63.97
N LEU B 124 32.58 -18.92 64.92
CA LEU B 124 33.32 -17.69 64.66
C LEU B 124 34.47 -17.93 63.66
N SER B 125 35.17 -19.08 63.76
CA SER B 125 36.25 -19.39 62.81
C SER B 125 35.68 -19.52 61.38
N LYS B 126 34.42 -20.02 61.23
CA LYS B 126 33.78 -20.16 59.93
C LYS B 126 33.42 -18.77 59.38
N LEU B 127 32.94 -17.85 60.25
CA LEU B 127 32.65 -16.47 59.86
C LEU B 127 33.93 -15.74 59.51
N ASN B 128 35.03 -16.00 60.27
CA ASN B 128 36.35 -15.42 60.01
C ASN B 128 36.81 -15.78 58.62
N ALA B 129 36.76 -17.09 58.29
CA ALA B 129 37.14 -17.61 56.98
C ALA B 129 36.24 -17.04 55.89
N ALA B 130 34.91 -17.00 56.12
CA ALA B 130 33.92 -16.47 55.18
C ALA B 130 34.19 -14.99 54.87
N GLU B 131 34.43 -14.16 55.91
CA GLU B 131 34.68 -12.74 55.71
C GLU B 131 36.04 -12.47 55.09
N ALA B 132 37.06 -13.23 55.45
CA ALA B 132 38.41 -13.06 54.92
C ALA B 132 38.40 -13.33 53.43
N PHE B 133 37.64 -14.38 53.02
CA PHE B 133 37.45 -14.72 51.63
C PHE B 133 36.84 -13.53 50.87
N GLU B 134 35.76 -12.91 51.42
CA GLU B 134 35.06 -11.80 50.75
C GLU B 134 35.92 -10.56 50.60
N THR B 135 36.71 -10.20 51.64
CA THR B 135 37.60 -9.04 51.62
C THR B 135 38.61 -9.23 50.51
N PHE B 136 39.18 -10.43 50.40
CA PHE B 136 40.16 -10.78 49.38
C PHE B 136 39.55 -10.65 47.98
N LEU B 137 38.37 -11.29 47.75
CA LEU B 137 37.72 -11.30 46.46
C LEU B 137 37.41 -9.88 45.97
N GLN B 138 36.93 -9.00 46.87
CA GLN B 138 36.61 -7.63 46.50
C GLN B 138 37.84 -6.70 46.44
N THR B 139 38.96 -7.10 47.06
CA THR B 139 40.18 -6.27 47.03
C THR B 139 41.11 -6.68 45.88
N LYS B 140 41.32 -7.98 45.65
CA LYS B 140 42.23 -8.46 44.61
C LYS B 140 41.68 -8.28 43.21
N TYR B 141 40.41 -8.65 42.98
CA TYR B 141 39.88 -8.60 41.62
C TYR B 141 38.84 -7.51 41.41
N VAL B 142 38.65 -7.16 40.14
CA VAL B 142 37.63 -6.21 39.70
C VAL B 142 36.49 -7.06 39.12
N GLY B 143 35.26 -6.55 39.21
CA GLY B 143 34.09 -7.26 38.70
C GLY B 143 33.51 -8.32 39.61
N GLN B 144 33.86 -8.30 40.90
CA GLN B 144 33.38 -9.36 41.80
C GLN B 144 32.25 -8.91 42.74
N LYS B 145 31.85 -7.62 42.67
CA LYS B 145 30.78 -7.04 43.51
C LYS B 145 29.47 -7.80 43.37
N ARG B 146 29.10 -8.17 42.13
CA ARG B 146 27.89 -8.91 41.80
C ARG B 146 27.77 -10.26 42.52
N PHE B 147 28.91 -10.88 42.92
CA PHE B 147 28.95 -12.18 43.61
C PHE B 147 29.23 -12.08 45.13
N SER B 148 29.35 -10.85 45.63
CA SER B 148 29.65 -10.61 47.05
C SER B 148 28.64 -11.26 48.01
N LEU B 149 29.18 -11.93 49.03
CA LEU B 149 28.42 -12.56 50.10
C LEU B 149 28.40 -11.64 51.34
N GLU B 150 28.99 -10.41 51.23
CA GLU B 150 29.03 -9.46 52.34
C GLU B 150 27.64 -9.07 52.79
N GLY B 151 27.37 -9.31 54.07
CA GLY B 151 26.07 -9.09 54.69
C GLY B 151 25.31 -10.40 54.85
N ALA B 152 25.82 -11.49 54.25
CA ALA B 152 25.17 -12.81 54.25
C ALA B 152 26.15 -13.96 54.62
N GLU B 153 27.32 -13.62 55.19
CA GLU B 153 28.39 -14.56 55.56
C GLU B 153 27.93 -15.69 56.46
N THR B 154 26.88 -15.47 57.25
CA THR B 154 26.32 -16.47 58.16
C THR B 154 25.83 -17.71 57.38
N VAL B 155 25.62 -17.61 56.06
CA VAL B 155 25.22 -18.79 55.27
C VAL B 155 26.34 -19.87 55.31
N ILE B 156 27.62 -19.47 55.54
CA ILE B 156 28.74 -20.43 55.58
C ILE B 156 28.68 -21.27 56.88
N PRO B 157 28.66 -20.73 58.13
CA PRO B 157 28.49 -21.63 59.29
C PRO B 157 27.14 -22.39 59.25
N MET B 158 26.10 -21.81 58.60
CA MET B 158 24.81 -22.49 58.44
C MET B 158 24.95 -23.74 57.56
N MET B 159 25.63 -23.61 56.38
CA MET B 159 25.84 -24.74 55.46
C MET B 159 26.75 -25.75 56.11
N ASP B 160 27.73 -25.26 56.86
CA ASP B 160 28.65 -26.09 57.61
C ASP B 160 27.87 -26.98 58.60
N ALA B 161 26.89 -26.39 59.33
CA ALA B 161 26.06 -27.09 60.30
C ALA B 161 25.17 -28.12 59.61
N VAL B 162 24.64 -27.78 58.40
CA VAL B 162 23.81 -28.72 57.63
C VAL B 162 24.63 -30.00 57.35
N ILE B 163 25.82 -29.82 56.78
CA ILE B 163 26.67 -30.91 56.33
C ILE B 163 27.18 -31.70 57.54
N ASP B 164 27.57 -31.01 58.63
CA ASP B 164 28.05 -31.66 59.85
C ASP B 164 26.95 -32.55 60.47
N GLN B 165 25.70 -32.07 60.48
CA GLN B 165 24.55 -32.82 60.97
C GLN B 165 24.26 -34.02 60.05
N CYS B 166 24.45 -33.88 58.72
CA CYS B 166 24.26 -35.01 57.79
C CYS B 166 25.32 -36.09 58.06
N ALA B 167 26.58 -35.69 58.34
CA ALA B 167 27.68 -36.60 58.71
C ALA B 167 27.39 -37.29 60.07
N GLU B 168 26.79 -36.54 61.03
CA GLU B 168 26.40 -37.06 62.36
C GLU B 168 25.35 -38.19 62.20
N HIS B 169 24.49 -38.09 61.19
CA HIS B 169 23.47 -39.11 60.87
C HIS B 169 24.09 -40.28 60.05
N GLY B 170 25.39 -40.22 59.79
CA GLY B 170 26.13 -41.23 59.02
C GLY B 170 25.75 -41.31 57.55
N LEU B 171 25.30 -40.19 56.96
CA LEU B 171 24.86 -40.12 55.55
C LEU B 171 26.07 -40.11 54.60
N ASP B 172 25.83 -40.37 53.31
CA ASP B 172 26.91 -40.59 52.33
C ASP B 172 27.37 -39.34 51.58
N GLU B 173 26.46 -38.45 51.21
CA GLU B 173 26.83 -37.28 50.44
C GLU B 173 25.82 -36.18 50.54
N VAL B 174 26.30 -34.93 50.43
CA VAL B 174 25.45 -33.75 50.34
C VAL B 174 25.73 -33.16 48.98
N VAL B 175 24.70 -33.01 48.14
CA VAL B 175 24.87 -32.41 46.82
C VAL B 175 24.24 -31.01 46.87
N ILE B 176 25.04 -29.99 46.56
CA ILE B 176 24.60 -28.60 46.58
C ILE B 176 24.26 -28.08 45.19
N ALA B 177 23.22 -27.24 45.12
CA ALA B 177 22.85 -26.43 43.95
C ALA B 177 22.63 -25.04 44.47
N MET B 178 23.25 -24.07 43.81
CA MET B 178 23.15 -22.69 44.25
C MET B 178 23.34 -21.72 43.09
N PRO B 179 22.90 -20.46 43.19
CA PRO B 179 23.25 -19.48 42.15
C PRO B 179 24.70 -18.96 42.41
N HIS B 180 25.09 -17.84 41.82
CA HIS B 180 26.49 -17.37 41.91
C HIS B 180 26.90 -16.69 43.24
N ARG B 181 25.98 -16.01 43.96
CA ARG B 181 26.36 -15.28 45.17
C ARG B 181 27.04 -16.19 46.21
N GLY B 182 28.29 -15.88 46.51
CA GLY B 182 29.08 -16.58 47.51
C GLY B 182 29.58 -17.94 47.07
N ARG B 183 29.46 -18.24 45.77
CA ARG B 183 29.80 -19.55 45.21
C ARG B 183 31.25 -19.94 45.46
N LEU B 184 32.19 -19.02 45.23
CA LEU B 184 33.61 -19.33 45.42
C LEU B 184 33.94 -19.47 46.91
N ASN B 185 33.17 -18.74 47.76
CA ASN B 185 33.31 -18.85 49.22
C ASN B 185 32.86 -20.26 49.70
N VAL B 186 31.76 -20.81 49.08
CA VAL B 186 31.23 -22.15 49.35
C VAL B 186 32.28 -23.16 48.90
N LEU B 187 32.91 -22.92 47.75
CA LEU B 187 33.94 -23.86 47.27
C LEU B 187 35.10 -24.00 48.27
N ALA B 188 35.57 -22.86 48.82
CA ALA B 188 36.70 -22.86 49.73
C ALA B 188 36.33 -23.31 51.13
N ASN B 189 35.24 -22.76 51.68
CA ASN B 189 34.93 -23.01 53.09
C ASN B 189 33.88 -24.10 53.36
N ILE B 190 33.28 -24.72 52.32
CA ILE B 190 32.27 -25.79 52.47
C ILE B 190 32.74 -27.06 51.74
N VAL B 191 32.95 -26.97 50.41
CA VAL B 191 33.42 -28.07 49.55
C VAL B 191 34.89 -28.38 49.93
N GLY B 192 35.62 -27.37 50.37
CA GLY B 192 37.01 -27.51 50.79
C GLY B 192 38.01 -27.54 49.67
N LYS B 193 37.70 -26.86 48.55
CA LYS B 193 38.63 -26.78 47.41
C LYS B 193 39.82 -25.86 47.76
N PRO B 194 41.06 -26.24 47.41
CA PRO B 194 42.20 -25.34 47.67
C PRO B 194 42.12 -24.10 46.80
N TYR B 195 42.69 -22.98 47.27
CA TYR B 195 42.71 -21.71 46.54
C TYR B 195 43.37 -21.84 45.15
N SER B 196 44.41 -22.70 45.05
CA SER B 196 45.14 -22.98 43.80
C SER B 196 44.18 -23.50 42.71
N GLN B 197 43.19 -24.31 43.11
CA GLN B 197 42.18 -24.83 42.19
C GLN B 197 41.12 -23.77 41.86
N ILE B 198 40.59 -23.07 42.89
CA ILE B 198 39.54 -22.05 42.72
C ILE B 198 39.98 -20.86 41.84
N PHE B 199 41.16 -20.31 42.08
CA PHE B 199 41.63 -19.13 41.37
C PHE B 199 42.54 -19.45 40.15
N SER B 200 42.55 -20.72 39.66
CA SER B 200 43.31 -21.16 38.48
C SER B 200 42.72 -20.51 37.22
N GLU B 201 43.55 -19.70 36.50
CA GLU B 201 43.16 -18.94 35.30
C GLU B 201 41.92 -18.06 35.61
N PHE B 202 42.02 -17.22 36.65
CA PHE B 202 40.92 -16.35 37.07
C PHE B 202 41.09 -14.95 36.47
N ASP B 216 35.07 -16.17 34.78
CA ASP B 216 33.83 -16.28 35.55
C ASP B 216 33.13 -17.63 35.32
N VAL B 217 33.71 -18.53 34.48
CA VAL B 217 33.14 -19.86 34.22
C VAL B 217 33.11 -20.66 35.54
N LYS B 218 34.06 -20.34 36.44
CA LYS B 218 34.21 -20.96 37.77
C LYS B 218 32.91 -20.90 38.56
N TYR B 219 32.12 -19.85 38.33
CA TYR B 219 30.83 -19.60 38.99
C TYR B 219 29.71 -20.53 38.50
N HIS B 220 30.02 -21.36 37.47
CA HIS B 220 29.04 -22.28 36.89
C HIS B 220 29.45 -23.74 37.02
N LEU B 221 30.73 -24.04 37.26
CA LEU B 221 31.20 -25.42 37.26
C LEU B 221 30.82 -26.26 38.48
N GLY B 222 30.81 -27.57 38.26
CA GLY B 222 30.60 -28.54 39.32
C GLY B 222 31.88 -28.68 40.11
N ALA B 223 31.79 -29.30 41.29
CA ALA B 223 32.95 -29.56 42.16
C ALA B 223 32.65 -30.70 43.10
N THR B 224 33.69 -31.39 43.56
CA THR B 224 33.53 -32.49 44.51
C THR B 224 34.60 -32.36 45.61
N GLY B 225 34.20 -32.67 46.82
CA GLY B 225 35.09 -32.62 47.96
C GLY B 225 34.70 -33.60 49.06
N THR B 226 35.43 -33.55 50.16
CA THR B 226 35.18 -34.37 51.34
C THR B 226 35.14 -33.46 52.56
N TYR B 227 34.06 -33.58 53.33
CA TYR B 227 33.89 -32.84 54.57
C TYR B 227 34.25 -33.78 55.72
N ILE B 228 35.14 -33.34 56.61
CA ILE B 228 35.58 -34.12 57.78
C ILE B 228 35.13 -33.34 59.00
N GLN B 229 34.29 -33.97 59.86
CA GLN B 229 33.75 -33.38 61.10
C GLN B 229 34.85 -32.85 61.99
N MET B 230 34.59 -31.72 62.64
CA MET B 230 35.55 -31.09 63.56
C MET B 230 35.50 -31.80 64.93
N PHE B 231 34.29 -31.90 65.53
CA PHE B 231 34.07 -32.49 66.87
C PHE B 231 33.53 -33.94 66.83
N GLY B 232 33.39 -34.48 65.63
CA GLY B 232 32.92 -35.84 65.40
C GLY B 232 33.97 -36.68 64.68
N ASP B 233 33.66 -37.96 64.49
CA ASP B 233 34.57 -38.90 63.87
C ASP B 233 34.09 -39.32 62.46
N ASN B 234 33.03 -38.70 61.94
CA ASN B 234 32.52 -39.03 60.62
C ASN B 234 32.97 -38.03 59.54
N ASP B 235 32.94 -38.49 58.30
CA ASP B 235 33.23 -37.71 57.12
C ASP B 235 32.09 -37.93 56.16
N ILE B 236 31.88 -37.00 55.22
CA ILE B 236 30.81 -37.09 54.23
C ILE B 236 31.27 -36.41 52.93
N GLU B 237 30.86 -36.95 51.78
CA GLU B 237 31.20 -36.35 50.49
C GLU B 237 30.34 -35.12 50.29
N VAL B 238 30.90 -34.08 49.67
CA VAL B 238 30.19 -32.83 49.41
C VAL B 238 30.44 -32.48 47.96
N SER B 239 29.36 -32.30 47.20
CA SER B 239 29.52 -31.94 45.82
C SER B 239 28.63 -30.75 45.47
N LEU B 240 28.97 -30.08 44.38
CA LEU B 240 28.27 -28.92 43.86
C LEU B 240 27.99 -29.19 42.40
N THR B 241 26.75 -29.04 41.98
CA THR B 241 26.38 -29.31 40.59
C THR B 241 26.58 -28.03 39.76
N ALA B 242 26.77 -28.18 38.44
CA ALA B 242 26.93 -27.07 37.51
C ALA B 242 25.58 -26.46 37.25
N ASN B 243 25.57 -25.15 36.86
CA ASN B 243 24.34 -24.44 36.61
C ASN B 243 24.51 -23.24 35.68
N PRO B 244 23.44 -22.85 34.93
CA PRO B 244 23.53 -21.62 34.13
C PRO B 244 23.23 -20.41 35.01
N SER B 245 23.22 -19.19 34.42
CA SER B 245 22.87 -17.98 35.14
C SER B 245 21.36 -17.92 35.39
N HIS B 246 20.54 -18.76 34.69
CA HIS B 246 19.08 -18.83 34.85
C HIS B 246 18.78 -19.30 36.27
N LEU B 247 18.37 -18.36 37.12
CA LEU B 247 18.11 -18.64 38.53
C LEU B 247 17.02 -19.67 38.67
N GLU B 248 17.25 -20.67 39.56
CA GLU B 248 16.35 -21.76 39.92
C GLU B 248 16.22 -22.87 38.87
N ALA B 249 16.77 -22.70 37.65
CA ALA B 249 16.67 -23.72 36.60
C ALA B 249 17.37 -25.04 37.00
N VAL B 250 18.42 -24.95 37.83
CA VAL B 250 19.15 -26.13 38.32
C VAL B 250 18.33 -26.92 39.38
N ASP B 251 17.28 -26.33 39.95
CA ASP B 251 16.52 -26.98 41.03
C ASP B 251 16.08 -28.45 40.70
N PRO B 252 15.38 -28.74 39.57
CA PRO B 252 14.97 -30.13 39.33
C PRO B 252 16.15 -30.99 38.89
N VAL B 253 17.22 -30.35 38.35
CA VAL B 253 18.45 -31.05 37.89
C VAL B 253 19.11 -31.66 39.11
N LEU B 254 19.23 -30.85 40.19
CA LEU B 254 19.79 -31.32 41.47
C LEU B 254 19.00 -32.54 41.98
N GLU B 255 17.66 -32.47 42.00
CA GLU B 255 16.85 -33.59 42.50
C GLU B 255 17.08 -34.85 41.69
N GLY B 256 17.15 -34.70 40.36
CA GLY B 256 17.35 -35.87 39.51
C GLY B 256 18.70 -36.52 39.75
N LEU B 257 19.73 -35.69 39.93
CA LEU B 257 21.11 -36.09 40.16
C LEU B 257 21.20 -36.85 41.51
N VAL B 258 20.55 -36.32 42.56
CA VAL B 258 20.53 -36.95 43.89
C VAL B 258 19.82 -38.34 43.83
N ARG B 259 18.66 -38.41 43.19
CA ARG B 259 17.85 -39.62 43.01
C ARG B 259 18.68 -40.67 42.27
N ALA B 260 19.41 -40.29 41.18
CA ALA B 260 20.28 -41.24 40.46
C ALA B 260 21.33 -41.83 41.41
N LYS B 261 21.98 -40.95 42.25
CA LYS B 261 23.01 -41.34 43.23
C LYS B 261 22.38 -42.24 44.31
N GLN B 262 21.18 -41.90 44.76
CA GLN B 262 20.43 -42.67 45.74
C GLN B 262 20.09 -44.07 45.17
N ASP B 263 19.63 -44.14 43.91
CA ASP B 263 19.31 -45.44 43.28
C ASP B 263 20.60 -46.30 43.20
N LEU B 264 21.75 -45.68 42.88
CA LEU B 264 23.02 -46.38 42.80
C LEU B 264 23.48 -46.95 44.16
N LEU B 265 23.21 -46.23 45.27
CA LEU B 265 23.61 -46.64 46.61
C LEU B 265 22.57 -47.54 47.28
N ASP B 266 21.49 -47.88 46.54
CA ASP B 266 20.38 -48.72 47.03
C ASP B 266 19.79 -48.09 48.31
N THR B 267 19.55 -46.77 48.23
CA THR B 267 18.97 -46.02 49.33
C THR B 267 17.72 -45.29 48.81
N GLY B 268 16.76 -45.13 49.68
CA GLY B 268 15.55 -44.41 49.31
C GLY B 268 14.51 -45.24 48.59
N GLU B 269 13.67 -44.56 47.80
CA GLU B 269 12.51 -45.11 47.09
C GLU B 269 12.80 -46.43 46.38
N GLU B 270 13.88 -46.52 45.59
CA GLU B 270 14.23 -47.74 44.88
C GLU B 270 15.35 -48.52 45.60
N GLY B 271 15.46 -48.33 46.91
CA GLY B 271 16.47 -48.99 47.73
C GLY B 271 15.95 -49.82 48.88
N SER B 272 16.86 -50.61 49.48
CA SER B 272 16.59 -51.49 50.62
C SER B 272 16.38 -50.69 51.91
N ASP B 273 17.15 -49.62 52.12
CA ASP B 273 16.98 -48.79 53.32
C ASP B 273 16.23 -47.49 53.02
N ASN B 274 15.63 -46.90 54.07
CA ASN B 274 14.86 -45.64 53.99
C ASN B 274 15.72 -44.45 54.47
N ARG B 275 17.04 -44.57 54.39
CA ARG B 275 17.97 -43.52 54.84
C ARG B 275 18.05 -42.32 53.88
N PHE B 276 17.80 -42.50 52.55
CA PHE B 276 17.95 -41.45 51.51
C PHE B 276 19.29 -40.74 51.77
N SER B 277 20.39 -41.53 51.85
CA SER B 277 21.71 -41.05 52.32
C SER B 277 22.42 -40.01 51.42
N VAL B 278 21.76 -39.53 50.35
CA VAL B 278 22.29 -38.47 49.49
C VAL B 278 21.32 -37.35 49.66
N VAL B 279 21.83 -36.24 50.21
CA VAL B 279 20.97 -35.14 50.60
C VAL B 279 21.08 -33.96 49.63
N PRO B 280 19.95 -33.51 49.07
CA PRO B 280 20.00 -32.29 48.27
C PRO B 280 20.00 -31.06 49.20
N LEU B 281 20.98 -30.16 49.00
CA LEU B 281 21.07 -28.90 49.74
C LEU B 281 20.93 -27.80 48.67
N MET B 282 19.76 -27.14 48.63
CA MET B 282 19.47 -26.22 47.55
C MET B 282 19.45 -24.79 48.05
N LEU B 283 20.33 -23.91 47.50
CA LEU B 283 20.35 -22.51 47.87
C LEU B 283 19.56 -21.68 46.88
N HIS B 284 18.99 -20.57 47.36
CA HIS B 284 18.17 -19.68 46.55
C HIS B 284 18.31 -18.24 46.97
N GLY B 285 17.84 -17.33 46.13
CA GLY B 285 17.73 -15.90 46.46
C GLY B 285 16.25 -15.65 46.71
N ASP B 286 15.91 -14.61 47.47
CA ASP B 286 14.49 -14.35 47.83
C ASP B 286 13.61 -14.00 46.63
N ALA B 287 14.08 -13.14 45.71
CA ALA B 287 13.22 -12.74 44.56
C ALA B 287 13.03 -13.93 43.61
N ALA B 288 14.10 -14.71 43.32
CA ALA B 288 13.97 -15.83 42.41
C ALA B 288 13.09 -16.96 42.99
N PHE B 289 13.20 -17.24 44.31
CA PHE B 289 12.43 -18.32 44.95
C PHE B 289 10.95 -18.04 44.85
N ALA B 290 10.53 -16.75 45.01
CA ALA B 290 9.11 -16.39 44.91
C ALA B 290 8.57 -16.29 43.44
N GLY B 291 9.40 -15.84 42.51
CA GLY B 291 8.93 -15.58 41.16
C GLY B 291 9.08 -16.66 40.11
N GLN B 292 10.01 -17.62 40.28
CA GLN B 292 10.26 -18.66 39.30
C GLN B 292 9.34 -19.87 39.51
N GLY B 293 8.52 -20.19 38.51
CA GLY B 293 7.59 -21.31 38.55
C GLY B 293 8.23 -22.67 38.74
N VAL B 294 9.48 -22.82 38.30
CA VAL B 294 10.18 -24.11 38.41
C VAL B 294 10.35 -24.53 39.91
N VAL B 295 10.37 -23.57 40.85
CA VAL B 295 10.52 -23.85 42.27
C VAL B 295 9.29 -24.70 42.70
N ALA B 296 8.06 -24.23 42.38
CA ALA B 296 6.83 -24.94 42.71
C ALA B 296 6.77 -26.30 42.01
N GLU B 297 7.20 -26.35 40.72
CA GLU B 297 7.23 -27.62 39.96
C GLU B 297 8.14 -28.63 40.63
N THR B 298 9.29 -28.16 41.18
CA THR B 298 10.30 -29.00 41.83
C THR B 298 9.81 -29.42 43.22
N LEU B 299 9.23 -28.47 44.01
CA LEU B 299 8.63 -28.81 45.30
C LEU B 299 7.55 -29.86 45.11
N ASN B 300 6.79 -29.78 43.99
CA ASN B 300 5.72 -30.73 43.67
C ASN B 300 6.25 -32.17 43.50
N LEU B 301 7.55 -32.34 43.20
CA LEU B 301 8.16 -33.67 43.03
C LEU B 301 8.54 -34.34 44.35
N ALA B 302 8.68 -33.52 45.43
CA ALA B 302 9.30 -33.92 46.69
C ALA B 302 8.81 -35.23 47.33
N LEU B 303 7.54 -35.64 47.14
CA LEU B 303 7.04 -36.86 47.75
C LEU B 303 6.60 -37.91 46.72
N LEU B 304 6.82 -37.65 45.41
CA LEU B 304 6.40 -38.57 44.35
C LEU B 304 7.27 -39.82 44.34
N ARG B 305 6.69 -41.00 44.12
CA ARG B 305 7.50 -42.23 44.10
C ARG B 305 8.59 -42.17 43.00
N GLY B 306 8.29 -41.59 41.85
CA GLY B 306 9.28 -41.52 40.78
C GLY B 306 10.33 -40.44 40.94
N TYR B 307 10.13 -39.47 41.88
CA TYR B 307 11.02 -38.31 41.96
C TYR B 307 11.53 -37.93 43.32
N ARG B 308 10.95 -38.50 44.40
CA ARG B 308 11.36 -38.17 45.78
C ARG B 308 12.83 -38.47 46.04
N THR B 309 13.45 -37.59 46.85
CA THR B 309 14.85 -37.69 47.22
C THR B 309 14.98 -37.70 48.77
N GLY B 310 13.87 -37.91 49.49
CA GLY B 310 13.83 -37.99 50.94
C GLY B 310 13.85 -36.65 51.66
N GLY B 311 13.51 -35.60 50.93
CA GLY B 311 13.48 -34.24 51.45
C GLY B 311 14.74 -33.48 51.14
N THR B 312 14.56 -32.26 50.67
CA THR B 312 15.61 -31.31 50.32
C THR B 312 15.72 -30.27 51.44
N ILE B 313 16.95 -29.89 51.76
CA ILE B 313 17.19 -28.80 52.70
C ILE B 313 17.32 -27.56 51.85
N HIS B 314 16.38 -26.61 51.99
CA HIS B 314 16.44 -25.37 51.23
C HIS B 314 16.98 -24.24 52.11
N ILE B 315 17.87 -23.41 51.55
CA ILE B 315 18.38 -22.22 52.23
C ILE B 315 18.14 -21.06 51.31
N VAL B 316 17.30 -20.11 51.73
CA VAL B 316 17.08 -18.92 50.94
C VAL B 316 17.94 -17.81 51.54
N VAL B 317 18.88 -17.30 50.73
CA VAL B 317 19.70 -16.17 51.17
C VAL B 317 18.80 -14.96 50.96
N ASN B 318 18.08 -14.59 51.99
CA ASN B 318 17.09 -13.53 51.86
C ASN B 318 17.69 -12.17 52.25
N ASN B 319 18.29 -11.45 51.25
CA ASN B 319 18.87 -10.13 51.52
C ASN B 319 17.85 -9.01 51.33
N GLN B 320 16.55 -9.40 51.15
CA GLN B 320 15.40 -8.49 51.12
C GLN B 320 15.43 -7.50 49.96
N ILE B 321 16.04 -7.93 48.84
CA ILE B 321 16.18 -7.15 47.61
C ILE B 321 16.44 -8.13 46.46
N GLY B 322 16.04 -7.72 45.26
CA GLY B 322 16.34 -8.48 44.04
C GLY B 322 16.88 -7.48 43.02
N PHE B 323 18.22 -7.26 43.01
CA PHE B 323 18.91 -6.28 42.14
C PHE B 323 18.46 -4.88 42.57
N THR B 324 17.45 -4.23 41.91
CA THR B 324 16.97 -2.92 42.41
C THR B 324 15.56 -3.03 42.97
N THR B 325 14.95 -4.20 42.83
CA THR B 325 13.56 -4.49 43.18
C THR B 325 13.34 -4.87 44.66
N ALA B 326 12.37 -4.17 45.26
CA ALA B 326 11.96 -4.38 46.63
C ALA B 326 11.01 -5.58 46.70
N PRO B 327 10.98 -6.31 47.85
CA PRO B 327 10.09 -7.48 47.98
C PRO B 327 8.62 -7.20 47.66
N THR B 328 8.09 -5.98 47.89
CA THR B 328 6.66 -5.69 47.59
C THR B 328 6.35 -5.72 46.07
N ASP B 329 7.38 -5.64 45.21
CA ASP B 329 7.21 -5.78 43.76
C ASP B 329 7.61 -7.21 43.31
N SER B 330 8.23 -8.02 44.23
CA SER B 330 8.68 -9.38 43.86
C SER B 330 7.71 -10.51 44.27
N ARG B 331 6.82 -10.25 45.25
CA ARG B 331 5.92 -11.31 45.70
C ARG B 331 4.66 -10.75 46.27
N SER B 332 3.59 -11.61 46.31
CA SER B 332 2.26 -11.24 46.80
C SER B 332 1.96 -11.88 48.16
N SER B 333 2.99 -12.24 48.91
CA SER B 333 2.81 -12.86 50.22
C SER B 333 3.83 -12.32 51.21
N GLU B 334 3.62 -12.60 52.50
CA GLU B 334 4.45 -12.17 53.61
C GLU B 334 5.90 -12.54 53.45
N TYR B 335 6.16 -13.83 53.12
CA TYR B 335 7.51 -14.36 53.01
C TYR B 335 7.83 -14.86 51.62
N CYS B 336 9.14 -14.79 51.22
CA CYS B 336 9.58 -15.28 49.93
C CYS B 336 9.44 -16.81 49.85
N THR B 337 9.37 -17.47 51.02
CA THR B 337 9.30 -18.94 51.16
C THR B 337 7.87 -19.52 51.17
N ASP B 338 6.83 -18.69 51.01
CA ASP B 338 5.44 -19.15 51.13
C ASP B 338 5.02 -20.25 50.14
N VAL B 339 5.67 -20.34 49.00
CA VAL B 339 5.44 -21.40 48.00
C VAL B 339 5.70 -22.79 48.65
N ALA B 340 6.64 -22.88 49.62
CA ALA B 340 6.95 -24.15 50.29
C ALA B 340 5.76 -24.71 51.13
N LYS B 341 4.74 -23.87 51.44
CA LYS B 341 3.52 -24.30 52.13
C LYS B 341 2.71 -25.26 51.21
N MET B 342 2.96 -25.21 49.89
CA MET B 342 2.36 -26.08 48.86
C MET B 342 2.48 -27.59 49.24
N ILE B 343 3.60 -27.98 49.90
CA ILE B 343 3.82 -29.39 50.27
C ILE B 343 3.89 -29.55 51.79
N GLY B 344 3.40 -28.56 52.54
CA GLY B 344 3.38 -28.60 53.99
C GLY B 344 4.77 -28.70 54.60
N ALA B 345 5.75 -28.00 54.00
CA ALA B 345 7.11 -28.03 54.51
C ALA B 345 7.23 -27.11 55.73
N PRO B 346 7.95 -27.48 56.80
CA PRO B 346 8.16 -26.50 57.91
C PRO B 346 9.09 -25.39 57.41
N ILE B 347 8.85 -24.14 57.84
CA ILE B 347 9.64 -22.99 57.41
C ILE B 347 10.21 -22.27 58.66
N PHE B 348 11.52 -22.01 58.62
CA PHE B 348 12.23 -21.32 59.70
C PHE B 348 12.82 -20.02 59.17
N HIS B 349 12.32 -18.89 59.66
CA HIS B 349 12.83 -17.58 59.28
C HIS B 349 13.87 -17.24 60.34
N VAL B 350 15.15 -17.10 59.93
CA VAL B 350 16.24 -16.89 60.89
C VAL B 350 17.00 -15.62 60.63
N ASN B 351 17.36 -14.93 61.73
CA ASN B 351 18.14 -13.70 61.71
C ASN B 351 19.60 -14.04 61.38
N GLY B 352 20.07 -13.56 60.22
CA GLY B 352 21.43 -13.74 59.72
C GLY B 352 22.53 -13.14 60.57
N ASP B 353 22.17 -12.24 61.51
CA ASP B 353 23.14 -11.67 62.42
C ASP B 353 23.31 -12.56 63.66
N ASP B 354 22.51 -13.67 63.78
CA ASP B 354 22.65 -14.61 64.90
C ASP B 354 23.15 -15.94 64.32
N PRO B 355 24.49 -16.12 64.15
CA PRO B 355 24.97 -17.37 63.55
C PRO B 355 24.72 -18.61 64.42
N GLU B 356 24.54 -18.46 65.74
CA GLU B 356 24.21 -19.58 66.64
C GLU B 356 22.81 -20.11 66.34
N ALA B 357 21.81 -19.20 66.22
CA ALA B 357 20.43 -19.57 65.90
C ALA B 357 20.36 -20.17 64.46
N CYS B 358 21.18 -19.64 63.53
CA CYS B 358 21.26 -20.12 62.13
C CYS B 358 21.79 -21.54 62.08
N ALA B 359 22.87 -21.82 62.84
CA ALA B 359 23.49 -23.15 62.89
C ALA B 359 22.54 -24.14 63.56
N TRP B 360 21.81 -23.71 64.61
CA TRP B 360 20.86 -24.53 65.37
C TRP B 360 19.69 -24.94 64.46
N VAL B 361 19.13 -23.99 63.69
CA VAL B 361 18.04 -24.26 62.76
C VAL B 361 18.49 -25.21 61.61
N ALA B 362 19.75 -25.07 61.16
CA ALA B 362 20.30 -25.95 60.12
C ALA B 362 20.31 -27.40 60.61
N ARG B 363 20.72 -27.61 61.88
CA ARG B 363 20.76 -28.95 62.50
C ARG B 363 19.34 -29.50 62.72
N LEU B 364 18.40 -28.65 63.22
CA LEU B 364 17.00 -29.06 63.39
C LEU B 364 16.39 -29.48 62.02
N ALA B 365 16.68 -28.72 60.95
CA ALA B 365 16.21 -28.99 59.59
C ALA B 365 16.66 -30.37 59.12
N VAL B 366 17.94 -30.70 59.34
CA VAL B 366 18.46 -32.01 58.94
C VAL B 366 17.74 -33.14 59.74
N ASP B 367 17.52 -32.95 61.05
CA ASP B 367 16.82 -33.93 61.88
C ASP B 367 15.38 -34.13 61.40
N PHE B 368 14.67 -33.05 61.02
CA PHE B 368 13.30 -33.14 60.50
C PHE B 368 13.29 -33.94 59.19
N ARG B 369 14.20 -33.62 58.27
CA ARG B 369 14.35 -34.30 56.97
C ARG B 369 14.59 -35.80 57.21
N GLN B 370 15.49 -36.14 58.14
CA GLN B 370 15.77 -37.55 58.46
C GLN B 370 14.56 -38.25 59.08
N ALA B 371 13.84 -37.56 59.97
CA ALA B 371 12.66 -38.15 60.62
C ALA B 371 11.49 -38.37 59.66
N PHE B 372 11.18 -37.36 58.80
CA PHE B 372 9.97 -37.41 57.97
C PHE B 372 10.17 -37.52 56.46
N LYS B 373 11.44 -37.48 55.96
CA LYS B 373 11.79 -37.61 54.54
C LYS B 373 11.03 -36.57 53.71
N LYS B 374 11.04 -35.34 54.19
CA LYS B 374 10.32 -34.22 53.60
C LYS B 374 11.16 -32.95 53.67
N ASP B 375 10.95 -32.04 52.70
CA ASP B 375 11.65 -30.76 52.57
C ASP B 375 11.47 -29.88 53.80
N VAL B 376 12.51 -29.10 54.09
CA VAL B 376 12.58 -28.12 55.16
C VAL B 376 13.13 -26.85 54.53
N VAL B 377 12.53 -25.69 54.82
CA VAL B 377 12.98 -24.45 54.24
C VAL B 377 13.51 -23.51 55.31
N ILE B 378 14.74 -23.02 55.11
CA ILE B 378 15.36 -22.05 56.01
C ILE B 378 15.47 -20.72 55.26
N ASP B 379 14.76 -19.70 55.77
CA ASP B 379 14.75 -18.37 55.20
C ASP B 379 15.73 -17.52 56.02
N MET B 380 16.97 -17.37 55.55
CA MET B 380 17.97 -16.59 56.30
C MET B 380 17.89 -15.11 55.93
N LEU B 381 17.34 -14.29 56.86
CA LEU B 381 17.25 -12.84 56.64
C LEU B 381 18.61 -12.23 56.85
N CYS B 382 19.07 -11.50 55.85
CA CYS B 382 20.37 -10.88 55.83
C CYS B 382 20.27 -9.61 54.97
N TYR B 383 21.40 -9.14 54.46
CA TYR B 383 21.43 -7.96 53.60
C TYR B 383 22.55 -8.10 52.57
N ARG B 384 22.49 -7.27 51.55
CA ARG B 384 23.47 -7.20 50.46
C ARG B 384 24.25 -5.90 50.69
N ARG B 385 25.46 -6.01 51.22
CA ARG B 385 26.30 -4.86 51.58
C ARG B 385 26.62 -3.96 50.35
N ARG B 386 27.01 -4.56 49.22
CA ARG B 386 27.37 -3.78 48.03
C ARG B 386 26.18 -3.67 47.09
N GLY B 387 26.39 -2.92 45.99
CA GLY B 387 25.41 -2.79 44.92
C GLY B 387 25.29 -4.13 44.24
N HIS B 388 24.29 -4.28 43.34
CA HIS B 388 24.14 -5.54 42.63
C HIS B 388 25.36 -5.80 41.75
N ASN B 389 26.08 -4.73 41.31
CA ASN B 389 27.29 -4.80 40.51
C ASN B 389 28.13 -3.48 40.61
N GLU B 390 29.32 -3.48 40.00
CA GLU B 390 30.34 -2.42 40.03
C GLU B 390 29.83 -1.02 39.70
N GLY B 391 28.85 -0.91 38.80
CA GLY B 391 28.29 0.39 38.46
C GLY B 391 27.30 0.96 39.46
N ASP B 392 26.48 0.07 40.06
CA ASP B 392 25.37 0.34 40.99
C ASP B 392 25.74 1.05 42.30
N ASP B 393 25.06 2.18 42.54
CA ASP B 393 24.97 2.90 43.79
C ASP B 393 23.56 2.52 44.27
N PRO B 394 23.43 1.52 45.15
CA PRO B 394 22.10 0.96 45.45
C PRO B 394 21.14 1.92 46.16
N SER B 395 21.66 3.05 46.71
CA SER B 395 20.86 4.07 47.35
C SER B 395 20.06 4.89 46.31
N MET B 396 20.36 4.73 45.01
CA MET B 396 19.61 5.39 43.92
C MET B 396 18.16 4.90 43.91
N THR B 397 17.97 3.60 44.14
CA THR B 397 16.65 2.96 44.10
C THR B 397 16.16 2.45 45.48
N GLN B 398 17.07 2.18 46.44
CA GLN B 398 16.65 1.75 47.78
C GLN B 398 17.37 2.62 48.84
N PRO B 399 17.13 3.97 48.87
CA PRO B 399 17.90 4.83 49.79
C PRO B 399 17.71 4.52 51.27
N TYR B 400 16.50 4.15 51.68
CA TYR B 400 16.25 3.87 53.09
C TYR B 400 17.01 2.60 53.52
N MET B 401 16.87 1.51 52.76
CA MET B 401 17.59 0.27 53.08
C MET B 401 19.12 0.51 53.16
N TYR B 402 19.68 1.25 52.20
CA TYR B 402 21.13 1.45 52.16
C TYR B 402 21.63 2.44 53.17
N ASP B 403 20.79 3.36 53.67
CA ASP B 403 21.21 4.22 54.77
C ASP B 403 21.28 3.37 56.07
N VAL B 404 20.42 2.33 56.18
CA VAL B 404 20.44 1.42 57.33
C VAL B 404 21.65 0.43 57.16
N ILE B 405 21.86 -0.14 55.95
CA ILE B 405 23.01 -1.03 55.69
C ILE B 405 24.34 -0.32 56.01
N ASP B 406 24.46 0.99 55.67
CA ASP B 406 25.67 1.76 55.90
C ASP B 406 26.04 1.83 57.40
N THR B 407 25.09 1.61 58.31
CA THR B 407 25.37 1.63 59.77
C THR B 407 25.75 0.24 60.30
N LYS B 408 25.57 -0.79 59.48
CA LYS B 408 25.83 -2.16 59.85
C LYS B 408 27.30 -2.53 59.77
N ARG B 409 27.77 -3.19 60.81
CA ARG B 409 29.08 -3.82 60.88
C ARG B 409 28.76 -5.25 60.47
N GLY B 410 29.71 -6.00 59.93
CA GLY B 410 29.43 -7.36 59.49
C GLY B 410 29.07 -8.34 60.60
N SER B 411 28.43 -9.48 60.25
CA SER B 411 27.99 -10.47 61.26
C SER B 411 29.18 -11.08 62.05
N ARG B 412 30.43 -10.97 61.52
CA ARG B 412 31.66 -11.43 62.17
C ARG B 412 32.02 -10.49 63.34
N LYS B 413 32.19 -9.17 63.04
CA LYS B 413 32.49 -8.16 64.04
C LYS B 413 31.38 -8.12 65.08
N ALA B 414 30.11 -8.28 64.64
CA ALA B 414 28.94 -8.30 65.54
C ALA B 414 28.97 -9.51 66.46
N TYR B 415 29.22 -10.71 65.90
CA TYR B 415 29.26 -11.97 66.67
C TYR B 415 30.47 -11.99 67.63
N THR B 416 31.64 -11.45 67.21
CA THR B 416 32.83 -11.38 68.08
C THR B 416 32.54 -10.47 69.28
N GLU B 417 31.95 -9.28 69.03
CA GLU B 417 31.61 -8.30 70.05
C GLU B 417 30.53 -8.85 71.00
N ALA B 418 29.55 -9.61 70.45
CA ALA B 418 28.46 -10.26 71.20
C ALA B 418 28.99 -11.32 72.15
N LEU B 419 30.05 -12.07 71.73
CA LEU B 419 30.71 -13.11 72.53
C LEU B 419 31.54 -12.50 73.68
N ILE B 420 32.05 -11.25 73.51
CA ILE B 420 32.81 -10.54 74.55
C ILE B 420 31.82 -10.05 75.61
N GLY B 421 30.76 -9.37 75.15
CA GLY B 421 29.70 -8.80 75.98
C GLY B 421 29.00 -9.80 76.88
N ARG B 422 28.62 -10.96 76.32
CA ARG B 422 27.95 -12.05 77.05
C ARG B 422 28.89 -12.76 78.02
N GLY B 423 30.20 -12.52 77.88
CA GLY B 423 31.24 -13.13 78.68
C GLY B 423 31.56 -14.55 78.30
N ASP B 424 31.31 -14.93 77.02
CA ASP B 424 31.55 -16.30 76.55
C ASP B 424 33.02 -16.50 76.12
N ILE B 425 33.70 -15.42 75.72
CA ILE B 425 35.12 -15.47 75.32
C ILE B 425 35.87 -14.30 75.99
N SER B 426 37.14 -14.54 76.36
CA SER B 426 37.97 -13.52 77.01
C SER B 426 38.54 -12.55 75.97
N MET B 427 39.11 -11.41 76.42
CA MET B 427 39.74 -10.42 75.53
C MET B 427 40.85 -11.06 74.71
N LYS B 428 41.64 -11.98 75.34
CA LYS B 428 42.72 -12.74 74.70
C LYS B 428 42.16 -13.59 73.54
N GLU B 429 41.10 -14.38 73.81
CA GLU B 429 40.44 -15.25 72.82
C GLU B 429 39.88 -14.43 71.66
N ALA B 430 39.37 -13.20 71.94
CA ALA B 430 38.84 -12.25 70.94
C ALA B 430 39.98 -11.72 70.06
N GLU B 431 41.17 -11.47 70.66
CA GLU B 431 42.36 -11.00 69.95
C GLU B 431 42.89 -12.11 69.08
N ASP B 432 42.82 -13.38 69.56
CA ASP B 432 43.24 -14.58 68.82
C ASP B 432 42.26 -14.81 67.63
N ALA B 433 40.96 -14.55 67.86
CA ALA B 433 39.89 -14.64 66.88
C ALA B 433 40.13 -13.62 65.77
N LEU B 434 40.57 -12.39 66.14
CA LEU B 434 40.92 -11.35 65.16
C LEU B 434 42.24 -11.72 64.48
N ARG B 435 43.16 -12.37 65.22
CA ARG B 435 44.44 -12.87 64.69
C ARG B 435 44.19 -14.00 63.69
N ASP B 436 43.08 -14.75 63.88
CA ASP B 436 42.65 -15.85 63.01
C ASP B 436 42.13 -15.25 61.70
N TYR B 437 41.27 -14.20 61.77
CA TYR B 437 40.75 -13.51 60.59
C TYR B 437 41.93 -13.03 59.72
N GLN B 438 42.84 -12.23 60.33
CA GLN B 438 44.04 -11.67 59.69
C GLN B 438 44.87 -12.75 59.01
N GLY B 439 45.02 -13.88 59.69
CA GLY B 439 45.77 -15.04 59.23
C GLY B 439 45.11 -15.74 58.06
N GLN B 440 43.78 -15.75 58.06
CA GLN B 440 43.02 -16.34 56.96
C GLN B 440 43.12 -15.43 55.72
N LEU B 441 43.07 -14.10 55.92
CA LEU B 441 43.18 -13.08 54.87
C LEU B 441 44.57 -13.13 54.20
N GLU B 442 45.66 -13.18 55.00
CA GLU B 442 47.02 -13.27 54.45
C GLU B 442 47.22 -14.55 53.62
N ARG B 443 46.75 -15.70 54.15
CA ARG B 443 46.87 -17.01 53.52
C ARG B 443 46.23 -17.04 52.13
N VAL B 444 45.03 -16.46 51.95
CA VAL B 444 44.39 -16.48 50.63
C VAL B 444 45.18 -15.59 49.64
N PHE B 445 45.63 -14.39 50.09
CA PHE B 445 46.42 -13.47 49.26
C PHE B 445 47.73 -14.13 48.81
N ASN B 446 48.47 -14.75 49.75
CA ASN B 446 49.75 -15.43 49.51
C ASN B 446 49.65 -16.66 48.61
N GLU B 447 48.62 -17.52 48.81
CA GLU B 447 48.44 -18.73 48.03
C GLU B 447 48.08 -18.41 46.58
N VAL B 448 47.26 -17.36 46.35
CA VAL B 448 46.87 -16.94 44.99
C VAL B 448 48.06 -16.17 44.33
N ARG B 449 48.89 -15.50 45.14
CA ARG B 449 50.09 -14.79 44.70
C ARG B 449 51.08 -15.83 44.17
N GLU B 450 51.30 -16.91 44.96
CA GLU B 450 52.16 -18.03 44.62
C GLU B 450 51.63 -18.75 43.38
N LEU B 451 50.29 -18.78 43.21
CA LEU B 451 49.60 -19.40 42.07
C LEU B 451 49.90 -18.62 40.76
N GLU B 452 49.84 -17.27 40.82
CA GLU B 452 50.08 -16.35 39.70
C GLU B 452 51.53 -16.48 39.15
N LYS B 453 52.49 -16.87 40.03
CA LYS B 453 53.89 -17.07 39.68
C LYS B 453 54.11 -18.34 38.85
N HIS B 454 53.41 -19.45 39.21
CA HIS B 454 53.51 -20.74 38.52
C HIS B 454 52.82 -20.70 37.15
N LEU B 472 30.72 -50.94 18.12
CA LEU B 472 30.14 -52.14 18.70
C LEU B 472 28.82 -52.52 18.00
N ALA B 473 28.41 -53.80 18.13
CA ALA B 473 27.20 -54.33 17.51
C ALA B 473 25.99 -54.22 18.44
N THR B 474 24.84 -53.83 17.89
CA THR B 474 23.59 -53.63 18.62
C THR B 474 22.61 -54.77 18.34
N ALA B 475 22.89 -55.62 17.33
CA ALA B 475 21.98 -56.73 17.04
C ALA B 475 21.86 -57.67 18.25
N VAL B 476 20.71 -58.33 18.41
CA VAL B 476 20.50 -59.30 19.49
C VAL B 476 20.18 -60.62 18.82
N ASP B 477 20.10 -61.72 19.58
CA ASP B 477 19.76 -62.99 18.97
C ASP B 477 18.26 -63.26 19.12
N LYS B 478 17.75 -64.20 18.29
CA LYS B 478 16.35 -64.67 18.32
C LYS B 478 15.90 -65.01 19.73
N ALA B 479 16.78 -65.69 20.51
CA ALA B 479 16.50 -66.12 21.90
C ALA B 479 16.20 -64.91 22.81
N MET B 480 16.93 -63.79 22.61
CA MET B 480 16.72 -62.55 23.38
C MET B 480 15.34 -61.98 23.06
N LEU B 481 14.97 -61.93 21.75
CA LEU B 481 13.67 -61.45 21.32
C LEU B 481 12.55 -62.29 21.95
N GLN B 482 12.70 -63.63 21.90
CA GLN B 482 11.74 -64.61 22.40
C GLN B 482 11.53 -64.47 23.90
N ARG B 483 12.63 -64.23 24.67
CA ARG B 483 12.61 -64.04 26.12
C ARG B 483 11.78 -62.79 26.48
N ILE B 484 11.93 -61.69 25.72
CA ILE B 484 11.18 -60.44 25.97
C ILE B 484 9.70 -60.61 25.61
N GLY B 485 9.43 -61.38 24.55
CA GLY B 485 8.06 -61.72 24.16
C GLY B 485 7.40 -62.60 25.21
N ASP B 486 8.12 -63.66 25.65
CA ASP B 486 7.64 -64.59 26.66
C ASP B 486 7.37 -63.89 28.01
N ALA B 487 8.21 -62.88 28.39
CA ALA B 487 8.08 -62.11 29.63
C ALA B 487 6.69 -61.45 29.76
N HIS B 488 6.09 -61.06 28.62
CA HIS B 488 4.75 -60.45 28.55
C HIS B 488 3.63 -61.45 28.94
N LEU B 489 3.92 -62.76 28.89
CA LEU B 489 2.96 -63.78 29.28
C LEU B 489 3.35 -64.45 30.62
N ALA B 490 4.51 -64.07 31.20
CA ALA B 490 4.98 -64.64 32.49
C ALA B 490 4.39 -63.83 33.67
N LEU B 491 3.06 -63.82 33.77
CA LEU B 491 2.32 -63.08 34.79
C LEU B 491 2.48 -63.65 36.19
N PRO B 492 2.48 -62.80 37.26
CA PRO B 492 2.54 -63.35 38.63
C PRO B 492 1.32 -64.23 38.90
N GLU B 493 1.46 -65.18 39.83
CA GLU B 493 0.39 -66.09 40.24
C GLU B 493 -0.83 -65.28 40.73
N GLY B 494 -1.99 -65.59 40.17
CA GLY B 494 -3.26 -64.95 40.49
C GLY B 494 -3.45 -63.57 39.91
N PHE B 495 -2.58 -63.15 38.97
CA PHE B 495 -2.68 -61.82 38.37
C PHE B 495 -3.79 -61.82 37.34
N THR B 496 -4.66 -60.81 37.38
CA THR B 496 -5.78 -60.71 36.43
C THR B 496 -5.50 -59.58 35.45
N VAL B 497 -5.21 -59.94 34.19
CA VAL B 497 -4.94 -58.97 33.14
C VAL B 497 -6.24 -58.38 32.65
N HIS B 498 -6.26 -57.07 32.37
CA HIS B 498 -7.43 -56.40 31.78
C HIS B 498 -7.75 -57.07 30.43
N PRO B 499 -9.04 -57.37 30.14
CA PRO B 499 -9.38 -58.04 28.86
C PRO B 499 -8.84 -57.36 27.59
N ARG B 500 -8.66 -56.02 27.59
CA ARG B 500 -8.15 -55.29 26.43
C ARG B 500 -6.62 -55.26 26.38
N VAL B 501 -5.92 -55.62 27.48
CA VAL B 501 -4.45 -55.63 27.52
C VAL B 501 -3.92 -57.03 27.14
N ARG B 502 -4.66 -58.08 27.51
CA ARG B 502 -4.32 -59.48 27.19
C ARG B 502 -3.94 -59.67 25.70
N PRO B 503 -4.68 -59.14 24.67
CA PRO B 503 -4.24 -59.36 23.28
C PRO B 503 -2.90 -58.72 22.97
N VAL B 504 -2.56 -57.62 23.65
CA VAL B 504 -1.28 -56.92 23.44
C VAL B 504 -0.13 -57.87 23.87
N LEU B 505 -0.27 -58.49 25.04
CA LEU B 505 0.71 -59.42 25.59
C LEU B 505 0.91 -60.64 24.67
N GLU B 506 -0.20 -61.20 24.15
CA GLU B 506 -0.16 -62.36 23.23
C GLU B 506 0.43 -61.97 21.86
N LYS B 507 0.08 -60.78 21.33
CA LYS B 507 0.62 -60.28 20.06
C LYS B 507 2.14 -60.09 20.16
N ARG B 508 2.63 -59.61 21.31
CA ARG B 508 4.07 -59.41 21.53
C ARG B 508 4.81 -60.75 21.52
N ARG B 509 4.25 -61.79 22.17
CA ARG B 509 4.84 -63.12 22.11
C ARG B 509 4.88 -63.58 20.63
N GLU B 510 3.76 -63.39 19.90
CA GLU B 510 3.65 -63.73 18.49
C GLU B 510 4.70 -62.97 17.65
N MET B 511 4.85 -61.65 17.82
CA MET B 511 5.83 -60.85 17.06
C MET B 511 7.28 -61.27 17.34
N ALA B 512 7.60 -61.65 18.61
CA ALA B 512 8.94 -62.10 19.03
C ALA B 512 9.37 -63.37 18.30
N TYR B 513 8.41 -64.25 17.99
CA TYR B 513 8.67 -65.52 17.32
C TYR B 513 8.42 -65.48 15.82
N GLU B 514 7.48 -64.65 15.34
CA GLU B 514 7.06 -64.70 13.93
C GLU B 514 7.35 -63.42 13.10
N GLY B 515 7.69 -62.31 13.77
CA GLY B 515 8.03 -61.09 13.07
C GLY B 515 6.90 -60.09 12.98
N ARG B 516 6.98 -59.16 11.99
CA ARG B 516 6.02 -58.05 11.84
C ARG B 516 5.98 -57.28 13.18
N ILE B 517 7.18 -56.99 13.73
CA ILE B 517 7.36 -56.29 15.01
C ILE B 517 7.02 -54.82 14.84
N ASP B 518 6.06 -54.32 15.64
CA ASP B 518 5.66 -52.92 15.53
C ASP B 518 6.59 -52.01 16.35
N TRP B 519 6.44 -50.68 16.19
CA TRP B 519 7.27 -49.67 16.85
C TRP B 519 7.31 -49.84 18.37
N ALA B 520 6.13 -49.95 18.99
CA ALA B 520 5.99 -50.03 20.44
C ALA B 520 6.71 -51.24 21.02
N PHE B 521 6.64 -52.39 20.37
CA PHE B 521 7.33 -53.57 20.87
C PHE B 521 8.85 -53.44 20.63
N ALA B 522 9.25 -52.86 19.48
CA ALA B 522 10.66 -52.65 19.13
C ALA B 522 11.35 -51.78 20.21
N GLU B 523 10.64 -50.79 20.75
CA GLU B 523 11.16 -49.96 21.83
C GLU B 523 11.44 -50.82 23.07
N LEU B 524 10.48 -51.69 23.45
CA LEU B 524 10.61 -52.54 24.63
C LEU B 524 11.63 -53.63 24.42
N LEU B 525 11.82 -54.06 23.14
CA LEU B 525 12.84 -55.05 22.79
C LEU B 525 14.22 -54.46 23.03
N ALA B 526 14.42 -53.16 22.67
CA ALA B 526 15.67 -52.42 22.88
C ALA B 526 15.93 -52.25 24.37
N LEU B 527 14.94 -51.69 25.13
CA LEU B 527 15.08 -51.47 26.58
C LEU B 527 15.24 -52.78 27.35
N GLY B 528 14.43 -53.78 27.00
CA GLY B 528 14.50 -55.08 27.65
C GLY B 528 15.84 -55.78 27.45
N SER B 529 16.42 -55.70 26.23
CA SER B 529 17.72 -56.35 25.93
C SER B 529 18.85 -55.62 26.69
N LEU B 530 18.72 -54.30 26.87
CA LEU B 530 19.71 -53.52 27.63
C LEU B 530 19.70 -53.95 29.12
N ILE B 531 18.50 -54.15 29.71
CA ILE B 531 18.30 -54.61 31.08
C ILE B 531 18.93 -56.00 31.27
N ALA B 532 18.69 -56.92 30.31
CA ALA B 532 19.23 -58.28 30.32
C ALA B 532 20.77 -58.25 30.29
N GLU B 533 21.35 -57.21 29.68
CA GLU B 533 22.80 -57.01 29.59
C GLU B 533 23.36 -56.27 30.83
N GLY B 534 22.47 -55.90 31.76
CA GLY B 534 22.85 -55.28 33.04
C GLY B 534 22.68 -53.78 33.16
N LYS B 535 21.98 -53.15 32.21
CA LYS B 535 21.81 -51.70 32.25
C LYS B 535 20.60 -51.28 33.06
N LEU B 536 20.74 -50.17 33.79
CA LEU B 536 19.64 -49.55 34.51
C LEU B 536 18.89 -48.72 33.48
N VAL B 537 17.58 -48.97 33.30
CA VAL B 537 16.78 -48.21 32.35
C VAL B 537 15.72 -47.44 33.13
N ARG B 538 15.72 -46.11 32.99
CA ARG B 538 14.74 -45.25 33.63
C ARG B 538 13.96 -44.55 32.51
N LEU B 539 12.65 -44.82 32.46
CA LEU B 539 11.76 -44.28 31.44
C LEU B 539 10.59 -43.59 32.12
N SER B 540 10.29 -42.35 31.75
CA SER B 540 9.20 -41.62 32.37
C SER B 540 8.67 -40.54 31.45
N GLY B 541 7.53 -39.97 31.83
CA GLY B 541 6.86 -38.92 31.10
C GLY B 541 5.39 -39.01 31.42
N GLN B 542 4.60 -38.14 30.79
CA GLN B 542 3.15 -38.12 31.06
C GLN B 542 2.46 -39.34 30.47
N ASP B 543 1.83 -40.15 31.36
CA ASP B 543 1.09 -41.37 31.01
C ASP B 543 1.99 -42.40 30.29
N THR B 544 3.32 -42.33 30.54
CA THR B 544 4.34 -43.19 29.89
C THR B 544 4.20 -44.70 30.25
N GLN B 545 3.66 -45.03 31.44
CA GLN B 545 3.53 -46.46 31.79
C GLN B 545 2.64 -47.17 30.77
N ARG B 546 1.48 -46.55 30.45
CA ARG B 546 0.58 -47.13 29.47
C ARG B 546 0.94 -46.71 28.05
N GLY B 547 1.35 -45.46 27.90
CA GLY B 547 1.65 -44.82 26.62
C GLY B 547 0.46 -43.94 26.27
N THR B 548 0.72 -42.70 25.82
CA THR B 548 -0.29 -41.74 25.40
C THR B 548 -1.20 -42.33 24.31
N PHE B 549 -0.63 -43.17 23.43
CA PHE B 549 -1.39 -43.73 22.31
C PHE B 549 -1.81 -45.17 22.58
N THR B 550 -1.91 -45.54 23.89
CA THR B 550 -2.28 -46.87 24.44
C THR B 550 -1.40 -47.94 23.79
N GLN B 551 -0.13 -47.63 23.53
CA GLN B 551 0.71 -48.59 22.80
C GLN B 551 1.82 -49.25 23.64
N ARG B 552 2.22 -48.65 24.76
CA ARG B 552 3.39 -49.18 25.44
C ARG B 552 3.10 -50.33 26.39
N HIS B 553 2.21 -50.11 27.37
CA HIS B 553 1.86 -51.10 28.42
C HIS B 553 3.14 -51.63 29.11
N ALA B 554 4.08 -50.72 29.50
CA ALA B 554 5.32 -51.08 30.17
C ALA B 554 5.02 -51.56 31.57
N VAL B 555 3.88 -51.08 32.12
CA VAL B 555 3.31 -51.48 33.38
C VAL B 555 1.88 -51.91 33.08
N ILE B 556 1.45 -53.06 33.59
CA ILE B 556 0.07 -53.50 33.41
C ILE B 556 -0.56 -53.56 34.80
N VAL B 557 -1.87 -53.27 34.88
CA VAL B 557 -2.57 -53.13 36.14
C VAL B 557 -3.57 -54.26 36.35
N ASP B 558 -3.46 -54.95 37.51
CA ASP B 558 -4.38 -56.03 37.87
C ASP B 558 -5.82 -55.47 37.88
N ARG B 559 -6.67 -56.07 37.06
CA ARG B 559 -8.07 -55.70 36.87
C ARG B 559 -8.87 -55.79 38.19
N LYS B 560 -8.46 -56.68 39.12
CA LYS B 560 -9.14 -56.92 40.40
C LYS B 560 -8.49 -56.23 41.60
N THR B 561 -7.15 -56.16 41.69
CA THR B 561 -6.46 -55.58 42.86
C THR B 561 -5.79 -54.22 42.61
N GLY B 562 -5.56 -53.89 41.35
CA GLY B 562 -4.88 -52.64 40.99
C GLY B 562 -3.37 -52.72 41.13
N GLU B 563 -2.83 -53.89 41.46
CA GLU B 563 -1.39 -54.14 41.57
C GLU B 563 -0.71 -53.99 40.22
N GLU B 564 0.45 -53.33 40.21
CA GLU B 564 1.21 -53.11 38.98
C GLU B 564 2.16 -54.27 38.71
N PHE B 565 2.28 -54.67 37.43
CA PHE B 565 3.20 -55.71 36.94
C PHE B 565 4.01 -55.13 35.79
N THR B 566 5.34 -55.26 35.85
CA THR B 566 6.26 -54.70 34.84
C THR B 566 6.95 -55.85 34.11
N PRO B 567 6.42 -56.27 32.93
CA PRO B 567 7.01 -57.42 32.22
C PRO B 567 8.52 -57.33 31.99
N LEU B 568 9.06 -56.16 31.58
CA LEU B 568 10.51 -56.02 31.34
C LEU B 568 11.37 -56.23 32.59
N GLN B 569 10.81 -56.07 33.81
CA GLN B 569 11.56 -56.27 35.06
C GLN B 569 12.04 -57.73 35.20
N LEU B 570 11.34 -58.69 34.56
CA LEU B 570 11.74 -60.10 34.57
C LEU B 570 13.11 -60.30 33.87
N LEU B 571 13.51 -59.37 32.99
CA LEU B 571 14.78 -59.45 32.27
C LEU B 571 15.98 -59.02 33.14
N ALA B 572 15.72 -58.47 34.35
CA ALA B 572 16.74 -58.09 35.33
C ALA B 572 17.25 -59.32 36.08
N THR B 573 16.65 -60.51 35.81
CA THR B 573 17.01 -61.77 36.42
C THR B 573 17.35 -62.77 35.31
N ASN B 574 18.55 -63.38 35.37
CA ASN B 574 19.01 -64.39 34.41
C ASN B 574 18.18 -65.69 34.52
N PRO B 575 18.16 -66.59 33.50
CA PRO B 575 17.42 -67.85 33.65
C PRO B 575 17.87 -68.69 34.86
N ASP B 576 19.16 -68.59 35.25
CA ASP B 576 19.74 -69.27 36.42
C ASP B 576 19.20 -68.68 37.76
N GLY B 577 18.64 -67.47 37.71
CA GLY B 577 18.09 -66.80 38.88
C GLY B 577 18.93 -65.66 39.45
N THR B 578 20.17 -65.49 38.96
CA THR B 578 21.07 -64.43 39.43
C THR B 578 20.66 -63.07 38.79
N PRO B 579 20.89 -61.92 39.49
CA PRO B 579 20.55 -60.63 38.87
C PRO B 579 21.52 -60.28 37.74
N THR B 580 21.05 -59.51 36.75
CA THR B 580 21.90 -59.08 35.63
C THR B 580 22.64 -57.80 36.04
N GLY B 581 22.11 -57.12 37.04
CA GLY B 581 22.62 -55.84 37.51
C GLY B 581 21.78 -54.71 36.95
N GLY B 582 20.92 -55.05 35.99
CA GLY B 582 20.01 -54.13 35.32
C GLY B 582 18.71 -53.97 36.05
N LYS B 583 17.88 -53.03 35.61
CA LYS B 583 16.62 -52.71 36.27
C LYS B 583 15.76 -51.85 35.36
N PHE B 584 14.45 -52.00 35.45
CA PHE B 584 13.56 -51.15 34.68
C PHE B 584 12.79 -50.26 35.63
N LEU B 585 13.04 -48.96 35.56
CA LEU B 585 12.36 -47.96 36.41
C LEU B 585 11.43 -47.14 35.54
N VAL B 586 10.12 -47.39 35.61
CA VAL B 586 9.23 -46.69 34.70
C VAL B 586 8.16 -45.94 35.50
N TYR B 587 7.96 -44.66 35.19
CA TYR B 587 7.00 -43.87 35.93
C TYR B 587 6.16 -42.98 35.09
N ASN B 588 4.97 -42.68 35.61
CA ASN B 588 4.11 -41.64 35.10
C ASN B 588 4.64 -40.40 35.79
N SER B 589 4.93 -39.34 35.03
CA SER B 589 5.42 -38.15 35.65
C SER B 589 4.25 -37.28 36.12
N ALA B 590 4.57 -36.20 36.84
CA ALA B 590 3.61 -35.16 37.18
C ALA B 590 3.36 -34.38 35.89
N LEU B 591 2.34 -33.53 35.85
CA LEU B 591 2.04 -32.74 34.68
C LEU B 591 2.96 -31.53 34.64
N SER B 592 4.23 -31.81 34.37
CA SER B 592 5.27 -30.81 34.29
C SER B 592 6.20 -31.18 33.14
N GLU B 593 6.76 -30.15 32.50
CA GLU B 593 7.76 -30.37 31.46
C GLU B 593 9.09 -29.86 31.99
N PHE B 594 9.12 -28.60 32.41
CA PHE B 594 10.35 -27.99 32.96
C PHE B 594 10.99 -28.86 34.05
N ALA B 595 10.26 -29.13 35.14
CA ALA B 595 10.86 -29.94 36.23
C ALA B 595 11.17 -31.37 35.82
N ALA B 596 10.27 -32.03 35.06
CA ALA B 596 10.47 -33.42 34.66
C ALA B 596 11.70 -33.57 33.74
N VAL B 597 11.87 -32.69 32.71
CA VAL B 597 13.03 -32.77 31.80
C VAL B 597 14.30 -32.45 32.59
N GLY B 598 14.25 -31.43 33.44
CA GLY B 598 15.39 -31.08 34.29
C GLY B 598 15.82 -32.24 35.17
N PHE B 599 14.82 -32.98 35.71
CA PHE B 599 15.07 -34.14 36.59
C PHE B 599 15.75 -35.25 35.80
N GLU B 600 15.23 -35.58 34.59
CA GLU B 600 15.81 -36.64 33.77
C GLU B 600 17.18 -36.26 33.30
N TYR B 601 17.41 -34.98 32.97
CA TYR B 601 18.76 -34.54 32.59
C TYR B 601 19.70 -34.79 33.78
N GLY B 602 19.30 -34.31 34.97
CA GLY B 602 20.01 -34.49 36.23
C GLY B 602 20.30 -35.95 36.55
N TYR B 603 19.30 -36.81 36.34
CA TYR B 603 19.44 -38.25 36.59
C TYR B 603 20.59 -38.84 35.71
N SER B 604 20.64 -38.46 34.39
CA SER B 604 21.69 -38.96 33.48
C SER B 604 23.09 -38.49 33.91
N VAL B 605 23.18 -37.27 34.49
CA VAL B 605 24.44 -36.71 35.01
C VAL B 605 24.86 -37.54 36.23
N GLY B 606 23.90 -37.80 37.12
CA GLY B 606 24.12 -38.54 38.37
C GLY B 606 24.54 -39.97 38.18
N ASN B 607 24.01 -40.64 37.14
CA ASN B 607 24.39 -42.01 36.82
C ASN B 607 24.70 -42.10 35.33
N PRO B 608 25.97 -41.88 34.90
CA PRO B 608 26.31 -41.96 33.47
C PRO B 608 26.08 -43.34 32.83
N ASP B 609 25.95 -44.41 33.63
CA ASP B 609 25.76 -45.75 33.10
C ASP B 609 24.29 -46.09 32.87
N ALA B 610 23.39 -45.21 33.30
CA ALA B 610 21.95 -45.43 33.16
C ALA B 610 21.47 -45.01 31.78
N MET B 611 20.43 -45.70 31.30
CA MET B 611 19.71 -45.36 30.07
C MET B 611 18.52 -44.53 30.58
N VAL B 612 18.48 -43.22 30.28
CA VAL B 612 17.45 -42.32 30.82
C VAL B 612 16.65 -41.74 29.69
N LEU B 613 15.33 -41.98 29.68
CA LEU B 613 14.48 -41.47 28.62
C LEU B 613 13.32 -40.69 29.18
N TRP B 614 13.10 -39.50 28.67
CA TRP B 614 11.93 -38.71 29.04
C TRP B 614 11.04 -38.62 27.81
N GLU B 615 9.74 -38.83 27.99
CA GLU B 615 8.82 -38.78 26.89
C GLU B 615 7.79 -37.65 27.04
N ALA B 616 7.69 -36.77 26.01
CA ALA B 616 6.69 -35.72 25.98
C ALA B 616 5.37 -36.36 25.63
N GLN B 617 4.25 -35.83 26.10
CA GLN B 617 2.97 -36.43 25.71
C GLN B 617 2.83 -36.31 24.18
N PHE B 618 3.16 -35.10 23.70
CA PHE B 618 3.30 -34.69 22.29
C PHE B 618 4.54 -33.81 22.29
N GLY B 619 5.39 -33.91 21.28
CA GLY B 619 6.58 -33.06 21.21
C GLY B 619 6.28 -31.57 21.33
N ASP B 620 5.03 -31.16 21.05
CA ASP B 620 4.58 -29.75 21.10
C ASP B 620 4.68 -29.10 22.48
N PHE B 621 4.70 -29.94 23.53
CA PHE B 621 4.72 -29.47 24.91
C PHE B 621 6.10 -29.34 25.46
N VAL B 622 7.12 -29.87 24.73
CA VAL B 622 8.50 -29.79 25.22
C VAL B 622 8.99 -28.32 25.32
N ASN B 623 8.36 -27.37 24.61
CA ASN B 623 8.78 -25.95 24.72
C ASN B 623 8.59 -25.40 26.16
N GLY B 624 7.80 -26.10 27.00
CA GLY B 624 7.65 -25.75 28.42
C GLY B 624 8.94 -26.03 29.19
N ALA B 625 9.82 -26.85 28.61
CA ALA B 625 11.14 -27.17 29.18
C ALA B 625 12.27 -26.52 28.37
N GLN B 626 11.97 -25.43 27.62
CA GLN B 626 12.99 -24.79 26.77
C GLN B 626 14.24 -24.38 27.55
N SER B 627 14.06 -23.81 28.77
CA SER B 627 15.26 -23.40 29.55
C SER B 627 16.19 -24.60 29.79
N ILE B 628 15.64 -25.81 30.06
CA ILE B 628 16.50 -26.98 30.30
C ILE B 628 17.16 -27.40 29.01
N ILE B 629 16.39 -27.40 27.91
CA ILE B 629 16.94 -27.77 26.59
C ILE B 629 18.11 -26.82 26.24
N ASP B 630 17.88 -25.50 26.32
CA ASP B 630 18.90 -24.51 25.97
C ASP B 630 20.10 -24.48 26.91
N GLU B 631 19.85 -24.47 28.23
CA GLU B 631 20.89 -24.22 29.23
C GLU B 631 21.62 -25.45 29.72
N PHE B 632 21.04 -26.65 29.58
CA PHE B 632 21.68 -27.85 30.11
C PHE B 632 21.94 -28.88 29.05
N ILE B 633 20.86 -29.44 28.46
CA ILE B 633 20.97 -30.53 27.50
C ILE B 633 21.84 -30.16 26.30
N SER B 634 21.49 -29.10 25.57
CA SER B 634 22.19 -28.78 24.33
C SER B 634 23.61 -28.22 24.54
N SER B 635 23.90 -27.64 25.71
CA SER B 635 25.15 -26.88 25.91
C SER B 635 26.00 -27.20 27.15
N GLY B 636 25.49 -28.00 28.10
CA GLY B 636 26.19 -28.32 29.34
C GLY B 636 27.61 -28.85 29.11
N GLU B 637 27.79 -29.72 28.07
CA GLU B 637 29.11 -30.31 27.76
C GLU B 637 30.17 -29.21 27.38
N ALA B 638 29.83 -28.37 26.41
CA ALA B 638 30.75 -27.34 25.94
C ALA B 638 30.99 -26.28 27.02
N LYS B 639 29.97 -25.92 27.78
CA LYS B 639 30.11 -24.87 28.77
C LYS B 639 30.84 -25.29 30.01
N TRP B 640 30.53 -26.49 30.53
CA TRP B 640 31.07 -26.92 31.82
C TRP B 640 31.81 -28.26 31.80
N GLY B 641 31.86 -28.93 30.66
CA GLY B 641 32.45 -30.27 30.60
C GLY B 641 31.53 -31.29 31.30
N GLN B 642 30.25 -30.94 31.48
CA GLN B 642 29.28 -31.83 32.14
C GLN B 642 28.57 -32.66 31.06
N LEU B 643 28.57 -34.00 31.23
CA LEU B 643 28.05 -34.89 30.21
C LEU B 643 26.71 -35.48 30.58
N SER B 644 25.85 -35.67 29.59
CA SER B 644 24.54 -36.27 29.78
C SER B 644 24.19 -37.15 28.62
N ASP B 645 23.63 -38.33 28.90
CA ASP B 645 23.20 -39.28 27.88
C ASP B 645 21.69 -39.32 27.82
N VAL B 646 21.01 -38.27 28.33
CA VAL B 646 19.55 -38.23 28.41
C VAL B 646 18.90 -38.36 27.00
N VAL B 647 17.79 -39.10 26.93
CA VAL B 647 17.00 -39.25 25.71
C VAL B 647 15.67 -38.50 25.85
N LEU B 648 15.33 -37.66 24.85
CA LEU B 648 14.01 -37.02 24.77
C LEU B 648 13.26 -37.66 23.61
N LEU B 649 12.08 -38.25 23.91
CA LEU B 649 11.17 -38.88 22.94
C LEU B 649 10.05 -37.88 22.66
N LEU B 650 9.99 -37.35 21.45
CA LEU B 650 9.04 -36.28 21.14
C LEU B 650 8.04 -36.71 20.07
N PRO B 651 6.81 -37.19 20.43
CA PRO B 651 5.83 -37.57 19.39
C PRO B 651 5.59 -36.42 18.42
N HIS B 652 5.73 -36.72 17.15
CA HIS B 652 5.79 -35.72 16.08
C HIS B 652 5.12 -36.24 14.81
N GLY B 653 4.48 -35.35 14.06
CA GLY B 653 3.87 -35.74 12.78
C GLY B 653 2.59 -34.99 12.45
N HIS B 654 2.46 -34.60 11.17
CA HIS B 654 1.28 -33.91 10.63
C HIS B 654 0.18 -34.92 10.39
N GLU B 655 -0.87 -34.85 11.21
CA GLU B 655 -2.00 -35.80 11.15
C GLU B 655 -3.34 -35.10 11.25
N GLY B 656 -3.35 -33.76 11.22
CA GLY B 656 -4.60 -33.00 11.30
C GLY B 656 -5.12 -32.73 12.70
N GLN B 657 -4.28 -32.89 13.73
CA GLN B 657 -4.74 -32.67 15.12
C GLN B 657 -4.40 -31.27 15.67
N GLY B 658 -4.00 -30.35 14.79
CA GLY B 658 -3.77 -28.97 15.21
C GLY B 658 -2.34 -28.60 15.53
N PRO B 659 -2.12 -27.28 15.74
CA PRO B 659 -0.75 -26.77 15.93
C PRO B 659 -0.05 -27.18 17.23
N ASP B 660 -0.79 -27.75 18.19
CA ASP B 660 -0.22 -28.22 19.46
C ASP B 660 -0.20 -29.74 19.55
N HIS B 661 -0.53 -30.43 18.46
CA HIS B 661 -0.47 -31.90 18.44
C HIS B 661 0.15 -32.32 17.12
N THR B 662 1.14 -31.56 16.67
CA THR B 662 1.75 -31.86 15.36
C THR B 662 3.29 -31.87 15.34
N SER B 663 3.94 -30.94 16.06
CA SER B 663 5.38 -30.77 15.91
C SER B 663 6.18 -30.73 17.22
N GLY B 664 7.31 -31.43 17.21
CA GLY B 664 8.28 -31.37 18.30
C GLY B 664 9.33 -30.30 18.02
N ARG B 665 9.14 -29.51 16.95
CA ARG B 665 10.02 -28.42 16.47
C ARG B 665 11.44 -28.92 16.18
N ILE B 666 11.55 -29.80 15.20
CA ILE B 666 12.79 -30.36 14.66
C ILE B 666 13.77 -29.23 14.34
N GLU B 667 13.26 -28.16 13.70
CA GLU B 667 14.08 -27.00 13.26
C GLU B 667 14.82 -26.34 14.43
N ARG B 668 14.20 -26.30 15.61
CA ARG B 668 14.78 -25.67 16.80
C ARG B 668 15.93 -26.52 17.34
N PHE B 669 15.74 -27.85 17.42
CA PHE B 669 16.81 -28.76 17.89
C PHE B 669 17.96 -28.76 16.89
N LEU B 670 17.66 -28.72 15.57
CA LEU B 670 18.72 -28.70 14.55
C LEU B 670 19.52 -27.39 14.65
N GLN B 671 18.85 -26.31 15.00
CA GLN B 671 19.46 -24.98 15.16
C GLN B 671 20.38 -24.94 16.38
N LEU B 672 20.01 -25.64 17.47
CA LEU B 672 20.83 -25.70 18.70
C LEU B 672 22.06 -26.55 18.53
N TRP B 673 21.95 -27.58 17.66
CA TRP B 673 23.02 -28.55 17.41
C TRP B 673 24.30 -27.90 16.92
N ALA B 674 25.42 -28.43 17.38
CA ALA B 674 26.78 -28.14 16.91
C ALA B 674 27.55 -29.45 17.05
N GLU B 675 28.58 -29.66 16.25
CA GLU B 675 29.33 -30.91 16.18
C GLU B 675 29.60 -31.50 17.55
N GLY B 676 29.14 -32.73 17.74
CA GLY B 676 29.31 -33.47 18.99
C GLY B 676 28.49 -33.02 20.18
N SER B 677 27.42 -32.22 19.98
CA SER B 677 26.65 -31.80 21.14
C SER B 677 25.48 -32.73 21.41
N MET B 678 24.74 -33.14 20.38
CA MET B 678 23.61 -34.05 20.47
C MET B 678 23.51 -34.92 19.24
N THR B 679 22.69 -35.96 19.33
CA THR B 679 22.28 -36.83 18.22
C THR B 679 20.80 -36.54 18.03
N ILE B 680 20.36 -36.26 16.79
CA ILE B 680 18.96 -35.96 16.49
C ILE B 680 18.51 -36.95 15.43
N ALA B 681 17.42 -37.68 15.69
CA ALA B 681 16.92 -38.68 14.76
C ALA B 681 15.41 -38.68 14.63
N MET B 682 14.93 -39.21 13.48
CA MET B 682 13.50 -39.41 13.22
CA MET B 682 13.51 -39.41 13.20
C MET B 682 13.39 -40.76 12.50
N PRO B 683 13.48 -41.89 13.25
CA PRO B 683 13.43 -43.20 12.59
C PRO B 683 12.08 -43.48 11.94
N SER B 684 12.11 -44.25 10.83
CA SER B 684 10.90 -44.59 10.09
C SER B 684 10.48 -46.04 10.30
N THR B 685 11.37 -46.88 10.87
CA THR B 685 11.02 -48.28 11.08
C THR B 685 11.25 -48.70 12.53
N PRO B 686 10.46 -49.68 13.05
CA PRO B 686 10.68 -50.17 14.43
C PRO B 686 12.11 -50.67 14.67
N ALA B 687 12.60 -51.53 13.77
CA ALA B 687 13.95 -52.04 13.91
C ALA B 687 15.01 -50.90 13.94
N ASN B 688 14.86 -49.84 13.11
CA ASN B 688 15.85 -48.77 13.12
C ASN B 688 15.81 -47.99 14.44
N TYR B 689 14.63 -47.86 15.04
CA TYR B 689 14.48 -47.23 16.35
C TYR B 689 15.14 -48.12 17.43
N PHE B 690 14.93 -49.44 17.34
CA PHE B 690 15.56 -50.41 18.26
C PHE B 690 17.10 -50.24 18.25
N HIS B 691 17.70 -50.22 17.04
CA HIS B 691 19.15 -50.11 16.93
C HIS B 691 19.66 -48.71 17.37
N LEU B 692 18.85 -47.65 17.17
CA LEU B 692 19.21 -46.27 17.61
C LEU B 692 19.34 -46.22 19.15
N LEU B 693 18.37 -46.79 19.86
CA LEU B 693 18.38 -46.82 21.34
C LEU B 693 19.50 -47.72 21.88
N ARG B 694 19.71 -48.86 21.25
CA ARG B 694 20.77 -49.80 21.64
C ARG B 694 22.14 -49.16 21.43
N ARG B 695 22.36 -48.49 20.29
CA ARG B 695 23.62 -47.79 19.99
C ARG B 695 23.85 -46.71 21.07
N HIS B 696 22.79 -45.94 21.38
CA HIS B 696 22.83 -44.87 22.35
C HIS B 696 23.26 -45.35 23.74
N GLY B 697 22.72 -46.47 24.18
CA GLY B 697 23.05 -47.02 25.49
C GLY B 697 24.36 -47.79 25.57
N LYS B 698 24.87 -48.26 24.42
CA LYS B 698 26.09 -49.09 24.38
C LYS B 698 27.34 -48.42 23.78
N ASP B 699 27.22 -47.19 23.24
CA ASP B 699 28.32 -46.52 22.52
C ASP B 699 29.47 -45.98 23.41
N GLY B 700 29.31 -46.01 24.74
CA GLY B 700 30.34 -45.54 25.68
C GLY B 700 30.58 -44.03 25.62
N ILE B 701 29.58 -43.29 25.10
CA ILE B 701 29.62 -41.85 24.87
C ILE B 701 28.41 -41.24 25.59
N GLN B 702 28.65 -40.14 26.34
CA GLN B 702 27.55 -39.46 27.04
C GLN B 702 27.15 -38.26 26.21
N ARG B 703 26.06 -38.40 25.47
CA ARG B 703 25.58 -37.39 24.52
C ARG B 703 24.07 -37.44 24.42
N PRO B 704 23.36 -36.31 24.56
CA PRO B 704 21.89 -36.39 24.48
C PRO B 704 21.39 -36.85 23.13
N LEU B 705 20.28 -37.59 23.14
CA LEU B 705 19.63 -38.08 21.93
C LEU B 705 18.20 -37.53 21.89
N ILE B 706 17.86 -36.87 20.77
CA ILE B 706 16.55 -36.30 20.54
C ILE B 706 15.89 -37.18 19.48
N VAL B 707 14.73 -37.77 19.80
CA VAL B 707 14.01 -38.66 18.86
C VAL B 707 12.62 -38.12 18.61
N PHE B 708 12.26 -37.97 17.31
CA PHE B 708 10.93 -37.53 16.89
C PHE B 708 10.18 -38.81 16.59
N THR B 709 9.28 -39.17 17.52
CA THR B 709 8.59 -40.44 17.54
C THR B 709 7.21 -40.38 16.88
N PRO B 710 6.69 -41.53 16.41
CA PRO B 710 5.42 -41.52 15.70
C PRO B 710 4.20 -41.57 16.61
N LYS B 711 3.04 -41.35 16.01
CA LYS B 711 1.72 -41.34 16.61
C LYS B 711 0.86 -42.32 15.80
N SER B 712 0.25 -41.90 14.67
CA SER B 712 -0.51 -42.86 13.85
C SER B 712 0.40 -43.97 13.24
N MET B 713 1.67 -43.65 12.93
CA MET B 713 2.63 -44.63 12.36
C MET B 713 2.86 -45.85 13.27
N LEU B 714 2.64 -45.72 14.59
CA LEU B 714 2.67 -46.84 15.54
C LEU B 714 1.76 -47.98 15.07
N ARG B 715 0.64 -47.63 14.41
CA ARG B 715 -0.36 -48.62 13.94
C ARG B 715 -0.37 -48.77 12.43
N ASN B 716 0.60 -48.16 11.74
CA ASN B 716 0.73 -48.32 10.31
C ASN B 716 1.24 -49.75 10.04
N LYS B 717 0.42 -50.60 9.38
CA LYS B 717 0.72 -52.00 9.07
C LYS B 717 1.98 -52.17 8.18
N ALA B 718 2.40 -51.12 7.47
CA ALA B 718 3.59 -51.17 6.63
C ALA B 718 4.83 -50.84 7.45
N ALA B 719 4.66 -50.14 8.58
CA ALA B 719 5.76 -49.75 9.46
C ALA B 719 6.04 -50.83 10.51
N VAL B 720 6.36 -52.05 10.03
CA VAL B 720 6.69 -53.20 10.88
C VAL B 720 8.04 -53.74 10.39
N SER B 721 8.75 -54.45 11.28
CA SER B 721 10.07 -54.99 10.95
C SER B 721 10.14 -56.48 11.09
N ASP B 722 11.03 -57.10 10.31
CA ASP B 722 11.30 -58.52 10.31
C ASP B 722 12.24 -58.86 11.46
N ILE B 723 12.26 -60.13 11.90
CA ILE B 723 13.16 -60.57 12.98
C ILE B 723 14.63 -60.33 12.55
N ARG B 724 14.97 -60.59 11.27
CA ARG B 724 16.34 -60.39 10.76
C ARG B 724 16.85 -58.95 10.89
N ASP B 725 15.93 -57.95 10.94
CA ASP B 725 16.28 -56.53 11.10
C ASP B 725 16.80 -56.24 12.52
N PHE B 726 16.47 -57.13 13.47
CA PHE B 726 16.92 -57.05 14.86
C PHE B 726 18.18 -57.89 15.10
N THR B 727 18.23 -59.06 14.50
CA THR B 727 19.26 -60.06 14.72
C THR B 727 20.43 -60.01 13.72
N GLU B 728 20.28 -59.38 12.55
CA GLU B 728 21.40 -59.35 11.60
C GLU B 728 21.65 -57.96 11.02
N SER B 729 21.15 -56.89 11.64
CA SER B 729 21.41 -55.57 11.08
C SER B 729 22.02 -54.65 12.14
N LYS B 730 22.06 -53.36 11.85
CA LYS B 730 22.59 -52.30 12.72
C LYS B 730 21.76 -51.04 12.46
N PHE B 731 22.04 -49.94 13.18
CA PHE B 731 21.32 -48.68 12.94
C PHE B 731 21.72 -48.18 11.57
N ARG B 732 20.74 -47.79 10.74
CA ARG B 732 21.02 -47.26 9.42
C ARG B 732 20.66 -45.78 9.40
N SER B 733 21.69 -44.89 9.28
CA SER B 733 21.49 -43.43 9.29
C SER B 733 20.75 -42.97 8.05
N VAL B 734 20.87 -43.76 6.97
CA VAL B 734 20.23 -43.51 5.68
C VAL B 734 19.60 -44.81 5.23
N LEU B 735 18.32 -44.77 4.82
CA LEU B 735 17.65 -45.96 4.31
C LEU B 735 17.17 -45.79 2.89
N GLU B 736 17.34 -46.85 2.11
CA GLU B 736 16.85 -46.95 0.74
C GLU B 736 15.58 -47.77 0.75
N GLU B 737 14.85 -47.74 -0.35
CA GLU B 737 13.63 -48.57 -0.48
C GLU B 737 14.03 -50.04 -0.55
N PRO B 738 13.28 -50.94 0.12
CA PRO B 738 13.63 -52.38 0.09
C PRO B 738 13.66 -52.98 -1.31
N MET B 739 12.94 -52.38 -2.29
CA MET B 739 12.95 -52.90 -3.67
C MET B 739 14.38 -52.80 -4.29
N TYR B 740 15.22 -51.85 -3.82
CA TYR B 740 16.57 -51.69 -4.36
C TYR B 740 17.60 -52.52 -3.58
N THR B 741 17.41 -52.65 -2.26
CA THR B 741 18.35 -53.38 -1.39
C THR B 741 18.07 -54.88 -1.32
N ASP B 742 16.79 -55.29 -1.47
CA ASP B 742 16.38 -56.69 -1.33
C ASP B 742 15.50 -57.22 -2.47
N GLY B 743 14.96 -56.32 -3.29
CA GLY B 743 14.06 -56.69 -4.38
C GLY B 743 14.62 -56.61 -5.78
N GLU B 744 13.70 -56.50 -6.76
CA GLU B 744 14.03 -56.47 -8.19
C GLU B 744 13.97 -55.04 -8.79
N GLY B 745 14.11 -54.02 -7.94
CA GLY B 745 14.13 -52.64 -8.37
C GLY B 745 15.43 -52.26 -9.05
N ASP B 746 15.33 -51.45 -10.12
CA ASP B 746 16.47 -51.00 -10.91
C ASP B 746 16.79 -49.54 -10.59
N ARG B 747 17.90 -49.29 -9.87
CA ARG B 747 18.40 -47.97 -9.44
C ARG B 747 18.77 -47.07 -10.63
N ASN B 748 19.11 -47.68 -11.77
CA ASN B 748 19.51 -46.94 -12.97
C ASN B 748 18.33 -46.31 -13.71
N LYS B 749 17.09 -46.72 -13.41
CA LYS B 749 15.89 -46.16 -14.04
C LYS B 749 15.47 -44.83 -13.38
N VAL B 750 16.03 -44.53 -12.19
CA VAL B 750 15.67 -43.37 -11.38
C VAL B 750 16.27 -42.08 -11.95
N THR B 751 15.39 -41.09 -12.20
CA THR B 751 15.76 -39.75 -12.70
C THR B 751 15.41 -38.67 -11.65
N ARG B 752 14.46 -38.98 -10.71
CA ARG B 752 14.05 -38.05 -9.65
C ARG B 752 14.27 -38.70 -8.28
N LEU B 753 15.06 -38.04 -7.43
CA LEU B 753 15.35 -38.51 -6.09
C LEU B 753 14.63 -37.67 -5.04
N LEU B 754 13.78 -38.32 -4.24
CA LEU B 754 13.07 -37.68 -3.15
C LEU B 754 13.78 -38.01 -1.82
N LEU B 755 14.26 -36.99 -1.13
CA LEU B 755 14.93 -37.16 0.17
C LEU B 755 13.95 -36.72 1.21
N THR B 756 13.78 -37.56 2.24
CA THR B 756 12.80 -37.31 3.27
C THR B 756 13.22 -37.96 4.59
N SER B 757 12.36 -37.81 5.61
CA SER B 757 12.51 -38.39 6.91
C SER B 757 11.13 -38.62 7.51
N GLY B 758 10.99 -39.70 8.27
CA GLY B 758 9.75 -39.94 9.00
C GLY B 758 8.65 -40.61 8.21
N LYS B 759 7.43 -40.57 8.77
CA LYS B 759 6.24 -41.25 8.25
C LYS B 759 5.83 -40.84 6.84
N ILE B 760 6.16 -39.63 6.34
CA ILE B 760 5.73 -39.28 4.96
C ILE B 760 6.31 -40.31 3.94
N TYR B 761 7.41 -41.01 4.30
CA TYR B 761 8.00 -42.04 3.44
C TYR B 761 6.93 -43.04 2.96
N TYR B 762 6.10 -43.55 3.90
CA TYR B 762 5.11 -44.58 3.58
C TYR B 762 4.07 -44.11 2.55
N GLU B 763 3.65 -42.84 2.65
CA GLU B 763 2.70 -42.22 1.72
C GLU B 763 3.33 -42.05 0.34
N LEU B 764 4.58 -41.55 0.29
CA LEU B 764 5.34 -41.40 -0.95
C LEU B 764 5.55 -42.78 -1.63
N ALA B 765 5.90 -43.82 -0.83
CA ALA B 765 6.10 -45.20 -1.33
C ALA B 765 4.80 -45.79 -1.90
N ALA B 766 3.66 -45.54 -1.22
CA ALA B 766 2.34 -46.01 -1.66
C ALA B 766 1.94 -45.36 -3.00
N ARG B 767 2.28 -44.06 -3.20
CA ARG B 767 1.99 -43.34 -4.44
C ARG B 767 2.88 -43.87 -5.58
N LYS B 768 4.18 -44.14 -5.25
CA LYS B 768 5.12 -44.71 -6.19
C LYS B 768 4.57 -46.06 -6.70
N ALA B 769 4.16 -46.94 -5.76
CA ALA B 769 3.63 -48.27 -6.06
C ALA B 769 2.33 -48.22 -6.89
N LYS B 770 1.41 -47.29 -6.56
CA LYS B 770 0.13 -47.11 -7.25
C LYS B 770 0.33 -46.73 -8.72
N GLU B 771 1.27 -45.79 -8.99
CA GLU B 771 1.56 -45.29 -10.33
C GLU B 771 2.73 -46.02 -11.03
N ASN B 772 3.32 -47.05 -10.37
CA ASN B 772 4.47 -47.84 -10.86
C ASN B 772 5.60 -46.89 -11.33
N ARG B 773 5.98 -45.92 -10.46
CA ARG B 773 6.99 -44.92 -10.77
C ARG B 773 8.43 -45.41 -10.54
N GLU B 774 8.97 -46.15 -11.54
CA GLU B 774 10.34 -46.66 -11.53
C GLU B 774 11.37 -45.53 -11.71
N ASP B 775 10.92 -44.37 -12.21
CA ASP B 775 11.73 -43.18 -12.45
C ASP B 775 11.98 -42.35 -11.15
N VAL B 776 11.28 -42.69 -10.05
CA VAL B 776 11.38 -41.96 -8.79
C VAL B 776 11.90 -42.89 -7.68
N ALA B 777 12.86 -42.43 -6.86
CA ALA B 777 13.32 -43.17 -5.69
C ALA B 777 13.18 -42.30 -4.45
N ILE B 778 12.95 -42.94 -3.28
CA ILE B 778 12.77 -42.24 -2.01
C ILE B 778 13.86 -42.70 -1.05
N VAL B 779 14.67 -41.75 -0.57
CA VAL B 779 15.78 -42.02 0.32
C VAL B 779 15.48 -41.33 1.66
N ARG B 780 15.59 -42.09 2.76
CA ARG B 780 15.29 -41.57 4.09
C ARG B 780 16.53 -41.18 4.85
N ILE B 781 16.49 -40.00 5.48
CA ILE B 781 17.55 -39.54 6.39
C ILE B 781 17.00 -39.82 7.78
N GLU B 782 17.49 -40.89 8.40
CA GLU B 782 17.04 -41.37 9.73
C GLU B 782 17.70 -40.58 10.84
N GLN B 783 18.98 -40.28 10.66
CA GLN B 783 19.78 -39.50 11.60
C GLN B 783 19.91 -38.09 11.02
N LEU B 784 19.19 -37.13 11.57
CA LEU B 784 19.18 -35.75 11.07
C LEU B 784 20.43 -34.96 11.49
N ALA B 785 21.01 -35.30 12.65
CA ALA B 785 22.21 -34.66 13.16
C ALA B 785 23.00 -35.68 14.01
N PRO B 786 24.33 -35.83 13.79
CA PRO B 786 25.14 -35.20 12.74
C PRO B 786 24.69 -35.74 11.38
N LEU B 787 24.75 -34.89 10.34
CA LEU B 787 24.34 -35.33 9.02
C LEU B 787 25.23 -36.49 8.58
N PRO B 788 24.63 -37.63 8.16
CA PRO B 788 25.47 -38.79 7.78
C PRO B 788 26.06 -38.57 6.38
N ARG B 789 27.06 -37.69 6.30
CA ARG B 789 27.70 -37.26 5.06
C ARG B 789 28.18 -38.45 4.18
N ARG B 790 29.01 -39.36 4.72
CA ARG B 790 29.56 -40.48 3.92
C ARG B 790 28.49 -41.47 3.46
N ARG B 791 27.53 -41.80 4.34
CA ARG B 791 26.48 -42.74 3.95
C ARG B 791 25.55 -42.09 2.90
N LEU B 792 25.28 -40.78 3.02
CA LEU B 792 24.43 -40.04 2.07
C LEU B 792 25.06 -40.02 0.66
N ALA B 793 26.36 -39.65 0.56
CA ALA B 793 27.10 -39.64 -0.71
C ALA B 793 27.13 -41.05 -1.31
N GLU B 794 27.46 -42.07 -0.50
CA GLU B 794 27.53 -43.47 -0.94
C GLU B 794 26.20 -43.97 -1.53
N THR B 795 25.07 -43.64 -0.88
CA THR B 795 23.73 -44.03 -1.30
C THR B 795 23.35 -43.33 -2.63
N LEU B 796 23.56 -41.99 -2.70
CA LEU B 796 23.21 -41.18 -3.87
C LEU B 796 24.04 -41.58 -5.09
N ASP B 797 25.30 -42.04 -4.88
CA ASP B 797 26.20 -42.49 -5.95
C ASP B 797 25.68 -43.78 -6.62
N ARG B 798 24.69 -44.45 -6.01
CA ARG B 798 24.07 -45.68 -6.53
C ARG B 798 22.91 -45.37 -7.49
N TYR B 799 22.58 -44.08 -7.71
CA TYR B 799 21.50 -43.63 -8.62
C TYR B 799 22.14 -42.68 -9.65
N PRO B 800 22.89 -43.22 -10.64
CA PRO B 800 23.66 -42.34 -11.52
C PRO B 800 22.85 -41.49 -12.51
N ASN B 801 21.59 -41.85 -12.79
CA ASN B 801 20.82 -41.12 -13.78
C ASN B 801 19.87 -40.08 -13.18
N VAL B 802 20.09 -39.68 -11.91
CA VAL B 802 19.27 -38.67 -11.24
C VAL B 802 19.53 -37.30 -11.88
N LYS B 803 18.47 -36.62 -12.33
CA LYS B 803 18.53 -35.30 -12.97
C LYS B 803 18.02 -34.21 -12.02
N GLU B 804 17.21 -34.60 -11.01
CA GLU B 804 16.65 -33.66 -10.06
C GLU B 804 16.49 -34.29 -8.67
N LYS B 805 16.74 -33.50 -7.63
CA LYS B 805 16.63 -33.94 -6.23
C LYS B 805 15.74 -33.01 -5.44
N PHE B 806 14.85 -33.60 -4.62
CA PHE B 806 13.97 -32.81 -3.76
C PHE B 806 14.01 -33.26 -2.33
N TRP B 807 14.05 -32.29 -1.40
CA TRP B 807 13.88 -32.55 0.02
C TRP B 807 12.38 -32.44 0.25
N VAL B 808 11.75 -33.53 0.68
CA VAL B 808 10.31 -33.58 0.92
C VAL B 808 10.03 -33.70 2.40
N GLN B 809 9.13 -32.83 2.91
CA GLN B 809 8.76 -32.80 4.32
C GLN B 809 7.33 -32.34 4.50
N GLU B 810 6.72 -32.75 5.61
CA GLU B 810 5.36 -32.37 5.99
C GLU B 810 5.32 -31.00 6.59
N GLU B 811 6.40 -30.61 7.28
CA GLU B 811 6.44 -29.36 8.00
C GLU B 811 6.45 -28.12 7.11
N PRO B 812 5.94 -26.96 7.63
CA PRO B 812 6.07 -25.68 6.89
C PRO B 812 7.51 -25.41 6.47
N ALA B 813 7.68 -24.62 5.40
CA ALA B 813 8.99 -24.32 4.79
C ALA B 813 9.99 -23.72 5.79
N ASN B 814 9.52 -22.95 6.79
CA ASN B 814 10.39 -22.35 7.83
C ASN B 814 10.59 -23.30 9.00
N GLN B 815 10.11 -24.56 8.88
CA GLN B 815 10.17 -25.54 9.97
C GLN B 815 10.67 -26.88 9.43
N GLY B 816 10.74 -27.89 10.28
CA GLY B 816 11.26 -29.20 9.87
C GLY B 816 12.75 -29.13 9.61
N ALA B 817 13.27 -30.04 8.79
CA ALA B 817 14.71 -30.08 8.51
C ALA B 817 15.14 -29.13 7.42
N TRP B 818 14.21 -28.63 6.56
CA TRP B 818 14.58 -27.76 5.42
C TRP B 818 15.43 -26.52 5.81
N PRO B 819 15.06 -25.67 6.79
CA PRO B 819 15.91 -24.50 7.09
C PRO B 819 17.38 -24.86 7.26
N SER B 820 17.71 -25.99 7.95
CA SER B 820 19.12 -26.32 8.11
C SER B 820 19.66 -27.11 6.89
N PHE B 821 18.94 -28.15 6.40
CA PHE B 821 19.37 -28.98 5.28
C PHE B 821 19.51 -28.18 3.98
N GLY B 822 18.59 -27.24 3.74
CA GLY B 822 18.61 -26.38 2.55
C GLY B 822 19.87 -25.55 2.44
N LEU B 823 20.47 -25.21 3.59
CA LEU B 823 21.69 -24.43 3.67
C LEU B 823 22.93 -25.33 3.84
N THR B 824 22.80 -26.44 4.57
CA THR B 824 23.92 -27.31 4.91
C THR B 824 24.22 -28.37 3.84
N LEU B 825 23.21 -29.06 3.31
CA LEU B 825 23.47 -30.12 2.31
C LEU B 825 24.24 -29.59 1.06
N PRO B 826 23.93 -28.41 0.42
CA PRO B 826 24.72 -28.00 -0.74
C PRO B 826 26.15 -27.55 -0.40
N GLU B 827 26.45 -27.25 0.88
CA GLU B 827 27.81 -26.82 1.18
C GLU B 827 28.70 -28.02 1.57
N ILE B 828 28.17 -29.01 2.33
CA ILE B 828 28.94 -30.20 2.74
C ILE B 828 29.03 -31.27 1.61
N LEU B 829 27.99 -31.38 0.74
CA LEU B 829 28.03 -32.32 -0.40
C LEU B 829 27.63 -31.57 -1.71
N PRO B 830 28.48 -30.62 -2.19
CA PRO B 830 28.11 -29.81 -3.39
C PRO B 830 27.97 -30.60 -4.68
N ASP B 831 28.66 -31.73 -4.82
CA ASP B 831 28.57 -32.55 -6.01
C ASP B 831 27.27 -33.38 -6.05
N HIS B 832 26.51 -33.40 -4.94
CA HIS B 832 25.26 -34.16 -4.85
C HIS B 832 24.05 -33.26 -4.68
N PHE B 833 24.18 -32.21 -3.86
CA PHE B 833 23.03 -31.40 -3.51
C PHE B 833 22.98 -29.99 -4.11
N THR B 834 23.88 -29.62 -5.05
CA THR B 834 23.75 -28.32 -5.71
C THR B 834 22.47 -28.41 -6.54
N GLY B 835 21.59 -27.44 -6.36
CA GLY B 835 20.31 -27.43 -7.05
C GLY B 835 19.21 -28.17 -6.30
N LEU B 836 19.46 -28.57 -5.02
CA LEU B 836 18.43 -29.24 -4.19
C LEU B 836 17.23 -28.34 -4.05
N LYS B 837 16.02 -28.86 -4.28
CA LYS B 837 14.79 -28.07 -4.17
C LYS B 837 13.92 -28.62 -3.04
N ARG B 838 13.02 -27.78 -2.51
CA ARG B 838 12.15 -28.15 -1.41
C ARG B 838 10.72 -28.43 -1.85
N ILE B 839 10.11 -29.45 -1.24
CA ILE B 839 8.69 -29.77 -1.35
C ILE B 839 8.20 -29.85 0.10
N SER B 840 7.35 -28.90 0.53
CA SER B 840 6.87 -28.87 1.90
C SER B 840 5.56 -28.12 2.00
N ARG B 841 5.05 -27.95 3.23
CA ARG B 841 3.93 -27.04 3.44
C ARG B 841 4.46 -25.62 3.31
N ARG B 842 3.60 -24.64 3.01
CA ARG B 842 4.02 -23.24 2.94
C ARG B 842 4.57 -22.80 4.32
N ALA B 843 5.44 -21.75 4.37
CA ALA B 843 5.92 -21.23 5.65
C ALA B 843 4.71 -20.72 6.45
N MET B 844 4.66 -21.01 7.78
CA MET B 844 3.55 -20.63 8.69
C MET B 844 4.07 -20.12 10.02
N SER B 845 3.27 -19.28 10.71
CA SER B 845 3.66 -18.76 12.02
C SER B 845 3.34 -19.77 13.16
N ALA B 846 2.66 -20.86 12.81
CA ALA B 846 2.29 -21.94 13.71
C ALA B 846 2.78 -23.26 13.11
N PRO B 847 2.92 -24.36 13.87
CA PRO B 847 3.41 -25.62 13.28
C PRO B 847 2.50 -26.22 12.18
N SER B 848 1.20 -25.89 12.20
CA SER B 848 0.24 -26.42 11.24
C SER B 848 -1.02 -25.60 11.25
N SER B 849 -1.96 -25.95 10.37
CA SER B 849 -3.29 -25.35 10.40
C SER B 849 -4.08 -25.94 11.60
N GLY B 850 -5.11 -25.25 12.07
CA GLY B 850 -5.97 -25.72 13.13
C GLY B 850 -7.13 -26.58 12.60
N SER B 851 -7.21 -26.72 11.26
CA SER B 851 -8.27 -27.46 10.59
C SER B 851 -7.72 -28.77 10.00
N SER B 852 -8.38 -29.89 10.31
CA SER B 852 -8.00 -31.21 9.78
C SER B 852 -8.29 -31.27 8.27
N LYS B 853 -9.27 -30.46 7.79
CA LYS B 853 -9.62 -30.39 6.35
C LYS B 853 -8.48 -29.74 5.57
N VAL B 854 -7.93 -28.62 6.08
CA VAL B 854 -6.80 -27.92 5.45
C VAL B 854 -5.58 -28.83 5.49
N HIS B 855 -5.37 -29.54 6.62
CA HIS B 855 -4.25 -30.49 6.73
C HIS B 855 -4.26 -31.51 5.57
N ALA B 856 -5.43 -32.17 5.31
CA ALA B 856 -5.58 -33.20 4.29
C ALA B 856 -5.26 -32.68 2.88
N VAL B 857 -5.75 -31.48 2.54
CA VAL B 857 -5.52 -30.80 1.25
C VAL B 857 -4.02 -30.58 1.04
N GLU B 858 -3.35 -30.02 2.07
CA GLU B 858 -1.92 -29.70 2.05
C GLU B 858 -1.09 -30.95 1.90
N GLN B 859 -1.50 -32.03 2.58
CA GLN B 859 -0.78 -33.32 2.52
C GLN B 859 -0.85 -33.86 1.08
N GLN B 860 -2.05 -33.82 0.47
CA GLN B 860 -2.23 -34.31 -0.90
C GLN B 860 -1.41 -33.44 -1.88
N GLU B 861 -1.35 -32.10 -1.63
CA GLU B 861 -0.56 -31.19 -2.48
C GLU B 861 0.92 -31.61 -2.48
N ILE B 862 1.47 -32.00 -1.31
CA ILE B 862 2.87 -32.44 -1.18
C ILE B 862 3.12 -33.69 -2.05
N LEU B 863 2.26 -34.70 -1.91
CA LEU B 863 2.36 -35.97 -2.66
C LEU B 863 2.23 -35.72 -4.18
N ASP B 864 1.29 -34.84 -4.57
CA ASP B 864 1.05 -34.50 -5.98
C ASP B 864 2.22 -33.73 -6.58
N THR B 865 2.91 -32.88 -5.79
CA THR B 865 4.06 -32.11 -6.25
C THR B 865 5.28 -33.05 -6.45
N ALA B 866 5.49 -33.96 -5.49
CA ALA B 866 6.58 -34.93 -5.47
C ALA B 866 6.53 -35.86 -6.68
N PHE B 867 5.31 -36.21 -7.13
CA PHE B 867 5.10 -37.11 -8.27
C PHE B 867 4.57 -36.36 -9.53
N GLY B 868 4.70 -35.04 -9.54
CA GLY B 868 4.26 -34.18 -10.65
C GLY B 868 5.28 -33.99 -11.75
N ASN C 8 3.14 19.80 -85.44
CA ASN C 8 2.00 19.93 -84.55
C ASN C 8 2.13 19.00 -83.33
N ALA C 9 2.49 19.60 -82.17
CA ALA C 9 2.69 18.90 -80.90
C ALA C 9 1.43 18.93 -80.01
N ARG C 10 0.24 18.82 -80.65
CA ARG C 10 -1.09 18.73 -80.05
C ARG C 10 -1.22 17.43 -79.24
N VAL C 11 -0.44 16.39 -79.64
CA VAL C 11 -0.38 15.07 -79.02
C VAL C 11 0.23 15.21 -77.62
N ILE C 12 1.38 15.93 -77.50
CA ILE C 12 2.10 16.15 -76.24
C ILE C 12 1.18 16.91 -75.26
N GLU C 13 0.40 17.88 -75.75
CA GLU C 13 -0.56 18.64 -74.94
C GLU C 13 -1.74 17.75 -74.54
N LEU C 14 -2.12 16.80 -75.42
CA LEU C 14 -3.22 15.86 -75.15
C LEU C 14 -2.77 14.87 -74.07
N ILE C 15 -1.50 14.42 -74.13
CA ILE C 15 -0.93 13.51 -73.14
C ILE C 15 -0.94 14.21 -71.76
N ALA C 16 -0.46 15.48 -71.72
CA ALA C 16 -0.42 16.29 -70.50
C ALA C 16 -1.83 16.51 -69.95
N ALA C 17 -2.83 16.75 -70.84
CA ALA C 17 -4.23 16.99 -70.44
C ALA C 17 -4.84 15.78 -69.72
N TYR C 18 -4.56 14.54 -70.22
CA TYR C 18 -5.05 13.31 -69.57
C TYR C 18 -4.36 13.12 -68.21
N ARG C 19 -3.01 13.26 -68.18
CA ARG C 19 -2.22 13.10 -66.97
C ARG C 19 -2.61 14.10 -65.89
N ASN C 20 -2.88 15.36 -66.27
CA ASN C 20 -3.23 16.43 -65.31
C ASN C 20 -4.67 16.45 -64.88
N ARG C 21 -5.60 16.26 -65.85
CA ARG C 21 -7.02 16.47 -65.61
C ARG C 21 -7.93 15.32 -66.05
N GLY C 22 -7.37 14.18 -66.47
CA GLY C 22 -8.21 13.03 -66.87
C GLY C 22 -9.16 12.58 -65.76
N HIS C 23 -8.72 12.75 -64.49
CA HIS C 23 -9.48 12.41 -63.27
C HIS C 23 -10.80 13.18 -63.19
N LEU C 24 -10.91 14.35 -63.86
CA LEU C 24 -12.16 15.12 -63.86
C LEU C 24 -13.23 14.45 -64.75
N MET C 25 -12.81 13.51 -65.61
CA MET C 25 -13.71 12.81 -66.52
C MET C 25 -13.80 11.31 -66.21
N ALA C 26 -13.05 10.83 -65.18
CA ALA C 26 -13.10 9.41 -64.81
C ALA C 26 -14.49 9.06 -64.25
N ASP C 27 -14.96 7.83 -64.52
CA ASP C 27 -16.24 7.31 -64.04
C ASP C 27 -16.03 6.75 -62.60
N ILE C 28 -15.93 7.66 -61.62
CA ILE C 28 -15.63 7.31 -60.24
C ILE C 28 -16.86 7.21 -59.33
N ASP C 29 -17.98 7.86 -59.69
CA ASP C 29 -19.15 7.91 -58.83
C ASP C 29 -20.11 6.74 -59.12
N PRO C 30 -20.26 5.75 -58.18
CA PRO C 30 -21.17 4.62 -58.43
C PRO C 30 -22.64 5.02 -58.59
N LEU C 31 -23.00 6.23 -58.12
CA LEU C 31 -24.36 6.77 -58.22
C LEU C 31 -24.58 7.61 -59.48
N ARG C 32 -23.47 8.11 -60.12
CA ARG C 32 -23.53 8.97 -61.30
C ARG C 32 -24.50 10.14 -61.08
N LEU C 33 -24.40 10.82 -59.92
CA LEU C 33 -25.30 11.93 -59.54
C LEU C 33 -25.18 13.14 -60.48
N ASP C 34 -23.95 13.53 -60.85
CA ASP C 34 -23.72 14.66 -61.73
C ASP C 34 -23.69 14.18 -63.21
N ASN C 35 -24.75 14.52 -63.95
CA ASN C 35 -24.90 14.14 -65.37
C ASN C 35 -23.97 14.94 -66.28
N THR C 36 -23.70 16.21 -65.92
CA THR C 36 -22.87 17.15 -66.69
C THR C 36 -21.37 16.77 -66.69
N ARG C 37 -20.97 15.81 -65.82
CA ARG C 37 -19.60 15.32 -65.64
C ARG C 37 -18.96 14.84 -66.96
N PHE C 38 -19.72 14.08 -67.77
CA PHE C 38 -19.24 13.52 -69.02
C PHE C 38 -19.64 14.40 -70.20
N THR C 52 -9.97 14.96 -86.13
CA THR C 52 -8.61 14.47 -86.29
C THR C 52 -8.60 12.92 -86.41
N LEU C 53 -9.54 12.35 -87.18
CA LEU C 53 -9.70 10.90 -87.39
C LEU C 53 -8.52 10.28 -88.17
N TRP C 54 -7.90 11.04 -89.09
CA TRP C 54 -6.76 10.57 -89.87
C TRP C 54 -5.49 10.57 -89.03
N ASP C 55 -5.48 11.42 -87.98
CA ASP C 55 -4.34 11.54 -87.06
C ASP C 55 -4.27 10.35 -86.09
N LEU C 56 -5.39 9.62 -85.87
CA LEU C 56 -5.45 8.48 -84.94
C LEU C 56 -4.57 7.29 -85.35
N ASP C 57 -4.41 7.06 -86.67
CA ASP C 57 -3.62 5.93 -87.16
C ASP C 57 -2.14 6.30 -87.42
N ARG C 58 -1.82 7.60 -87.31
CA ARG C 58 -0.47 8.13 -87.50
C ARG C 58 0.42 7.75 -86.32
N GLU C 59 1.63 7.23 -86.60
CA GLU C 59 2.60 6.84 -85.59
C GLU C 59 3.32 8.06 -85.03
N PHE C 60 3.63 8.03 -83.72
CA PHE C 60 4.33 9.09 -82.98
C PHE C 60 5.39 8.49 -82.07
N LYS C 71 4.55 4.61 -81.38
CA LYS C 71 3.20 4.09 -81.16
C LYS C 71 2.13 4.93 -81.87
N LYS C 72 1.05 4.29 -82.34
CA LYS C 72 -0.08 4.96 -82.99
C LYS C 72 -0.85 5.83 -82.00
N LEU C 73 -1.30 7.05 -82.42
CA LEU C 73 -2.07 7.97 -81.56
C LEU C 73 -3.27 7.26 -80.90
N ARG C 74 -4.00 6.40 -81.67
CA ARG C 74 -5.15 5.64 -81.15
C ARG C 74 -4.75 4.77 -79.95
N ASP C 75 -3.53 4.19 -79.96
CA ASP C 75 -2.99 3.35 -78.87
C ASP C 75 -2.52 4.21 -77.71
N ILE C 76 -1.94 5.39 -78.00
CA ILE C 76 -1.50 6.33 -76.97
C ILE C 76 -2.74 6.80 -76.22
N LEU C 77 -3.82 7.20 -76.93
CA LEU C 77 -5.08 7.67 -76.37
C LEU C 77 -5.85 6.59 -75.61
N SER C 78 -5.71 5.31 -76.03
CA SER C 78 -6.40 4.20 -75.37
C SER C 78 -5.73 3.90 -74.03
N VAL C 79 -4.38 3.86 -73.99
CA VAL C 79 -3.63 3.67 -72.74
C VAL C 79 -4.00 4.80 -71.76
N LEU C 80 -4.08 6.05 -72.27
CA LEU C 80 -4.43 7.23 -71.48
C LEU C 80 -5.87 7.19 -70.95
N ARG C 81 -6.86 6.86 -71.81
CA ARG C 81 -8.27 6.73 -71.41
C ARG C 81 -8.43 5.63 -70.37
N ASP C 82 -7.76 4.47 -70.56
CA ASP C 82 -7.79 3.33 -69.63
C ASP C 82 -7.12 3.64 -68.27
N ALA C 83 -6.02 4.42 -68.28
CA ALA C 83 -5.28 4.78 -67.07
C ALA C 83 -5.94 5.88 -66.25
N TYR C 84 -6.50 6.88 -66.94
CA TYR C 84 -6.98 8.08 -66.26
C TYR C 84 -8.48 8.36 -66.31
N CYS C 85 -9.27 7.68 -67.17
CA CYS C 85 -10.69 8.00 -67.30
C CYS C 85 -11.61 6.79 -67.16
N ARG C 86 -11.19 5.75 -66.47
CA ARG C 86 -12.06 4.61 -66.26
C ARG C 86 -12.64 4.67 -64.85
N HIS C 87 -12.29 3.73 -63.98
CA HIS C 87 -12.85 3.73 -62.63
C HIS C 87 -11.89 4.30 -61.62
N VAL C 88 -10.72 4.81 -62.08
CA VAL C 88 -9.72 5.40 -61.19
C VAL C 88 -9.32 6.79 -61.70
N GLY C 89 -9.49 7.79 -60.83
CA GLY C 89 -9.07 9.16 -61.09
C GLY C 89 -7.74 9.36 -60.39
N VAL C 90 -6.66 9.59 -61.14
CA VAL C 90 -5.32 9.73 -60.56
C VAL C 90 -4.95 11.20 -60.52
N GLU C 91 -4.58 11.72 -59.34
CA GLU C 91 -4.07 13.07 -59.17
C GLU C 91 -2.64 12.96 -58.69
N TYR C 92 -1.67 13.32 -59.56
CA TYR C 92 -0.26 13.17 -59.19
C TYR C 92 0.64 14.23 -59.82
N THR C 93 0.15 15.03 -60.77
CA THR C 93 1.02 15.99 -61.44
C THR C 93 1.33 17.21 -60.56
N HIS C 94 0.65 17.34 -59.42
CA HIS C 94 0.91 18.39 -58.42
C HIS C 94 2.14 18.05 -57.57
N ILE C 95 2.65 16.80 -57.67
CA ILE C 95 3.79 16.32 -56.92
C ILE C 95 5.05 17.01 -57.48
N LEU C 96 5.83 17.64 -56.60
CA LEU C 96 7.00 18.38 -57.05
C LEU C 96 8.19 17.47 -57.40
N GLU C 97 8.30 16.28 -56.79
CA GLU C 97 9.41 15.36 -57.06
C GLU C 97 9.16 14.69 -58.43
N PRO C 98 10.04 14.92 -59.45
CA PRO C 98 9.84 14.29 -60.78
C PRO C 98 9.91 12.77 -60.74
N GLU C 99 10.79 12.19 -59.87
CA GLU C 99 10.92 10.73 -59.74
C GLU C 99 9.62 10.07 -59.22
N GLN C 100 8.80 10.81 -58.46
CA GLN C 100 7.54 10.29 -57.94
C GLN C 100 6.48 10.32 -59.04
N GLN C 101 6.41 11.43 -59.80
CA GLN C 101 5.49 11.55 -60.95
C GLN C 101 5.77 10.45 -62.00
N ARG C 102 7.07 10.22 -62.28
CA ARG C 102 7.55 9.21 -63.23
C ARG C 102 7.16 7.79 -62.77
N TRP C 103 7.38 7.46 -61.48
CA TRP C 103 7.05 6.16 -60.88
C TRP C 103 5.54 5.85 -61.04
N ILE C 104 4.68 6.85 -60.78
CA ILE C 104 3.22 6.66 -60.89
C ILE C 104 2.83 6.45 -62.35
N GLN C 105 3.27 7.38 -63.23
CA GLN C 105 3.08 7.38 -64.68
C GLN C 105 3.41 6.00 -65.28
N GLU C 106 4.54 5.42 -64.89
CA GLU C 106 5.01 4.13 -65.40
C GLU C 106 4.12 2.98 -64.98
N ARG C 107 3.58 3.00 -63.74
CA ARG C 107 2.72 1.91 -63.27
C ARG C 107 1.28 2.01 -63.73
N VAL C 108 0.83 3.24 -63.98
CA VAL C 108 -0.54 3.55 -64.36
C VAL C 108 -0.72 3.48 -65.90
N GLU C 109 0.31 3.90 -66.68
CA GLU C 109 0.24 3.94 -68.15
C GLU C 109 0.81 2.69 -68.82
N THR C 110 0.26 1.52 -68.49
CA THR C 110 0.66 0.25 -69.09
C THR C 110 -0.56 -0.62 -69.32
N LYS C 111 -0.45 -1.59 -70.24
CA LYS C 111 -1.51 -2.56 -70.48
C LYS C 111 -1.45 -3.54 -69.30
N HIS C 112 -2.38 -3.41 -68.35
CA HIS C 112 -2.40 -4.23 -67.15
C HIS C 112 -2.94 -5.63 -67.44
N ASP C 113 -2.27 -6.64 -66.87
CA ASP C 113 -2.70 -8.04 -66.96
C ASP C 113 -3.98 -8.19 -66.13
N LYS C 114 -5.07 -8.69 -66.74
CA LYS C 114 -6.36 -8.88 -66.07
C LYS C 114 -6.16 -9.77 -64.84
N PRO C 115 -6.85 -9.54 -63.69
CA PRO C 115 -6.60 -10.43 -62.53
C PRO C 115 -7.01 -11.87 -62.84
N THR C 116 -6.33 -12.85 -62.23
CA THR C 116 -6.67 -14.26 -62.38
C THR C 116 -8.03 -14.49 -61.76
N VAL C 117 -8.79 -15.48 -62.28
CA VAL C 117 -10.11 -15.85 -61.77
C VAL C 117 -10.02 -16.10 -60.24
N ALA C 118 -8.93 -16.75 -59.77
CA ALA C 118 -8.65 -17.02 -58.37
C ALA C 118 -8.63 -15.73 -57.53
N GLU C 119 -7.94 -14.69 -58.04
CA GLU C 119 -7.86 -13.37 -57.40
C GLU C 119 -9.23 -12.68 -57.36
N GLN C 120 -10.01 -12.84 -58.46
CA GLN C 120 -11.37 -12.29 -58.57
C GLN C 120 -12.28 -12.97 -57.54
N LYS C 121 -12.15 -14.32 -57.42
CA LYS C 121 -12.91 -15.13 -56.47
C LYS C 121 -12.55 -14.76 -55.04
N TYR C 122 -11.25 -14.44 -54.79
CA TYR C 122 -10.78 -14.02 -53.47
C TYR C 122 -11.42 -12.69 -53.07
N ILE C 123 -11.43 -11.71 -54.01
CA ILE C 123 -12.03 -10.38 -53.79
C ILE C 123 -13.53 -10.57 -53.52
N LEU C 124 -14.20 -11.44 -54.29
CA LEU C 124 -15.63 -11.70 -54.10
C LEU C 124 -15.91 -12.36 -52.74
N SER C 125 -15.02 -13.26 -52.28
CA SER C 125 -15.19 -13.88 -50.95
C SER C 125 -15.10 -12.81 -49.84
N LYS C 126 -14.27 -11.76 -50.05
CA LYS C 126 -14.13 -10.67 -49.07
C LYS C 126 -15.41 -9.82 -49.05
N LEU C 127 -16.00 -9.57 -50.23
CA LEU C 127 -17.28 -8.86 -50.35
C LEU C 127 -18.40 -9.70 -49.74
N ASN C 128 -18.33 -11.03 -49.92
CA ASN C 128 -19.30 -11.96 -49.32
C ASN C 128 -19.25 -11.82 -47.82
N ALA C 129 -18.07 -11.95 -47.22
CA ALA C 129 -17.87 -11.82 -45.78
C ALA C 129 -18.33 -10.45 -45.29
N ALA C 130 -17.94 -9.37 -46.01
CA ALA C 130 -18.33 -8.00 -45.65
C ALA C 130 -19.84 -7.80 -45.68
N GLU C 131 -20.52 -8.23 -46.74
CA GLU C 131 -21.98 -8.08 -46.84
C GLU C 131 -22.72 -8.99 -45.87
N ALA C 132 -22.22 -10.24 -45.68
CA ALA C 132 -22.82 -11.18 -44.73
C ALA C 132 -22.82 -10.58 -43.33
N PHE C 133 -21.72 -9.94 -42.96
CA PHE C 133 -21.58 -9.28 -41.67
C PHE C 133 -22.64 -8.16 -41.52
N GLU C 134 -22.80 -7.30 -42.55
CA GLU C 134 -23.72 -6.16 -42.48
C GLU C 134 -25.17 -6.58 -42.34
N THR C 135 -25.61 -7.60 -43.10
CA THR C 135 -26.99 -8.09 -43.03
C THR C 135 -27.28 -8.66 -41.64
N PHE C 136 -26.30 -9.36 -41.06
CA PHE C 136 -26.43 -9.89 -39.72
C PHE C 136 -26.59 -8.76 -38.70
N LEU C 137 -25.66 -7.76 -38.75
CA LEU C 137 -25.65 -6.63 -37.83
C LEU C 137 -26.97 -5.84 -37.87
N GLN C 138 -27.52 -5.61 -39.07
CA GLN C 138 -28.78 -4.86 -39.20
C GLN C 138 -30.01 -5.72 -38.93
N THR C 139 -29.90 -7.06 -39.01
CA THR C 139 -31.04 -7.94 -38.77
C THR C 139 -31.13 -8.37 -37.30
N LYS C 140 -30.00 -8.77 -36.68
CA LYS C 140 -29.99 -9.26 -35.30
C LYS C 140 -30.19 -8.14 -34.27
N TYR C 141 -29.48 -7.01 -34.41
CA TYR C 141 -29.57 -5.97 -33.40
C TYR C 141 -30.31 -4.72 -33.84
N VAL C 142 -30.75 -3.97 -32.84
CA VAL C 142 -31.43 -2.69 -32.99
C VAL C 142 -30.38 -1.59 -32.68
N GLY C 143 -30.50 -0.47 -33.40
CA GLY C 143 -29.61 0.67 -33.28
C GLY C 143 -28.28 0.59 -33.99
N GLN C 144 -28.15 -0.29 -35.00
CA GLN C 144 -26.88 -0.42 -35.74
C GLN C 144 -26.84 0.38 -37.08
N LYS C 145 -27.99 0.98 -37.50
CA LYS C 145 -28.09 1.74 -38.76
C LYS C 145 -27.00 2.80 -38.87
N ARG C 146 -26.66 3.45 -37.76
CA ARG C 146 -25.64 4.48 -37.64
C ARG C 146 -24.27 3.99 -38.15
N PHE C 147 -23.93 2.74 -37.84
CA PHE C 147 -22.62 2.14 -38.15
C PHE C 147 -22.61 1.30 -39.44
N SER C 148 -23.74 1.25 -40.17
CA SER C 148 -23.84 0.46 -41.40
C SER C 148 -22.77 0.80 -42.44
N LEU C 149 -22.14 -0.25 -42.97
CA LEU C 149 -21.15 -0.15 -44.04
C LEU C 149 -21.83 -0.46 -45.39
N GLU C 150 -23.18 -0.63 -45.40
CA GLU C 150 -23.90 -0.93 -46.65
C GLU C 150 -23.76 0.22 -47.62
N GLY C 151 -23.32 -0.15 -48.82
CA GLY C 151 -23.04 0.77 -49.91
C GLY C 151 -21.56 1.09 -49.99
N ALA C 152 -20.77 0.65 -48.98
CA ALA C 152 -19.34 0.94 -48.88
C ALA C 152 -18.51 -0.34 -48.54
N GLU C 153 -19.10 -1.55 -48.73
CA GLU C 153 -18.49 -2.86 -48.42
C GLU C 153 -17.14 -3.09 -49.12
N THR C 154 -16.94 -2.43 -50.25
CA THR C 154 -15.68 -2.55 -51.01
C THR C 154 -14.47 -2.07 -50.18
N VAL C 155 -14.70 -1.33 -49.08
CA VAL C 155 -13.58 -0.91 -48.21
C VAL C 155 -12.91 -2.16 -47.56
N ILE C 156 -13.64 -3.29 -47.44
CA ILE C 156 -13.07 -4.50 -46.81
C ILE C 156 -12.06 -5.17 -47.76
N PRO C 157 -12.38 -5.55 -49.05
CA PRO C 157 -11.31 -6.11 -49.92
C PRO C 157 -10.19 -5.08 -50.13
N MET C 158 -10.51 -3.76 -50.07
CA MET C 158 -9.49 -2.71 -50.20
C MET C 158 -8.51 -2.76 -49.03
N MET C 159 -9.02 -2.84 -47.78
CA MET C 159 -8.15 -2.89 -46.57
C MET C 159 -7.41 -4.20 -46.56
N ASP C 160 -8.08 -5.26 -47.02
CA ASP C 160 -7.46 -6.58 -47.11
C ASP C 160 -6.24 -6.53 -48.05
N ALA C 161 -6.37 -5.84 -49.21
CA ALA C 161 -5.30 -5.68 -50.20
C ALA C 161 -4.17 -4.84 -49.61
N VAL C 162 -4.50 -3.80 -48.82
CA VAL C 162 -3.48 -2.96 -48.19
C VAL C 162 -2.60 -3.85 -47.28
N ILE C 163 -3.23 -4.60 -46.38
CA ILE C 163 -2.55 -5.42 -45.37
C ILE C 163 -1.77 -6.57 -46.06
N ASP C 164 -2.37 -7.21 -47.07
CA ASP C 164 -1.73 -8.29 -47.82
C ASP C 164 -0.45 -7.79 -48.53
N GLN C 165 -0.52 -6.60 -49.13
CA GLN C 165 0.62 -5.96 -49.79
C GLN C 165 1.70 -5.57 -48.75
N CYS C 166 1.30 -5.15 -47.54
CA CYS C 166 2.27 -4.83 -46.48
C CYS C 166 3.01 -6.12 -46.04
N ALA C 167 2.28 -7.26 -45.95
CA ALA C 167 2.87 -8.56 -45.63
C ALA C 167 3.81 -9.04 -46.75
N GLU C 168 3.44 -8.76 -48.03
CA GLU C 168 4.25 -9.09 -49.22
C GLU C 168 5.61 -8.35 -49.16
N HIS C 169 5.62 -7.13 -48.60
CA HIS C 169 6.83 -6.33 -48.41
C HIS C 169 7.64 -6.76 -47.16
N GLY C 170 7.14 -7.78 -46.45
CA GLY C 170 7.76 -8.33 -45.24
C GLY C 170 7.70 -7.40 -44.04
N LEU C 171 6.69 -6.54 -43.95
CA LEU C 171 6.56 -5.56 -42.87
C LEU C 171 6.02 -6.21 -41.58
N ASP C 172 6.21 -5.51 -40.45
CA ASP C 172 5.89 -6.08 -39.13
C ASP C 172 4.47 -5.87 -38.67
N GLU C 173 3.87 -4.72 -38.95
CA GLU C 173 2.53 -4.46 -38.42
C GLU C 173 1.83 -3.36 -39.18
N VAL C 174 0.49 -3.45 -39.21
CA VAL C 174 -0.37 -2.42 -39.77
C VAL C 174 -1.21 -1.93 -38.58
N VAL C 175 -1.16 -0.63 -38.27
CA VAL C 175 -1.96 -0.08 -37.18
C VAL C 175 -3.07 0.75 -37.83
N ILE C 176 -4.31 0.43 -37.50
CA ILE C 176 -5.49 1.10 -38.06
C ILE C 176 -6.09 2.11 -37.08
N ALA C 177 -6.56 3.23 -37.61
CA ALA C 177 -7.37 4.23 -36.91
C ALA C 177 -8.51 4.53 -37.81
N MET C 178 -9.72 4.49 -37.26
CA MET C 178 -10.91 4.70 -38.05
C MET C 178 -12.05 5.23 -37.18
N PRO C 179 -13.09 5.84 -37.78
CA PRO C 179 -14.27 6.19 -36.98
C PRO C 179 -15.17 4.93 -36.89
N HIS C 180 -16.44 5.09 -36.50
CA HIS C 180 -17.31 3.95 -36.19
C HIS C 180 -17.87 3.16 -37.39
N ARG C 181 -18.09 3.80 -38.56
CA ARG C 181 -18.71 3.10 -39.70
C ARG C 181 -17.91 1.88 -40.13
N GLY C 182 -18.56 0.72 -40.04
CA GLY C 182 -17.99 -0.56 -40.43
C GLY C 182 -16.94 -1.11 -39.48
N ARG C 183 -16.82 -0.52 -38.26
CA ARG C 183 -15.80 -0.88 -37.29
C ARG C 183 -15.84 -2.36 -36.84
N LEU C 184 -17.03 -2.90 -36.60
CA LEU C 184 -17.13 -4.31 -36.21
C LEU C 184 -16.85 -5.21 -37.39
N ASN C 185 -17.12 -4.73 -38.62
CA ASN C 185 -16.84 -5.47 -39.86
C ASN C 185 -15.33 -5.58 -40.06
N VAL C 186 -14.60 -4.49 -39.75
CA VAL C 186 -13.13 -4.43 -39.82
C VAL C 186 -12.56 -5.38 -38.76
N LEU C 187 -13.15 -5.37 -37.55
CA LEU C 187 -12.68 -6.31 -36.50
C LEU C 187 -12.74 -7.76 -36.95
N ALA C 188 -13.88 -8.17 -37.56
CA ALA C 188 -14.07 -9.55 -37.99
C ALA C 188 -13.33 -9.91 -39.26
N ASN C 189 -13.40 -9.06 -40.30
CA ASN C 189 -12.88 -9.43 -41.60
C ASN C 189 -11.48 -8.87 -41.94
N ILE C 190 -10.89 -8.04 -41.05
CA ILE C 190 -9.56 -7.44 -41.27
C ILE C 190 -8.64 -7.82 -40.10
N VAL C 191 -9.00 -7.43 -38.85
CA VAL C 191 -8.22 -7.75 -37.63
C VAL C 191 -8.31 -9.26 -37.36
N GLY C 192 -9.42 -9.87 -37.77
CA GLY C 192 -9.64 -11.30 -37.60
C GLY C 192 -10.09 -11.66 -36.21
N LYS C 193 -10.80 -10.73 -35.52
CA LYS C 193 -11.35 -11.00 -34.19
C LYS C 193 -12.49 -12.06 -34.31
N PRO C 194 -12.55 -13.12 -33.45
CA PRO C 194 -13.69 -14.07 -33.54
C PRO C 194 -14.98 -13.38 -33.13
N TYR C 195 -16.12 -13.83 -33.66
CA TYR C 195 -17.43 -13.27 -33.33
C TYR C 195 -17.73 -13.34 -31.81
N SER C 196 -17.25 -14.41 -31.14
CA SER C 196 -17.41 -14.63 -29.69
C SER C 196 -16.85 -13.44 -28.90
N GLN C 197 -15.72 -12.88 -29.37
CA GLN C 197 -15.09 -11.73 -28.75
C GLN C 197 -15.81 -10.43 -29.10
N ILE C 198 -16.14 -10.21 -30.40
CA ILE C 198 -16.78 -8.99 -30.89
C ILE C 198 -18.14 -8.74 -30.23
N PHE C 199 -19.03 -9.73 -30.26
CA PHE C 199 -20.39 -9.59 -29.81
C PHE C 199 -20.62 -9.97 -28.29
N SER C 200 -19.54 -10.22 -27.51
CA SER C 200 -19.61 -10.53 -26.07
C SER C 200 -20.17 -9.33 -25.29
N GLU C 201 -21.30 -9.53 -24.57
CA GLU C 201 -22.01 -8.52 -23.78
C GLU C 201 -22.23 -7.22 -24.59
N GLY C 215 -22.51 4.03 -30.12
CA GLY C 215 -23.40 3.11 -29.41
C GLY C 215 -22.64 2.31 -28.37
N ASP C 216 -22.36 1.04 -28.67
CA ASP C 216 -21.63 0.17 -27.74
C ASP C 216 -20.16 0.61 -27.65
N VAL C 217 -19.57 0.42 -26.46
CA VAL C 217 -18.17 0.78 -26.17
C VAL C 217 -17.24 0.05 -27.17
N LYS C 218 -17.71 -1.11 -27.72
CA LYS C 218 -17.00 -1.93 -28.71
C LYS C 218 -16.55 -1.08 -29.89
N TYR C 219 -17.36 -0.05 -30.24
CA TYR C 219 -17.06 0.88 -31.33
C TYR C 219 -15.89 1.84 -31.04
N HIS C 220 -15.35 1.80 -29.82
CA HIS C 220 -14.25 2.70 -29.42
C HIS C 220 -13.00 1.96 -28.96
N LEU C 221 -13.09 0.66 -28.68
CA LEU C 221 -11.95 -0.07 -28.13
C LEU C 221 -10.85 -0.42 -29.13
N GLY C 222 -9.64 -0.58 -28.59
CA GLY C 222 -8.49 -1.06 -29.34
C GLY C 222 -8.63 -2.56 -29.54
N ALA C 223 -7.83 -3.12 -30.46
CA ALA C 223 -7.82 -4.55 -30.77
C ALA C 223 -6.51 -4.91 -31.41
N THR C 224 -6.14 -6.19 -31.31
CA THR C 224 -4.91 -6.67 -31.91
C THR C 224 -5.17 -8.05 -32.49
N GLY C 225 -4.55 -8.33 -33.63
CA GLY C 225 -4.72 -9.60 -34.31
C GLY C 225 -3.55 -9.93 -35.21
N THR C 226 -3.66 -11.05 -35.93
CA THR C 226 -2.64 -11.51 -36.87
C THR C 226 -3.29 -11.81 -38.20
N TYR C 227 -2.74 -11.22 -39.27
CA TYR C 227 -3.20 -11.46 -40.63
C TYR C 227 -2.24 -12.45 -41.28
N ILE C 228 -2.79 -13.52 -41.86
CA ILE C 228 -2.01 -14.56 -42.53
C ILE C 228 -2.42 -14.53 -44.00
N GLN C 229 -1.44 -14.33 -44.91
CA GLN C 229 -1.64 -14.24 -46.35
C GLN C 229 -2.36 -15.46 -46.92
N MET C 230 -3.22 -15.22 -47.91
CA MET C 230 -3.97 -16.26 -48.63
C MET C 230 -3.08 -16.94 -49.68
N PHE C 231 -2.48 -16.16 -50.59
CA PHE C 231 -1.64 -16.63 -51.70
C PHE C 231 -0.12 -16.50 -51.43
N GLY C 232 0.22 -16.05 -50.23
CA GLY C 232 1.61 -15.86 -49.81
C GLY C 232 1.94 -16.67 -48.57
N ASP C 233 3.23 -16.60 -48.18
CA ASP C 233 3.76 -17.32 -47.03
C ASP C 233 4.08 -16.37 -45.84
N ASN C 234 3.71 -15.09 -45.95
CA ASN C 234 3.98 -14.14 -44.87
C ASN C 234 2.74 -13.88 -44.01
N ASP C 235 2.99 -13.39 -42.79
CA ASP C 235 1.98 -12.98 -41.84
C ASP C 235 2.39 -11.60 -41.36
N ILE C 236 1.44 -10.84 -40.86
CA ILE C 236 1.69 -9.50 -40.36
C ILE C 236 0.71 -9.22 -39.20
N GLU C 237 1.18 -8.46 -38.19
CA GLU C 237 0.31 -8.09 -37.07
C GLU C 237 -0.61 -6.98 -37.54
N VAL C 238 -1.85 -6.98 -37.04
CA VAL C 238 -2.83 -5.95 -37.41
C VAL C 238 -3.46 -5.47 -36.13
N SER C 239 -3.40 -4.16 -35.88
CA SER C 239 -4.01 -3.63 -34.68
C SER C 239 -4.90 -2.43 -35.02
N LEU C 240 -5.79 -2.11 -34.09
CA LEU C 240 -6.74 -1.03 -34.18
C LEU C 240 -6.63 -0.22 -32.90
N THR C 241 -6.49 1.07 -33.03
CA THR C 241 -6.33 1.92 -31.87
C THR C 241 -7.73 2.39 -31.40
N ALA C 242 -7.82 2.72 -30.11
CA ALA C 242 -9.05 3.24 -29.51
C ALA C 242 -9.25 4.68 -29.93
N ASN C 243 -10.49 5.16 -29.89
CA ASN C 243 -10.77 6.55 -30.27
C ASN C 243 -12.09 7.05 -29.70
N PRO C 244 -12.25 8.37 -29.54
CA PRO C 244 -13.55 8.87 -29.11
C PRO C 244 -14.49 9.02 -30.31
N SER C 245 -15.70 9.58 -30.10
CA SER C 245 -16.60 9.82 -31.21
C SER C 245 -16.15 11.06 -32.02
N HIS C 246 -15.25 11.89 -31.45
CA HIS C 246 -14.68 13.09 -32.11
C HIS C 246 -13.93 12.65 -33.36
N LEU C 247 -14.57 12.84 -34.53
CA LEU C 247 -14.02 12.43 -35.82
C LEU C 247 -12.69 13.10 -36.07
N GLU C 248 -11.70 12.30 -36.51
CA GLU C 248 -10.34 12.67 -36.89
C GLU C 248 -9.41 13.01 -35.70
N ALA C 249 -9.94 13.09 -34.46
CA ALA C 249 -9.08 13.42 -33.28
C ALA C 249 -8.00 12.33 -33.05
N VAL C 250 -8.28 11.07 -33.44
CA VAL C 250 -7.34 9.96 -33.29
C VAL C 250 -6.18 10.05 -34.33
N ASP C 251 -6.33 10.86 -35.39
CA ASP C 251 -5.32 10.92 -36.47
C ASP C 251 -3.88 11.11 -35.95
N PRO C 252 -3.54 12.15 -35.14
CA PRO C 252 -2.14 12.29 -34.70
C PRO C 252 -1.77 11.24 -33.67
N VAL C 253 -2.78 10.67 -32.94
CA VAL C 253 -2.57 9.62 -31.92
C VAL C 253 -2.02 8.41 -32.62
N LEU C 254 -2.69 8.02 -33.74
CA LEU C 254 -2.23 6.88 -34.55
C LEU C 254 -0.80 7.09 -34.97
N GLU C 255 -0.46 8.28 -35.52
CA GLU C 255 0.92 8.56 -35.94
C GLU C 255 1.94 8.35 -34.78
N GLY C 256 1.70 8.92 -33.62
CA GLY C 256 2.64 8.80 -32.49
C GLY C 256 2.79 7.35 -32.00
N LEU C 257 1.69 6.62 -32.03
CA LEU C 257 1.68 5.23 -31.60
C LEU C 257 2.50 4.40 -32.56
N VAL C 258 2.40 4.67 -33.87
CA VAL C 258 3.18 3.93 -34.89
C VAL C 258 4.64 4.32 -34.78
N ARG C 259 4.91 5.59 -34.59
CA ARG C 259 6.29 6.06 -34.43
C ARG C 259 6.97 5.39 -33.23
N ALA C 260 6.25 5.23 -32.10
CA ALA C 260 6.77 4.55 -30.89
C ALA C 260 7.10 3.08 -31.18
N LYS C 261 6.22 2.38 -31.94
CA LYS C 261 6.43 0.99 -32.36
C LYS C 261 7.64 0.88 -33.28
N GLN C 262 7.79 1.83 -34.24
CA GLN C 262 8.94 1.86 -35.17
C GLN C 262 10.26 2.10 -34.40
N ASP C 263 10.23 3.00 -33.41
CA ASP C 263 11.42 3.30 -32.60
C ASP C 263 11.83 2.04 -31.82
N LEU C 264 10.85 1.27 -31.30
CA LEU C 264 11.12 0.02 -30.59
C LEU C 264 11.74 -1.05 -31.51
N LEU C 265 11.32 -1.09 -32.78
CA LEU C 265 11.78 -2.09 -33.74
C LEU C 265 13.04 -1.66 -34.45
N ASP C 266 13.55 -0.46 -34.13
CA ASP C 266 14.76 0.11 -34.72
C ASP C 266 14.56 0.21 -36.25
N THR C 267 13.36 0.69 -36.66
CA THR C 267 12.99 0.86 -38.06
C THR C 267 12.50 2.28 -38.27
N GLY C 268 12.98 2.90 -39.34
CA GLY C 268 12.57 4.24 -39.70
C GLY C 268 13.57 5.34 -39.41
N GLU C 269 13.03 6.48 -38.92
CA GLU C 269 13.81 7.68 -38.64
C GLU C 269 14.82 7.48 -37.49
N GLU C 270 14.43 6.77 -36.42
CA GLU C 270 15.37 6.53 -35.31
C GLU C 270 15.91 5.09 -35.34
N GLY C 271 16.02 4.52 -36.54
CA GLY C 271 16.53 3.16 -36.75
C GLY C 271 17.87 3.14 -37.45
N ARG C 275 13.53 1.59 -41.96
CA ARG C 275 12.67 0.62 -42.66
C ARG C 275 11.18 0.98 -42.55
N PHE C 276 10.77 1.68 -41.47
CA PHE C 276 9.37 2.10 -41.25
C PHE C 276 8.43 0.89 -41.38
N SER C 277 8.80 -0.20 -40.71
CA SER C 277 8.17 -1.51 -40.79
C SER C 277 6.81 -1.59 -40.09
N VAL C 278 6.31 -0.47 -39.61
CA VAL C 278 4.99 -0.38 -38.97
C VAL C 278 4.23 0.66 -39.81
N VAL C 279 3.08 0.25 -40.37
CA VAL C 279 2.35 1.10 -41.31
C VAL C 279 1.08 1.66 -40.72
N PRO C 280 0.94 3.00 -40.72
CA PRO C 280 -0.34 3.58 -40.31
C PRO C 280 -1.35 3.45 -41.45
N LEU C 281 -2.53 2.91 -41.15
CA LEU C 281 -3.65 2.80 -42.10
C LEU C 281 -4.79 3.61 -41.48
N MET C 282 -5.04 4.79 -42.03
CA MET C 282 -5.99 5.72 -41.42
C MET C 282 -7.25 5.85 -42.25
N LEU C 283 -8.41 5.51 -41.67
CA LEU C 283 -9.69 5.65 -42.35
C LEU C 283 -10.36 6.95 -41.99
N HIS C 284 -11.16 7.47 -42.90
CA HIS C 284 -11.87 8.74 -42.72
C HIS C 284 -13.22 8.74 -43.42
N GLY C 285 -14.07 9.71 -43.05
CA GLY C 285 -15.32 9.98 -43.76
C GLY C 285 -15.04 11.24 -44.57
N ASP C 286 -15.78 11.49 -45.66
CA ASP C 286 -15.53 12.63 -46.57
C ASP C 286 -15.75 13.95 -45.93
N ALA C 287 -16.87 14.14 -45.13
CA ALA C 287 -17.11 15.44 -44.54
C ALA C 287 -16.09 15.79 -43.46
N ALA C 288 -15.75 14.83 -42.59
CA ALA C 288 -14.78 15.04 -41.52
C ALA C 288 -13.36 15.30 -42.04
N PHE C 289 -12.94 14.59 -43.10
CA PHE C 289 -11.61 14.75 -43.69
C PHE C 289 -11.40 16.18 -44.21
N ALA C 290 -12.46 16.77 -44.83
CA ALA C 290 -12.39 18.14 -45.35
C ALA C 290 -12.55 19.24 -44.27
N GLY C 291 -13.38 19.00 -43.24
CA GLY C 291 -13.66 20.04 -42.26
C GLY C 291 -12.82 20.12 -41.01
N GLN C 292 -12.20 19.02 -40.57
CA GLN C 292 -11.45 18.98 -39.32
C GLN C 292 -9.98 19.42 -39.53
N GLY C 293 -9.58 20.46 -38.84
CA GLY C 293 -8.23 21.04 -38.94
C GLY C 293 -7.12 20.10 -38.56
N VAL C 294 -7.42 19.14 -37.64
CA VAL C 294 -6.41 18.19 -37.19
C VAL C 294 -5.85 17.32 -38.36
N VAL C 295 -6.64 17.14 -39.43
CA VAL C 295 -6.20 16.36 -40.60
C VAL C 295 -4.96 17.04 -41.20
N ALA C 296 -5.05 18.35 -41.48
CA ALA C 296 -3.94 19.15 -42.04
C ALA C 296 -2.75 19.20 -41.07
N GLU C 297 -3.03 19.36 -39.74
CA GLU C 297 -1.98 19.35 -38.71
C GLU C 297 -1.22 18.02 -38.71
N THR C 298 -1.93 16.90 -38.93
CA THR C 298 -1.36 15.54 -38.93
C THR C 298 -0.62 15.28 -40.23
N LEU C 299 -1.21 15.66 -41.39
CA LEU C 299 -0.50 15.58 -42.68
C LEU C 299 0.81 16.37 -42.60
N ASN C 300 0.79 17.52 -41.90
CA ASN C 300 1.99 18.36 -41.77
C ASN C 300 3.15 17.63 -41.07
N LEU C 301 2.85 16.58 -40.26
CA LEU C 301 3.88 15.82 -39.54
C LEU C 301 4.56 14.77 -40.40
N ALA C 302 3.96 14.39 -41.53
CA ALA C 302 4.31 13.23 -42.36
C ALA C 302 5.77 13.10 -42.78
N LEU C 303 6.51 14.21 -42.96
CA LEU C 303 7.92 14.08 -43.36
C LEU C 303 8.88 14.67 -42.30
N LEU C 304 8.35 15.13 -41.14
CA LEU C 304 9.20 15.73 -40.10
C LEU C 304 10.10 14.70 -39.44
N ARG C 305 11.38 15.03 -39.19
CA ARG C 305 12.29 14.05 -38.55
C ARG C 305 11.74 13.57 -37.18
N GLY C 306 11.10 14.45 -36.42
CA GLY C 306 10.56 14.06 -35.12
C GLY C 306 9.25 13.31 -35.14
N TYR C 307 8.55 13.30 -36.30
CA TYR C 307 7.18 12.75 -36.33
C TYR C 307 6.86 11.82 -37.47
N ARG C 308 7.74 11.74 -38.50
CA ARG C 308 7.49 10.89 -39.67
C ARG C 308 7.32 9.44 -39.28
N THR C 309 6.45 8.74 -40.01
CA THR C 309 6.21 7.31 -39.79
C THR C 309 6.41 6.53 -41.09
N GLY C 310 7.07 7.13 -42.09
CA GLY C 310 7.35 6.52 -43.39
C GLY C 310 6.19 6.53 -44.38
N GLY C 311 5.19 7.38 -44.13
CA GLY C 311 4.02 7.50 -44.97
C GLY C 311 2.84 6.69 -44.47
N THR C 312 1.69 7.34 -44.41
CA THR C 312 0.42 6.79 -43.98
C THR C 312 -0.44 6.45 -45.19
N ILE C 313 -1.12 5.31 -45.15
CA ILE C 313 -2.07 4.94 -46.19
C ILE C 313 -3.41 5.48 -45.69
N HIS C 314 -3.97 6.46 -46.40
CA HIS C 314 -5.29 7.01 -46.02
C HIS C 314 -6.37 6.42 -46.92
N ILE C 315 -7.51 6.04 -46.32
CA ILE C 315 -8.67 5.58 -47.06
C ILE C 315 -9.84 6.44 -46.62
N VAL C 316 -10.41 7.22 -47.54
CA VAL C 316 -11.59 8.01 -47.22
C VAL C 316 -12.80 7.24 -47.74
N VAL C 317 -13.71 6.89 -46.84
CA VAL C 317 -14.95 6.25 -47.21
C VAL C 317 -15.85 7.40 -47.66
N ASN C 318 -15.81 7.71 -48.94
CA ASN C 318 -16.52 8.86 -49.47
C ASN C 318 -17.93 8.48 -49.97
N ASN C 319 -18.92 8.55 -49.07
CA ASN C 319 -20.32 8.21 -49.42
C ASN C 319 -21.08 9.45 -49.87
N GLN C 320 -20.34 10.55 -50.09
CA GLN C 320 -20.83 11.79 -50.73
C GLN C 320 -21.95 12.47 -49.93
N ILE C 321 -21.87 12.33 -48.61
CA ILE C 321 -22.84 12.88 -47.64
C ILE C 321 -22.20 12.91 -46.25
N GLY C 322 -22.61 13.88 -45.44
CA GLY C 322 -22.18 13.98 -44.05
C GLY C 322 -23.41 14.17 -43.19
N PHE C 323 -24.04 13.05 -42.74
CA PHE C 323 -25.32 13.01 -41.99
C PHE C 323 -26.42 13.53 -42.92
N THR C 324 -26.83 14.82 -42.86
CA THR C 324 -27.84 15.32 -43.83
C THR C 324 -27.21 16.30 -44.85
N THR C 325 -25.94 16.60 -44.66
CA THR C 325 -25.22 17.63 -45.40
C THR C 325 -24.59 17.12 -46.67
N ALA C 326 -24.87 17.86 -47.75
CA ALA C 326 -24.33 17.63 -49.08
C ALA C 326 -22.87 18.15 -49.16
N PRO C 327 -22.02 17.53 -50.00
CA PRO C 327 -20.61 17.98 -50.14
C PRO C 327 -20.43 19.48 -50.45
N THR C 328 -21.35 20.11 -51.17
CA THR C 328 -21.25 21.55 -51.51
C THR C 328 -21.32 22.46 -50.26
N ASP C 329 -21.87 21.96 -49.13
CA ASP C 329 -21.90 22.69 -47.86
C ASP C 329 -20.76 22.22 -46.93
N SER C 330 -20.07 21.11 -47.29
CA SER C 330 -19.02 20.54 -46.44
C SER C 330 -17.58 20.96 -46.83
N ARG C 331 -17.36 21.35 -48.09
CA ARG C 331 -16.00 21.72 -48.55
C ARG C 331 -16.06 22.72 -49.69
N SER C 332 -14.96 23.43 -49.90
CA SER C 332 -14.78 24.49 -50.92
C SER C 332 -13.88 24.01 -52.04
N SER C 333 -13.74 22.70 -52.22
CA SER C 333 -12.92 22.17 -53.28
C SER C 333 -13.61 20.98 -53.97
N GLU C 334 -13.07 20.56 -55.12
CA GLU C 334 -13.59 19.48 -55.95
C GLU C 334 -13.70 18.17 -55.19
N TYR C 335 -12.64 17.78 -54.49
CA TYR C 335 -12.59 16.52 -53.74
C TYR C 335 -12.42 16.71 -52.24
N CYS C 336 -12.98 15.78 -51.44
CA CYS C 336 -12.83 15.82 -49.98
C CYS C 336 -11.36 15.62 -49.57
N THR C 337 -10.54 15.04 -50.48
CA THR C 337 -9.12 14.75 -50.24
C THR C 337 -8.13 15.86 -50.63
N ASP C 338 -8.60 17.02 -51.08
CA ASP C 338 -7.72 18.09 -51.58
C ASP C 338 -6.72 18.66 -50.55
N VAL C 339 -7.00 18.51 -49.24
CA VAL C 339 -6.09 18.88 -48.17
C VAL C 339 -4.77 18.07 -48.30
N ALA C 340 -4.84 16.84 -48.81
CA ALA C 340 -3.64 16.01 -48.97
C ALA C 340 -2.62 16.57 -50.00
N LYS C 341 -3.05 17.52 -50.88
CA LYS C 341 -2.15 18.20 -51.82
C LYS C 341 -1.15 19.08 -51.02
N MET C 342 -1.49 19.43 -49.76
CA MET C 342 -0.65 20.21 -48.83
C MET C 342 0.78 19.62 -48.73
N ILE C 343 0.93 18.29 -48.84
CA ILE C 343 2.25 17.63 -48.72
C ILE C 343 2.62 16.87 -49.98
N GLY C 344 1.94 17.19 -51.08
CA GLY C 344 2.22 16.58 -52.37
C GLY C 344 1.98 15.09 -52.39
N ALA C 345 0.92 14.64 -51.69
CA ALA C 345 0.60 13.23 -51.66
C ALA C 345 -0.11 12.82 -52.96
N PRO C 346 0.17 11.63 -53.55
CA PRO C 346 -0.65 11.20 -54.69
C PRO C 346 -2.07 10.83 -54.21
N ILE C 347 -3.09 11.16 -55.00
CA ILE C 347 -4.48 10.89 -54.65
C ILE C 347 -5.14 10.04 -55.74
N PHE C 348 -5.79 8.94 -55.30
CA PHE C 348 -6.51 8.04 -56.20
C PHE C 348 -7.98 8.04 -55.85
N HIS C 349 -8.83 8.51 -56.77
CA HIS C 349 -10.27 8.52 -56.58
C HIS C 349 -10.77 7.24 -57.23
N VAL C 350 -11.37 6.31 -56.45
CA VAL C 350 -11.76 5.02 -56.99
C VAL C 350 -13.26 4.73 -56.83
N ASN C 351 -13.83 4.07 -57.83
CA ASN C 351 -15.23 3.71 -57.85
C ASN C 351 -15.44 2.49 -56.96
N GLY C 352 -16.19 2.69 -55.88
CA GLY C 352 -16.53 1.67 -54.88
C GLY C 352 -17.30 0.48 -55.41
N ASP C 353 -17.89 0.59 -56.62
CA ASP C 353 -18.60 -0.51 -57.25
C ASP C 353 -17.62 -1.36 -58.08
N ASP C 354 -16.33 -0.97 -58.16
CA ASP C 354 -15.32 -1.77 -58.87
C ASP C 354 -14.30 -2.28 -57.83
N PRO C 355 -14.56 -3.43 -57.18
CA PRO C 355 -13.64 -3.89 -56.13
C PRO C 355 -12.25 -4.30 -56.66
N GLU C 356 -12.14 -4.68 -57.96
CA GLU C 356 -10.84 -4.99 -58.60
C GLU C 356 -9.97 -3.75 -58.66
N ALA C 357 -10.54 -2.61 -59.12
CA ALA C 357 -9.81 -1.35 -59.22
C ALA C 357 -9.44 -0.83 -57.80
N CYS C 358 -10.33 -1.05 -56.81
CA CYS C 358 -10.12 -0.66 -55.41
C CYS C 358 -8.95 -1.45 -54.79
N ALA C 359 -8.91 -2.77 -55.03
CA ALA C 359 -7.84 -3.62 -54.50
C ALA C 359 -6.51 -3.30 -55.19
N TRP C 360 -6.54 -3.00 -56.51
CA TRP C 360 -5.36 -2.65 -57.31
C TRP C 360 -4.74 -1.34 -56.81
N VAL C 361 -5.57 -0.33 -56.57
CA VAL C 361 -5.14 0.99 -56.07
C VAL C 361 -4.55 0.86 -54.63
N ALA C 362 -5.11 -0.03 -53.79
CA ALA C 362 -4.63 -0.29 -52.43
C ALA C 362 -3.21 -0.85 -52.48
N ARG C 363 -2.96 -1.81 -53.39
CA ARG C 363 -1.63 -2.40 -53.56
C ARG C 363 -0.64 -1.37 -54.13
N LEU C 364 -1.06 -0.56 -55.14
CA LEU C 364 -0.21 0.50 -55.69
C LEU C 364 0.17 1.54 -54.58
N ALA C 365 -0.79 1.91 -53.72
CA ALA C 365 -0.61 2.84 -52.61
C ALA C 365 0.47 2.33 -51.66
N VAL C 366 0.42 1.03 -51.30
CA VAL C 366 1.43 0.46 -50.41
C VAL C 366 2.83 0.51 -51.10
N ASP C 367 2.90 0.18 -52.39
CA ASP C 367 4.18 0.21 -53.14
C ASP C 367 4.76 1.64 -53.19
N PHE C 368 3.89 2.68 -53.40
CA PHE C 368 4.34 4.08 -53.41
C PHE C 368 4.92 4.47 -52.04
N ARG C 369 4.18 4.14 -50.96
CA ARG C 369 4.59 4.40 -49.57
C ARG C 369 5.93 3.73 -49.31
N GLN C 370 6.12 2.46 -49.75
CA GLN C 370 7.41 1.79 -49.55
C GLN C 370 8.53 2.43 -50.36
N ALA C 371 8.25 2.86 -51.60
CA ALA C 371 9.27 3.47 -52.45
C ALA C 371 9.69 4.86 -51.98
N PHE C 372 8.73 5.71 -51.55
CA PHE C 372 9.05 7.10 -51.23
C PHE C 372 8.87 7.53 -49.77
N LYS C 373 8.33 6.63 -48.90
CA LYS C 373 8.13 6.89 -47.46
C LYS C 373 7.29 8.14 -47.24
N LYS C 374 6.20 8.23 -47.99
CA LYS C 374 5.29 9.38 -48.01
C LYS C 374 3.86 8.89 -48.11
N ASP C 375 2.91 9.68 -47.59
CA ASP C 375 1.48 9.43 -47.58
C ASP C 375 0.90 9.26 -48.97
N VAL C 376 -0.12 8.40 -49.06
CA VAL C 376 -0.91 8.09 -50.24
C VAL C 376 -2.36 8.17 -49.78
N VAL C 377 -3.21 8.86 -50.55
CA VAL C 377 -4.61 9.00 -50.19
C VAL C 377 -5.48 8.26 -51.23
N ILE C 378 -6.36 7.39 -50.75
CA ILE C 378 -7.34 6.70 -51.58
C ILE C 378 -8.72 7.24 -51.21
N ASP C 379 -9.40 7.84 -52.19
CA ASP C 379 -10.75 8.39 -52.04
C ASP C 379 -11.74 7.37 -52.63
N MET C 380 -12.34 6.51 -51.80
CA MET C 380 -13.27 5.50 -52.31
C MET C 380 -14.69 6.08 -52.43
N LEU C 381 -15.15 6.35 -53.66
CA LEU C 381 -16.52 6.86 -53.88
C LEU C 381 -17.49 5.71 -53.74
N CYS C 382 -18.47 5.91 -52.86
CA CYS C 382 -19.45 4.92 -52.53
C CYS C 382 -20.74 5.64 -52.14
N TYR C 383 -21.60 4.97 -51.39
CA TYR C 383 -22.85 5.57 -50.90
C TYR C 383 -23.21 4.98 -49.56
N ARG C 384 -24.15 5.67 -48.87
CA ARG C 384 -24.65 5.28 -47.59
C ARG C 384 -26.08 4.78 -47.84
N ARG C 385 -26.27 3.45 -47.84
CA ARG C 385 -27.56 2.82 -48.16
C ARG C 385 -28.69 3.25 -47.18
N ARG C 386 -28.41 3.28 -45.87
CA ARG C 386 -29.43 3.62 -44.89
C ARG C 386 -29.33 5.09 -44.52
N GLY C 387 -30.25 5.56 -43.65
CA GLY C 387 -30.22 6.92 -43.11
C GLY C 387 -29.02 7.04 -42.21
N HIS C 388 -28.78 8.22 -41.59
CA HIS C 388 -27.64 8.35 -40.68
C HIS C 388 -27.85 7.48 -39.43
N ASN C 389 -29.05 7.55 -38.82
CA ASN C 389 -29.40 6.75 -37.66
C ASN C 389 -30.80 6.16 -37.87
N GLU C 390 -31.26 5.29 -36.95
CA GLU C 390 -32.56 4.59 -37.02
C GLU C 390 -33.74 5.50 -37.36
N GLY C 391 -33.73 6.72 -36.81
CA GLY C 391 -34.80 7.68 -36.99
C GLY C 391 -34.88 8.32 -38.37
N ASP C 392 -33.71 8.48 -39.02
CA ASP C 392 -33.59 9.16 -40.30
C ASP C 392 -34.24 8.48 -41.51
N ASP C 393 -35.03 9.29 -42.27
CA ASP C 393 -35.51 9.00 -43.62
C ASP C 393 -34.71 9.98 -44.48
N PRO C 394 -33.62 9.50 -45.10
CA PRO C 394 -32.68 10.43 -45.74
C PRO C 394 -33.22 11.13 -46.99
N SER C 395 -34.36 10.67 -47.54
CA SER C 395 -35.00 11.34 -48.67
C SER C 395 -35.66 12.66 -48.21
N MET C 396 -35.77 12.92 -46.88
CA MET C 396 -36.33 14.18 -46.36
C MET C 396 -35.44 15.35 -46.76
N THR C 397 -34.11 15.13 -46.71
CA THR C 397 -33.09 16.16 -46.94
C THR C 397 -32.28 15.92 -48.21
N GLN C 398 -32.17 14.68 -48.71
CA GLN C 398 -31.43 14.40 -49.95
C GLN C 398 -32.32 13.50 -50.86
N PRO C 399 -33.52 13.99 -51.31
CA PRO C 399 -34.42 13.12 -52.10
C PRO C 399 -33.84 12.59 -53.42
N TYR C 400 -33.07 13.40 -54.14
CA TYR C 400 -32.49 12.98 -55.42
C TYR C 400 -31.50 11.85 -55.21
N MET C 401 -30.53 12.05 -54.29
CA MET C 401 -29.52 11.04 -53.98
C MET C 401 -30.21 9.71 -53.56
N TYR C 402 -31.22 9.77 -52.67
CA TYR C 402 -31.85 8.56 -52.16
C TYR C 402 -32.81 7.91 -53.13
N ASP C 403 -33.33 8.64 -54.12
CA ASP C 403 -34.11 7.98 -55.16
C ASP C 403 -33.13 7.19 -56.08
N VAL C 404 -31.87 7.68 -56.23
CA VAL C 404 -30.84 6.97 -57.00
C VAL C 404 -30.31 5.77 -56.18
N ILE C 405 -30.13 5.93 -54.86
CA ILE C 405 -29.65 4.85 -53.94
C ILE C 405 -30.66 3.70 -53.88
N ASP C 406 -31.94 4.00 -53.89
CA ASP C 406 -33.01 3.01 -53.89
C ASP C 406 -32.98 2.14 -55.16
N THR C 407 -32.33 2.58 -56.26
CA THR C 407 -32.23 1.80 -57.52
C THR C 407 -30.97 0.91 -57.56
N LYS C 408 -30.06 1.11 -56.58
CA LYS C 408 -28.79 0.36 -56.54
C LYS C 408 -28.89 -0.99 -55.87
N ARG C 409 -28.21 -1.97 -56.46
CA ARG C 409 -27.99 -3.30 -55.92
C ARG C 409 -26.64 -3.17 -55.23
N GLY C 410 -26.37 -3.97 -54.20
CA GLY C 410 -25.09 -3.87 -53.49
C GLY C 410 -23.88 -4.24 -54.33
N SER C 411 -22.68 -3.87 -53.86
CA SER C 411 -21.42 -4.14 -54.53
C SER C 411 -21.18 -5.64 -54.76
N ARG C 412 -21.74 -6.53 -53.88
CA ARG C 412 -21.55 -7.98 -53.97
C ARG C 412 -22.33 -8.54 -55.14
N LYS C 413 -23.59 -8.14 -55.28
CA LYS C 413 -24.47 -8.58 -56.35
C LYS C 413 -24.00 -8.04 -57.69
N ALA C 414 -23.49 -6.78 -57.74
CA ALA C 414 -23.01 -6.17 -58.97
C ALA C 414 -21.73 -6.86 -59.46
N TYR C 415 -20.77 -7.08 -58.55
CA TYR C 415 -19.50 -7.73 -58.90
C TYR C 415 -19.72 -9.19 -59.33
N THR C 416 -20.64 -9.94 -58.66
CA THR C 416 -20.94 -11.33 -59.04
C THR C 416 -21.56 -11.37 -60.46
N GLU C 417 -22.51 -10.46 -60.74
CA GLU C 417 -23.19 -10.36 -62.03
C GLU C 417 -22.22 -9.95 -63.15
N ALA C 418 -21.26 -9.04 -62.83
CA ALA C 418 -20.22 -8.60 -63.77
C ALA C 418 -19.28 -9.75 -64.15
N LEU C 419 -18.89 -10.58 -63.14
CA LEU C 419 -18.02 -11.75 -63.37
C LEU C 419 -18.69 -12.78 -64.30
N ILE C 420 -20.05 -12.90 -64.24
CA ILE C 420 -20.82 -13.82 -65.10
C ILE C 420 -20.84 -13.26 -66.54
N GLY C 421 -21.20 -11.98 -66.67
CA GLY C 421 -21.31 -11.26 -67.92
C GLY C 421 -20.04 -11.24 -68.75
N ARG C 422 -18.90 -10.91 -68.10
CA ARG C 422 -17.57 -10.86 -68.72
C ARG C 422 -17.05 -12.27 -69.09
N GLY C 423 -17.72 -13.30 -68.57
CA GLY C 423 -17.36 -14.70 -68.81
C GLY C 423 -16.20 -15.14 -67.95
N ASP C 424 -15.91 -14.36 -66.89
CA ASP C 424 -14.81 -14.63 -65.97
C ASP C 424 -15.10 -15.85 -65.12
N ILE C 425 -16.31 -16.00 -64.59
CA ILE C 425 -16.68 -17.18 -63.78
C ILE C 425 -17.94 -17.82 -64.39
N SER C 426 -18.04 -19.16 -64.28
CA SER C 426 -19.19 -19.91 -64.82
C SER C 426 -20.40 -19.75 -63.89
N MET C 427 -21.60 -20.17 -64.35
CA MET C 427 -22.83 -20.12 -63.56
C MET C 427 -22.66 -20.91 -62.25
N LYS C 428 -21.97 -22.08 -62.32
CA LYS C 428 -21.67 -22.94 -61.18
C LYS C 428 -20.82 -22.19 -60.15
N GLU C 429 -19.71 -21.55 -60.59
CA GLU C 429 -18.80 -20.77 -59.73
C GLU C 429 -19.54 -19.59 -59.08
N ALA C 430 -20.51 -18.99 -59.79
CA ALA C 430 -21.34 -17.89 -59.30
C ALA C 430 -22.28 -18.38 -58.20
N GLU C 431 -22.84 -19.60 -58.38
CA GLU C 431 -23.71 -20.26 -57.40
C GLU C 431 -22.92 -20.63 -56.16
N ASP C 432 -21.65 -21.04 -56.34
CA ASP C 432 -20.75 -21.40 -55.24
C ASP C 432 -20.39 -20.15 -54.43
N ALA C 433 -20.33 -18.99 -55.13
CA ALA C 433 -20.10 -17.67 -54.56
C ALA C 433 -21.29 -17.27 -53.68
N LEU C 434 -22.52 -17.55 -54.18
CA LEU C 434 -23.80 -17.29 -53.48
C LEU C 434 -23.94 -18.25 -52.26
N ARG C 435 -23.34 -19.45 -52.37
CA ARG C 435 -23.29 -20.46 -51.32
C ARG C 435 -22.33 -20.04 -50.23
N ASP C 436 -21.18 -19.43 -50.63
CA ASP C 436 -20.17 -18.95 -49.72
C ASP C 436 -20.72 -17.83 -48.87
N TYR C 437 -21.43 -16.85 -49.51
CA TYR C 437 -22.08 -15.73 -48.81
C TYR C 437 -23.08 -16.25 -47.80
N GLN C 438 -23.96 -17.17 -48.24
CA GLN C 438 -24.99 -17.75 -47.39
C GLN C 438 -24.36 -18.50 -46.21
N GLY C 439 -23.23 -19.16 -46.46
CA GLY C 439 -22.46 -19.86 -45.43
C GLY C 439 -21.90 -18.92 -44.38
N GLN C 440 -21.35 -17.76 -44.82
CA GLN C 440 -20.78 -16.75 -43.90
C GLN C 440 -21.86 -16.11 -43.03
N LEU C 441 -23.03 -15.89 -43.63
CA LEU C 441 -24.20 -15.32 -42.99
C LEU C 441 -24.75 -16.28 -41.94
N GLU C 442 -24.77 -17.59 -42.22
CA GLU C 442 -25.22 -18.59 -41.25
C GLU C 442 -24.23 -18.72 -40.10
N ARG C 443 -22.92 -18.73 -40.42
CA ARG C 443 -21.83 -18.87 -39.45
C ARG C 443 -21.87 -17.74 -38.40
N VAL C 444 -22.10 -16.48 -38.80
CA VAL C 444 -22.13 -15.38 -37.84
C VAL C 444 -23.39 -15.51 -36.94
N PHE C 445 -24.56 -15.86 -37.52
CA PHE C 445 -25.79 -16.03 -36.75
C PHE C 445 -25.63 -17.17 -35.71
N ASN C 446 -25.07 -18.33 -36.14
CA ASN C 446 -24.85 -19.52 -35.30
C ASN C 446 -23.82 -19.31 -34.18
N GLU C 447 -22.69 -18.63 -34.49
CA GLU C 447 -21.63 -18.39 -33.51
C GLU C 447 -22.08 -17.43 -32.45
N VAL C 448 -22.91 -16.45 -32.83
CA VAL C 448 -23.46 -15.47 -31.88
C VAL C 448 -24.62 -16.14 -31.14
N ARG C 449 -25.28 -17.14 -31.76
CA ARG C 449 -26.33 -17.92 -31.10
C ARG C 449 -25.70 -18.78 -29.98
N GLU C 450 -24.54 -19.42 -30.29
CA GLU C 450 -23.76 -20.24 -29.36
C GLU C 450 -23.18 -19.37 -28.24
N LEU C 451 -22.85 -18.11 -28.55
CA LEU C 451 -22.34 -17.08 -27.61
C LEU C 451 -23.43 -16.70 -26.58
N GLU C 452 -24.67 -16.49 -27.07
CA GLU C 452 -25.82 -16.10 -26.25
C GLU C 452 -26.20 -17.18 -25.23
N LYS C 453 -25.89 -18.46 -25.55
CA LYS C 453 -26.17 -19.61 -24.68
C LYS C 453 -25.20 -19.66 -23.50
N HIS C 454 -23.91 -19.34 -23.72
CA HIS C 454 -22.87 -19.35 -22.67
C HIS C 454 -23.02 -18.14 -21.74
N GLU C 455 -23.52 -17.01 -22.29
CA GLU C 455 -23.70 -15.73 -21.58
C GLU C 455 -25.01 -15.69 -20.82
N LEU C 472 8.97 3.29 -4.29
CA LEU C 472 10.29 3.20 -4.91
C LEU C 472 11.10 4.49 -4.68
N ALA C 473 12.44 4.36 -4.66
CA ALA C 473 13.36 5.47 -4.43
C ALA C 473 13.84 6.07 -5.76
N THR C 474 13.93 7.38 -5.81
CA THR C 474 14.32 8.14 -7.00
C THR C 474 15.69 8.82 -6.82
N ALA C 475 16.22 8.80 -5.57
CA ALA C 475 17.53 9.39 -5.26
C ALA C 475 18.62 8.68 -6.05
N VAL C 476 19.64 9.41 -6.47
CA VAL C 476 20.77 8.87 -7.24
C VAL C 476 22.06 9.16 -6.47
N ASP C 477 23.14 8.47 -6.79
CA ASP C 477 24.44 8.76 -6.17
C ASP C 477 24.97 10.07 -6.81
N LYS C 478 25.85 10.82 -6.11
CA LYS C 478 26.42 12.08 -6.62
C LYS C 478 27.18 11.87 -7.94
N ALA C 479 27.81 10.69 -8.14
CA ALA C 479 28.54 10.37 -9.37
C ALA C 479 27.61 10.39 -10.61
N MET C 480 26.30 10.13 -10.41
CA MET C 480 25.31 10.20 -11.49
C MET C 480 25.14 11.66 -11.93
N LEU C 481 25.04 12.58 -10.95
CA LEU C 481 24.92 14.02 -11.22
C LEU C 481 26.24 14.53 -11.85
N GLN C 482 27.40 14.05 -11.33
CA GLN C 482 28.72 14.48 -11.85
C GLN C 482 28.89 14.08 -13.32
N ARG C 483 28.43 12.89 -13.66
CA ARG C 483 28.47 12.32 -15.01
C ARG C 483 27.65 13.15 -16.01
N ILE C 484 26.43 13.59 -15.60
CA ILE C 484 25.53 14.38 -16.44
C ILE C 484 26.15 15.77 -16.63
N GLY C 485 26.76 16.31 -15.59
CA GLY C 485 27.47 17.59 -15.63
C GLY C 485 28.67 17.53 -16.55
N ASP C 486 29.48 16.48 -16.42
CA ASP C 486 30.68 16.26 -17.26
C ASP C 486 30.30 16.08 -18.74
N ALA C 487 29.15 15.42 -19.02
CA ALA C 487 28.63 15.17 -20.38
C ALA C 487 28.46 16.49 -21.15
N HIS C 488 28.10 17.60 -20.46
CA HIS C 488 27.94 18.93 -21.04
C HIS C 488 29.28 19.52 -21.56
N LEU C 489 30.40 18.99 -21.09
CA LEU C 489 31.72 19.44 -21.52
C LEU C 489 32.43 18.40 -22.39
N ALA C 490 31.81 17.21 -22.59
CA ALA C 490 32.39 16.12 -23.42
C ALA C 490 31.98 16.30 -24.88
N LEU C 491 32.40 17.42 -25.46
CA LEU C 491 32.09 17.81 -26.84
C LEU C 491 32.78 16.94 -27.87
N PRO C 492 32.13 16.66 -29.03
CA PRO C 492 32.82 15.91 -30.10
C PRO C 492 34.06 16.66 -30.56
N GLU C 493 35.05 15.92 -31.08
CA GLU C 493 36.30 16.49 -31.56
C GLU C 493 36.03 17.57 -32.62
N GLY C 494 36.62 18.75 -32.43
CA GLY C 494 36.47 19.88 -33.36
C GLY C 494 35.13 20.61 -33.31
N PHE C 495 34.30 20.32 -32.28
CA PHE C 495 32.99 20.96 -32.15
C PHE C 495 33.17 22.37 -31.65
N THR C 496 32.49 23.34 -32.29
CA THR C 496 32.57 24.76 -31.87
C THR C 496 31.28 25.16 -31.18
N VAL C 497 31.35 25.39 -29.85
CA VAL C 497 30.18 25.79 -29.06
C VAL C 497 29.98 27.27 -29.25
N HIS C 498 28.70 27.71 -29.34
CA HIS C 498 28.36 29.13 -29.39
C HIS C 498 28.92 29.84 -28.12
N PRO C 499 29.57 31.03 -28.26
CA PRO C 499 30.15 31.69 -27.07
C PRO C 499 29.16 31.92 -25.91
N ARG C 500 27.85 32.08 -26.18
CA ARG C 500 26.85 32.32 -25.15
C ARG C 500 26.33 31.01 -24.51
N VAL C 501 26.63 29.86 -25.16
CA VAL C 501 26.16 28.54 -24.66
C VAL C 501 27.25 27.93 -23.77
N ARG C 502 28.53 28.16 -24.12
CA ARG C 502 29.67 27.67 -23.35
C ARG C 502 29.52 27.93 -21.82
N PRO C 503 29.12 29.13 -21.30
CA PRO C 503 29.02 29.28 -19.84
C PRO C 503 27.93 28.40 -19.24
N VAL C 504 26.89 28.05 -20.01
CA VAL C 504 25.79 27.19 -19.54
C VAL C 504 26.37 25.80 -19.26
N LEU C 505 27.16 25.27 -20.21
CA LEU C 505 27.82 23.97 -20.10
C LEU C 505 28.75 23.90 -18.90
N GLU C 506 29.56 24.95 -18.68
CA GLU C 506 30.51 25.04 -17.55
C GLU C 506 29.77 25.18 -16.22
N LYS C 507 28.68 25.99 -16.17
CA LYS C 507 27.88 26.16 -14.96
C LYS C 507 27.24 24.84 -14.56
N ARG C 508 26.80 24.01 -15.55
CA ARG C 508 26.17 22.72 -15.27
C ARG C 508 27.20 21.75 -14.67
N ARG C 509 28.44 21.75 -15.17
CA ARG C 509 29.48 20.92 -14.58
C ARG C 509 29.73 21.38 -13.12
N GLU C 510 29.76 22.71 -12.91
CA GLU C 510 29.95 23.33 -11.60
C GLU C 510 28.81 22.94 -10.67
N MET C 511 27.56 23.00 -11.14
CA MET C 511 26.38 22.66 -10.35
C MET C 511 26.38 21.19 -9.90
N ALA C 512 26.77 20.31 -10.83
CA ALA C 512 26.82 18.86 -10.59
C ALA C 512 27.76 18.49 -9.45
N TYR C 513 28.86 19.25 -9.29
CA TYR C 513 29.87 19.02 -8.26
C TYR C 513 29.71 19.88 -7.02
N GLU C 514 29.15 21.11 -7.17
CA GLU C 514 29.13 22.05 -6.03
C GLU C 514 27.74 22.43 -5.53
N GLY C 515 26.68 22.10 -6.26
CA GLY C 515 25.32 22.40 -5.83
C GLY C 515 24.76 23.67 -6.42
N ARG C 516 23.73 24.25 -5.74
CA ARG C 516 22.95 25.39 -6.22
C ARG C 516 22.41 25.04 -7.64
N ILE C 517 21.85 23.83 -7.76
CA ILE C 517 21.31 23.28 -9.01
C ILE C 517 20.00 24.00 -9.34
N ASP C 518 19.94 24.63 -10.53
CA ASP C 518 18.74 25.35 -10.95
C ASP C 518 17.72 24.38 -11.57
N TRP C 519 16.49 24.87 -11.82
CA TRP C 519 15.38 24.08 -12.38
C TRP C 519 15.75 23.39 -13.70
N ALA C 520 16.32 24.15 -14.64
CA ALA C 520 16.63 23.67 -15.98
C ALA C 520 17.61 22.51 -15.94
N PHE C 521 18.61 22.58 -15.07
CA PHE C 521 19.59 21.48 -14.96
C PHE C 521 18.97 20.28 -14.23
N ALA C 522 18.13 20.55 -13.21
CA ALA C 522 17.44 19.50 -12.44
C ALA C 522 16.59 18.64 -13.35
N GLU C 523 15.97 19.24 -14.36
CA GLU C 523 15.17 18.51 -15.37
C GLU C 523 16.06 17.56 -16.15
N LEU C 524 17.22 18.05 -16.60
CA LEU C 524 18.13 17.25 -17.40
C LEU C 524 18.82 16.17 -16.56
N LEU C 525 19.02 16.40 -15.24
CA LEU C 525 19.55 15.40 -14.31
C LEU C 525 18.55 14.25 -14.22
N ALA C 526 17.26 14.58 -14.11
CA ALA C 526 16.21 13.55 -14.01
C ALA C 526 16.15 12.75 -15.29
N LEU C 527 16.14 13.43 -16.47
CA LEU C 527 16.05 12.72 -17.76
C LEU C 527 17.32 11.96 -18.04
N GLY C 528 18.46 12.59 -17.73
CA GLY C 528 19.76 11.95 -17.90
C GLY C 528 19.92 10.67 -17.11
N SER C 529 19.54 10.70 -15.80
CA SER C 529 19.63 9.52 -14.90
C SER C 529 18.71 8.39 -15.38
N LEU C 530 17.53 8.75 -15.90
CA LEU C 530 16.62 7.75 -16.46
C LEU C 530 17.27 7.04 -17.68
N ILE C 531 17.94 7.79 -18.58
CA ILE C 531 18.64 7.27 -19.75
C ILE C 531 19.77 6.34 -19.31
N ALA C 532 20.57 6.76 -18.30
CA ALA C 532 21.67 6.00 -17.71
C ALA C 532 21.17 4.68 -17.12
N GLU C 533 19.91 4.65 -16.66
CA GLU C 533 19.27 3.46 -16.09
C GLU C 533 18.62 2.59 -17.19
N GLY C 534 18.68 3.03 -18.44
CA GLY C 534 18.17 2.29 -19.60
C GLY C 534 16.85 2.72 -20.18
N LYS C 535 16.32 3.87 -19.76
CA LYS C 535 15.01 4.33 -20.27
C LYS C 535 15.11 5.13 -21.55
N LEU C 536 14.12 4.95 -22.43
CA LEU C 536 13.99 5.76 -23.63
C LEU C 536 13.28 7.03 -23.21
N VAL C 537 13.90 8.20 -23.47
CA VAL C 537 13.28 9.48 -23.11
C VAL C 537 13.00 10.25 -24.40
N ARG C 538 11.71 10.62 -24.60
CA ARG C 538 11.31 11.43 -25.74
C ARG C 538 10.75 12.74 -25.21
N LEU C 539 11.37 13.85 -25.60
CA LEU C 539 10.98 15.18 -25.17
C LEU C 539 10.78 16.06 -26.40
N SER C 540 9.65 16.79 -26.48
CA SER C 540 9.41 17.66 -27.63
C SER C 540 8.43 18.76 -27.27
N GLY C 541 8.30 19.72 -28.17
CA GLY C 541 7.41 20.87 -28.04
C GLY C 541 7.98 22.02 -28.84
N GLN C 542 7.35 23.19 -28.77
CA GLN C 542 7.80 24.34 -29.55
C GLN C 542 9.10 24.92 -28.95
N ASP C 543 10.18 24.88 -29.78
CA ASP C 543 11.51 25.40 -29.43
C ASP C 543 12.09 24.69 -28.20
N THR C 544 11.64 23.46 -27.96
CA THR C 544 12.04 22.63 -26.80
C THR C 544 13.54 22.25 -26.78
N GLN C 545 14.19 22.11 -27.93
CA GLN C 545 15.63 21.79 -27.93
C GLN C 545 16.42 22.86 -27.18
N ARG C 546 16.17 24.14 -27.48
CA ARG C 546 16.87 25.21 -26.78
C ARG C 546 16.14 25.59 -25.48
N GLY C 547 14.81 25.58 -25.52
CA GLY C 547 13.93 25.98 -24.44
C GLY C 547 13.42 27.36 -24.76
N THR C 548 12.11 27.60 -24.55
CA THR C 548 11.48 28.91 -24.80
C THR C 548 12.16 30.04 -24.01
N PHE C 549 12.63 29.72 -22.80
CA PHE C 549 13.23 30.74 -21.93
C PHE C 549 14.75 30.64 -21.94
N THR C 550 15.31 30.12 -23.07
CA THR C 550 16.74 29.90 -23.35
C THR C 550 17.41 29.16 -22.16
N GLN C 551 16.68 28.22 -21.56
CA GLN C 551 17.19 27.55 -20.38
C GLN C 551 17.60 26.10 -20.57
N ARG C 552 17.09 25.40 -21.61
CA ARG C 552 17.31 23.97 -21.64
C ARG C 552 18.63 23.58 -22.29
N HIS C 553 18.85 23.97 -23.57
CA HIS C 553 20.03 23.62 -24.38
C HIS C 553 20.24 22.10 -24.37
N ALA C 554 19.15 21.32 -24.60
CA ALA C 554 19.19 19.86 -24.66
C ALA C 554 19.95 19.41 -25.91
N VAL C 555 19.97 20.30 -26.91
CA VAL C 555 20.67 20.17 -28.17
C VAL C 555 21.51 21.45 -28.32
N ILE C 556 22.80 21.31 -28.58
CA ILE C 556 23.60 22.49 -28.82
C ILE C 556 24.06 22.43 -30.29
N VAL C 557 24.17 23.60 -30.92
CA VAL C 557 24.44 23.72 -32.35
C VAL C 557 25.87 24.26 -32.63
N ASP C 558 26.64 23.52 -33.46
CA ASP C 558 27.98 23.93 -33.85
C ASP C 558 27.91 25.31 -34.54
N ARG C 559 28.61 26.29 -33.97
CA ARG C 559 28.63 27.69 -34.41
C ARG C 559 29.16 27.82 -35.87
N LYS C 560 29.99 26.85 -36.33
CA LYS C 560 30.58 26.85 -37.65
C LYS C 560 29.86 25.91 -38.65
N THR C 561 29.49 24.69 -38.23
CA THR C 561 28.90 23.70 -39.16
C THR C 561 27.38 23.52 -39.04
N GLY C 562 26.81 23.93 -37.91
CA GLY C 562 25.39 23.77 -37.67
C GLY C 562 25.02 22.39 -37.17
N GLU C 563 25.99 21.51 -36.99
CA GLU C 563 25.80 20.12 -36.50
C GLU C 563 25.27 20.14 -35.08
N GLU C 564 24.31 19.27 -34.81
CA GLU C 564 23.69 19.19 -33.48
C GLU C 564 24.45 18.21 -32.58
N PHE C 565 24.59 18.57 -31.30
CA PHE C 565 25.20 17.75 -30.25
C PHE C 565 24.24 17.65 -29.08
N THR C 566 23.96 16.40 -28.63
CA THR C 566 22.99 16.16 -27.56
C THR C 566 23.74 15.62 -26.32
N PRO C 567 24.14 16.50 -25.38
CA PRO C 567 24.93 16.04 -24.22
C PRO C 567 24.33 14.83 -23.47
N LEU C 568 23.00 14.78 -23.25
CA LEU C 568 22.38 13.67 -22.51
C LEU C 568 22.49 12.32 -23.24
N GLN C 569 22.69 12.32 -24.58
CA GLN C 569 22.82 11.06 -25.34
C GLN C 569 24.07 10.27 -24.89
N LEU C 570 25.09 10.94 -24.35
CA LEU C 570 26.31 10.28 -23.85
C LEU C 570 25.99 9.36 -22.65
N LEU C 571 24.86 9.59 -21.96
CA LEU C 571 24.45 8.78 -20.82
C LEU C 571 23.81 7.44 -21.24
N ALA C 572 23.57 7.25 -22.56
CA ALA C 572 23.05 6.01 -23.12
C ALA C 572 24.18 4.97 -23.25
N THR C 573 25.43 5.37 -22.92
CA THR C 573 26.61 4.49 -22.94
C THR C 573 27.25 4.49 -21.53
N ASN C 574 27.46 3.29 -20.94
CA ASN C 574 28.08 3.11 -19.62
C ASN C 574 29.57 3.50 -19.63
N PRO C 575 30.21 3.79 -18.47
CA PRO C 575 31.67 4.12 -18.48
C PRO C 575 32.53 3.01 -19.11
N ASP C 576 32.10 1.73 -18.98
CA ASP C 576 32.75 0.55 -19.55
C ASP C 576 32.61 0.52 -21.10
N GLY C 577 31.67 1.29 -21.65
CA GLY C 577 31.44 1.39 -23.10
C GLY C 577 30.22 0.65 -23.62
N THR C 578 29.58 -0.18 -22.78
CA THR C 578 28.37 -0.94 -23.19
C THR C 578 27.13 -0.03 -23.21
N PRO C 579 26.12 -0.29 -24.07
CA PRO C 579 24.91 0.55 -24.05
C PRO C 579 24.07 0.30 -22.80
N THR C 580 23.30 1.31 -22.37
CA THR C 580 22.43 1.15 -21.19
C THR C 580 21.07 0.63 -21.64
N GLY C 581 20.78 0.78 -22.92
CA GLY C 581 19.50 0.43 -23.53
C GLY C 581 18.59 1.65 -23.61
N GLY C 582 19.03 2.74 -22.99
CA GLY C 582 18.31 4.03 -22.99
C GLY C 582 18.69 4.88 -24.20
N LYS C 583 17.97 5.99 -24.39
CA LYS C 583 18.19 6.89 -25.52
C LYS C 583 17.47 8.20 -25.24
N PHE C 584 18.00 9.34 -25.75
CA PHE C 584 17.37 10.65 -25.62
C PHE C 584 16.91 11.12 -26.98
N LEU C 585 15.58 11.27 -27.17
CA LEU C 585 15.00 11.72 -28.43
C LEU C 585 14.38 13.08 -28.19
N VAL C 586 15.02 14.15 -28.67
CA VAL C 586 14.49 15.48 -28.38
C VAL C 586 14.27 16.25 -29.68
N TYR C 587 13.12 16.89 -29.82
CA TYR C 587 12.78 17.58 -31.05
C TYR C 587 12.04 18.86 -30.83
N ASN C 588 12.19 19.76 -31.79
CA ASN C 588 11.38 20.95 -31.92
C ASN C 588 10.15 20.49 -32.65
N SER C 589 8.98 20.79 -32.14
CA SER C 589 7.76 20.39 -32.80
C SER C 589 7.36 21.41 -33.84
N ALA C 590 6.39 21.05 -34.64
CA ALA C 590 5.75 21.96 -35.59
C ALA C 590 4.92 22.95 -34.75
N LEU C 591 4.47 24.06 -35.34
CA LEU C 591 3.62 25.01 -34.62
C LEU C 591 2.19 24.46 -34.54
N SER C 592 2.03 23.40 -33.75
CA SER C 592 0.76 22.75 -33.53
C SER C 592 0.64 22.35 -32.08
N GLU C 593 -0.57 22.35 -31.54
CA GLU C 593 -0.85 21.86 -30.21
C GLU C 593 -1.68 20.58 -30.34
N PHE C 594 -2.80 20.64 -31.06
CA PHE C 594 -3.68 19.50 -31.26
C PHE C 594 -2.90 18.27 -31.77
N ALA C 595 -2.25 18.37 -32.93
CA ALA C 595 -1.51 17.22 -33.46
C ALA C 595 -0.32 16.81 -32.61
N ALA C 596 0.46 17.78 -32.10
CA ALA C 596 1.65 17.45 -31.31
C ALA C 596 1.28 16.73 -29.99
N VAL C 597 0.26 17.20 -29.26
CA VAL C 597 -0.18 16.56 -28.00
C VAL C 597 -0.76 15.18 -28.30
N GLY C 598 -1.54 15.08 -29.38
CA GLY C 598 -2.12 13.80 -29.80
C GLY C 598 -1.03 12.79 -30.11
N PHE C 599 0.02 13.25 -30.76
CA PHE C 599 1.18 12.43 -31.16
C PHE C 599 1.90 11.89 -29.93
N GLU C 600 2.19 12.78 -28.95
CA GLU C 600 2.89 12.37 -27.74
C GLU C 600 2.03 11.42 -26.90
N TYR C 601 0.72 11.67 -26.85
CA TYR C 601 -0.17 10.75 -26.14
C TYR C 601 -0.07 9.36 -26.81
N GLY C 602 -0.18 9.31 -28.15
CA GLY C 602 -0.12 8.06 -28.90
C GLY C 602 1.22 7.38 -28.75
N TYR C 603 2.31 8.17 -28.69
CA TYR C 603 3.65 7.62 -28.52
C TYR C 603 3.73 6.81 -27.17
N SER C 604 3.16 7.36 -26.12
CA SER C 604 3.17 6.79 -24.80
C SER C 604 2.32 5.53 -24.74
N VAL C 605 1.27 5.45 -25.57
CA VAL C 605 0.43 4.25 -25.67
C VAL C 605 1.24 3.17 -26.42
N GLY C 606 1.92 3.58 -27.50
CA GLY C 606 2.73 2.67 -28.33
C GLY C 606 3.93 2.05 -27.63
N ASN C 607 4.56 2.82 -26.72
CA ASN C 607 5.68 2.31 -25.94
C ASN C 607 5.45 2.69 -24.46
N PRO C 608 4.77 1.82 -23.67
CA PRO C 608 4.54 2.16 -22.24
C PRO C 608 5.83 2.28 -21.40
N ASP C 609 6.99 1.76 -21.89
CA ASP C 609 8.25 1.85 -21.15
C ASP C 609 9.02 3.16 -21.40
N ALA C 610 8.52 3.98 -22.32
CA ALA C 610 9.16 5.24 -22.64
C ALA C 610 8.75 6.34 -21.68
N MET C 611 9.64 7.28 -21.46
CA MET C 611 9.37 8.53 -20.73
C MET C 611 9.02 9.55 -21.85
N VAL C 612 7.77 10.03 -21.92
CA VAL C 612 7.32 10.89 -23.00
C VAL C 612 6.84 12.21 -22.44
N LEU C 613 7.47 13.32 -22.87
CA LEU C 613 7.09 14.63 -22.37
C LEU C 613 6.80 15.59 -23.51
N TRP C 614 5.68 16.31 -23.42
CA TRP C 614 5.36 17.34 -24.38
C TRP C 614 5.37 18.65 -23.65
N GLU C 615 5.99 19.66 -24.25
CA GLU C 615 6.06 20.95 -23.61
C GLU C 615 5.33 22.03 -24.40
N ALA C 616 4.39 22.71 -23.72
CA ALA C 616 3.71 23.87 -24.30
C ALA C 616 4.69 25.05 -24.30
N GLN C 617 4.61 25.98 -25.28
CA GLN C 617 5.51 27.15 -25.25
C GLN C 617 5.22 27.96 -23.95
N PHE C 618 3.93 28.15 -23.70
CA PHE C 618 3.29 28.71 -22.51
C PHE C 618 2.06 27.82 -22.29
N GLY C 619 1.73 27.49 -21.05
CA GLY C 619 0.57 26.66 -20.76
C GLY C 619 -0.71 27.17 -21.39
N ASP C 620 -0.78 28.48 -21.66
CA ASP C 620 -1.94 29.18 -22.24
C ASP C 620 -2.36 28.66 -23.61
N PHE C 621 -1.43 28.04 -24.35
CA PHE C 621 -1.68 27.54 -25.70
C PHE C 621 -2.14 26.10 -25.72
N VAL C 622 -2.10 25.41 -24.56
CA VAL C 622 -2.52 23.99 -24.55
C VAL C 622 -4.05 23.84 -24.83
N ASN C 623 -4.85 24.92 -24.68
CA ASN C 623 -6.28 24.84 -24.97
C ASN C 623 -6.52 24.51 -26.49
N GLY C 624 -5.51 24.70 -27.34
CA GLY C 624 -5.56 24.32 -28.75
C GLY C 624 -5.61 22.81 -28.90
N ALA C 625 -5.22 22.08 -27.85
CA ALA C 625 -5.25 20.61 -27.80
C ALA C 625 -6.34 20.10 -26.84
N GLN C 626 -7.36 20.93 -26.56
CA GLN C 626 -8.41 20.53 -25.60
C GLN C 626 -9.06 19.18 -25.94
N SER C 627 -9.37 18.92 -27.21
CA SER C 627 -10.00 17.65 -27.61
C SER C 627 -9.13 16.47 -27.17
N ILE C 628 -7.80 16.55 -27.31
CA ILE C 628 -6.92 15.43 -26.90
C ILE C 628 -6.91 15.32 -25.37
N ILE C 629 -6.87 16.46 -24.66
CA ILE C 629 -6.88 16.44 -23.20
C ILE C 629 -8.20 15.81 -22.70
N ASP C 630 -9.31 16.26 -23.21
CA ASP C 630 -10.61 15.76 -22.76
C ASP C 630 -10.87 14.30 -23.17
N GLU C 631 -10.58 13.94 -24.43
CA GLU C 631 -11.00 12.67 -25.01
C GLU C 631 -10.00 11.55 -24.88
N PHE C 632 -8.71 11.87 -24.68
CA PHE C 632 -7.73 10.79 -24.61
C PHE C 632 -6.99 10.77 -23.28
N ILE C 633 -6.22 11.83 -23.00
CA ILE C 633 -5.37 11.91 -21.83
C ILE C 633 -6.17 11.74 -20.51
N SER C 634 -7.17 12.60 -20.26
CA SER C 634 -7.86 12.58 -19.00
C SER C 634 -8.79 11.36 -18.81
N SER C 635 -9.24 10.74 -19.91
CA SER C 635 -10.32 9.76 -19.84
C SER C 635 -10.12 8.42 -20.55
N GLY C 636 -9.09 8.28 -21.38
CA GLY C 636 -8.85 7.03 -22.12
C GLY C 636 -8.84 5.78 -21.26
N GLU C 637 -8.23 5.86 -20.04
CA GLU C 637 -8.15 4.71 -19.11
C GLU C 637 -9.53 4.22 -18.68
N ALA C 638 -10.37 5.13 -18.16
CA ALA C 638 -11.70 4.78 -17.70
C ALA C 638 -12.61 4.34 -18.84
N LYS C 639 -12.52 4.97 -19.99
CA LYS C 639 -13.41 4.65 -21.12
C LYS C 639 -13.03 3.37 -21.82
N TRP C 640 -11.75 3.17 -22.08
CA TRP C 640 -11.33 2.05 -22.93
C TRP C 640 -10.31 1.10 -22.32
N GLY C 641 -9.87 1.38 -21.09
CA GLY C 641 -8.80 0.59 -20.47
C GLY C 641 -7.47 0.85 -21.16
N GLN C 642 -7.36 1.99 -21.89
CA GLN C 642 -6.12 2.35 -22.59
C GLN C 642 -5.28 3.22 -21.67
N LEU C 643 -4.02 2.83 -21.47
CA LEU C 643 -3.15 3.53 -20.54
C LEU C 643 -2.11 4.39 -21.24
N SER C 644 -1.79 5.52 -20.63
CA SER C 644 -0.78 6.46 -21.10
C SER C 644 -0.02 7.02 -19.93
N ASP C 645 1.27 7.18 -20.07
CA ASP C 645 2.14 7.79 -19.05
C ASP C 645 2.67 9.13 -19.57
N VAL C 646 1.98 9.76 -20.55
CA VAL C 646 2.44 11.02 -21.16
C VAL C 646 2.57 12.13 -20.12
N VAL C 647 3.60 12.99 -20.27
CA VAL C 647 3.82 14.17 -19.42
C VAL C 647 3.55 15.45 -20.22
N LEU C 648 2.71 16.37 -19.69
CA LEU C 648 2.51 17.68 -20.25
C LEU C 648 3.17 18.71 -19.33
N LEU C 649 4.12 19.49 -19.88
CA LEU C 649 4.85 20.55 -19.19
C LEU C 649 4.22 21.87 -19.61
N LEU C 650 3.58 22.57 -18.68
CA LEU C 650 2.84 23.77 -19.01
C LEU C 650 3.39 24.99 -18.28
N PRO C 651 4.26 25.83 -18.94
CA PRO C 651 4.79 27.01 -18.26
C PRO C 651 3.64 27.88 -17.78
N HIS C 652 3.70 28.25 -16.49
CA HIS C 652 2.60 28.89 -15.78
C HIS C 652 3.11 29.88 -14.73
N GLY C 653 2.38 30.97 -14.53
CA GLY C 653 2.73 32.00 -13.55
C GLY C 653 2.36 33.43 -13.94
N HIS C 654 1.83 34.20 -12.98
CA HIS C 654 1.48 35.61 -13.11
C HIS C 654 2.74 36.44 -13.02
N GLU C 655 3.13 37.04 -14.17
CA GLU C 655 4.35 37.83 -14.30
C GLU C 655 4.13 39.14 -15.03
N GLY C 656 2.88 39.47 -15.36
CA GLY C 656 2.52 40.68 -16.06
C GLY C 656 2.65 40.63 -17.57
N GLN C 657 2.71 39.40 -18.17
CA GLN C 657 2.84 39.28 -19.63
C GLN C 657 1.48 39.04 -20.35
N GLY C 658 0.37 39.26 -19.65
CA GLY C 658 -0.93 39.17 -20.27
C GLY C 658 -1.69 37.86 -20.12
N PRO C 659 -2.97 37.86 -20.57
CA PRO C 659 -3.84 36.68 -20.38
C PRO C 659 -3.47 35.44 -21.18
N ASP C 660 -2.56 35.57 -22.18
CA ASP C 660 -2.10 34.42 -22.97
C ASP C 660 -0.69 34.03 -22.66
N HIS C 661 -0.09 34.62 -21.63
CA HIS C 661 1.27 34.27 -21.20
C HIS C 661 1.30 34.20 -19.66
N THR C 662 0.22 33.69 -19.08
CA THR C 662 0.11 33.63 -17.64
C THR C 662 -0.36 32.26 -17.06
N SER C 663 -1.34 31.60 -17.68
CA SER C 663 -1.95 30.44 -17.06
C SER C 663 -2.06 29.19 -17.94
N GLY C 664 -1.75 28.04 -17.34
CA GLY C 664 -1.93 26.74 -17.96
C GLY C 664 -3.32 26.19 -17.63
N ARG C 665 -4.17 27.00 -16.95
CA ARG C 665 -5.55 26.69 -16.51
C ARG C 665 -5.58 25.45 -15.59
N ILE C 666 -4.91 25.58 -14.44
CA ILE C 666 -4.84 24.58 -13.37
C ILE C 666 -6.26 24.12 -13.03
N GLU C 667 -7.22 25.08 -12.91
CA GLU C 667 -8.59 24.81 -12.54
C GLU C 667 -9.28 23.81 -13.51
N ARG C 668 -8.92 23.85 -14.79
CA ARG C 668 -9.54 22.99 -15.78
C ARG C 668 -9.05 21.55 -15.63
N PHE C 669 -7.73 21.37 -15.44
CA PHE C 669 -7.14 20.04 -15.21
C PHE C 669 -7.63 19.47 -13.88
N LEU C 670 -7.80 20.32 -12.83
CA LEU C 670 -8.28 19.82 -11.54
C LEU C 670 -9.74 19.38 -11.65
N GLN C 671 -10.51 20.07 -12.50
CA GLN C 671 -11.92 19.76 -12.79
C GLN C 671 -12.05 18.40 -13.53
N LEU C 672 -11.12 18.11 -14.45
CA LEU C 672 -11.11 16.85 -15.24
C LEU C 672 -10.71 15.66 -14.41
N TRP C 673 -9.84 15.90 -13.42
CA TRP C 673 -9.31 14.85 -12.54
C TRP C 673 -10.39 14.09 -11.80
N ALA C 674 -10.18 12.79 -11.68
CA ALA C 674 -10.95 11.86 -10.84
C ALA C 674 -9.97 10.82 -10.37
N GLU C 675 -10.23 10.21 -9.20
CA GLU C 675 -9.33 9.27 -8.54
C GLU C 675 -8.64 8.31 -9.52
N GLY C 676 -7.31 8.36 -9.54
CA GLY C 676 -6.45 7.54 -10.35
C GLY C 676 -6.37 7.88 -11.84
N SER C 677 -6.91 9.05 -12.27
CA SER C 677 -6.87 9.33 -13.71
C SER C 677 -5.58 10.01 -14.14
N MET C 678 -5.11 10.99 -13.37
CA MET C 678 -3.88 11.75 -13.65
C MET C 678 -3.21 12.18 -12.36
N THR C 679 -1.97 12.63 -12.47
CA THR C 679 -1.20 13.28 -11.42
C THR C 679 -1.03 14.71 -11.88
N ILE C 680 -1.33 15.68 -11.01
CA ILE C 680 -1.22 17.11 -11.33
C ILE C 680 -0.30 17.73 -10.28
N ALA C 681 0.76 18.40 -10.72
CA ALA C 681 1.74 19.00 -9.82
C ALA C 681 2.17 20.40 -10.24
N MET C 682 2.66 21.18 -9.28
CA MET C 682 3.26 22.49 -9.50
C MET C 682 4.47 22.57 -8.57
N PRO C 683 5.61 21.93 -8.91
CA PRO C 683 6.77 21.97 -8.00
C PRO C 683 7.36 23.37 -7.87
N SER C 684 7.92 23.68 -6.68
CA SER C 684 8.52 24.96 -6.38
C SER C 684 10.05 24.89 -6.33
N THR C 685 10.63 23.67 -6.35
CA THR C 685 12.08 23.54 -6.26
C THR C 685 12.61 22.62 -7.35
N PRO C 686 13.86 22.88 -7.82
CA PRO C 686 14.46 22.01 -8.85
C PRO C 686 14.52 20.52 -8.43
N ALA C 687 15.01 20.20 -7.20
CA ALA C 687 15.10 18.80 -6.76
C ALA C 687 13.72 18.11 -6.67
N ASN C 688 12.66 18.85 -6.25
CA ASN C 688 11.34 18.26 -6.15
C ASN C 688 10.80 17.95 -7.55
N TYR C 689 11.16 18.77 -8.58
CA TYR C 689 10.81 18.51 -9.96
C TYR C 689 11.59 17.28 -10.46
N PHE C 690 12.87 17.21 -10.10
CA PHE C 690 13.72 16.03 -10.44
C PHE C 690 13.07 14.72 -9.91
N HIS C 691 12.66 14.71 -8.65
CA HIS C 691 12.08 13.51 -8.05
C HIS C 691 10.69 13.21 -8.62
N LEU C 692 9.92 14.25 -8.99
CA LEU C 692 8.59 14.08 -9.60
C LEU C 692 8.71 13.30 -10.94
N LEU C 693 9.66 13.71 -11.79
CA LEU C 693 9.90 13.08 -13.09
C LEU C 693 10.43 11.65 -12.94
N ARG C 694 11.37 11.43 -12.02
CA ARG C 694 11.95 10.11 -11.82
C ARG C 694 10.90 9.15 -11.23
N ARG C 695 10.05 9.64 -10.30
CA ARG C 695 8.98 8.83 -9.72
C ARG C 695 8.03 8.42 -10.86
N HIS C 696 7.64 9.39 -11.71
CA HIS C 696 6.75 9.19 -12.83
C HIS C 696 7.28 8.11 -13.79
N GLY C 697 8.56 8.15 -14.10
CA GLY C 697 9.14 7.19 -15.02
C GLY C 697 9.45 5.84 -14.42
N LYS C 698 9.58 5.75 -13.11
CA LYS C 698 9.99 4.48 -12.46
C LYS C 698 8.88 3.79 -11.64
N ASP C 699 7.71 4.44 -11.42
CA ASP C 699 6.65 3.92 -10.54
C ASP C 699 5.87 2.68 -11.08
N GLY C 700 6.13 2.26 -12.32
CA GLY C 700 5.47 1.12 -12.98
C GLY C 700 3.97 1.28 -13.14
N ILE C 701 3.50 2.54 -13.21
CA ILE C 701 2.10 2.95 -13.32
C ILE C 701 1.98 3.85 -14.56
N GLN C 702 1.02 3.54 -15.43
CA GLN C 702 0.80 4.29 -16.67
C GLN C 702 -0.30 5.28 -16.39
N ARG C 703 0.08 6.52 -16.06
CA ARG C 703 -0.88 7.55 -15.66
C ARG C 703 -0.35 8.89 -16.11
N PRO C 704 -1.14 9.74 -16.82
CA PRO C 704 -0.59 11.03 -17.29
C PRO C 704 -0.21 11.94 -16.14
N LEU C 705 0.83 12.76 -16.37
CA LEU C 705 1.33 13.73 -15.40
C LEU C 705 1.26 15.10 -16.03
N ILE C 706 0.59 16.03 -15.32
CA ILE C 706 0.44 17.41 -15.74
C ILE C 706 1.31 18.26 -14.80
N VAL C 707 2.27 19.01 -15.35
CA VAL C 707 3.19 19.84 -14.56
C VAL C 707 3.08 21.28 -14.97
N PHE C 708 2.82 22.16 -14.01
CA PHE C 708 2.81 23.60 -14.18
C PHE C 708 4.22 24.04 -13.84
N THR C 709 4.97 24.40 -14.89
CA THR C 709 6.40 24.68 -14.81
C THR C 709 6.65 26.18 -14.77
N PRO C 710 7.86 26.59 -14.29
CA PRO C 710 8.13 28.02 -14.12
C PRO C 710 8.66 28.72 -15.36
N LYS C 711 8.68 30.06 -15.27
CA LYS C 711 9.20 30.95 -16.31
C LYS C 711 10.27 31.85 -15.67
N SER C 712 9.89 32.95 -15.00
CA SER C 712 10.91 33.74 -14.30
C SER C 712 11.59 32.94 -13.13
N MET C 713 10.83 32.04 -12.46
CA MET C 713 11.33 31.23 -11.33
C MET C 713 12.54 30.33 -11.76
N LEU C 714 12.70 30.06 -13.09
CA LEU C 714 13.88 29.36 -13.66
C LEU C 714 15.17 30.05 -13.25
N ARG C 715 15.13 31.37 -13.12
CA ARG C 715 16.31 32.21 -12.81
C ARG C 715 16.25 32.84 -11.44
N ASN C 716 15.28 32.42 -10.62
CA ASN C 716 15.19 32.90 -9.24
C ASN C 716 16.34 32.26 -8.45
N LYS C 717 17.29 33.07 -7.91
CA LYS C 717 18.48 32.57 -7.19
C LYS C 717 18.14 31.81 -5.90
N ALA C 718 16.93 32.00 -5.35
CA ALA C 718 16.47 31.30 -4.16
C ALA C 718 15.88 29.93 -4.54
N ALA C 719 15.44 29.78 -5.80
CA ALA C 719 14.86 28.53 -6.28
C ALA C 719 15.95 27.59 -6.82
N VAL C 720 16.91 27.22 -5.95
CA VAL C 720 18.01 26.32 -6.31
C VAL C 720 18.04 25.19 -5.27
N SER C 721 18.63 24.03 -5.61
CA SER C 721 18.69 22.91 -4.71
C SER C 721 20.10 22.43 -4.44
N ASP C 722 20.30 21.84 -3.26
CA ASP C 722 21.57 21.25 -2.81
C ASP C 722 21.72 19.88 -3.43
N ILE C 723 22.95 19.39 -3.57
CA ILE C 723 23.22 18.04 -4.08
C ILE C 723 22.48 16.96 -3.22
N ARG C 724 22.47 17.10 -1.88
CA ARG C 724 21.83 16.14 -0.96
C ARG C 724 20.32 16.02 -1.21
N ASP C 725 19.71 17.08 -1.79
CA ASP C 725 18.31 17.09 -2.15
C ASP C 725 18.04 16.04 -3.26
N PHE C 726 19.06 15.77 -4.10
CA PHE C 726 18.99 14.81 -5.21
C PHE C 726 19.44 13.44 -4.78
N THR C 727 20.39 13.39 -3.85
CA THR C 727 21.05 12.14 -3.49
C THR C 727 20.49 11.50 -2.20
N GLU C 728 19.78 12.25 -1.35
CA GLU C 728 19.27 11.63 -0.12
C GLU C 728 17.78 11.97 0.17
N SER C 729 17.04 12.41 -0.84
CA SER C 729 15.65 12.74 -0.60
C SER C 729 14.78 12.05 -1.64
N LYS C 730 13.52 12.46 -1.73
CA LYS C 730 12.54 11.91 -2.65
C LYS C 730 11.55 12.99 -2.93
N PHE C 731 10.49 12.64 -3.72
CA PHE C 731 9.45 13.60 -4.06
C PHE C 731 8.67 13.95 -2.80
N ARG C 732 8.41 15.24 -2.59
CA ARG C 732 7.70 15.75 -1.42
C ARG C 732 6.44 16.39 -1.91
N SER C 733 5.28 15.77 -1.62
CA SER C 733 3.99 16.31 -2.06
C SER C 733 3.64 17.60 -1.32
N VAL C 734 4.20 17.78 -0.12
CA VAL C 734 3.99 18.95 0.74
C VAL C 734 5.36 19.42 1.22
N LEU C 735 5.64 20.73 1.14
CA LEU C 735 6.91 21.29 1.62
C LEU C 735 6.71 22.39 2.64
N GLU C 736 7.59 22.39 3.63
CA GLU C 736 7.66 23.37 4.70
C GLU C 736 8.81 24.31 4.45
N GLU C 737 8.84 25.45 5.15
CA GLU C 737 9.92 26.41 5.05
C GLU C 737 11.21 25.83 5.60
N PRO C 738 12.36 26.07 4.92
CA PRO C 738 13.63 25.51 5.41
C PRO C 738 14.03 25.99 6.82
N MET C 739 13.50 27.14 7.28
CA MET C 739 13.81 27.62 8.64
C MET C 739 13.28 26.64 9.71
N TYR C 740 12.20 25.88 9.43
CA TYR C 740 11.68 24.92 10.41
C TYR C 740 12.29 23.52 10.23
N THR C 741 12.62 23.11 9.01
CA THR C 741 13.17 21.78 8.73
C THR C 741 14.71 21.72 8.88
N ASP C 742 15.41 22.85 8.66
CA ASP C 742 16.87 22.90 8.69
C ASP C 742 17.44 24.09 9.48
N GLY C 743 16.60 25.03 9.89
CA GLY C 743 17.06 26.22 10.60
C GLY C 743 16.62 26.32 12.05
N GLU C 744 16.57 27.57 12.57
CA GLU C 744 16.23 27.88 13.96
C GLU C 744 14.77 28.35 14.14
N GLY C 745 13.94 28.16 13.12
CA GLY C 745 12.54 28.57 13.18
C GLY C 745 11.76 27.77 14.21
N ASP C 746 10.75 28.41 14.84
CA ASP C 746 9.90 27.82 15.85
C ASP C 746 8.45 27.73 15.31
N ARG C 747 8.01 26.49 14.99
CA ARG C 747 6.66 26.20 14.48
C ARG C 747 5.56 26.61 15.46
N ASN C 748 5.85 26.57 16.78
CA ASN C 748 4.88 26.88 17.85
C ASN C 748 4.54 28.37 17.95
N LYS C 749 5.33 29.25 17.30
CA LYS C 749 5.06 30.69 17.29
C LYS C 749 4.01 31.07 16.24
N VAL C 750 3.68 30.12 15.33
CA VAL C 750 2.80 30.31 14.18
C VAL C 750 1.33 30.34 14.58
N THR C 751 0.66 31.46 14.25
CA THR C 751 -0.77 31.63 14.52
C THR C 751 -1.56 31.73 13.18
N ARG C 752 -0.87 32.08 12.08
CA ARG C 752 -1.45 32.19 10.74
C ARG C 752 -0.71 31.28 9.76
N LEU C 753 -1.46 30.35 9.13
CA LEU C 753 -0.89 29.43 8.16
C LEU C 753 -1.32 29.79 6.75
N LEU C 754 -0.33 30.03 5.88
CA LEU C 754 -0.59 30.31 4.47
C LEU C 754 -0.30 29.06 3.66
N LEU C 755 -1.32 28.57 2.96
CA LEU C 755 -1.14 27.39 2.08
C LEU C 755 -1.12 27.88 0.67
N THR C 756 -0.14 27.41 -0.11
CA THR C 756 0.05 27.89 -1.46
C THR C 756 0.71 26.81 -2.32
N SER C 757 0.99 27.16 -3.55
CA SER C 757 1.68 26.31 -4.52
C SER C 757 2.42 27.20 -5.49
N GLY C 758 3.60 26.76 -5.94
CA GLY C 758 4.34 27.48 -6.97
C GLY C 758 5.17 28.65 -6.49
N LYS C 759 5.57 29.50 -7.44
CA LYS C 759 6.48 30.62 -7.28
C LYS C 759 6.01 31.68 -6.30
N ILE C 760 4.69 31.85 -6.02
CA ILE C 760 4.31 32.91 -5.04
C ILE C 760 4.96 32.63 -3.66
N TYR C 761 5.33 31.35 -3.37
CA TYR C 761 6.02 30.98 -2.14
C TYR C 761 7.23 31.90 -1.89
N TYR C 762 8.10 32.11 -2.88
CA TYR C 762 9.32 32.90 -2.71
C TYR C 762 9.04 34.35 -2.33
N GLU C 763 7.98 34.96 -2.90
CA GLU C 763 7.56 36.33 -2.59
C GLU C 763 7.01 36.42 -1.18
N LEU C 764 6.16 35.45 -0.78
CA LEU C 764 5.60 35.37 0.57
C LEU C 764 6.73 35.20 1.60
N ALA C 765 7.72 34.30 1.31
CA ALA C 765 8.88 34.04 2.17
C ALA C 765 9.75 35.29 2.33
N ALA C 766 9.93 36.06 1.24
CA ALA C 766 10.73 37.29 1.24
C ALA C 766 10.06 38.38 2.11
N ARG C 767 8.71 38.43 2.10
CA ARG C 767 7.94 39.38 2.92
C ARG C 767 8.03 38.98 4.41
N LYS C 768 7.92 37.68 4.70
CA LYS C 768 8.06 37.12 6.05
C LYS C 768 9.47 37.43 6.61
N ALA C 769 10.52 37.22 5.80
CA ALA C 769 11.89 37.52 6.20
C ALA C 769 12.09 39.03 6.46
N LYS C 770 11.55 39.90 5.57
CA LYS C 770 11.71 41.35 5.69
C LYS C 770 11.10 41.89 6.97
N GLU C 771 9.88 41.42 7.32
CA GLU C 771 9.14 41.87 8.51
C GLU C 771 9.37 40.99 9.74
N ASN C 772 10.26 39.97 9.66
CA ASN C 772 10.56 38.98 10.72
C ASN C 772 9.22 38.42 11.31
N ARG C 773 8.31 37.98 10.44
CA ARG C 773 7.01 37.49 10.89
C ARG C 773 7.10 36.01 11.31
N GLU C 774 7.42 35.78 12.58
CA GLU C 774 7.51 34.43 13.16
C GLU C 774 6.11 33.84 13.39
N ASP C 775 5.07 34.70 13.35
CA ASP C 775 3.67 34.33 13.58
C ASP C 775 3.02 33.71 12.32
N VAL C 776 3.72 33.76 11.16
CA VAL C 776 3.18 33.27 9.88
C VAL C 776 4.10 32.18 9.31
N ALA C 777 3.50 31.06 8.85
CA ALA C 777 4.25 30.01 8.16
C ALA C 777 3.60 29.75 6.81
N ILE C 778 4.40 29.32 5.84
CA ILE C 778 3.97 29.10 4.49
C ILE C 778 4.22 27.64 4.16
N VAL C 779 3.14 26.93 3.81
CA VAL C 779 3.20 25.51 3.48
C VAL C 779 2.83 25.36 1.98
N ARG C 780 3.64 24.62 1.24
CA ARG C 780 3.45 24.41 -0.19
C ARG C 780 2.82 23.08 -0.50
N ILE C 781 1.80 23.10 -1.38
CA ILE C 781 1.17 21.89 -1.91
C ILE C 781 1.79 21.71 -3.27
N GLU C 782 2.74 20.77 -3.38
CA GLU C 782 3.51 20.47 -4.60
C GLU C 782 2.73 19.58 -5.54
N GLN C 783 2.00 18.61 -4.99
CA GLN C 783 1.15 17.68 -5.74
C GLN C 783 -0.28 18.14 -5.54
N LEU C 784 -0.89 18.74 -6.56
CA LEU C 784 -2.26 19.27 -6.46
C LEU C 784 -3.32 18.19 -6.58
N ALA C 785 -3.00 17.10 -7.30
CA ALA C 785 -3.93 15.97 -7.49
C ALA C 785 -3.10 14.70 -7.69
N PRO C 786 -3.40 13.59 -6.98
CA PRO C 786 -4.40 13.49 -5.89
C PRO C 786 -3.95 14.35 -4.72
N LEU C 787 -4.89 14.94 -3.99
CA LEU C 787 -4.53 15.78 -2.87
C LEU C 787 -3.78 14.94 -1.83
N PRO C 788 -2.59 15.36 -1.39
CA PRO C 788 -1.83 14.55 -0.44
C PRO C 788 -2.40 14.72 0.98
N ARG C 789 -3.58 14.11 1.22
CA ARG C 789 -4.36 14.25 2.46
C ARG C 789 -3.53 13.96 3.71
N ARG C 790 -2.86 12.80 3.74
CA ARG C 790 -2.07 12.35 4.88
C ARG C 790 -0.91 13.31 5.17
N ARG C 791 -0.08 13.60 4.14
CA ARG C 791 1.07 14.49 4.29
C ARG C 791 0.62 15.89 4.73
N LEU C 792 -0.50 16.38 4.18
CA LEU C 792 -1.04 17.69 4.51
C LEU C 792 -1.50 17.73 5.99
N ALA C 793 -2.29 16.71 6.48
CA ALA C 793 -2.70 16.60 7.88
C ALA C 793 -1.49 16.55 8.82
N GLU C 794 -0.48 15.71 8.50
CA GLU C 794 0.72 15.52 9.30
C GLU C 794 1.54 16.80 9.43
N THR C 795 1.66 17.56 8.31
CA THR C 795 2.38 18.83 8.25
C THR C 795 1.68 19.85 9.10
N LEU C 796 0.35 19.97 8.97
CA LEU C 796 -0.41 20.96 9.73
C LEU C 796 -0.42 20.68 11.26
N ASP C 797 -0.35 19.39 11.67
CA ASP C 797 -0.33 19.01 13.09
C ASP C 797 0.87 19.56 13.83
N ARG C 798 1.97 19.89 13.12
CA ARG C 798 3.17 20.41 13.79
C ARG C 798 3.11 21.93 14.01
N TYR C 799 1.98 22.57 13.69
CA TYR C 799 1.76 24.01 13.94
C TYR C 799 0.54 24.10 14.87
N PRO C 800 0.67 23.73 16.18
CA PRO C 800 -0.53 23.63 17.01
C PRO C 800 -1.20 24.94 17.39
N ASN C 801 -0.51 26.08 17.23
CA ASN C 801 -1.11 27.35 17.67
C ASN C 801 -1.75 28.15 16.53
N VAL C 802 -1.99 27.50 15.38
CA VAL C 802 -2.63 28.15 14.23
C VAL C 802 -4.09 28.49 14.60
N LYS C 803 -4.48 29.76 14.42
CA LYS C 803 -5.83 30.25 14.69
C LYS C 803 -6.59 30.52 13.38
N GLU C 804 -5.85 30.71 12.28
CA GLU C 804 -6.43 31.00 10.97
C GLU C 804 -5.59 30.42 9.83
N LYS C 805 -6.27 29.94 8.77
CA LYS C 805 -5.62 29.34 7.61
C LYS C 805 -6.12 29.99 6.33
N PHE C 806 -5.20 30.27 5.42
CA PHE C 806 -5.53 30.86 4.14
C PHE C 806 -4.91 30.11 3.00
N TRP C 807 -5.70 29.88 1.94
CA TRP C 807 -5.20 29.38 0.68
C TRP C 807 -4.83 30.63 -0.11
N VAL C 808 -3.53 30.76 -0.45
CA VAL C 808 -3.02 31.93 -1.18
C VAL C 808 -2.62 31.51 -2.59
N GLN C 809 -3.09 32.28 -3.59
CA GLN C 809 -2.78 32.01 -5.00
C GLN C 809 -2.77 33.30 -5.80
N GLU C 810 -2.03 33.27 -6.89
CA GLU C 810 -1.91 34.39 -7.82
C GLU C 810 -3.12 34.46 -8.75
N GLU C 811 -3.70 33.30 -9.06
CA GLU C 811 -4.78 33.22 -10.03
C GLU C 811 -6.07 33.86 -9.53
N PRO C 812 -6.93 34.33 -10.47
CA PRO C 812 -8.27 34.84 -10.10
C PRO C 812 -9.04 33.81 -9.26
N ALA C 813 -9.99 34.28 -8.44
CA ALA C 813 -10.75 33.46 -7.50
C ALA C 813 -11.47 32.28 -8.18
N ASN C 814 -11.90 32.44 -9.44
CA ASN C 814 -12.59 31.37 -10.20
C ASN C 814 -11.59 30.47 -10.94
N GLN C 815 -10.31 30.67 -10.70
CA GLN C 815 -9.23 29.95 -11.37
C GLN C 815 -8.21 29.44 -10.37
N GLY C 816 -7.14 28.80 -10.84
CA GLY C 816 -6.14 28.23 -9.95
C GLY C 816 -6.70 27.04 -9.20
N ALA C 817 -6.10 26.71 -8.04
CA ALA C 817 -6.57 25.56 -7.27
C ALA C 817 -7.78 25.87 -6.36
N TRP C 818 -8.08 27.16 -6.08
CA TRP C 818 -9.16 27.50 -5.15
C TRP C 818 -10.53 26.86 -5.49
N PRO C 819 -11.10 26.96 -6.73
CA PRO C 819 -12.42 26.35 -6.96
C PRO C 819 -12.50 24.90 -6.49
N SER C 820 -11.44 24.07 -6.69
CA SER C 820 -11.53 22.69 -6.21
C SER C 820 -11.12 22.57 -4.73
N PHE C 821 -9.99 23.19 -4.30
CA PHE C 821 -9.49 23.10 -2.91
C PHE C 821 -10.47 23.68 -1.91
N GLY C 822 -11.09 24.81 -2.27
CA GLY C 822 -12.06 25.50 -1.42
C GLY C 822 -13.25 24.64 -1.06
N LEU C 823 -13.61 23.71 -1.96
CA LEU C 823 -14.72 22.79 -1.77
C LEU C 823 -14.23 21.43 -1.24
N THR C 824 -13.02 20.96 -1.62
CA THR C 824 -12.49 19.64 -1.22
C THR C 824 -11.82 19.61 0.17
N LEU C 825 -10.89 20.55 0.48
CA LEU C 825 -10.15 20.60 1.76
C LEU C 825 -11.07 20.59 3.00
N PRO C 826 -12.13 21.43 3.11
CA PRO C 826 -12.99 21.34 4.31
C PRO C 826 -13.80 20.04 4.39
N GLU C 827 -13.94 19.31 3.27
CA GLU C 827 -14.66 18.04 3.27
C GLU C 827 -13.73 16.88 3.69
N ILE C 828 -12.53 16.78 3.10
CA ILE C 828 -11.58 15.70 3.33
C ILE C 828 -10.79 15.88 4.64
N LEU C 829 -10.57 17.14 5.09
CA LEU C 829 -9.86 17.40 6.36
C LEU C 829 -10.63 18.45 7.13
N PRO C 830 -11.83 18.11 7.66
CA PRO C 830 -12.63 19.11 8.39
C PRO C 830 -12.00 19.62 9.68
N ASP C 831 -11.06 18.85 10.28
CA ASP C 831 -10.49 19.30 11.56
C ASP C 831 -9.32 20.25 11.33
N HIS C 832 -8.82 20.31 10.11
CA HIS C 832 -7.73 21.21 9.71
C HIS C 832 -8.23 22.37 8.85
N PHE C 833 -9.24 22.14 7.99
CA PHE C 833 -9.63 23.14 7.00
C PHE C 833 -11.04 23.73 7.12
N THR C 834 -11.75 23.54 8.26
CA THR C 834 -13.04 24.22 8.47
C THR C 834 -12.67 25.67 8.76
N GLY C 835 -13.25 26.59 8.01
CA GLY C 835 -12.93 27.99 8.16
C GLY C 835 -11.81 28.45 7.23
N LEU C 836 -11.34 27.58 6.30
CA LEU C 836 -10.31 27.94 5.29
C LEU C 836 -10.78 29.14 4.47
N LYS C 837 -9.94 30.16 4.35
CA LYS C 837 -10.29 31.37 3.59
C LYS C 837 -9.36 31.52 2.39
N ARG C 838 -9.81 32.26 1.37
CA ARG C 838 -9.03 32.46 0.16
C ARG C 838 -8.39 33.85 0.13
N ILE C 839 -7.15 33.91 -0.38
CA ILE C 839 -6.44 35.15 -0.74
C ILE C 839 -5.99 34.96 -2.17
N SER C 840 -6.57 35.74 -3.10
CA SER C 840 -6.25 35.56 -4.53
C SER C 840 -6.54 36.84 -5.30
N ARG C 841 -6.37 36.79 -6.63
CA ARG C 841 -6.84 37.88 -7.48
C ARG C 841 -8.37 37.78 -7.52
N ARG C 842 -9.07 38.89 -7.79
CA ARG C 842 -10.53 38.84 -7.95
C ARG C 842 -10.90 37.89 -9.10
N ALA C 843 -12.11 37.31 -9.09
CA ALA C 843 -12.57 36.47 -10.20
C ALA C 843 -12.57 37.30 -11.51
N MET C 844 -12.12 36.71 -12.63
CA MET C 844 -12.02 37.37 -13.94
C MET C 844 -12.47 36.45 -15.06
N SER C 845 -12.91 37.01 -16.20
CA SER C 845 -13.32 36.23 -17.39
C SER C 845 -12.10 35.83 -18.24
N ALA C 846 -10.92 36.34 -17.87
CA ALA C 846 -9.65 36.04 -18.54
C ALA C 846 -8.66 35.57 -17.50
N PRO C 847 -7.55 34.87 -17.84
CA PRO C 847 -6.59 34.44 -16.79
C PRO C 847 -5.92 35.58 -16.00
N SER C 848 -5.84 36.78 -16.59
CA SER C 848 -5.19 37.93 -15.95
C SER C 848 -5.60 39.21 -16.63
N SER C 849 -5.10 40.35 -16.10
CA SER C 849 -5.22 41.64 -16.76
C SER C 849 -4.23 41.65 -17.95
N GLY C 850 -4.49 42.53 -18.93
CA GLY C 850 -3.63 42.73 -20.09
C GLY C 850 -2.55 43.76 -19.81
N SER C 851 -2.61 44.41 -18.63
CA SER C 851 -1.65 45.44 -18.24
C SER C 851 -0.67 44.94 -17.17
N SER C 852 0.64 45.14 -17.40
CA SER C 852 1.67 44.73 -16.44
C SER C 852 1.57 45.60 -15.17
N LYS C 853 1.06 46.85 -15.31
CA LYS C 853 0.89 47.80 -14.20
C LYS C 853 -0.18 47.27 -13.23
N VAL C 854 -1.34 46.84 -13.76
CA VAL C 854 -2.45 46.26 -13.00
C VAL C 854 -1.96 44.94 -12.37
N HIS C 855 -1.17 44.14 -13.10
CA HIS C 855 -0.61 42.89 -12.55
C HIS C 855 0.18 43.16 -11.25
N ALA C 856 1.12 44.14 -11.30
CA ALA C 856 2.01 44.47 -10.15
C ALA C 856 1.21 44.90 -8.91
N VAL C 857 0.20 45.78 -9.08
CA VAL C 857 -0.67 46.29 -8.02
C VAL C 857 -1.40 45.10 -7.36
N GLU C 858 -1.99 44.21 -8.18
CA GLU C 858 -2.75 43.05 -7.72
C GLU C 858 -1.84 42.10 -6.96
N GLN C 859 -0.60 41.91 -7.43
CA GLN C 859 0.37 41.02 -6.78
C GLN C 859 0.69 41.57 -5.40
N GLN C 860 0.93 42.89 -5.29
CA GLN C 860 1.25 43.52 -4.01
C GLN C 860 0.04 43.43 -3.07
N GLU C 861 -1.21 43.56 -3.62
CA GLU C 861 -2.43 43.44 -2.80
C GLU C 861 -2.49 42.06 -2.14
N ILE C 862 -2.12 40.99 -2.89
CA ILE C 862 -2.12 39.62 -2.36
C ILE C 862 -1.14 39.49 -1.17
N LEU C 863 0.11 39.98 -1.35
CA LEU C 863 1.16 39.94 -0.32
C LEU C 863 0.75 40.74 0.91
N ASP C 864 0.12 41.91 0.69
CA ASP C 864 -0.32 42.79 1.77
C ASP C 864 -1.48 42.19 2.55
N THR C 865 -2.37 41.43 1.88
CA THR C 865 -3.53 40.79 2.53
C THR C 865 -3.06 39.60 3.37
N ALA C 866 -2.12 38.78 2.80
CA ALA C 866 -1.55 37.61 3.45
C ALA C 866 -0.82 37.99 4.74
N PHE C 867 -0.18 39.17 4.77
CA PHE C 867 0.55 39.60 5.96
C PHE C 867 -0.16 40.76 6.70
N GLY C 868 -1.45 40.95 6.43
CA GLY C 868 -2.26 42.01 7.04
C GLY C 868 -2.96 41.66 8.34
N ASN D 8 10.48 21.56 -82.03
CA ASN D 8 9.25 22.29 -81.74
C ASN D 8 8.51 21.67 -80.54
N ALA D 9 8.48 20.32 -80.49
CA ALA D 9 7.86 19.55 -79.40
C ALA D 9 8.63 19.77 -78.09
N ARG D 10 9.96 20.00 -78.18
CA ARG D 10 10.82 20.29 -77.03
C ARG D 10 10.50 21.68 -76.45
N VAL D 11 10.10 22.63 -77.32
CA VAL D 11 9.73 24.01 -76.98
C VAL D 11 8.43 23.99 -76.16
N ILE D 12 7.41 23.24 -76.62
CA ILE D 12 6.11 23.11 -75.97
C ILE D 12 6.27 22.49 -74.56
N GLU D 13 7.19 21.51 -74.42
CA GLU D 13 7.51 20.86 -73.15
C GLU D 13 8.28 21.83 -72.25
N LEU D 14 9.11 22.71 -72.85
CA LEU D 14 9.89 23.71 -72.13
C LEU D 14 8.95 24.79 -71.59
N ILE D 15 7.93 25.19 -72.39
CA ILE D 15 6.91 26.16 -71.97
C ILE D 15 6.15 25.61 -70.75
N ALA D 16 5.69 24.33 -70.84
CA ALA D 16 4.97 23.66 -69.74
C ALA D 16 5.83 23.55 -68.49
N ALA D 17 7.13 23.25 -68.65
CA ALA D 17 8.08 23.11 -67.54
C ALA D 17 8.22 24.41 -66.74
N TYR D 18 8.31 25.58 -67.44
CA TYR D 18 8.40 26.88 -66.78
C TYR D 18 7.10 27.20 -66.04
N ARG D 19 5.96 27.00 -66.73
CA ARG D 19 4.63 27.28 -66.16
C ARG D 19 4.35 26.42 -64.91
N ASN D 20 4.73 25.13 -64.95
CA ASN D 20 4.48 24.20 -63.85
C ASN D 20 5.49 24.27 -62.71
N ARG D 21 6.78 24.39 -63.04
CA ARG D 21 7.86 24.24 -62.06
C ARG D 21 8.91 25.36 -62.07
N GLY D 22 8.70 26.43 -62.85
CA GLY D 22 9.64 27.56 -62.87
C GLY D 22 9.88 28.17 -61.50
N HIS D 23 8.83 28.14 -60.64
CA HIS D 23 8.84 28.65 -59.27
C HIS D 23 9.89 27.95 -58.39
N LEU D 24 10.26 26.71 -58.70
CA LEU D 24 11.31 25.98 -57.96
C LEU D 24 12.72 26.55 -58.28
N MET D 25 12.85 27.37 -59.33
CA MET D 25 14.14 27.95 -59.73
C MET D 25 14.14 29.47 -59.62
N ALA D 26 13.04 30.07 -59.17
CA ALA D 26 12.92 31.50 -59.02
C ALA D 26 13.82 32.01 -57.88
N ASP D 27 14.39 33.20 -58.07
CA ASP D 27 15.23 33.85 -57.05
C ASP D 27 14.30 34.60 -56.06
N ILE D 28 13.67 33.83 -55.17
CA ILE D 28 12.67 34.32 -54.21
C ILE D 28 13.25 34.57 -52.81
N ASP D 29 14.38 33.95 -52.47
CA ASP D 29 14.92 34.07 -51.12
C ASP D 29 15.93 35.22 -51.04
N PRO D 30 15.62 36.35 -50.38
CA PRO D 30 16.61 37.46 -50.28
C PRO D 30 17.90 37.08 -49.56
N LEU D 31 17.88 35.99 -48.74
CA LEU D 31 19.08 35.49 -48.05
C LEU D 31 19.89 34.51 -48.91
N ARG D 32 19.27 33.88 -49.95
CA ARG D 32 19.89 32.86 -50.82
C ARG D 32 20.57 31.76 -49.96
N LEU D 33 19.86 31.25 -48.93
CA LEU D 33 20.40 30.24 -48.02
C LEU D 33 20.76 28.93 -48.72
N ASP D 34 19.87 28.44 -49.60
CA ASP D 34 20.10 27.18 -50.32
C ASP D 34 20.85 27.45 -51.62
N ASN D 35 22.13 27.04 -51.66
CA ASN D 35 23.01 27.23 -52.82
C ASN D 35 22.65 26.26 -53.97
N THR D 36 22.17 25.04 -53.62
CA THR D 36 21.81 23.96 -54.56
C THR D 36 20.55 24.29 -55.39
N ARG D 37 19.81 25.34 -55.00
CA ARG D 37 18.57 25.81 -55.63
C ARG D 37 18.72 26.09 -57.13
N PHE D 38 19.82 26.78 -57.52
CA PHE D 38 20.09 27.13 -58.92
C PHE D 38 21.02 26.11 -59.56
N TRP D 54 23.86 27.39 -79.38
CA TRP D 54 22.59 26.70 -79.51
C TRP D 54 21.59 27.49 -80.38
N ASP D 55 20.49 26.84 -80.79
CA ASP D 55 19.45 27.44 -81.62
C ASP D 55 18.40 28.15 -80.75
N LEU D 56 18.42 29.50 -80.75
CA LEU D 56 17.49 30.33 -79.98
C LEU D 56 16.89 31.42 -80.87
N ASP D 57 17.55 31.74 -82.02
CA ASP D 57 17.08 32.77 -82.95
C ASP D 57 16.04 32.21 -83.92
N ARG D 58 15.80 30.88 -83.90
CA ARG D 58 14.80 30.16 -84.71
C ARG D 58 13.39 30.58 -84.32
N GLU D 59 12.56 30.92 -85.33
CA GLU D 59 11.17 31.37 -85.13
C GLU D 59 10.26 30.20 -84.84
N PHE D 60 9.28 30.39 -83.93
CA PHE D 60 8.29 29.40 -83.52
C PHE D 60 6.90 30.04 -83.45
N LYS D 71 7.29 34.09 -83.21
CA LYS D 71 8.28 34.75 -82.37
C LYS D 71 9.53 33.89 -82.17
N LYS D 72 10.70 34.56 -82.05
CA LYS D 72 11.99 33.89 -81.85
C LYS D 72 12.02 33.23 -80.48
N LEU D 73 12.55 32.00 -80.45
CA LEU D 73 12.67 31.19 -79.24
C LEU D 73 13.30 32.00 -78.09
N ARG D 74 14.38 32.77 -78.35
CA ARG D 74 15.03 33.58 -77.32
C ARG D 74 14.03 34.54 -76.63
N ASP D 75 13.04 35.07 -77.39
CA ASP D 75 12.03 35.99 -76.86
C ASP D 75 10.94 35.23 -76.10
N ILE D 76 10.58 34.01 -76.56
CA ILE D 76 9.62 33.15 -75.83
C ILE D 76 10.25 32.79 -74.47
N LEU D 77 11.54 32.36 -74.47
CA LEU D 77 12.26 31.97 -73.27
C LEU D 77 12.46 33.13 -72.31
N SER D 78 12.71 34.36 -72.82
CA SER D 78 12.93 35.54 -71.98
C SER D 78 11.64 35.93 -71.25
N VAL D 79 10.48 35.83 -71.94
CA VAL D 79 9.15 36.12 -71.34
C VAL D 79 8.91 35.11 -70.19
N LEU D 80 9.16 33.80 -70.44
CA LEU D 80 9.02 32.71 -69.47
C LEU D 80 9.97 32.90 -68.29
N ARG D 81 11.27 33.23 -68.53
CA ARG D 81 12.24 33.46 -67.44
C ARG D 81 11.83 34.66 -66.56
N ASP D 82 11.35 35.75 -67.17
CA ASP D 82 10.91 36.95 -66.45
C ASP D 82 9.64 36.71 -65.66
N ALA D 83 8.74 35.90 -66.21
CA ALA D 83 7.45 35.61 -65.58
C ALA D 83 7.56 34.63 -64.43
N TYR D 84 8.40 33.59 -64.59
CA TYR D 84 8.42 32.47 -63.65
C TYR D 84 9.72 32.23 -62.90
N CYS D 85 10.85 32.83 -63.31
CA CYS D 85 12.13 32.54 -62.65
C CYS D 85 12.87 33.78 -62.24
N ARG D 86 12.17 34.90 -62.04
CA ARG D 86 12.84 36.14 -61.62
C ARG D 86 12.66 36.25 -60.11
N HIS D 87 11.95 37.27 -59.61
CA HIS D 87 11.74 37.46 -58.16
C HIS D 87 10.35 37.00 -57.74
N VAL D 88 9.57 36.39 -58.67
CA VAL D 88 8.24 35.89 -58.35
C VAL D 88 8.13 34.41 -58.77
N GLY D 89 7.75 33.55 -57.83
CA GLY D 89 7.48 32.15 -58.09
C GLY D 89 5.97 32.01 -58.15
N VAL D 90 5.43 31.62 -59.30
CA VAL D 90 3.99 31.51 -59.53
C VAL D 90 3.59 30.04 -59.51
N GLU D 91 2.62 29.70 -58.66
CA GLU D 91 2.05 28.37 -58.59
C GLU D 91 0.59 28.51 -58.96
N TYR D 92 0.20 28.00 -60.14
CA TYR D 92 -1.17 28.16 -60.60
C TYR D 92 -1.66 26.99 -61.44
N THR D 93 -0.76 26.09 -61.89
CA THR D 93 -1.17 25.00 -62.79
C THR D 93 -1.94 23.90 -62.03
N HIS D 94 -1.98 23.97 -60.67
CA HIS D 94 -2.77 23.06 -59.84
C HIS D 94 -4.24 23.47 -59.83
N ILE D 95 -4.57 24.69 -60.34
CA ILE D 95 -5.93 25.21 -60.35
C ILE D 95 -6.75 24.41 -61.36
N LEU D 96 -7.93 23.91 -60.93
CA LEU D 96 -8.72 23.05 -61.78
C LEU D 96 -9.52 23.84 -62.83
N GLU D 97 -9.91 25.09 -62.55
CA GLU D 97 -10.65 25.95 -63.50
C GLU D 97 -9.71 26.44 -64.59
N PRO D 98 -9.90 26.05 -65.89
CA PRO D 98 -8.97 26.51 -66.94
C PRO D 98 -9.01 28.02 -67.17
N GLU D 99 -10.17 28.67 -66.93
CA GLU D 99 -10.30 30.12 -67.13
C GLU D 99 -9.45 30.89 -66.11
N GLN D 100 -9.22 30.30 -64.92
CA GLN D 100 -8.38 30.91 -63.89
C GLN D 100 -6.90 30.77 -64.26
N GLN D 101 -6.49 29.58 -64.75
CA GLN D 101 -5.12 29.36 -65.23
C GLN D 101 -4.80 30.31 -66.38
N ARG D 102 -5.75 30.45 -67.33
CA ARG D 102 -5.63 31.32 -68.51
C ARG D 102 -5.46 32.79 -68.08
N TRP D 103 -6.32 33.26 -67.14
CA TRP D 103 -6.30 34.64 -66.64
C TRP D 103 -4.91 34.97 -66.02
N ILE D 104 -4.33 34.05 -65.24
CA ILE D 104 -3.02 34.27 -64.60
C ILE D 104 -1.92 34.29 -65.67
N GLN D 105 -1.88 33.25 -66.50
CA GLN D 105 -0.93 33.04 -67.58
C GLN D 105 -0.84 34.29 -68.46
N GLU D 106 -2.00 34.87 -68.85
CA GLU D 106 -2.09 36.07 -69.71
C GLU D 106 -1.52 37.32 -69.06
N ARG D 107 -1.70 37.49 -67.72
CA ARG D 107 -1.19 38.67 -67.02
C ARG D 107 0.27 38.55 -66.61
N VAL D 108 0.73 37.32 -66.44
CA VAL D 108 2.09 37.01 -66.01
C VAL D 108 3.04 36.87 -67.22
N GLU D 109 2.58 36.32 -68.35
CA GLU D 109 3.41 36.10 -69.55
C GLU D 109 3.34 37.25 -70.57
N THR D 110 3.66 38.47 -70.13
CA THR D 110 3.69 39.65 -71.01
C THR D 110 4.91 40.49 -70.68
N LYS D 111 5.34 41.35 -71.62
CA LYS D 111 6.43 42.29 -71.35
C LYS D 111 5.82 43.41 -70.53
N HIS D 112 6.10 43.41 -69.22
CA HIS D 112 5.55 44.39 -68.28
C HIS D 112 6.24 45.73 -68.39
N ASP D 113 5.43 46.80 -68.41
CA ASP D 113 5.93 48.17 -68.44
C ASP D 113 6.51 48.48 -67.07
N LYS D 114 7.78 48.94 -67.04
CA LYS D 114 8.50 49.29 -65.81
C LYS D 114 7.69 50.34 -65.03
N PRO D 115 7.63 50.28 -63.68
CA PRO D 115 6.83 51.29 -62.94
C PRO D 115 7.38 52.69 -63.16
N THR D 116 6.52 53.71 -63.09
CA THR D 116 6.93 55.11 -63.25
C THR D 116 7.84 55.47 -62.08
N VAL D 117 8.79 56.40 -62.30
CA VAL D 117 9.72 56.85 -61.26
C VAL D 117 8.91 57.32 -60.03
N ALA D 118 7.76 58.00 -60.25
CA ALA D 118 6.85 58.46 -59.22
C ALA D 118 6.36 57.30 -58.33
N GLU D 119 5.95 56.18 -58.97
CA GLU D 119 5.49 54.96 -58.28
C GLU D 119 6.63 54.34 -57.49
N GLN D 120 7.86 54.35 -58.05
CA GLN D 120 9.06 53.82 -57.40
C GLN D 120 9.38 54.66 -56.16
N LYS D 121 9.28 55.99 -56.30
CA LYS D 121 9.51 56.94 -55.21
C LYS D 121 8.46 56.78 -54.12
N TYR D 122 7.20 56.48 -54.50
CA TYR D 122 6.10 56.26 -53.57
C TYR D 122 6.36 54.99 -52.75
N ILE D 123 6.78 53.89 -53.41
CA ILE D 123 7.11 52.61 -52.77
C ILE D 123 8.27 52.85 -51.79
N LEU D 124 9.28 53.61 -52.19
CA LEU D 124 10.42 53.92 -51.34
C LEU D 124 10.01 54.77 -50.14
N SER D 125 9.06 55.71 -50.30
CA SER D 125 8.61 56.51 -49.15
C SER D 125 7.90 55.59 -48.14
N LYS D 126 7.16 54.56 -48.61
CA LYS D 126 6.47 53.60 -47.74
C LYS D 126 7.50 52.79 -46.95
N LEU D 127 8.61 52.38 -47.60
CA LEU D 127 9.71 51.67 -46.95
C LEU D 127 10.42 52.58 -45.97
N ASN D 128 10.63 53.87 -46.35
CA ASN D 128 11.24 54.89 -45.47
C ASN D 128 10.42 55.06 -44.19
N ALA D 129 9.07 55.22 -44.33
CA ALA D 129 8.13 55.32 -43.19
C ALA D 129 8.16 54.03 -42.36
N ALA D 130 8.12 52.85 -43.01
CA ALA D 130 8.16 51.54 -42.35
C ALA D 130 9.43 51.35 -41.53
N GLU D 131 10.60 51.67 -42.12
CA GLU D 131 11.88 51.50 -41.44
C GLU D 131 12.08 52.53 -40.33
N ALA D 132 11.69 53.79 -40.55
CA ALA D 132 11.82 54.82 -39.51
C ALA D 132 11.00 54.41 -38.29
N PHE D 133 9.76 53.89 -38.52
CA PHE D 133 8.91 53.40 -37.44
C PHE D 133 9.64 52.34 -36.62
N GLU D 134 10.28 51.34 -37.29
CA GLU D 134 10.99 50.22 -36.64
C GLU D 134 12.22 50.64 -35.86
N THR D 135 12.98 51.62 -36.35
CA THR D 135 14.17 52.14 -35.67
C THR D 135 13.72 52.88 -34.40
N PHE D 136 12.64 53.64 -34.48
CA PHE D 136 12.08 54.36 -33.34
C PHE D 136 11.61 53.39 -32.26
N LEU D 137 10.78 52.41 -32.65
CA LEU D 137 10.21 51.41 -31.75
C LEU D 137 11.30 50.64 -31.01
N GLN D 138 12.39 50.25 -31.70
CA GLN D 138 13.48 49.50 -31.08
C GLN D 138 14.46 50.40 -30.30
N THR D 139 14.46 51.71 -30.57
CA THR D 139 15.38 52.63 -29.88
C THR D 139 14.72 53.25 -28.65
N LYS D 140 13.46 53.71 -28.76
CA LYS D 140 12.76 54.37 -27.67
C LYS D 140 12.33 53.40 -26.56
N TYR D 141 11.74 52.26 -26.94
CA TYR D 141 11.22 51.35 -25.91
C TYR D 141 12.04 50.08 -25.75
N VAL D 142 11.91 49.49 -24.56
CA VAL D 142 12.52 48.21 -24.21
C VAL D 142 11.38 47.16 -24.32
N GLY D 143 11.73 45.96 -24.73
CA GLY D 143 10.76 44.88 -24.91
C GLY D 143 10.04 44.83 -26.23
N GLN D 144 10.49 45.56 -27.26
CA GLN D 144 9.76 45.59 -28.52
C GLN D 144 10.40 44.75 -29.64
N LYS D 145 11.53 44.02 -29.35
CA LYS D 145 12.26 43.17 -30.31
C LYS D 145 11.36 42.06 -30.88
N ARG D 146 10.48 41.48 -30.01
CA ARG D 146 9.55 40.41 -30.39
C ARG D 146 8.57 40.82 -31.50
N PHE D 147 8.23 42.10 -31.55
CA PHE D 147 7.29 42.65 -32.53
C PHE D 147 7.98 43.29 -33.77
N SER D 148 9.32 43.27 -33.81
CA SER D 148 10.10 43.93 -34.89
C SER D 148 9.76 43.41 -36.29
N LEU D 149 9.55 44.35 -37.21
CA LEU D 149 9.28 44.04 -38.61
C LEU D 149 10.60 44.18 -39.43
N GLU D 150 11.76 44.29 -38.75
CA GLU D 150 13.02 44.48 -39.45
C GLU D 150 13.39 43.25 -40.24
N GLY D 151 13.63 43.48 -41.52
CA GLY D 151 13.91 42.45 -42.50
C GLY D 151 12.67 42.07 -43.28
N ALA D 152 11.50 42.62 -42.88
CA ALA D 152 10.20 42.29 -43.49
C ALA D 152 9.36 43.57 -43.81
N GLU D 153 10.02 44.75 -43.82
CA GLU D 153 9.40 46.07 -44.05
C GLU D 153 8.62 46.17 -45.35
N THR D 154 8.99 45.35 -46.35
CA THR D 154 8.31 45.32 -47.65
C THR D 154 6.82 44.92 -47.49
N VAL D 155 6.42 44.33 -46.36
CA VAL D 155 5.00 44.00 -46.16
C VAL D 155 4.14 45.30 -46.10
N ILE D 156 4.73 46.46 -45.73
CA ILE D 156 4.00 47.74 -45.67
C ILE D 156 3.68 48.24 -47.10
N PRO D 157 4.64 48.48 -48.06
CA PRO D 157 4.20 48.86 -49.42
C PRO D 157 3.33 47.76 -50.07
N MET D 158 3.51 46.49 -49.70
CA MET D 158 2.68 45.39 -50.21
C MET D 158 1.23 45.56 -49.76
N MET D 159 1.00 45.79 -48.44
CA MET D 159 -0.36 45.98 -47.89
C MET D 159 -0.95 47.26 -48.45
N ASP D 160 -0.10 48.27 -48.61
CA ASP D 160 -0.51 49.55 -49.18
C ASP D 160 -1.07 49.33 -50.61
N ALA D 161 -0.38 48.49 -51.41
CA ALA D 161 -0.79 48.17 -52.78
C ALA D 161 -2.10 47.37 -52.79
N VAL D 162 -2.27 46.44 -51.83
CA VAL D 162 -3.51 45.67 -51.71
C VAL D 162 -4.70 46.64 -51.52
N ILE D 163 -4.59 47.52 -50.54
CA ILE D 163 -5.66 48.45 -50.16
C ILE D 163 -5.92 49.46 -51.28
N ASP D 164 -4.86 49.97 -51.92
CA ASP D 164 -4.96 50.94 -53.01
C ASP D 164 -5.68 50.31 -54.21
N GLN D 165 -5.39 49.03 -54.51
CA GLN D 165 -6.04 48.29 -55.59
C GLN D 165 -7.51 48.03 -55.24
N CYS D 166 -7.82 47.79 -53.94
CA CYS D 166 -9.23 47.59 -53.52
C CYS D 166 -10.03 48.90 -53.72
N ALA D 167 -9.39 50.06 -53.41
CA ALA D 167 -9.98 51.40 -53.62
C ALA D 167 -10.18 51.69 -55.12
N GLU D 168 -9.21 51.25 -55.96
CA GLU D 168 -9.24 51.38 -57.41
C GLU D 168 -10.46 50.63 -57.99
N HIS D 169 -10.84 49.50 -57.37
CA HIS D 169 -12.01 48.70 -57.75
C HIS D 169 -13.32 49.29 -57.16
N GLY D 170 -13.22 50.43 -56.46
CA GLY D 170 -14.36 51.09 -55.80
C GLY D 170 -15.00 50.31 -54.66
N LEU D 171 -14.21 49.46 -53.96
CA LEU D 171 -14.72 48.63 -52.87
C LEU D 171 -14.93 49.48 -51.57
N ASP D 172 -15.64 48.92 -50.58
CA ASP D 172 -16.06 49.68 -49.39
C ASP D 172 -15.13 49.64 -48.20
N GLU D 173 -14.54 48.48 -47.93
CA GLU D 173 -13.67 48.34 -46.76
C GLU D 173 -12.73 47.17 -46.91
N VAL D 174 -11.56 47.30 -46.27
CA VAL D 174 -10.60 46.21 -46.14
C VAL D 174 -10.50 45.92 -44.65
N VAL D 175 -10.75 44.68 -44.23
CA VAL D 175 -10.66 44.31 -42.82
C VAL D 175 -9.43 43.43 -42.68
N ILE D 176 -8.50 43.84 -41.81
CA ILE D 176 -7.25 43.12 -41.59
C ILE D 176 -7.31 42.27 -40.31
N ALA D 177 -6.68 41.09 -40.38
CA ALA D 177 -6.39 40.22 -39.24
C ALA D 177 -4.94 39.85 -39.37
N MET D 178 -4.21 39.99 -38.30
CA MET D 178 -2.78 39.72 -38.31
C MET D 178 -2.28 39.35 -36.91
N PRO D 179 -1.12 38.68 -36.78
CA PRO D 179 -0.54 38.51 -35.45
C PRO D 179 0.21 39.80 -35.04
N HIS D 180 1.05 39.77 -34.02
CA HIS D 180 1.69 40.96 -33.46
C HIS D 180 2.84 41.58 -34.29
N ARG D 181 3.62 40.79 -35.05
CA ARG D 181 4.77 41.34 -35.78
C ARG D 181 4.38 42.48 -36.73
N GLY D 182 4.92 43.66 -36.45
CA GLY D 182 4.71 44.86 -37.25
C GLY D 182 3.36 45.48 -37.09
N ARG D 183 2.60 45.08 -36.08
CA ARG D 183 1.22 45.56 -35.91
C ARG D 183 1.13 47.04 -35.69
N LEU D 184 2.02 47.64 -34.85
CA LEU D 184 1.96 49.07 -34.64
C LEU D 184 2.39 49.84 -35.89
N ASN D 185 3.28 49.22 -36.71
CA ASN D 185 3.72 49.77 -37.98
C ASN D 185 2.53 49.80 -38.99
N VAL D 186 1.68 48.73 -38.97
CA VAL D 186 0.46 48.62 -39.79
C VAL D 186 -0.53 49.69 -39.32
N LEU D 187 -0.65 49.88 -38.00
CA LEU D 187 -1.56 50.92 -37.48
C LEU D 187 -1.20 52.31 -38.01
N ALA D 188 0.09 52.65 -38.00
CA ALA D 188 0.54 53.97 -38.42
C ALA D 188 0.60 54.14 -39.93
N ASN D 189 1.16 53.16 -40.64
CA ASN D 189 1.42 53.33 -42.06
C ASN D 189 0.38 52.67 -43.01
N ILE D 190 -0.64 51.96 -42.48
CA ILE D 190 -1.69 51.31 -43.27
C ILE D 190 -3.08 51.83 -42.81
N VAL D 191 -3.43 51.63 -41.52
CA VAL D 191 -4.71 52.06 -40.94
C VAL D 191 -4.71 53.60 -40.85
N GLY D 192 -3.52 54.19 -40.72
CA GLY D 192 -3.33 55.63 -40.66
C GLY D 192 -3.63 56.23 -39.31
N LYS D 193 -3.45 55.47 -38.22
CA LYS D 193 -3.67 55.98 -36.86
C LYS D 193 -2.57 56.98 -36.48
N PRO D 194 -2.92 58.15 -35.88
CA PRO D 194 -1.86 59.09 -35.47
C PRO D 194 -0.98 58.50 -34.37
N TYR D 195 0.30 58.92 -34.33
CA TYR D 195 1.24 58.46 -33.31
C TYR D 195 0.71 58.73 -31.87
N SER D 196 -0.05 59.83 -31.65
CA SER D 196 -0.63 60.20 -30.34
C SER D 196 -1.59 59.11 -29.81
N GLN D 197 -2.35 58.48 -30.73
CA GLN D 197 -3.27 57.42 -30.38
C GLN D 197 -2.55 56.07 -30.19
N ILE D 198 -1.55 55.75 -31.06
CA ILE D 198 -0.83 54.48 -30.98
C ILE D 198 -0.01 54.36 -29.64
N PHE D 199 0.68 55.42 -29.24
CA PHE D 199 1.56 55.36 -28.08
C PHE D 199 0.90 55.87 -26.77
N SER D 200 -0.43 56.08 -26.78
CA SER D 200 -1.17 56.50 -25.59
C SER D 200 -1.04 55.44 -24.48
N GLU D 201 -0.40 55.82 -23.35
CA GLU D 201 -0.11 55.00 -22.18
C GLU D 201 0.60 53.70 -22.61
N PHE D 202 1.76 53.85 -23.25
CA PHE D 202 2.58 52.77 -23.75
C PHE D 202 3.69 52.40 -22.76
N GLY D 215 -0.73 49.85 -22.94
CA GLY D 215 0.59 49.30 -23.23
C GLY D 215 0.55 48.19 -24.25
N ASP D 216 1.18 47.02 -23.95
CA ASP D 216 1.24 45.84 -24.83
C ASP D 216 -0.16 45.30 -25.22
N VAL D 217 -1.25 45.80 -24.58
CA VAL D 217 -2.64 45.44 -24.94
C VAL D 217 -2.90 45.98 -26.39
N LYS D 218 -2.16 47.05 -26.78
CA LYS D 218 -2.24 47.72 -28.08
C LYS D 218 -2.05 46.72 -29.21
N TYR D 219 -1.25 45.66 -28.96
CA TYR D 219 -0.95 44.59 -29.92
C TYR D 219 -2.12 43.63 -30.14
N HIS D 220 -3.22 43.82 -29.40
CA HIS D 220 -4.40 42.95 -29.51
C HIS D 220 -5.67 43.71 -29.88
N LEU D 221 -5.68 45.03 -29.77
CA LEU D 221 -6.92 45.79 -29.99
C LEU D 221 -7.29 45.97 -31.46
N GLY D 222 -8.58 46.20 -31.67
CA GLY D 222 -9.12 46.53 -32.96
C GLY D 222 -8.83 47.99 -33.27
N ALA D 223 -8.97 48.39 -34.53
CA ALA D 223 -8.78 49.78 -34.98
C ALA D 223 -9.56 50.02 -36.24
N THR D 224 -9.91 51.30 -36.50
CA THR D 224 -10.60 51.67 -37.72
C THR D 224 -9.96 52.95 -38.27
N GLY D 225 -9.89 53.03 -39.59
CA GLY D 225 -9.32 54.19 -40.26
C GLY D 225 -9.84 54.37 -41.68
N THR D 226 -9.33 55.38 -42.37
CA THR D 226 -9.68 55.68 -43.75
C THR D 226 -8.41 55.79 -44.57
N TYR D 227 -8.37 55.05 -45.69
CA TYR D 227 -7.27 55.08 -46.63
C TYR D 227 -7.68 55.96 -47.79
N ILE D 228 -6.86 56.95 -48.12
CA ILE D 228 -7.10 57.89 -49.23
C ILE D 228 -5.99 57.65 -50.25
N GLN D 229 -6.36 57.30 -51.49
CA GLN D 229 -5.42 57.01 -52.59
C GLN D 229 -4.47 58.18 -52.83
N MET D 230 -3.21 57.86 -53.16
CA MET D 230 -2.17 58.83 -53.45
C MET D 230 -2.35 59.36 -54.89
N PHE D 231 -2.37 58.44 -55.89
CA PHE D 231 -2.48 58.76 -57.33
C PHE D 231 -3.88 58.56 -57.90
N GLY D 232 -4.84 58.27 -57.04
CA GLY D 232 -6.24 58.07 -57.41
C GLY D 232 -7.16 59.02 -56.66
N ASP D 233 -8.44 58.97 -57.00
CA ASP D 233 -9.45 59.86 -56.41
C ASP D 233 -10.41 59.10 -55.47
N ASN D 234 -10.13 57.82 -55.19
CA ASN D 234 -10.98 57.02 -54.31
C ASN D 234 -10.39 56.90 -52.90
N ASP D 235 -11.26 56.58 -51.95
CA ASP D 235 -10.94 56.31 -50.58
C ASP D 235 -11.62 55.01 -50.21
N ILE D 236 -11.14 54.35 -49.17
CA ILE D 236 -11.69 53.08 -48.68
C ILE D 236 -11.47 52.98 -47.15
N GLU D 237 -12.42 52.38 -46.44
CA GLU D 237 -12.29 52.18 -44.99
C GLU D 237 -11.32 51.04 -44.76
N VAL D 238 -10.50 51.14 -43.71
CA VAL D 238 -9.54 50.12 -43.36
C VAL D 238 -9.71 49.83 -41.88
N SER D 239 -9.92 48.57 -41.52
CA SER D 239 -10.06 48.22 -40.13
C SER D 239 -9.19 47.02 -39.79
N LEU D 240 -8.91 46.85 -38.50
CA LEU D 240 -8.09 45.79 -37.94
C LEU D 240 -8.89 45.15 -36.81
N THR D 241 -9.02 43.85 -36.82
CA THR D 241 -9.82 43.17 -35.81
C THR D 241 -8.92 42.80 -34.61
N ALA D 242 -9.54 42.65 -33.43
CA ALA D 242 -8.85 42.26 -32.20
C ALA D 242 -8.51 40.78 -32.27
N ASN D 243 -7.47 40.37 -31.56
CA ASN D 243 -7.02 38.97 -31.60
C ASN D 243 -6.19 38.59 -30.36
N PRO D 244 -6.22 37.30 -29.93
CA PRO D 244 -5.38 36.89 -28.80
C PRO D 244 -3.95 36.62 -29.30
N SER D 245 -3.06 36.13 -28.44
CA SER D 245 -1.70 35.77 -28.86
C SER D 245 -1.70 34.42 -29.61
N HIS D 246 -2.81 33.64 -29.51
CA HIS D 246 -2.99 32.35 -30.21
C HIS D 246 -2.96 32.61 -31.71
N LEU D 247 -1.83 32.26 -32.34
CA LEU D 247 -1.62 32.48 -33.76
C LEU D 247 -2.65 31.73 -34.58
N GLU D 248 -3.24 32.41 -35.59
CA GLU D 248 -4.22 31.93 -36.56
C GLU D 248 -5.64 31.74 -36.00
N ALA D 249 -5.85 31.87 -34.68
CA ALA D 249 -7.19 31.71 -34.08
C ALA D 249 -8.17 32.77 -34.56
N VAL D 250 -7.67 33.98 -34.91
CA VAL D 250 -8.53 35.05 -35.42
C VAL D 250 -8.97 34.78 -36.89
N ASP D 251 -8.33 33.83 -37.60
CA ASP D 251 -8.64 33.60 -39.02
C ASP D 251 -10.16 33.44 -39.30
N PRO D 252 -10.90 32.50 -38.66
CA PRO D 252 -12.32 32.37 -39.00
C PRO D 252 -13.14 33.52 -38.44
N VAL D 253 -12.61 34.22 -37.37
CA VAL D 253 -13.29 35.37 -36.74
C VAL D 253 -13.37 36.46 -37.78
N LEU D 254 -12.22 36.74 -38.45
CA LEU D 254 -12.15 37.75 -39.51
C LEU D 254 -13.17 37.45 -40.60
N GLU D 255 -13.25 36.18 -41.05
CA GLU D 255 -14.20 35.79 -42.10
C GLU D 255 -15.65 36.08 -41.68
N GLY D 256 -16.02 35.69 -40.46
CA GLY D 256 -17.37 35.94 -39.95
C GLY D 256 -17.70 37.41 -39.89
N LEU D 257 -16.75 38.21 -39.39
CA LEU D 257 -16.87 39.68 -39.27
C LEU D 257 -17.08 40.32 -40.67
N VAL D 258 -16.26 39.91 -41.66
CA VAL D 258 -16.36 40.43 -43.02
C VAL D 258 -17.75 40.03 -43.62
N ARG D 259 -18.15 38.75 -43.50
CA ARG D 259 -19.44 38.25 -43.97
C ARG D 259 -20.62 39.06 -43.38
N ALA D 260 -20.57 39.39 -42.07
CA ALA D 260 -21.62 40.19 -41.41
C ALA D 260 -21.70 41.60 -42.05
N LYS D 261 -20.53 42.22 -42.30
CA LYS D 261 -20.42 43.54 -42.93
C LYS D 261 -20.94 43.49 -44.38
N GLN D 262 -20.61 42.40 -45.13
CA GLN D 262 -21.09 42.19 -46.50
C GLN D 262 -22.62 42.08 -46.50
N ASP D 263 -23.20 41.26 -45.57
CA ASP D 263 -24.66 41.07 -45.46
C ASP D 263 -25.34 42.43 -45.17
N LEU D 264 -24.74 43.26 -44.30
CA LEU D 264 -25.27 44.59 -43.99
C LEU D 264 -25.27 45.54 -45.22
N LEU D 265 -24.24 45.41 -46.10
CA LEU D 265 -24.12 46.28 -47.27
C LEU D 265 -24.88 45.72 -48.46
N ASP D 266 -25.55 44.56 -48.29
CA ASP D 266 -26.31 43.86 -49.34
C ASP D 266 -25.34 43.56 -50.51
N THR D 267 -24.16 42.98 -50.19
CA THR D 267 -23.15 42.62 -51.19
C THR D 267 -22.70 41.19 -50.94
N GLY D 268 -22.45 40.49 -52.03
CA GLY D 268 -22.03 39.11 -51.97
C GLY D 268 -23.16 38.11 -51.92
N GLU D 269 -22.90 36.94 -51.29
CA GLU D 269 -23.78 35.78 -51.19
C GLU D 269 -25.22 36.13 -50.84
N GLU D 270 -25.44 36.93 -49.76
CA GLU D 270 -26.79 37.31 -49.33
C GLU D 270 -27.15 38.74 -49.80
N GLY D 271 -26.53 39.19 -50.89
CA GLY D 271 -26.77 40.52 -51.43
C GLY D 271 -27.22 40.57 -52.88
N SER D 272 -27.68 41.76 -53.32
CA SER D 272 -28.15 42.05 -54.69
C SER D 272 -26.97 42.01 -55.69
N ASP D 273 -25.80 42.57 -55.30
CA ASP D 273 -24.62 42.56 -56.17
C ASP D 273 -23.61 41.49 -55.75
N ASN D 274 -22.83 40.99 -56.71
CA ASN D 274 -21.82 39.96 -56.45
C ASN D 274 -20.42 40.60 -56.30
N ARG D 275 -20.36 41.85 -55.80
CA ARG D 275 -19.08 42.55 -55.64
C ARG D 275 -18.27 42.09 -54.43
N PHE D 276 -18.92 41.70 -53.28
CA PHE D 276 -18.26 41.31 -52.01
C PHE D 276 -17.33 42.45 -51.68
N SER D 277 -17.92 43.62 -51.48
CA SER D 277 -17.24 44.90 -51.36
C SER D 277 -16.49 45.10 -50.03
N VAL D 278 -16.46 44.09 -49.13
CA VAL D 278 -15.69 44.12 -47.89
C VAL D 278 -14.64 43.03 -48.08
N VAL D 279 -13.35 43.40 -48.06
CA VAL D 279 -12.29 42.45 -48.37
C VAL D 279 -11.53 41.98 -47.13
N PRO D 280 -11.49 40.66 -46.88
CA PRO D 280 -10.62 40.19 -45.80
C PRO D 280 -9.14 40.18 -46.26
N LEU D 281 -8.26 40.82 -45.47
CA LEU D 281 -6.81 40.83 -45.73
C LEU D 281 -6.19 40.14 -44.51
N MET D 282 -5.72 38.90 -44.69
CA MET D 282 -5.27 38.09 -43.56
C MET D 282 -3.79 37.88 -43.58
N LEU D 283 -3.07 38.36 -42.55
CA LEU D 283 -1.62 38.17 -42.46
C LEU D 283 -1.29 36.95 -41.62
N HIS D 284 -0.14 36.33 -41.90
CA HIS D 284 0.30 35.11 -41.22
C HIS D 284 1.81 35.07 -41.11
N GLY D 285 2.30 34.17 -40.26
CA GLY D 285 3.72 33.85 -40.15
C GLY D 285 3.87 32.50 -40.82
N ASP D 286 5.07 32.14 -41.33
CA ASP D 286 5.27 30.88 -42.06
C ASP D 286 5.09 29.64 -41.19
N ALA D 287 5.61 29.63 -39.95
CA ALA D 287 5.45 28.42 -39.11
C ALA D 287 3.99 28.22 -38.69
N ALA D 288 3.30 29.30 -38.31
CA ALA D 288 1.91 29.15 -37.87
C ALA D 288 0.96 28.76 -39.01
N PHE D 289 1.17 29.32 -40.22
CA PHE D 289 0.34 29.03 -41.38
C PHE D 289 0.39 27.54 -41.73
N ALA D 290 1.60 26.91 -41.61
CA ALA D 290 1.74 25.49 -41.92
C ALA D 290 1.25 24.55 -40.78
N GLY D 291 1.41 24.95 -39.52
CA GLY D 291 1.13 24.07 -38.40
C GLY D 291 -0.24 24.14 -37.77
N GLN D 292 -0.95 25.27 -37.87
CA GLN D 292 -2.24 25.44 -37.20
C GLN D 292 -3.40 24.92 -38.07
N GLY D 293 -4.15 23.95 -37.54
CA GLY D 293 -5.27 23.33 -38.26
C GLY D 293 -6.38 24.29 -38.62
N VAL D 294 -6.57 25.35 -37.82
CA VAL D 294 -7.63 26.33 -38.08
C VAL D 294 -7.47 27.01 -39.48
N VAL D 295 -6.23 27.09 -40.00
CA VAL D 295 -5.94 27.69 -41.32
C VAL D 295 -6.73 26.89 -42.39
N ALA D 296 -6.57 25.56 -42.39
CA ALA D 296 -7.24 24.65 -43.33
C ALA D 296 -8.76 24.71 -43.13
N GLU D 297 -9.22 24.73 -41.87
CA GLU D 297 -10.66 24.83 -41.57
C GLU D 297 -11.25 26.10 -42.13
N THR D 298 -10.48 27.22 -42.07
CA THR D 298 -10.90 28.55 -42.54
C THR D 298 -10.86 28.59 -44.07
N LEU D 299 -9.78 28.05 -44.70
CA LEU D 299 -9.69 27.96 -46.15
C LEU D 299 -10.87 27.14 -46.68
N ASN D 300 -11.27 26.09 -45.93
CA ASN D 300 -12.39 25.23 -46.33
C ASN D 300 -13.74 26.01 -46.38
N LEU D 301 -13.83 27.17 -45.73
CA LEU D 301 -15.08 27.98 -45.73
C LEU D 301 -15.18 28.89 -46.94
N ALA D 302 -14.04 29.10 -47.67
CA ALA D 302 -13.88 30.15 -48.67
C ALA D 302 -14.93 30.18 -49.79
N LEU D 303 -15.49 29.04 -50.18
CA LEU D 303 -16.49 29.04 -51.26
C LEU D 303 -17.86 28.56 -50.80
N LEU D 304 -18.05 28.34 -49.49
CA LEU D 304 -19.34 27.82 -48.98
C LEU D 304 -20.40 28.90 -49.00
N ARG D 305 -21.64 28.56 -49.41
CA ARG D 305 -22.70 29.57 -49.45
C ARG D 305 -22.93 30.25 -48.06
N GLY D 306 -22.82 29.49 -46.97
CA GLY D 306 -23.02 30.07 -45.65
C GLY D 306 -21.85 30.86 -45.11
N TYR D 307 -20.66 30.74 -45.73
CA TYR D 307 -19.46 31.33 -45.11
C TYR D 307 -18.57 32.15 -46.05
N ARG D 308 -18.75 32.04 -47.37
CA ARG D 308 -17.92 32.75 -48.36
C ARG D 308 -17.94 34.25 -48.17
N THR D 309 -16.76 34.86 -48.40
CA THR D 309 -16.59 36.31 -48.28
C THR D 309 -16.07 36.92 -49.61
N GLY D 310 -16.12 36.16 -50.70
CA GLY D 310 -15.69 36.59 -52.03
C GLY D 310 -14.21 36.51 -52.24
N GLY D 311 -13.53 35.80 -51.37
CA GLY D 311 -12.09 35.61 -51.48
C GLY D 311 -11.31 36.45 -50.50
N THR D 312 -10.35 35.83 -49.85
CA THR D 312 -9.46 36.47 -48.88
C THR D 312 -8.09 36.67 -49.50
N ILE D 313 -7.49 37.82 -49.26
CA ILE D 313 -6.12 38.06 -49.70
C ILE D 313 -5.26 37.67 -48.53
N HIS D 314 -4.43 36.62 -48.70
CA HIS D 314 -3.52 36.18 -47.65
C HIS D 314 -2.11 36.67 -47.90
N ILE D 315 -1.46 37.19 -46.87
CA ILE D 315 -0.06 37.56 -46.94
C ILE D 315 0.69 36.79 -45.86
N VAL D 316 1.63 35.93 -46.25
CA VAL D 316 2.43 35.22 -45.27
C VAL D 316 3.77 35.96 -45.16
N VAL D 317 4.06 36.48 -43.98
CA VAL D 317 5.35 37.10 -43.72
C VAL D 317 6.31 35.92 -43.50
N ASN D 318 6.91 35.46 -44.57
CA ASN D 318 7.76 34.28 -44.48
C ASN D 318 9.24 34.64 -44.22
N ASN D 319 9.61 34.75 -42.92
CA ASN D 319 10.99 35.08 -42.54
C ASN D 319 11.84 33.83 -42.39
N GLN D 320 11.29 32.67 -42.84
CA GLN D 320 12.01 31.39 -42.93
C GLN D 320 12.49 30.86 -41.57
N ILE D 321 11.77 31.20 -40.51
CA ILE D 321 12.05 30.77 -39.13
C ILE D 321 10.77 30.91 -38.31
N GLY D 322 10.65 30.07 -37.28
CA GLY D 322 9.56 30.16 -36.32
C GLY D 322 10.18 30.12 -34.94
N PHE D 323 10.55 31.32 -34.38
CA PHE D 323 11.22 31.50 -33.08
C PHE D 323 12.61 30.89 -33.21
N THR D 324 12.88 29.64 -32.78
CA THR D 324 14.24 29.05 -32.99
C THR D 324 14.19 27.91 -34.02
N THR D 325 12.99 27.59 -34.48
CA THR D 325 12.71 26.44 -35.34
C THR D 325 12.84 26.75 -36.83
N ALA D 326 13.58 25.88 -37.50
CA ALA D 326 13.82 25.95 -38.93
C ALA D 326 12.62 25.36 -39.68
N PRO D 327 12.34 25.84 -40.92
CA PRO D 327 11.23 25.30 -41.71
C PRO D 327 11.21 23.79 -41.86
N THR D 328 12.36 23.09 -41.88
CA THR D 328 12.36 21.62 -42.04
C THR D 328 11.75 20.90 -40.82
N ASP D 329 11.65 21.58 -39.64
CA ASP D 329 10.96 21.02 -38.47
C ASP D 329 9.53 21.59 -38.35
N SER D 330 9.17 22.62 -39.17
CA SER D 330 7.83 23.22 -39.10
C SER D 330 6.82 22.69 -40.15
N ARG D 331 7.31 22.11 -41.26
CA ARG D 331 6.40 21.63 -42.31
C ARG D 331 7.00 20.49 -43.08
N SER D 332 6.13 19.72 -43.73
CA SER D 332 6.51 18.53 -44.51
C SER D 332 6.32 18.79 -46.02
N SER D 333 6.36 20.05 -46.42
CA SER D 333 6.20 20.40 -47.83
C SER D 333 7.15 21.52 -48.21
N GLU D 334 7.31 21.75 -49.53
CA GLU D 334 8.23 22.75 -50.09
C GLU D 334 7.97 24.14 -49.55
N TYR D 335 6.67 24.56 -49.52
CA TYR D 335 6.30 25.92 -49.10
C TYR D 335 5.38 25.93 -47.90
N CYS D 336 5.47 26.99 -47.08
CA CYS D 336 4.60 27.16 -45.92
C CYS D 336 3.15 27.35 -46.35
N THR D 337 2.92 27.76 -47.62
CA THR D 337 1.60 28.06 -48.19
C THR D 337 0.91 26.87 -48.88
N ASP D 338 1.51 25.67 -48.87
CA ASP D 338 0.96 24.50 -49.59
C ASP D 338 -0.44 24.06 -49.17
N VAL D 339 -0.86 24.37 -47.94
CA VAL D 339 -2.23 24.13 -47.46
C VAL D 339 -3.26 24.85 -48.35
N ALA D 340 -2.90 26.03 -48.91
CA ALA D 340 -3.80 26.80 -49.77
C ALA D 340 -4.14 26.07 -51.10
N LYS D 341 -3.37 25.03 -51.49
CA LYS D 341 -3.66 24.20 -52.67
C LYS D 341 -4.95 23.38 -52.43
N MET D 342 -5.34 23.21 -51.16
CA MET D 342 -6.58 22.54 -50.72
C MET D 342 -7.81 23.11 -51.47
N ILE D 343 -7.83 24.43 -51.77
CA ILE D 343 -8.98 25.06 -52.42
C ILE D 343 -8.61 25.61 -53.81
N GLY D 344 -7.48 25.14 -54.36
CA GLY D 344 -6.98 25.57 -55.66
C GLY D 344 -6.73 27.06 -55.74
N ALA D 345 -6.18 27.64 -54.64
CA ALA D 345 -5.89 29.06 -54.64
C ALA D 345 -4.59 29.30 -55.41
N PRO D 346 -4.47 30.40 -56.20
CA PRO D 346 -3.16 30.70 -56.81
C PRO D 346 -2.19 31.16 -55.72
N ILE D 347 -0.90 30.77 -55.83
CA ILE D 347 0.11 31.13 -54.84
C ILE D 347 1.29 31.86 -55.53
N PHE D 348 1.68 32.99 -54.96
CA PHE D 348 2.79 33.81 -55.45
C PHE D 348 3.85 33.92 -54.38
N HIS D 349 5.03 33.35 -54.65
CA HIS D 349 6.17 33.42 -53.76
C HIS D 349 6.99 34.62 -54.23
N VAL D 350 7.13 35.64 -53.38
CA VAL D 350 7.76 36.88 -53.80
C VAL D 350 8.95 37.24 -52.92
N ASN D 351 10.02 37.76 -53.56
CA ASN D 351 11.23 38.18 -52.90
C ASN D 351 10.98 39.51 -52.18
N GLY D 352 11.09 39.48 -50.85
CA GLY D 352 10.88 40.64 -49.98
C GLY D 352 11.87 41.77 -50.17
N ASP D 353 12.99 41.52 -50.86
CA ASP D 353 13.97 42.56 -51.18
C ASP D 353 13.59 43.26 -52.49
N ASP D 354 12.51 42.83 -53.17
CA ASP D 354 12.04 43.49 -54.40
C ASP D 354 10.64 44.08 -54.10
N PRO D 355 10.56 45.30 -53.52
CA PRO D 355 9.24 45.86 -53.19
C PRO D 355 8.38 46.16 -54.42
N GLU D 356 8.97 46.37 -55.62
CA GLU D 356 8.20 46.57 -56.86
C GLU D 356 7.45 45.30 -57.24
N ALA D 357 8.14 44.13 -57.21
CA ALA D 357 7.52 42.84 -57.52
C ALA D 357 6.44 42.50 -56.46
N CYS D 358 6.69 42.86 -55.18
CA CYS D 358 5.77 42.63 -54.06
C CYS D 358 4.49 43.44 -54.25
N ALA D 359 4.62 44.73 -54.61
CA ALA D 359 3.48 45.63 -54.82
C ALA D 359 2.68 45.18 -56.06
N TRP D 360 3.38 44.75 -57.13
CA TRP D 360 2.78 44.26 -58.38
C TRP D 360 1.93 43.01 -58.12
N VAL D 361 2.48 42.04 -57.36
CA VAL D 361 1.77 40.80 -57.00
C VAL D 361 0.54 41.08 -56.10
N ALA D 362 0.64 42.07 -55.22
CA ALA D 362 -0.46 42.49 -54.34
C ALA D 362 -1.64 42.98 -55.21
N ARG D 363 -1.35 43.79 -56.24
CA ARG D 363 -2.31 44.33 -57.19
C ARG D 363 -2.94 43.21 -58.03
N LEU D 364 -2.11 42.28 -58.55
CA LEU D 364 -2.59 41.12 -59.30
C LEU D 364 -3.54 40.24 -58.43
N ALA D 365 -3.18 40.03 -57.15
CA ALA D 365 -3.96 39.25 -56.17
C ALA D 365 -5.35 39.83 -56.01
N VAL D 366 -5.44 41.16 -55.85
CA VAL D 366 -6.74 41.83 -55.70
C VAL D 366 -7.56 41.66 -57.01
N ASP D 367 -6.93 41.79 -58.20
CA ASP D 367 -7.65 41.63 -59.47
C ASP D 367 -8.18 40.19 -59.61
N PHE D 368 -7.39 39.17 -59.19
CA PHE D 368 -7.81 37.76 -59.24
C PHE D 368 -9.03 37.54 -58.34
N ARG D 369 -8.96 38.05 -57.09
CA ARG D 369 -10.03 37.98 -56.11
C ARG D 369 -11.30 38.63 -56.67
N GLN D 370 -11.18 39.82 -57.29
CA GLN D 370 -12.32 40.50 -57.90
C GLN D 370 -12.90 39.71 -59.09
N ALA D 371 -12.03 39.12 -59.92
CA ALA D 371 -12.50 38.35 -61.08
C ALA D 371 -13.15 37.02 -60.70
N PHE D 372 -12.59 36.26 -59.73
CA PHE D 372 -13.06 34.91 -59.44
C PHE D 372 -13.69 34.70 -58.07
N LYS D 373 -13.68 35.73 -57.18
CA LYS D 373 -14.25 35.66 -55.80
C LYS D 373 -13.68 34.45 -55.03
N LYS D 374 -12.36 34.27 -55.14
CA LYS D 374 -11.58 33.18 -54.57
C LYS D 374 -10.27 33.71 -53.92
N ASP D 375 -9.82 33.05 -52.86
CA ASP D 375 -8.60 33.35 -52.11
C ASP D 375 -7.38 33.34 -53.01
N VAL D 376 -6.43 34.21 -52.68
CA VAL D 376 -5.13 34.37 -53.30
C VAL D 376 -4.11 34.39 -52.16
N VAL D 377 -3.00 33.65 -52.31
CA VAL D 377 -2.00 33.62 -51.26
C VAL D 377 -0.68 34.22 -51.76
N ILE D 378 -0.14 35.17 -50.99
CA ILE D 378 1.14 35.79 -51.27
C ILE D 378 2.12 35.37 -50.19
N ASP D 379 3.17 34.66 -50.57
CA ASP D 379 4.23 34.21 -49.70
C ASP D 379 5.40 35.18 -49.83
N MET D 380 5.52 36.14 -48.93
CA MET D 380 6.61 37.11 -49.00
C MET D 380 7.85 36.58 -48.27
N LEU D 381 8.86 36.15 -49.03
CA LEU D 381 10.11 35.66 -48.44
C LEU D 381 10.92 36.85 -47.97
N CYS D 382 11.27 36.81 -46.70
CA CYS D 382 12.01 37.89 -46.05
C CYS D 382 12.86 37.27 -44.95
N TYR D 383 13.23 38.05 -43.94
CA TYR D 383 14.04 37.56 -42.83
C TYR D 383 13.67 38.32 -41.58
N ARG D 384 14.08 37.78 -40.44
CA ARG D 384 13.86 38.37 -39.12
C ARG D 384 15.22 38.85 -38.66
N ARG D 385 15.42 40.16 -38.74
CA ARG D 385 16.68 40.83 -38.43
C ARG D 385 17.19 40.58 -36.99
N ARG D 386 16.28 40.70 -36.01
CA ARG D 386 16.64 40.52 -34.60
C ARG D 386 16.31 39.12 -34.14
N GLY D 387 16.66 38.84 -32.87
CA GLY D 387 16.25 37.61 -32.22
C GLY D 387 14.74 37.66 -32.07
N HIS D 388 14.16 36.54 -31.65
CA HIS D 388 12.71 36.48 -31.47
C HIS D 388 12.28 37.42 -30.35
N ASN D 389 13.14 37.61 -29.33
CA ASN D 389 12.90 38.52 -28.22
C ASN D 389 14.24 39.05 -27.65
N GLU D 390 14.17 39.99 -26.69
CA GLU D 390 15.31 40.68 -26.06
C GLU D 390 16.34 39.71 -25.50
N GLY D 391 15.85 38.56 -25.03
CA GLY D 391 16.68 37.47 -24.50
C GLY D 391 16.87 36.38 -25.53
N ASP D 392 17.43 36.74 -26.72
CA ASP D 392 17.68 35.78 -27.80
C ASP D 392 18.80 36.24 -28.71
N ASP D 393 19.89 35.45 -28.75
CA ASP D 393 20.99 35.57 -29.70
C ASP D 393 20.66 34.47 -30.71
N PRO D 394 20.06 34.82 -31.87
CA PRO D 394 19.53 33.77 -32.76
C PRO D 394 20.59 32.92 -33.44
N SER D 395 21.88 33.34 -33.40
CA SER D 395 22.97 32.53 -33.94
C SER D 395 23.25 31.31 -33.04
N MET D 396 22.64 31.25 -31.83
CA MET D 396 22.79 30.09 -30.94
C MET D 396 22.20 28.85 -31.58
N THR D 397 21.01 29.02 -32.22
CA THR D 397 20.27 27.91 -32.82
C THR D 397 20.25 27.95 -34.36
N GLN D 398 20.45 29.13 -35.00
CA GLN D 398 20.47 29.23 -36.47
C GLN D 398 21.74 30.00 -36.90
N PRO D 399 22.96 29.50 -36.61
CA PRO D 399 24.19 30.29 -36.89
C PRO D 399 24.41 30.61 -38.36
N TYR D 400 24.07 29.69 -39.27
CA TYR D 400 24.29 29.94 -40.69
C TYR D 400 23.37 31.05 -41.19
N MET D 401 22.05 30.93 -40.89
CA MET D 401 21.10 31.96 -41.30
C MET D 401 21.52 33.35 -40.76
N TYR D 402 21.91 33.44 -39.47
CA TYR D 402 22.24 34.73 -38.88
C TYR D 402 23.61 35.26 -39.30
N ASP D 403 24.52 34.42 -39.78
CA ASP D 403 25.77 34.95 -40.33
C ASP D 403 25.46 35.60 -41.72
N VAL D 404 24.46 35.06 -42.43
CA VAL D 404 24.00 35.62 -43.71
C VAL D 404 23.15 36.91 -43.42
N ILE D 405 22.24 36.88 -42.41
CA ILE D 405 21.43 38.06 -42.05
C ILE D 405 22.34 39.24 -41.63
N ASP D 406 23.46 38.95 -40.94
CA ASP D 406 24.42 39.97 -40.51
C ASP D 406 25.06 40.73 -41.70
N THR D 407 25.05 40.15 -42.92
CA THR D 407 25.62 40.82 -44.12
C THR D 407 24.55 41.64 -44.88
N LYS D 408 23.30 41.48 -44.48
CA LYS D 408 22.18 42.13 -45.12
C LYS D 408 21.97 43.53 -44.63
N ARG D 409 21.80 44.44 -45.59
CA ARG D 409 21.37 45.82 -45.38
C ARG D 409 19.88 45.72 -45.53
N GLY D 410 19.10 46.60 -44.92
CA GLY D 410 17.64 46.49 -45.02
C GLY D 410 17.07 46.69 -46.41
N SER D 411 15.79 46.31 -46.60
CA SER D 411 15.06 46.41 -47.88
C SER D 411 15.05 47.83 -48.45
N ARG D 412 14.98 48.85 -47.57
CA ARG D 412 14.98 50.26 -47.92
C ARG D 412 16.31 50.64 -48.58
N LYS D 413 17.47 50.43 -47.87
CA LYS D 413 18.82 50.73 -48.39
C LYS D 413 19.11 49.89 -49.67
N ALA D 414 18.58 48.64 -49.73
CA ALA D 414 18.72 47.74 -50.90
C ALA D 414 17.94 48.25 -52.09
N TYR D 415 16.72 48.80 -51.86
CA TYR D 415 15.89 49.32 -52.94
C TYR D 415 16.42 50.67 -53.43
N THR D 416 16.94 51.54 -52.53
CA THR D 416 17.54 52.83 -52.95
C THR D 416 18.80 52.57 -53.81
N GLU D 417 19.66 51.61 -53.40
CA GLU D 417 20.88 51.24 -54.12
C GLU D 417 20.56 50.58 -55.47
N ALA D 418 19.46 49.78 -55.54
CA ALA D 418 19.01 49.14 -56.78
C ALA D 418 18.52 50.17 -57.79
N LEU D 419 17.78 51.22 -57.33
CA LEU D 419 17.28 52.31 -58.16
C LEU D 419 18.43 53.16 -58.72
N ILE D 420 19.60 53.24 -58.02
CA ILE D 420 20.79 53.96 -58.51
C ILE D 420 21.42 53.12 -59.63
N GLY D 421 21.59 51.82 -59.35
CA GLY D 421 22.17 50.82 -60.25
C GLY D 421 21.54 50.79 -61.63
N ARG D 422 20.19 50.90 -61.71
CA ARG D 422 19.48 50.92 -63.00
C ARG D 422 19.19 52.37 -63.50
N GLY D 423 19.74 53.36 -62.80
CA GLY D 423 19.61 54.78 -63.17
C GLY D 423 18.21 55.37 -63.09
N ASP D 424 17.35 54.80 -62.23
CA ASP D 424 15.97 55.25 -62.01
C ASP D 424 15.98 56.53 -61.18
N ILE D 425 17.01 56.67 -60.30
CA ILE D 425 17.29 57.85 -59.44
C ILE D 425 18.82 58.13 -59.43
N SER D 426 19.20 59.39 -59.15
CA SER D 426 20.58 59.87 -59.08
C SER D 426 21.14 59.74 -57.66
N MET D 427 22.47 59.94 -57.48
CA MET D 427 23.13 59.88 -56.17
C MET D 427 22.52 60.92 -55.21
N LYS D 428 22.19 62.11 -55.75
CA LYS D 428 21.55 63.21 -55.02
C LYS D 428 20.18 62.77 -54.49
N GLU D 429 19.33 62.19 -55.37
CA GLU D 429 17.98 61.69 -55.03
C GLU D 429 18.06 60.58 -53.98
N ALA D 430 19.12 59.75 -54.02
CA ALA D 430 19.37 58.68 -53.05
C ALA D 430 19.70 59.27 -51.68
N GLU D 431 20.51 60.36 -51.67
CA GLU D 431 20.88 61.08 -50.44
C GLU D 431 19.65 61.75 -49.84
N ASP D 432 18.75 62.27 -50.71
CA ASP D 432 17.50 62.91 -50.31
C ASP D 432 16.52 61.85 -49.74
N ALA D 433 16.56 60.61 -50.27
CA ALA D 433 15.75 59.47 -49.83
C ALA D 433 16.21 58.99 -48.44
N LEU D 434 17.51 59.19 -48.12
CA LEU D 434 18.09 58.85 -46.82
C LEU D 434 17.75 59.97 -45.84
N ARG D 435 17.60 61.21 -46.36
CA ARG D 435 17.20 62.40 -45.61
C ARG D 435 15.72 62.31 -45.26
N ASP D 436 14.90 61.70 -46.16
CA ASP D 436 13.46 61.47 -45.99
C ASP D 436 13.21 60.43 -44.88
N TYR D 437 14.14 59.45 -44.73
CA TYR D 437 14.10 58.43 -43.67
C TYR D 437 14.43 59.09 -42.30
N GLN D 438 15.49 59.93 -42.25
CA GLN D 438 15.89 60.67 -41.06
C GLN D 438 14.75 61.62 -40.62
N GLY D 439 14.06 62.19 -41.62
CA GLY D 439 12.91 63.09 -41.41
C GLY D 439 11.76 62.38 -40.74
N GLN D 440 11.37 61.22 -41.28
CA GLN D 440 10.31 60.37 -40.71
C GLN D 440 10.68 59.87 -39.30
N LEU D 441 11.99 59.64 -39.08
CA LEU D 441 12.53 59.20 -37.79
C LEU D 441 12.39 60.32 -36.75
N GLU D 442 12.68 61.57 -37.13
CA GLU D 442 12.57 62.72 -36.22
C GLU D 442 11.12 62.98 -35.85
N ARG D 443 10.20 62.94 -36.84
CA ARG D 443 8.77 63.20 -36.66
C ARG D 443 8.14 62.24 -35.63
N VAL D 444 8.46 60.94 -35.68
CA VAL D 444 7.87 59.99 -34.73
C VAL D 444 8.44 60.26 -33.31
N PHE D 445 9.75 60.54 -33.19
CA PHE D 445 10.37 60.83 -31.89
C PHE D 445 9.77 62.09 -31.25
N ASN D 446 9.67 63.22 -32.00
CA ASN D 446 9.11 64.50 -31.53
C ASN D 446 7.61 64.42 -31.19
N GLU D 447 6.79 63.73 -32.02
CA GLU D 447 5.34 63.62 -31.78
C GLU D 447 5.05 62.77 -30.53
N VAL D 448 5.86 61.71 -30.32
CA VAL D 448 5.77 60.86 -29.14
C VAL D 448 6.36 61.64 -27.93
N ARG D 449 7.38 62.50 -28.18
CA ARG D 449 7.93 63.31 -27.10
C ARG D 449 6.84 64.27 -26.58
N GLU D 450 6.14 64.96 -27.52
CA GLU D 450 5.05 65.90 -27.25
C GLU D 450 3.87 65.19 -26.58
N LEU D 451 3.67 63.90 -26.91
CA LEU D 451 2.64 63.02 -26.34
C LEU D 451 2.91 62.76 -24.84
N GLU D 452 4.19 62.48 -24.49
CA GLU D 452 4.65 62.19 -23.12
C GLU D 452 4.44 63.39 -22.17
N LYS D 453 4.43 64.61 -22.72
CA LYS D 453 4.23 65.85 -21.98
C LYS D 453 2.76 66.03 -21.57
N HIS D 454 1.82 65.70 -22.47
CA HIS D 454 0.39 65.82 -22.22
C HIS D 454 -0.13 64.70 -21.29
N GLU D 455 0.51 63.52 -21.35
CA GLU D 455 0.14 62.33 -20.61
C GLU D 455 0.64 62.25 -19.18
N ILE D 456 -0.16 61.54 -18.36
CA ILE D 456 0.00 61.23 -16.95
C ILE D 456 -0.61 59.86 -16.64
N LEU D 472 -37.41 44.94 -20.41
CA LEU D 472 -38.41 44.98 -21.48
C LEU D 472 -39.23 43.67 -21.51
N ALA D 473 -40.42 43.71 -22.15
CA ALA D 473 -41.31 42.56 -22.26
C ALA D 473 -41.00 41.70 -23.51
N THR D 474 -41.00 40.37 -23.34
CA THR D 474 -40.69 39.38 -24.38
C THR D 474 -41.95 38.63 -24.84
N ALA D 475 -43.07 38.82 -24.13
CA ALA D 475 -44.32 38.18 -24.48
C ALA D 475 -44.80 38.72 -25.83
N VAL D 476 -45.47 37.88 -26.61
CA VAL D 476 -46.01 38.29 -27.91
C VAL D 476 -47.52 38.07 -27.88
N ASP D 477 -48.26 38.71 -28.77
CA ASP D 477 -49.70 38.50 -28.83
C ASP D 477 -49.95 37.15 -29.53
N LYS D 478 -51.09 36.48 -29.25
CA LYS D 478 -51.45 35.19 -29.86
C LYS D 478 -51.44 35.26 -31.40
N ALA D 479 -51.74 36.46 -31.97
CA ALA D 479 -51.74 36.75 -33.41
C ALA D 479 -50.38 36.47 -34.03
N MET D 480 -49.30 36.74 -33.27
CA MET D 480 -47.91 36.48 -33.69
C MET D 480 -47.65 34.98 -33.78
N LEU D 481 -48.05 34.23 -32.73
CA LEU D 481 -47.86 32.78 -32.67
C LEU D 481 -48.58 32.14 -33.84
N GLN D 482 -49.84 32.57 -34.10
CA GLN D 482 -50.66 32.04 -35.18
C GLN D 482 -50.04 32.31 -36.57
N ARG D 483 -49.44 33.49 -36.79
CA ARG D 483 -48.77 33.85 -38.04
C ARG D 483 -47.55 32.92 -38.31
N ILE D 484 -46.74 32.62 -37.27
CA ILE D 484 -45.56 31.74 -37.41
C ILE D 484 -46.03 30.28 -37.67
N GLY D 485 -47.18 29.89 -37.10
CA GLY D 485 -47.78 28.59 -37.33
C GLY D 485 -48.33 28.46 -38.76
N ASP D 486 -49.04 29.50 -39.21
CA ASP D 486 -49.59 29.57 -40.57
C ASP D 486 -48.49 29.57 -41.64
N ALA D 487 -47.35 30.23 -41.36
CA ALA D 487 -46.18 30.31 -42.26
C ALA D 487 -45.68 28.91 -42.67
N HIS D 488 -45.80 27.92 -41.77
CA HIS D 488 -45.39 26.53 -42.01
C HIS D 488 -46.29 25.84 -43.05
N LEU D 489 -47.50 26.38 -43.31
CA LEU D 489 -48.40 25.85 -44.32
C LEU D 489 -48.50 26.76 -45.55
N ALA D 490 -47.82 27.94 -45.54
CA ALA D 490 -47.83 28.87 -46.67
C ALA D 490 -46.71 28.51 -47.68
N LEU D 491 -46.83 27.31 -48.26
CA LEU D 491 -45.86 26.76 -49.22
C LEU D 491 -45.85 27.48 -50.55
N PRO D 492 -44.69 27.60 -51.24
CA PRO D 492 -44.69 28.18 -52.60
C PRO D 492 -45.54 27.34 -53.54
N GLU D 493 -46.08 27.97 -54.59
CA GLU D 493 -46.93 27.28 -55.57
C GLU D 493 -46.12 26.13 -56.22
N GLY D 494 -46.73 24.95 -56.27
CA GLY D 494 -46.13 23.75 -56.84
C GLY D 494 -45.07 23.07 -55.99
N PHE D 495 -44.93 23.50 -54.71
CA PHE D 495 -43.96 22.91 -53.80
C PHE D 495 -44.47 21.57 -53.32
N THR D 496 -43.60 20.54 -53.35
CA THR D 496 -43.98 19.20 -52.87
C THR D 496 -43.26 18.92 -51.56
N VAL D 497 -44.01 18.89 -50.47
CA VAL D 497 -43.46 18.61 -49.14
C VAL D 497 -43.25 17.11 -49.01
N HIS D 498 -42.12 16.70 -48.38
CA HIS D 498 -41.85 15.29 -48.09
C HIS D 498 -42.98 14.74 -47.21
N PRO D 499 -43.52 13.53 -47.49
CA PRO D 499 -44.65 13.01 -46.69
C PRO D 499 -44.42 12.97 -45.18
N ARG D 500 -43.15 12.85 -44.71
CA ARG D 500 -42.85 12.78 -43.29
C ARG D 500 -42.65 14.18 -42.68
N VAL D 501 -42.51 15.23 -43.52
CA VAL D 501 -42.34 16.61 -43.04
C VAL D 501 -43.72 17.30 -42.92
N ARG D 502 -44.66 16.95 -43.83
CA ARG D 502 -46.01 17.51 -43.85
C ARG D 502 -46.70 17.46 -42.45
N PRO D 503 -46.67 16.33 -41.65
CA PRO D 503 -47.33 16.37 -40.33
C PRO D 503 -46.67 17.36 -39.38
N VAL D 504 -45.37 17.64 -39.53
CA VAL D 504 -44.65 18.59 -38.67
C VAL D 504 -45.24 20.00 -38.91
N LEU D 505 -45.41 20.37 -40.17
CA LEU D 505 -45.95 21.66 -40.56
C LEU D 505 -47.39 21.84 -40.05
N GLU D 506 -48.23 20.80 -40.17
CA GLU D 506 -49.63 20.83 -39.70
C GLU D 506 -49.68 20.86 -38.17
N LYS D 507 -48.83 20.08 -37.47
CA LYS D 507 -48.76 20.08 -36.00
C LYS D 507 -48.37 21.47 -35.47
N ARG D 508 -47.44 22.17 -36.15
CA ARG D 508 -47.01 23.52 -35.76
C ARG D 508 -48.16 24.50 -35.88
N ARG D 509 -48.95 24.43 -36.98
CA ARG D 509 -50.14 25.29 -37.11
C ARG D 509 -51.11 24.98 -35.97
N GLU D 510 -51.34 23.68 -35.68
CA GLU D 510 -52.17 23.21 -34.58
C GLU D 510 -51.64 23.74 -33.21
N MET D 511 -50.31 23.63 -32.95
CA MET D 511 -49.72 24.11 -31.68
C MET D 511 -49.89 25.63 -31.49
N ALA D 512 -49.76 26.40 -32.59
CA ALA D 512 -49.88 27.87 -32.61
C ALA D 512 -51.26 28.36 -32.21
N TYR D 513 -52.28 27.56 -32.54
CA TYR D 513 -53.68 27.88 -32.24
C TYR D 513 -54.21 27.17 -31.01
N GLU D 514 -53.71 25.95 -30.69
CA GLU D 514 -54.29 25.16 -29.60
C GLU D 514 -53.37 24.89 -28.39
N GLY D 515 -52.08 25.14 -28.52
CA GLY D 515 -51.16 24.96 -27.39
C GLY D 515 -50.39 23.67 -27.44
N ARG D 516 -49.88 23.23 -26.25
CA ARG D 516 -48.99 22.07 -26.10
C ARG D 516 -47.78 22.26 -27.06
N ILE D 517 -47.21 23.48 -27.03
CA ILE D 517 -46.09 23.89 -27.88
C ILE D 517 -44.81 23.20 -27.42
N ASP D 518 -44.16 22.44 -28.31
CA ASP D 518 -42.96 21.73 -27.95
C ASP D 518 -41.73 22.65 -28.07
N TRP D 519 -40.57 22.15 -27.57
CA TRP D 519 -39.31 22.89 -27.56
C TRP D 519 -38.92 23.43 -28.95
N ALA D 520 -38.92 22.55 -29.95
CA ALA D 520 -38.49 22.86 -31.30
C ALA D 520 -39.32 23.97 -31.92
N PHE D 521 -40.63 23.98 -31.72
CA PHE D 521 -41.47 25.05 -32.27
C PHE D 521 -41.28 26.35 -31.48
N ALA D 522 -41.11 26.24 -30.11
CA ALA D 522 -40.87 27.39 -29.24
C ALA D 522 -39.62 28.16 -29.69
N GLU D 523 -38.59 27.44 -30.12
CA GLU D 523 -37.37 28.08 -30.66
C GLU D 523 -37.71 28.90 -31.90
N LEU D 524 -38.47 28.31 -32.85
CA LEU D 524 -38.81 28.98 -34.10
C LEU D 524 -39.80 30.11 -33.85
N LEU D 525 -40.60 30.02 -32.78
CA LEU D 525 -41.54 31.09 -32.43
C LEU D 525 -40.76 32.29 -31.97
N ALA D 526 -39.71 32.07 -31.17
CA ALA D 526 -38.82 33.13 -30.67
C ALA D 526 -38.08 33.77 -31.84
N LEU D 527 -37.45 32.95 -32.73
CA LEU D 527 -36.68 33.49 -33.88
C LEU D 527 -37.62 34.16 -34.88
N GLY D 528 -38.78 33.55 -35.14
CA GLY D 528 -39.76 34.10 -36.06
C GLY D 528 -40.34 35.43 -35.60
N SER D 529 -40.58 35.59 -34.28
CA SER D 529 -41.13 36.85 -33.74
C SER D 529 -40.07 37.96 -33.77
N LEU D 530 -38.78 37.59 -33.64
CA LEU D 530 -37.67 38.56 -33.72
C LEU D 530 -37.54 39.09 -35.17
N ILE D 531 -37.67 38.19 -36.18
CA ILE D 531 -37.63 38.53 -37.61
C ILE D 531 -38.78 39.49 -37.95
N ALA D 532 -40.00 39.19 -37.44
CA ALA D 532 -41.20 40.01 -37.64
C ALA D 532 -41.00 41.42 -37.05
N GLU D 533 -40.17 41.53 -36.00
CA GLU D 533 -39.87 42.81 -35.35
C GLU D 533 -38.69 43.53 -36.03
N GLY D 534 -38.11 42.92 -37.07
CA GLY D 534 -37.03 43.51 -37.86
C GLY D 534 -35.62 43.04 -37.60
N LYS D 535 -35.47 41.95 -36.84
CA LYS D 535 -34.12 41.46 -36.54
C LYS D 535 -33.58 40.48 -37.58
N LEU D 536 -32.28 40.59 -37.86
CA LEU D 536 -31.58 39.64 -38.72
C LEU D 536 -31.26 38.45 -37.84
N VAL D 537 -31.69 37.23 -38.23
CA VAL D 537 -31.40 36.03 -37.45
C VAL D 537 -30.54 35.10 -38.29
N ARG D 538 -29.35 34.77 -37.78
CA ARG D 538 -28.44 33.85 -38.45
C ARG D 538 -28.27 32.64 -37.53
N LEU D 539 -28.66 31.47 -38.03
CA LEU D 539 -28.60 30.22 -37.29
C LEU D 539 -27.84 29.19 -38.12
N SER D 540 -26.87 28.50 -37.51
CA SER D 540 -26.07 27.53 -38.23
C SER D 540 -25.47 26.52 -37.29
N GLY D 541 -24.95 25.45 -37.87
CA GLY D 541 -24.31 24.37 -37.15
C GLY D 541 -24.46 23.10 -37.96
N GLN D 542 -23.94 21.99 -37.46
CA GLN D 542 -23.99 20.74 -38.19
C GLN D 542 -25.42 20.20 -38.30
N ASP D 543 -25.92 20.07 -39.55
CA ASP D 543 -27.25 19.57 -39.87
C ASP D 543 -28.37 20.40 -39.21
N THR D 544 -28.07 21.69 -38.91
CA THR D 544 -28.98 22.64 -38.23
C THR D 544 -30.26 22.98 -39.03
N GLN D 545 -30.22 22.91 -40.38
CA GLN D 545 -31.44 23.22 -41.15
C GLN D 545 -32.55 22.24 -40.77
N ARG D 546 -32.22 20.93 -40.69
CA ARG D 546 -33.19 19.91 -40.35
C ARG D 546 -33.28 19.73 -38.85
N GLY D 547 -32.11 19.78 -38.21
CA GLY D 547 -31.96 19.53 -36.78
C GLY D 547 -31.41 18.13 -36.64
N THR D 548 -30.38 17.96 -35.77
CA THR D 548 -29.75 16.66 -35.50
C THR D 548 -30.79 15.63 -35.01
N PHE D 549 -31.81 16.08 -34.30
CA PHE D 549 -32.82 15.15 -33.73
C PHE D 549 -34.11 15.20 -34.54
N THR D 550 -34.00 15.55 -35.87
CA THR D 550 -35.06 15.69 -36.87
C THR D 550 -36.20 16.55 -36.30
N GLN D 551 -35.86 17.59 -35.51
CA GLN D 551 -36.90 18.36 -34.83
C GLN D 551 -37.11 19.77 -35.38
N ARG D 552 -36.11 20.35 -36.07
CA ARG D 552 -36.22 21.77 -36.41
C ARG D 552 -37.01 22.04 -37.71
N HIS D 553 -36.57 21.46 -38.82
CA HIS D 553 -37.18 21.67 -40.15
C HIS D 553 -37.30 23.20 -40.44
N ALA D 554 -36.17 23.95 -40.22
CA ALA D 554 -36.11 25.41 -40.46
C ALA D 554 -36.08 25.66 -41.97
N VAL D 555 -35.55 24.68 -42.70
CA VAL D 555 -35.52 24.63 -44.16
C VAL D 555 -36.16 23.30 -44.54
N ILE D 556 -37.09 23.32 -45.48
CA ILE D 556 -37.72 22.09 -45.94
C ILE D 556 -37.34 21.92 -47.43
N VAL D 557 -37.19 20.68 -47.87
CA VAL D 557 -36.69 20.36 -49.20
C VAL D 557 -37.79 19.74 -50.09
N ASP D 558 -38.00 20.34 -51.28
CA ASP D 558 -38.99 19.84 -52.23
C ASP D 558 -38.63 18.38 -52.59
N ARG D 559 -39.57 17.48 -52.36
CA ARG D 559 -39.45 16.04 -52.58
C ARG D 559 -39.11 15.72 -54.06
N LYS D 560 -39.55 16.57 -55.02
CA LYS D 560 -39.38 16.36 -56.46
C LYS D 560 -38.24 17.17 -57.08
N THR D 561 -38.05 18.44 -56.67
CA THR D 561 -36.99 19.29 -57.28
C THR D 561 -35.74 19.52 -56.39
N GLY D 562 -35.86 19.29 -55.10
CA GLY D 562 -34.78 19.53 -54.16
C GLY D 562 -34.63 20.98 -53.77
N GLU D 563 -35.53 21.84 -54.22
CA GLU D 563 -35.56 23.27 -53.88
C GLU D 563 -35.84 23.48 -52.39
N GLU D 564 -35.13 24.44 -51.78
CA GLU D 564 -35.28 24.71 -50.35
C GLU D 564 -36.35 25.79 -50.10
N PHE D 565 -37.14 25.61 -49.04
CA PHE D 565 -38.18 26.55 -48.58
C PHE D 565 -37.97 26.83 -47.10
N THR D 566 -37.92 28.12 -46.71
CA THR D 566 -37.66 28.56 -45.33
C THR D 566 -38.93 29.23 -44.77
N PRO D 567 -39.80 28.47 -44.05
CA PRO D 567 -41.06 29.06 -43.54
C PRO D 567 -40.89 30.37 -42.77
N LEU D 568 -39.89 30.49 -41.86
CA LEU D 568 -39.70 31.73 -41.09
C LEU D 568 -39.35 32.96 -41.94
N GLN D 569 -38.85 32.77 -43.18
CA GLN D 569 -38.50 33.90 -44.06
C GLN D 569 -39.75 34.73 -44.42
N LEU D 570 -40.94 34.10 -44.39
CA LEU D 570 -42.21 34.80 -44.68
C LEU D 570 -42.50 35.90 -43.63
N LEU D 571 -41.91 35.79 -42.42
CA LEU D 571 -42.09 36.76 -41.34
C LEU D 571 -41.25 38.03 -41.53
N ALA D 572 -40.35 38.03 -42.53
CA ALA D 572 -39.53 39.20 -42.92
C ALA D 572 -40.36 40.19 -43.74
N THR D 573 -41.63 39.83 -44.07
CA THR D 573 -42.54 40.68 -44.84
C THR D 573 -43.81 40.88 -44.03
N ASN D 574 -44.22 42.15 -43.83
CA ASN D 574 -45.44 42.52 -43.09
C ASN D 574 -46.71 42.11 -43.86
N PRO D 575 -47.90 41.99 -43.21
CA PRO D 575 -49.13 41.68 -43.96
C PRO D 575 -49.43 42.68 -45.10
N ASP D 576 -49.02 43.97 -44.93
CA ASP D 576 -49.18 45.02 -45.94
C ASP D 576 -48.24 44.80 -47.16
N GLY D 577 -47.20 43.97 -46.98
CA GLY D 577 -46.24 43.66 -48.03
C GLY D 577 -44.88 44.34 -47.90
N THR D 578 -44.73 45.29 -46.96
CA THR D 578 -43.46 45.99 -46.75
C THR D 578 -42.48 45.09 -45.96
N PRO D 579 -41.15 45.25 -46.17
CA PRO D 579 -40.21 44.43 -45.39
C PRO D 579 -40.16 44.88 -43.93
N THR D 580 -39.85 43.96 -43.01
CA THR D 580 -39.74 44.30 -41.59
C THR D 580 -38.34 44.81 -41.30
N GLY D 581 -37.41 44.48 -42.21
CA GLY D 581 -35.99 44.79 -42.06
C GLY D 581 -35.25 43.58 -41.55
N GLY D 582 -36.01 42.57 -41.11
CA GLY D 582 -35.50 41.30 -40.60
C GLY D 582 -35.24 40.29 -41.70
N LYS D 583 -34.59 39.19 -41.38
CA LYS D 583 -34.26 38.13 -42.33
C LYS D 583 -33.84 36.88 -41.56
N PHE D 584 -34.10 35.68 -42.11
CA PHE D 584 -33.67 34.42 -41.51
C PHE D 584 -32.59 33.78 -42.37
N LEU D 585 -31.38 33.68 -41.86
CA LEU D 585 -30.23 33.09 -42.58
C LEU D 585 -29.87 31.79 -41.89
N VAL D 586 -30.26 30.65 -42.48
CA VAL D 586 -29.98 29.39 -41.78
C VAL D 586 -29.12 28.47 -42.67
N TYR D 587 -28.07 27.90 -42.10
CA TYR D 587 -27.16 27.06 -42.86
C TYR D 587 -26.72 25.83 -42.14
N ASN D 588 -26.40 24.82 -42.92
CA ASN D 588 -25.70 23.63 -42.46
C ASN D 588 -24.25 24.04 -42.52
N SER D 589 -23.49 23.83 -41.42
CA SER D 589 -22.09 24.20 -41.38
C SER D 589 -21.25 23.08 -41.97
N ALA D 590 -19.99 23.36 -42.21
CA ALA D 590 -19.02 22.32 -42.57
C ALA D 590 -18.80 21.49 -41.31
N LEU D 591 -18.08 20.36 -41.42
CA LEU D 591 -17.82 19.53 -40.24
C LEU D 591 -16.63 20.11 -39.49
N SER D 592 -16.86 21.27 -38.89
CA SER D 592 -15.84 21.99 -38.14
C SER D 592 -16.50 22.58 -36.90
N GLU D 593 -15.70 22.71 -35.84
CA GLU D 593 -16.15 23.39 -34.62
C GLU D 593 -15.33 24.66 -34.47
N PHE D 594 -14.00 24.54 -34.50
CA PHE D 594 -13.09 25.69 -34.37
C PHE D 594 -13.44 26.81 -35.36
N ALA D 595 -13.42 26.51 -36.66
CA ALA D 595 -13.70 27.59 -37.64
C ALA D 595 -15.14 28.07 -37.57
N ALA D 596 -16.13 27.14 -37.44
CA ALA D 596 -17.54 27.52 -37.41
C ALA D 596 -17.87 28.43 -36.22
N VAL D 597 -17.39 28.09 -34.99
CA VAL D 597 -17.66 28.91 -33.78
C VAL D 597 -16.96 30.27 -33.94
N GLY D 598 -15.72 30.25 -34.43
CA GLY D 598 -14.96 31.47 -34.65
C GLY D 598 -15.67 32.39 -35.61
N PHE D 599 -16.27 31.81 -36.67
CA PHE D 599 -17.01 32.56 -37.70
C PHE D 599 -18.25 33.21 -37.09
N GLU D 600 -19.04 32.43 -36.31
CA GLU D 600 -20.25 32.97 -35.69
C GLU D 600 -19.92 34.02 -34.67
N TYR D 601 -18.83 33.84 -33.91
CA TYR D 601 -18.40 34.89 -32.98
C TYR D 601 -18.10 36.18 -33.77
N GLY D 602 -17.32 36.06 -34.85
CA GLY D 602 -16.94 37.16 -35.73
C GLY D 602 -18.13 37.83 -36.38
N TYR D 603 -19.14 37.01 -36.78
CA TYR D 603 -20.37 37.54 -37.37
C TYR D 603 -21.08 38.48 -36.38
N SER D 604 -21.19 38.01 -35.10
CA SER D 604 -21.83 38.80 -34.01
C SER D 604 -21.12 40.13 -33.78
N VAL D 605 -19.76 40.15 -33.91
CA VAL D 605 -18.94 41.37 -33.73
C VAL D 605 -19.22 42.31 -34.92
N GLY D 606 -19.26 41.74 -36.13
CA GLY D 606 -19.45 42.48 -37.38
C GLY D 606 -20.80 43.16 -37.49
N ASN D 607 -21.85 42.53 -36.95
CA ASN D 607 -23.20 43.08 -36.94
C ASN D 607 -23.79 42.94 -35.53
N PRO D 608 -23.58 43.94 -34.64
CA PRO D 608 -24.11 43.82 -33.27
C PRO D 608 -25.64 43.74 -33.19
N ASP D 609 -26.38 44.13 -34.25
CA ASP D 609 -27.84 44.09 -34.25
C ASP D 609 -28.41 42.72 -34.66
N ALA D 610 -27.55 41.81 -35.10
CA ALA D 610 -27.96 40.48 -35.53
C ALA D 610 -28.13 39.53 -34.33
N MET D 611 -29.05 38.58 -34.47
CA MET D 611 -29.24 37.46 -33.54
C MET D 611 -28.40 36.31 -34.19
N VAL D 612 -27.32 35.90 -33.57
CA VAL D 612 -26.41 34.90 -34.15
C VAL D 612 -26.35 33.67 -33.25
N LEU D 613 -26.72 32.50 -33.78
CA LEU D 613 -26.72 31.28 -32.98
C LEU D 613 -25.92 30.20 -33.68
N TRP D 614 -25.03 29.56 -32.94
CA TRP D 614 -24.29 28.43 -33.45
C TRP D 614 -24.74 27.20 -32.67
N GLU D 615 -25.02 26.11 -33.36
CA GLU D 615 -25.47 24.91 -32.69
C GLU D 615 -24.47 23.76 -32.85
N ALA D 616 -24.02 23.19 -31.72
CA ALA D 616 -23.18 21.98 -31.70
C ALA D 616 -24.04 20.80 -32.05
N GLN D 617 -23.50 19.77 -32.72
CA GLN D 617 -24.34 18.57 -33.02
C GLN D 617 -24.79 17.96 -31.66
N PHE D 618 -23.81 17.86 -30.76
CA PHE D 618 -23.91 17.48 -29.34
C PHE D 618 -22.96 18.43 -28.63
N GLY D 619 -23.33 18.95 -27.46
CA GLY D 619 -22.44 19.86 -26.73
C GLY D 619 -21.03 19.29 -26.51
N ASP D 620 -20.88 17.94 -26.59
CA ASP D 620 -19.59 17.24 -26.38
C ASP D 620 -18.50 17.60 -27.39
N PHE D 621 -18.93 18.12 -28.53
CA PHE D 621 -17.99 18.41 -29.61
C PHE D 621 -17.51 19.84 -29.56
N VAL D 622 -18.14 20.68 -28.72
CA VAL D 622 -17.74 22.10 -28.64
C VAL D 622 -16.29 22.27 -28.12
N ASN D 623 -15.72 21.27 -27.41
CA ASN D 623 -14.32 21.37 -26.97
C ASN D 623 -13.33 21.50 -28.15
N GLY D 624 -13.77 21.16 -29.39
CA GLY D 624 -12.98 21.35 -30.60
C GLY D 624 -12.79 22.83 -30.90
N ALA D 625 -13.65 23.68 -30.33
CA ALA D 625 -13.60 25.13 -30.47
C ALA D 625 -13.15 25.80 -29.16
N GLN D 626 -12.45 25.06 -28.26
CA GLN D 626 -12.04 25.62 -26.98
C GLN D 626 -11.23 26.92 -27.11
N SER D 627 -10.31 27.01 -28.07
CA SER D 627 -9.54 28.26 -28.26
C SER D 627 -10.47 29.47 -28.49
N ILE D 628 -11.57 29.32 -29.25
CA ILE D 628 -12.51 30.42 -29.50
C ILE D 628 -13.26 30.79 -28.22
N ILE D 629 -13.73 29.76 -27.50
CA ILE D 629 -14.47 29.95 -26.27
C ILE D 629 -13.57 30.69 -25.27
N ASP D 630 -12.34 30.18 -25.05
CA ASP D 630 -11.42 30.78 -24.08
C ASP D 630 -10.93 32.18 -24.46
N GLU D 631 -10.50 32.36 -25.71
CA GLU D 631 -9.80 33.56 -26.17
C GLU D 631 -10.69 34.64 -26.71
N PHE D 632 -11.91 34.32 -27.17
CA PHE D 632 -12.76 35.36 -27.74
C PHE D 632 -14.08 35.51 -27.02
N ILE D 633 -14.92 34.46 -27.04
CA ILE D 633 -16.27 34.51 -26.47
C ILE D 633 -16.26 34.89 -24.97
N SER D 634 -15.56 34.12 -24.14
CA SER D 634 -15.61 34.33 -22.68
C SER D 634 -14.88 35.57 -22.21
N SER D 635 -13.89 36.06 -22.98
CA SER D 635 -12.98 37.10 -22.51
C SER D 635 -12.74 38.33 -23.40
N GLY D 636 -13.19 38.31 -24.65
CA GLY D 636 -12.96 39.44 -25.57
C GLY D 636 -13.39 40.80 -25.04
N GLU D 637 -14.54 40.83 -24.30
CA GLU D 637 -15.05 42.08 -23.70
C GLU D 637 -14.07 42.68 -22.69
N ALA D 638 -13.68 41.90 -21.68
CA ALA D 638 -12.78 42.35 -20.64
C ALA D 638 -11.38 42.68 -21.20
N LYS D 639 -10.88 41.89 -22.12
CA LYS D 639 -9.53 42.11 -22.65
C LYS D 639 -9.42 43.28 -23.61
N TRP D 640 -10.38 43.41 -24.52
CA TRP D 640 -10.25 44.38 -25.62
C TRP D 640 -11.40 45.35 -25.73
N GLY D 641 -12.44 45.20 -24.90
CA GLY D 641 -13.62 46.04 -25.02
C GLY D 641 -14.41 45.66 -26.27
N GLN D 642 -14.19 44.44 -26.80
CA GLN D 642 -14.89 43.93 -27.98
C GLN D 642 -16.12 43.15 -27.53
N LEU D 643 -17.30 43.55 -28.03
CA LEU D 643 -18.56 42.97 -27.59
C LEU D 643 -19.12 41.97 -28.61
N SER D 644 -19.77 40.92 -28.08
CA SER D 644 -20.39 39.84 -28.88
C SER D 644 -21.71 39.37 -28.25
N ASP D 645 -22.72 39.12 -29.07
CA ASP D 645 -24.03 38.65 -28.60
C ASP D 645 -24.28 37.24 -29.12
N VAL D 646 -23.20 36.54 -29.49
CA VAL D 646 -23.26 35.19 -30.06
C VAL D 646 -23.95 34.22 -29.07
N VAL D 647 -24.79 33.32 -29.62
CA VAL D 647 -25.45 32.25 -28.86
C VAL D 647 -24.84 30.90 -29.23
N LEU D 648 -24.46 30.09 -28.22
CA LEU D 648 -24.03 28.72 -28.44
C LEU D 648 -25.11 27.80 -27.87
N LEU D 649 -25.70 26.94 -28.73
CA LEU D 649 -26.72 25.94 -28.37
C LEU D 649 -26.00 24.60 -28.23
N LEU D 650 -25.97 24.06 -27.04
CA LEU D 650 -25.18 22.84 -26.79
C LEU D 650 -26.08 21.71 -26.30
N PRO D 651 -26.51 20.76 -27.20
CA PRO D 651 -27.35 19.64 -26.73
C PRO D 651 -26.64 18.90 -25.59
N HIS D 652 -27.36 18.72 -24.50
CA HIS D 652 -26.81 18.20 -23.27
C HIS D 652 -27.82 17.31 -22.53
N GLY D 653 -27.33 16.28 -21.84
CA GLY D 653 -28.20 15.40 -21.05
C GLY D 653 -27.73 13.95 -20.98
N HIS D 654 -27.82 13.35 -19.79
CA HIS D 654 -27.48 11.95 -19.53
C HIS D 654 -28.63 11.07 -20.02
N GLU D 655 -28.37 10.31 -21.10
CA GLU D 655 -29.38 9.46 -21.73
C GLU D 655 -28.85 8.09 -22.09
N GLY D 656 -27.63 7.80 -21.67
CA GLY D 656 -27.02 6.50 -21.92
C GLY D 656 -26.34 6.34 -23.26
N GLN D 657 -26.04 7.46 -23.96
CA GLN D 657 -25.39 7.40 -25.28
C GLN D 657 -23.87 7.58 -25.20
N GLY D 658 -23.31 7.49 -24.00
CA GLY D 658 -21.85 7.54 -23.84
C GLY D 658 -21.24 8.89 -23.52
N PRO D 659 -19.90 8.87 -23.27
CA PRO D 659 -19.21 10.08 -22.80
C PRO D 659 -19.06 11.20 -23.83
N ASP D 660 -19.32 10.92 -25.12
CA ASP D 660 -19.27 11.94 -26.17
C ASP D 660 -20.66 12.33 -26.67
N HIS D 661 -21.71 11.82 -26.03
CA HIS D 661 -23.08 12.19 -26.43
C HIS D 661 -23.89 12.48 -25.17
N THR D 662 -23.23 13.13 -24.20
CA THR D 662 -23.87 13.37 -22.93
C THR D 662 -23.74 14.82 -22.37
N SER D 663 -22.57 15.42 -22.47
CA SER D 663 -22.30 16.66 -21.80
C SER D 663 -21.71 17.79 -22.64
N GLY D 664 -22.26 18.99 -22.46
CA GLY D 664 -21.71 20.18 -23.07
C GLY D 664 -20.69 20.85 -22.15
N ARG D 665 -20.36 20.17 -21.02
CA ARG D 665 -19.41 20.61 -19.95
C ARG D 665 -19.82 21.95 -19.36
N ILE D 666 -20.98 21.94 -18.70
CA ILE D 666 -21.56 23.07 -17.94
C ILE D 666 -20.52 23.63 -16.97
N GLU D 667 -19.80 22.74 -16.27
CA GLU D 667 -18.78 23.09 -15.25
C GLU D 667 -17.67 23.98 -15.84
N ARG D 668 -17.29 23.73 -17.07
CA ARG D 668 -16.22 24.50 -17.75
C ARG D 668 -16.70 25.91 -18.07
N PHE D 669 -17.92 26.06 -18.58
CA PHE D 669 -18.48 27.39 -18.89
C PHE D 669 -18.73 28.17 -17.60
N LEU D 670 -19.18 27.49 -16.51
CA LEU D 670 -19.40 28.17 -15.23
C LEU D 670 -18.07 28.64 -14.64
N GLN D 671 -17.00 27.87 -14.88
CA GLN D 671 -15.64 28.19 -14.42
C GLN D 671 -15.09 29.42 -15.16
N LEU D 672 -15.39 29.54 -16.48
CA LEU D 672 -14.94 30.67 -17.31
C LEU D 672 -15.65 31.96 -16.96
N TRP D 673 -16.92 31.84 -16.53
CA TRP D 673 -17.78 32.97 -16.20
C TRP D 673 -17.22 33.86 -15.12
N ALA D 674 -17.43 35.17 -15.29
CA ALA D 674 -17.18 36.22 -14.31
C ALA D 674 -18.26 37.27 -14.52
N GLU D 675 -18.60 38.03 -13.48
CA GLU D 675 -19.70 38.98 -13.50
C GLU D 675 -19.74 39.80 -14.81
N GLY D 676 -20.86 39.66 -15.51
CA GLY D 676 -21.14 40.34 -16.77
C GLY D 676 -20.41 39.85 -18.00
N SER D 677 -19.80 38.64 -17.96
CA SER D 677 -19.08 38.19 -19.15
C SER D 677 -19.99 37.43 -20.09
N MET D 678 -20.83 36.52 -19.54
CA MET D 678 -21.76 35.69 -20.34
C MET D 678 -23.03 35.41 -19.53
N THR D 679 -24.04 34.90 -20.20
CA THR D 679 -25.27 34.37 -19.61
C THR D 679 -25.24 32.89 -19.90
N ILE D 680 -25.47 32.05 -18.87
CA ILE D 680 -25.44 30.58 -19.03
C ILE D 680 -26.79 30.08 -18.54
N ALA D 681 -27.49 29.31 -19.37
CA ALA D 681 -28.80 28.78 -19.04
C ALA D 681 -29.00 27.33 -19.46
N MET D 682 -29.95 26.66 -18.75
CA MET D 682 -30.38 25.30 -19.07
CA MET D 682 -30.38 25.28 -19.05
C MET D 682 -31.90 25.28 -18.89
N PRO D 683 -32.68 25.83 -19.86
CA PRO D 683 -34.14 25.89 -19.67
C PRO D 683 -34.78 24.51 -19.68
N SER D 684 -35.88 24.36 -18.91
CA SER D 684 -36.58 23.09 -18.77
C SER D 684 -37.91 23.08 -19.51
N THR D 685 -38.40 24.26 -19.98
CA THR D 685 -39.66 24.30 -20.71
C THR D 685 -39.50 25.05 -22.03
N PRO D 686 -40.32 24.69 -23.05
CA PRO D 686 -40.27 25.42 -24.34
C PRO D 686 -40.50 26.94 -24.20
N ALA D 687 -41.52 27.35 -23.43
CA ALA D 687 -41.80 28.78 -23.23
C ALA D 687 -40.64 29.49 -22.54
N ASN D 688 -40.00 28.89 -21.53
CA ASN D 688 -38.88 29.57 -20.86
C ASN D 688 -37.67 29.71 -21.81
N TYR D 689 -37.53 28.80 -22.79
CA TYR D 689 -36.48 28.90 -23.81
C TYR D 689 -36.84 30.04 -24.78
N PHE D 690 -38.11 30.13 -25.18
CA PHE D 690 -38.63 31.19 -26.04
C PHE D 690 -38.31 32.58 -25.43
N HIS D 691 -38.65 32.78 -24.14
CA HIS D 691 -38.43 34.05 -23.44
C HIS D 691 -36.94 34.35 -23.28
N LEU D 692 -36.10 33.33 -23.07
CA LEU D 692 -34.63 33.48 -22.94
C LEU D 692 -34.03 34.06 -24.24
N LEU D 693 -34.43 33.50 -25.39
CA LEU D 693 -33.91 33.95 -26.70
C LEU D 693 -34.42 35.36 -27.05
N ARG D 694 -35.68 35.65 -26.71
CA ARG D 694 -36.28 36.97 -26.97
C ARG D 694 -35.65 38.03 -26.10
N ARG D 695 -35.39 37.72 -24.82
CA ARG D 695 -34.69 38.63 -23.90
C ARG D 695 -33.28 38.92 -24.46
N HIS D 696 -32.57 37.87 -24.88
CA HIS D 696 -31.22 37.95 -25.41
C HIS D 696 -31.15 38.86 -26.63
N GLY D 697 -32.10 38.75 -27.54
CA GLY D 697 -32.10 39.57 -28.75
C GLY D 697 -32.64 40.98 -28.57
N LYS D 698 -33.42 41.22 -27.52
CA LYS D 698 -34.08 42.52 -27.29
C LYS D 698 -33.54 43.34 -26.11
N ASP D 699 -32.59 42.80 -25.32
CA ASP D 699 -32.10 43.46 -24.10
C ASP D 699 -31.18 44.69 -24.31
N GLY D 700 -30.77 44.95 -25.55
CA GLY D 700 -29.90 46.08 -25.86
C GLY D 700 -28.48 45.96 -25.32
N ILE D 701 -28.07 44.74 -24.93
CA ILE D 701 -26.73 44.45 -24.39
C ILE D 701 -26.09 43.40 -25.30
N GLN D 702 -24.76 43.45 -25.45
CA GLN D 702 -23.99 42.49 -26.24
C GLN D 702 -23.23 41.61 -25.28
N ARG D 703 -23.74 40.39 -25.07
CA ARG D 703 -23.15 39.45 -24.13
C ARG D 703 -23.42 38.03 -24.61
N PRO D 704 -22.42 37.14 -24.70
CA PRO D 704 -22.70 35.79 -25.20
C PRO D 704 -23.65 35.01 -24.30
N LEU D 705 -24.45 34.15 -24.92
CA LEU D 705 -25.42 33.30 -24.23
C LEU D 705 -25.09 31.85 -24.54
N ILE D 706 -24.91 31.07 -23.47
CA ILE D 706 -24.60 29.64 -23.57
C ILE D 706 -25.84 28.89 -23.13
N VAL D 707 -26.41 28.06 -24.04
CA VAL D 707 -27.64 27.31 -23.71
C VAL D 707 -27.38 25.81 -23.81
N PHE D 708 -27.70 25.09 -22.74
CA PHE D 708 -27.64 23.64 -22.71
C PHE D 708 -29.02 23.19 -23.06
N THR D 709 -29.12 22.68 -24.29
CA THR D 709 -30.41 22.34 -24.93
C THR D 709 -30.68 20.85 -24.86
N PRO D 710 -31.96 20.45 -25.02
CA PRO D 710 -32.32 19.05 -24.83
C PRO D 710 -32.18 18.16 -26.06
N LYS D 711 -32.33 16.86 -25.84
CA LYS D 711 -32.26 15.81 -26.85
C LYS D 711 -33.53 14.96 -26.74
N SER D 712 -33.59 14.00 -25.80
CA SER D 712 -34.86 13.24 -25.64
C SER D 712 -36.01 14.13 -25.12
N MET D 713 -35.70 15.18 -24.36
CA MET D 713 -36.70 16.14 -23.81
C MET D 713 -37.47 16.90 -24.93
N LEU D 714 -36.92 16.96 -26.16
CA LEU D 714 -37.61 17.52 -27.33
C LEU D 714 -38.94 16.80 -27.57
N ARG D 715 -39.03 15.51 -27.16
CA ARG D 715 -40.18 14.65 -27.39
C ARG D 715 -40.84 14.18 -26.10
N ASN D 716 -40.42 14.75 -24.96
CA ASN D 716 -41.07 14.49 -23.68
C ASN D 716 -42.42 15.22 -23.70
N LYS D 717 -43.54 14.46 -23.65
CA LYS D 717 -44.89 14.99 -23.73
C LYS D 717 -45.25 15.91 -22.55
N ALA D 718 -44.49 15.85 -21.43
CA ALA D 718 -44.71 16.72 -20.27
C ALA D 718 -43.97 18.05 -20.47
N ALA D 719 -42.92 18.06 -21.30
CA ALA D 719 -42.13 19.25 -21.58
C ALA D 719 -42.75 20.08 -22.74
N VAL D 720 -44.01 20.49 -22.57
CA VAL D 720 -44.74 21.31 -23.55
C VAL D 720 -45.30 22.53 -22.81
N SER D 721 -45.57 23.62 -23.53
CA SER D 721 -46.05 24.85 -22.93
C SER D 721 -47.41 25.29 -23.49
N ASP D 722 -48.17 26.01 -22.68
CA ASP D 722 -49.47 26.58 -23.01
C ASP D 722 -49.25 27.87 -23.79
N ILE D 723 -50.26 28.30 -24.57
CA ILE D 723 -50.16 29.57 -25.33
C ILE D 723 -49.90 30.76 -24.35
N ARG D 724 -50.56 30.76 -23.17
CA ARG D 724 -50.45 31.84 -22.17
C ARG D 724 -49.02 32.00 -21.65
N ASP D 725 -48.21 30.93 -21.64
CA ASP D 725 -46.82 30.98 -21.21
C ASP D 725 -45.96 31.82 -22.20
N PHE D 726 -46.48 32.03 -23.43
CA PHE D 726 -45.85 32.83 -24.48
C PHE D 726 -46.43 34.26 -24.52
N THR D 727 -47.74 34.38 -24.27
CA THR D 727 -48.47 35.64 -24.40
C THR D 727 -48.59 36.46 -23.11
N GLU D 728 -48.47 35.80 -21.95
CA GLU D 728 -48.64 36.52 -20.69
C GLU D 728 -47.56 36.20 -19.65
N SER D 729 -46.42 35.65 -20.08
CA SER D 729 -45.34 35.42 -19.13
C SER D 729 -44.07 36.13 -19.61
N LYS D 730 -42.93 35.83 -18.95
CA LYS D 730 -41.59 36.37 -19.24
C LYS D 730 -40.56 35.30 -18.86
N PHE D 731 -39.27 35.58 -19.03
CA PHE D 731 -38.22 34.62 -18.67
C PHE D 731 -38.17 34.46 -17.16
N ARG D 732 -38.18 33.21 -16.71
CA ARG D 732 -38.14 32.91 -15.29
C ARG D 732 -36.81 32.27 -15.02
N SER D 733 -35.93 32.96 -14.26
CA SER D 733 -34.58 32.44 -13.96
C SER D 733 -34.67 31.29 -12.94
N VAL D 734 -35.80 31.20 -12.22
CA VAL D 734 -36.10 30.18 -11.21
C VAL D 734 -37.55 29.73 -11.43
N LEU D 735 -37.80 28.41 -11.48
CA LEU D 735 -39.16 27.90 -11.64
C LEU D 735 -39.56 26.98 -10.50
N GLU D 736 -40.82 27.13 -10.08
CA GLU D 736 -41.46 26.29 -9.08
C GLU D 736 -42.35 25.30 -9.79
N GLU D 737 -42.80 24.26 -9.06
CA GLU D 737 -43.72 23.29 -9.62
C GLU D 737 -45.07 23.96 -9.87
N PRO D 738 -45.74 23.66 -11.01
CA PRO D 738 -47.04 24.29 -11.28
C PRO D 738 -48.12 24.02 -10.22
N MET D 739 -47.98 22.93 -9.42
CA MET D 739 -48.95 22.64 -8.36
C MET D 739 -48.95 23.75 -7.28
N TYR D 740 -47.80 24.47 -7.10
CA TYR D 740 -47.71 25.55 -6.10
C TYR D 740 -48.05 26.93 -6.67
N THR D 741 -47.78 27.15 -7.96
CA THR D 741 -48.03 28.44 -8.60
C THR D 741 -49.44 28.53 -9.22
N ASP D 742 -50.00 27.39 -9.70
CA ASP D 742 -51.29 27.35 -10.40
C ASP D 742 -52.28 26.32 -9.85
N GLY D 743 -51.80 25.36 -9.06
CA GLY D 743 -52.64 24.29 -8.50
C GLY D 743 -52.98 24.39 -7.03
N GLU D 744 -53.34 23.24 -6.45
CA GLU D 744 -53.77 23.13 -5.06
C GLU D 744 -52.68 22.55 -4.14
N GLY D 745 -51.42 22.60 -4.58
CA GLY D 745 -50.29 22.15 -3.77
C GLY D 745 -50.05 23.05 -2.58
N ASP D 746 -49.64 22.48 -1.44
CA ASP D 746 -49.38 23.21 -0.20
C ASP D 746 -47.89 23.29 0.10
N ARG D 747 -47.32 24.50 -0.07
CA ARG D 747 -45.90 24.81 0.14
C ARG D 747 -45.44 24.53 1.57
N ASN D 748 -46.36 24.71 2.56
CA ASN D 748 -46.07 24.53 3.97
C ASN D 748 -45.86 23.08 4.39
N LYS D 749 -46.27 22.11 3.55
CA LYS D 749 -46.08 20.68 3.85
C LYS D 749 -44.65 20.23 3.50
N VAL D 750 -43.90 21.05 2.76
CA VAL D 750 -42.56 20.70 2.27
C VAL D 750 -41.50 20.81 3.38
N THR D 751 -40.75 19.70 3.59
CA THR D 751 -39.65 19.60 4.57
C THR D 751 -38.31 19.35 3.85
N ARG D 752 -38.35 18.85 2.59
CA ARG D 752 -37.17 18.58 1.76
C ARG D 752 -37.26 19.33 0.44
N LEU D 753 -36.26 20.18 0.16
CA LEU D 753 -36.20 20.97 -1.07
C LEU D 753 -35.12 20.42 -2.00
N LEU D 754 -35.53 20.03 -3.20
CA LEU D 754 -34.61 19.55 -4.23
C LEU D 754 -34.38 20.68 -5.24
N LEU D 755 -33.14 21.11 -5.38
CA LEU D 755 -32.78 22.16 -6.36
C LEU D 755 -32.10 21.48 -7.50
N THR D 756 -32.54 21.81 -8.72
CA THR D 756 -32.02 21.16 -9.91
C THR D 756 -32.08 22.10 -11.12
N SER D 757 -31.68 21.57 -12.27
CA SER D 757 -31.74 22.26 -13.55
C SER D 757 -31.89 21.21 -14.65
N GLY D 758 -32.66 21.54 -15.68
CA GLY D 758 -32.77 20.65 -16.82
C GLY D 758 -33.79 19.53 -16.71
N LYS D 759 -33.65 18.56 -17.61
CA LYS D 759 -34.61 17.46 -17.80
C LYS D 759 -34.77 16.55 -16.59
N ILE D 760 -33.77 16.44 -15.65
CA ILE D 760 -34.00 15.55 -14.47
C ILE D 760 -35.26 16.01 -13.69
N TYR D 761 -35.67 17.30 -13.80
CA TYR D 761 -36.88 17.81 -13.14
C TYR D 761 -38.07 16.91 -13.41
N TYR D 762 -38.32 16.54 -14.69
CA TYR D 762 -39.49 15.73 -15.07
C TYR D 762 -39.52 14.36 -14.41
N GLU D 763 -38.34 13.72 -14.27
CA GLU D 763 -38.21 12.42 -13.60
C GLU D 763 -38.47 12.54 -12.11
N LEU D 764 -37.91 13.60 -11.46
CA LEU D 764 -38.14 13.88 -10.04
C LEU D 764 -39.63 14.17 -9.79
N ALA D 765 -40.27 14.97 -10.68
CA ALA D 765 -41.71 15.30 -10.58
C ALA D 765 -42.59 14.04 -10.73
N ALA D 766 -42.22 13.14 -11.66
CA ALA D 766 -42.95 11.89 -11.90
C ALA D 766 -42.87 10.94 -10.67
N ARG D 767 -41.70 10.92 -9.98
CA ARG D 767 -41.50 10.10 -8.78
C ARG D 767 -42.30 10.70 -7.61
N LYS D 768 -42.29 12.05 -7.47
CA LYS D 768 -43.07 12.74 -6.45
C LYS D 768 -44.57 12.42 -6.64
N ALA D 769 -45.08 12.52 -7.88
CA ALA D 769 -46.48 12.23 -8.23
C ALA D 769 -46.86 10.75 -7.96
N LYS D 770 -45.97 9.81 -8.30
CA LYS D 770 -46.19 8.37 -8.11
C LYS D 770 -46.35 8.02 -6.62
N GLU D 771 -45.49 8.60 -5.76
CA GLU D 771 -45.47 8.36 -4.31
C GLU D 771 -46.30 9.39 -3.51
N ASN D 772 -46.98 10.36 -4.19
CA ASN D 772 -47.78 11.45 -3.59
C ASN D 772 -46.95 12.15 -2.48
N ARG D 773 -45.74 12.57 -2.84
CA ARG D 773 -44.76 13.13 -1.92
C ARG D 773 -44.91 14.65 -1.69
N GLU D 774 -45.89 15.02 -0.86
CA GLU D 774 -46.19 16.42 -0.51
C GLU D 774 -45.11 17.07 0.35
N ASP D 775 -44.26 16.27 1.02
CA ASP D 775 -43.18 16.82 1.86
C ASP D 775 -41.93 17.22 1.02
N VAL D 776 -41.95 16.92 -0.29
CA VAL D 776 -40.80 17.21 -1.16
C VAL D 776 -41.18 18.19 -2.29
N ALA D 777 -40.39 19.28 -2.48
CA ALA D 777 -40.60 20.23 -3.56
C ALA D 777 -39.36 20.31 -4.43
N ILE D 778 -39.55 20.58 -5.73
CA ILE D 778 -38.48 20.64 -6.72
C ILE D 778 -38.45 22.03 -7.31
N VAL D 779 -37.31 22.72 -7.15
CA VAL D 779 -37.12 24.08 -7.63
C VAL D 779 -36.05 24.05 -8.72
N ARG D 780 -36.34 24.66 -9.88
CA ARG D 780 -35.43 24.66 -11.00
C ARG D 780 -34.66 25.97 -11.13
N ILE D 781 -33.35 25.87 -11.36
CA ILE D 781 -32.50 27.01 -11.64
C ILE D 781 -32.30 26.98 -13.14
N GLU D 782 -33.02 27.87 -13.85
CA GLU D 782 -33.05 27.98 -15.31
C GLU D 782 -31.86 28.75 -15.83
N GLN D 783 -31.50 29.83 -15.12
CA GLN D 783 -30.37 30.69 -15.41
C GLN D 783 -29.26 30.31 -14.44
N LEU D 784 -28.23 29.60 -14.92
CA LEU D 784 -27.13 29.13 -14.08
C LEU D 784 -26.13 30.23 -13.78
N ALA D 785 -25.98 31.19 -14.68
CA ALA D 785 -25.06 32.33 -14.54
C ALA D 785 -25.60 33.54 -15.30
N PRO D 786 -25.65 34.75 -14.68
CA PRO D 786 -25.38 35.04 -13.26
C PRO D 786 -26.40 34.33 -12.37
N LEU D 787 -25.98 33.88 -11.18
CA LEU D 787 -26.90 33.21 -10.29
C LEU D 787 -28.03 34.16 -9.93
N PRO D 788 -29.31 33.74 -10.11
CA PRO D 788 -30.43 34.65 -9.80
C PRO D 788 -30.68 34.71 -8.29
N ARG D 789 -29.77 35.41 -7.58
CA ARG D 789 -29.79 35.53 -6.12
C ARG D 789 -31.15 35.97 -5.56
N ARG D 790 -31.69 37.10 -6.07
CA ARG D 790 -32.95 37.67 -5.59
C ARG D 790 -34.12 36.71 -5.80
N ARG D 791 -34.31 36.22 -7.04
CA ARG D 791 -35.40 35.29 -7.36
C ARG D 791 -35.29 34.00 -6.53
N LEU D 792 -34.06 33.50 -6.35
CA LEU D 792 -33.80 32.28 -5.60
C LEU D 792 -34.19 32.43 -4.10
N ALA D 793 -33.77 33.52 -3.44
CA ALA D 793 -34.12 33.80 -2.04
C ALA D 793 -35.64 33.98 -1.88
N GLU D 794 -36.28 34.75 -2.80
CA GLU D 794 -37.74 34.99 -2.78
C GLU D 794 -38.52 33.67 -2.94
N THR D 795 -38.01 32.73 -3.77
CA THR D 795 -38.67 31.44 -4.01
C THR D 795 -38.59 30.52 -2.77
N LEU D 796 -37.39 30.39 -2.16
CA LEU D 796 -37.17 29.52 -1.00
C LEU D 796 -37.84 30.07 0.29
N ASP D 797 -38.03 31.40 0.40
CA ASP D 797 -38.71 32.01 1.57
C ASP D 797 -40.18 31.60 1.65
N ARG D 798 -40.73 31.00 0.57
CA ARG D 798 -42.12 30.55 0.47
C ARG D 798 -42.34 29.13 1.00
N TYR D 799 -41.25 28.39 1.31
CA TYR D 799 -41.31 27.04 1.89
C TYR D 799 -40.74 27.14 3.32
N PRO D 800 -41.51 27.60 4.32
CA PRO D 800 -40.91 27.84 5.64
C PRO D 800 -40.54 26.59 6.44
N ASN D 801 -41.08 25.41 6.11
CA ASN D 801 -40.81 24.24 6.93
C ASN D 801 -39.71 23.33 6.37
N VAL D 802 -38.89 23.84 5.44
CA VAL D 802 -37.78 23.07 4.85
C VAL D 802 -36.71 22.83 5.93
N LYS D 803 -36.33 21.56 6.13
CA LYS D 803 -35.31 21.13 7.11
C LYS D 803 -34.03 20.72 6.42
N GLU D 804 -34.12 20.34 5.13
CA GLU D 804 -32.95 19.89 4.36
C GLU D 804 -33.07 20.30 2.89
N LYS D 805 -31.93 20.68 2.28
CA LYS D 805 -31.87 21.10 0.89
C LYS D 805 -30.82 20.32 0.13
N PHE D 806 -31.17 19.88 -1.07
CA PHE D 806 -30.22 19.14 -1.91
C PHE D 806 -30.13 19.71 -3.30
N TRP D 807 -28.90 19.83 -3.82
CA TRP D 807 -28.67 20.15 -5.21
C TRP D 807 -28.63 18.80 -5.92
N VAL D 808 -29.55 18.57 -6.86
CA VAL D 808 -29.66 17.31 -7.59
C VAL D 808 -29.28 17.52 -9.04
N GLN D 809 -28.39 16.67 -9.55
CA GLN D 809 -27.91 16.74 -10.93
C GLN D 809 -27.56 15.36 -11.45
N GLU D 810 -27.61 15.21 -12.78
CA GLU D 810 -27.28 13.97 -13.48
C GLU D 810 -25.79 13.82 -13.62
N GLU D 811 -25.10 14.92 -13.75
CA GLU D 811 -23.65 14.93 -14.00
C GLU D 811 -22.82 14.41 -12.84
N PRO D 812 -21.62 13.84 -13.13
CA PRO D 812 -20.69 13.44 -12.06
C PRO D 812 -20.43 14.61 -11.08
N ALA D 813 -20.06 14.28 -9.83
CA ALA D 813 -19.87 15.27 -8.76
C ALA D 813 -18.83 16.35 -9.12
N ASN D 814 -17.82 16.03 -9.96
CA ASN D 814 -16.80 17.01 -10.38
C ASN D 814 -17.23 17.77 -11.63
N GLN D 815 -18.51 17.57 -12.07
CA GLN D 815 -19.05 18.17 -13.29
C GLN D 815 -20.42 18.76 -13.02
N GLY D 816 -21.06 19.31 -14.05
CA GLY D 816 -22.36 19.97 -13.90
C GLY D 816 -22.21 21.26 -13.12
N ALA D 817 -23.29 21.71 -12.49
CA ALA D 817 -23.27 22.96 -11.73
C ALA D 817 -22.71 22.81 -10.31
N TRP D 818 -22.65 21.57 -9.75
CA TRP D 818 -22.22 21.38 -8.35
C TRP D 818 -20.85 22.01 -8.02
N PRO D 819 -19.74 21.78 -8.76
CA PRO D 819 -18.46 22.39 -8.36
C PRO D 819 -18.58 23.90 -8.10
N SER D 820 -19.38 24.63 -8.91
CA SER D 820 -19.49 26.05 -8.71
C SER D 820 -20.58 26.42 -7.69
N PHE D 821 -21.77 25.80 -7.78
CA PHE D 821 -22.90 26.07 -6.87
C PHE D 821 -22.60 25.65 -5.44
N GLY D 822 -21.92 24.51 -5.27
CA GLY D 822 -21.54 23.98 -3.96
C GLY D 822 -20.68 24.93 -3.16
N LEU D 823 -19.88 25.76 -3.87
CA LEU D 823 -19.00 26.75 -3.27
C LEU D 823 -19.66 28.16 -3.24
N THR D 824 -20.47 28.51 -4.26
CA THR D 824 -21.09 29.84 -4.39
C THR D 824 -22.40 30.01 -3.59
N LEU D 825 -23.37 29.08 -3.69
CA LEU D 825 -24.68 29.22 -3.02
C LEU D 825 -24.56 29.41 -1.50
N PRO D 826 -23.76 28.63 -0.71
CA PRO D 826 -23.66 28.92 0.72
C PRO D 826 -22.99 30.27 1.03
N GLU D 827 -22.27 30.85 0.05
CA GLU D 827 -21.62 32.13 0.25
C GLU D 827 -22.56 33.31 -0.06
N ILE D 828 -23.27 33.29 -1.21
CA ILE D 828 -24.16 34.38 -1.61
C ILE D 828 -25.50 34.36 -0.83
N LEU D 829 -25.97 33.18 -0.39
CA LEU D 829 -27.22 33.05 0.37
C LEU D 829 -27.01 32.12 1.59
N PRO D 830 -26.23 32.57 2.60
CA PRO D 830 -25.95 31.70 3.76
C PRO D 830 -27.17 31.34 4.61
N ASP D 831 -28.20 32.19 4.62
CA ASP D 831 -29.40 31.91 5.41
C ASP D 831 -30.31 30.88 4.72
N HIS D 832 -30.02 30.55 3.46
CA HIS D 832 -30.77 29.59 2.66
C HIS D 832 -29.97 28.35 2.37
N PHE D 833 -28.70 28.50 1.99
CA PHE D 833 -27.93 27.35 1.53
C PHE D 833 -26.81 26.84 2.45
N THR D 834 -26.80 27.23 3.74
CA THR D 834 -25.84 26.63 4.68
C THR D 834 -26.36 25.20 4.91
N GLY D 835 -25.48 24.23 4.76
CA GLY D 835 -25.87 22.83 4.91
C GLY D 835 -26.35 22.20 3.62
N LEU D 836 -26.26 22.92 2.45
CA LEU D 836 -26.64 22.38 1.13
C LEU D 836 -25.86 21.11 0.85
N LYS D 837 -26.55 20.03 0.49
CA LYS D 837 -25.88 18.77 0.16
C LYS D 837 -26.08 18.42 -1.32
N ARG D 838 -25.21 17.58 -1.86
CA ARG D 838 -25.25 17.18 -3.26
C ARG D 838 -25.81 15.77 -3.45
N ILE D 839 -26.61 15.59 -4.51
CA ILE D 839 -27.08 14.30 -5.01
C ILE D 839 -26.70 14.31 -6.49
N SER D 840 -25.76 13.46 -6.88
CA SER D 840 -25.31 13.43 -8.27
C SER D 840 -24.72 12.07 -8.61
N ARG D 841 -24.21 11.92 -9.83
CA ARG D 841 -23.40 10.73 -10.14
C ARG D 841 -22.07 10.90 -9.42
N ARG D 842 -21.36 9.80 -9.11
CA ARG D 842 -20.03 9.87 -8.51
C ARG D 842 -19.08 10.68 -9.44
N ALA D 843 -18.00 11.27 -8.89
CA ALA D 843 -17.00 11.98 -9.71
C ALA D 843 -16.38 10.98 -10.68
N MET D 844 -16.18 11.38 -11.97
CA MET D 844 -15.63 10.55 -13.06
C MET D 844 -14.63 11.32 -13.90
N SER D 845 -13.68 10.60 -14.56
CA SER D 845 -12.69 11.25 -15.42
C SER D 845 -13.27 11.52 -16.82
N ALA D 846 -14.47 10.99 -17.09
CA ALA D 846 -15.21 11.14 -18.34
C ALA D 846 -16.60 11.73 -18.01
N PRO D 847 -17.34 12.32 -18.97
CA PRO D 847 -18.67 12.87 -18.63
C PRO D 847 -19.70 11.85 -18.17
N SER D 848 -19.53 10.57 -18.53
CA SER D 848 -20.46 9.50 -18.17
C SER D 848 -19.83 8.17 -18.37
N SER D 849 -20.58 7.11 -18.02
CA SER D 849 -20.16 5.74 -18.34
C SER D 849 -20.36 5.51 -19.86
N GLY D 850 -19.63 4.55 -20.43
CA GLY D 850 -19.77 4.15 -21.82
C GLY D 850 -20.86 3.12 -22.02
N SER D 851 -21.47 2.63 -20.92
CA SER D 851 -22.53 1.63 -20.94
C SER D 851 -23.90 2.26 -20.63
N SER D 852 -24.89 1.99 -21.48
CA SER D 852 -26.26 2.47 -21.26
C SER D 852 -26.89 1.77 -20.06
N LYS D 853 -26.44 0.53 -19.72
CA LYS D 853 -26.93 -0.24 -18.59
C LYS D 853 -26.51 0.43 -17.28
N VAL D 854 -25.22 0.83 -17.19
CA VAL D 854 -24.64 1.54 -16.03
C VAL D 854 -25.34 2.90 -15.91
N HIS D 855 -25.60 3.59 -17.03
CA HIS D 855 -26.32 4.86 -17.03
C HIS D 855 -27.68 4.75 -16.32
N ALA D 856 -28.51 3.74 -16.72
CA ALA D 856 -29.86 3.52 -16.18
C ALA D 856 -29.86 3.29 -14.66
N VAL D 857 -28.95 2.42 -14.16
CA VAL D 857 -28.78 2.09 -12.73
C VAL D 857 -28.43 3.37 -11.95
N GLU D 858 -27.44 4.16 -12.45
CA GLU D 858 -26.98 5.40 -11.84
C GLU D 858 -28.11 6.42 -11.76
N GLN D 859 -28.94 6.51 -12.83
CA GLN D 859 -30.06 7.45 -12.89
C GLN D 859 -31.07 7.09 -11.81
N GLN D 860 -31.39 5.78 -11.68
CA GLN D 860 -32.35 5.32 -10.68
C GLN D 860 -31.78 5.56 -9.27
N GLU D 861 -30.44 5.39 -9.08
CA GLU D 861 -29.81 5.66 -7.77
C GLU D 861 -30.03 7.11 -7.34
N ILE D 862 -29.93 8.07 -8.27
CA ILE D 862 -30.13 9.50 -8.01
C ILE D 862 -31.58 9.74 -7.53
N LEU D 863 -32.57 9.22 -8.26
CA LEU D 863 -33.98 9.38 -7.93
C LEU D 863 -34.33 8.73 -6.59
N ASP D 864 -33.75 7.55 -6.31
CA ASP D 864 -33.95 6.81 -5.06
C ASP D 864 -33.33 7.55 -3.87
N THR D 865 -32.18 8.23 -4.07
CA THR D 865 -31.51 9.02 -3.02
C THR D 865 -32.34 10.30 -2.70
N ALA D 866 -32.82 11.00 -3.73
CA ALA D 866 -33.59 12.24 -3.65
C ALA D 866 -34.91 12.02 -2.93
N PHE D 867 -35.45 10.79 -2.96
CA PHE D 867 -36.71 10.48 -2.26
C PHE D 867 -36.52 9.41 -1.18
N GLY D 868 -35.29 9.23 -0.72
CA GLY D 868 -34.96 8.30 0.35
C GLY D 868 -35.07 8.91 1.72
N1' TPP E . 1.39 -30.51 28.96
C2' TPP E . 0.81 -29.35 28.71
CM2 TPP E . 1.49 -28.07 29.15
N3' TPP E . -0.40 -29.28 28.14
C4' TPP E . -1.04 -30.40 27.75
N4' TPP E . -2.24 -30.29 27.08
C5' TPP E . -0.46 -31.66 28.00
C6' TPP E . 0.80 -31.66 28.60
C7' TPP E . -1.14 -32.95 27.59
N3 TPP E . -2.36 -33.28 28.38
C2 TPP E . -3.54 -33.12 27.85
S1 TPP E . -4.77 -33.54 28.97
C5 TPP E . -3.59 -34.02 30.15
C4 TPP E . -2.37 -33.77 29.63
CM4 TPP E . -1.15 -34.17 30.43
C6 TPP E . -4.01 -34.54 31.52
C7 TPP E . -4.75 -33.34 32.16
O7 TPP E . -5.18 -33.59 33.50
PA TPP E . -6.04 -32.52 34.31
O1A TPP E . -5.23 -31.26 34.47
O2A TPP E . -6.43 -33.13 35.72
O3A TPP E . -7.37 -32.25 33.42
PB TPP E . -8.50 -33.19 32.99
O1B TPP E . -8.24 -33.77 31.55
O2B TPP E . -8.60 -34.31 34.01
O3B TPP E . -9.84 -32.32 33.08
MG MG F . -8.19 -34.04 36.15
CA CA G . 1.07 -1.37 15.99
N1' TPP H . 15.87 -14.34 35.17
C2' TPP H . 16.48 -15.52 35.34
CM2 TPP H . 15.70 -16.81 35.13
N3' TPP H . 17.74 -15.56 35.74
C4' TPP H . 18.45 -14.44 35.98
N4' TPP H . 19.81 -14.53 36.26
C5' TPP H . 17.84 -13.19 35.78
C6' TPP H . 16.53 -13.18 35.32
C7' TPP H . 18.60 -11.89 35.99
N3 TPP H . 18.95 -11.62 37.42
C2 TPP H . 20.16 -11.78 37.86
S1 TPP H . 20.33 -11.41 39.54
C5 TPP H . 18.62 -10.94 39.56
C4 TPP H . 18.09 -11.20 38.34
CM4 TPP H . 16.63 -10.84 38.10
C6 TPP H . 17.94 -10.52 40.84
C7 TPP H . 18.10 -11.73 41.78
O7 TPP H . 17.48 -11.53 43.05
PA TPP H . 17.53 -12.66 44.22
O1A TPP H . 16.87 -13.88 43.69
O2A TPP H . 16.76 -12.00 45.45
O3A TPP H . 19.08 -12.91 44.50
PB TPP H . 20.20 -11.98 44.99
O1B TPP H . 20.99 -11.39 43.78
O2B TPP H . 19.51 -10.91 45.81
O3B TPP H . 21.14 -12.90 45.87
MG MG I . 17.78 -11.22 47.06
CA CA J . 25.53 -43.05 25.07
N1' TPP K . -17.87 16.73 -34.71
C2' TPP K . -16.93 15.87 -34.34
CM2 TPP K . -15.54 16.37 -34.12
N3' TPP K . -17.17 14.57 -34.29
C4' TPP K . -18.42 14.10 -34.50
N4' TPP K . -18.66 12.76 -34.29
C5' TPP K . -19.46 15.00 -34.87
C6' TPP K . -19.12 16.36 -34.93
C7' TPP K . -20.88 14.58 -35.16
N3 TPP K . -21.02 13.72 -36.36
C2 TPP K . -21.20 12.44 -36.27
S1 TPP K . -21.40 11.71 -37.82
C5 TPP K . -21.25 13.28 -38.57
C4 TPP K . -21.04 14.19 -37.61
CM4 TPP K . -20.99 15.66 -37.99
C6 TPP K . -21.29 13.44 -40.08
C7 TPP K . -20.05 12.65 -40.57
O7 TPP K . -19.87 12.70 -41.98
PA TPP K . -18.65 11.90 -42.68
O1A TPP K . -17.36 12.45 -42.14
O2A TPP K . -18.77 12.18 -44.25
O3A TPP K . -18.87 10.35 -42.27
PB TPP K . -20.01 9.38 -42.60
O1B TPP K . -21.00 9.33 -41.40
O2B TPP K . -20.67 9.83 -43.85
O3B TPP K . -19.31 7.95 -42.82
MG MG L . -19.72 10.78 -45.55
CA CA M . 4.56 6.13 -14.70
N1' TPP N . 0.91 28.46 -30.27
C2' TPP N . -0.03 29.34 -30.58
CM2 TPP N . -1.38 28.85 -31.05
N3' TPP N . 0.21 30.65 -30.53
C4' TPP N . 1.40 31.12 -30.14
N4' TPP N . 1.58 32.50 -29.99
C5' TPP N . 2.42 30.22 -29.81
C6' TPP N . 2.13 28.85 -29.89
C7' TPP N . 3.80 30.68 -29.35
N3 TPP N . 4.57 31.36 -30.44
C2 TPP N . 4.72 32.65 -30.44
S1 TPP N . 5.68 33.20 -31.77
C5 TPP N . 5.96 31.53 -32.23
C4 TPP N . 5.22 30.74 -31.43
CM4 TPP N . 5.33 29.24 -31.61
C6 TPP N . 6.73 31.19 -33.49
C7 TPP N . 5.98 31.91 -34.64
O7 TPP N . 6.52 31.65 -35.92
PA TPP N . 5.91 32.29 -37.28
O1A TPP N . 4.49 31.80 -37.39
O2A TPP N . 6.84 31.79 -38.48
O3A TPP N . 5.99 33.86 -37.03
PB TPP N . 7.14 34.83 -36.85
O1B TPP N . 7.33 35.09 -35.30
O2B TPP N . 8.35 34.20 -37.47
O3B TPP N . 6.72 36.16 -37.61
MG MG O . 8.34 33.02 -39.20
CA CA P . -28.30 40.87 -26.39
#